data_4GZZ
#
_entry.id   4GZZ
#
_cell.length_a   286.549
_cell.length_b   286.549
_cell.length_c   199.411
_cell.angle_alpha   90.00
_cell.angle_beta   90.00
_cell.angle_gamma   120.00
#
_symmetry.space_group_name_H-M   'H 3'
#
loop_
_entity.id
_entity.type
_entity.pdbx_description
1 polymer 'DNA-directed RNA polymerase subunit alpha'
2 polymer 'DNA-directed RNA polymerase subunit beta'
3 polymer "DNA-directed RNA polymerase subunit beta'"
4 polymer 'DNA-directed RNA polymerase subunit omega'
5 polymer 'non-template DNA'
6 polymer 'RNA transcript'
7 polymer 'template DNA'
8 non-polymer 'ZINC ION'
9 non-polymer 'MAGNESIUM ION'
#
loop_
_entity_poly.entity_id
_entity_poly.type
_entity_poly.pdbx_seq_one_letter_code
_entity_poly.pdbx_strand_id
1 'polypeptide(L)'
;MLDSKLKAPVFTVRTQGREYGEFVLEPLERGFGVTLGNPLRRILLSSIPGTAVTSVYIEDVLHEFSTIPGVKEDVVEIIL
NLKELVVRFLNPSLQTVTLLLKAEGPKEVKARDFLPVADVEIMNPDLHIATLEEGGRLNMEVRVDRGVGYVPAEKHGIKD
RINAIPVDAVFSPVRRVAFQVEDTRLGQRTDLDKLTLRIWTDGSVTPLEALNQAVEILREHLTYFSNPQAAAVAAPEEAK
EPEAPPEQEEELDLPLEELGLSTRVLHSLKEEGIESVRALLALNLKDLKNIPGIGERSLEEIKEALEKKGFTLKE
;
A,B
2 'polypeptide(L)'
;MEIKRFGRIREVIPLPPLTEIQVESYRRALQADVPPEKRENVGIQAAFRETFPIEEEDKGKGGLVLDFLEYRLGEPPFPQ
DECREKDLTYQAPLYARLQLIHKDTGLIKEDEVFLGHIPLMTEDGSFIINGADRVIVSQIHRSPGVYFTPDPARPGRYIA
SIIPLPKRGPWIDLEVEPNGVVSMKVNKRKFPLVLLLRVLGYDQETLARELGAYGELVQGLMDESVFAMRPEEALIRLFT
LLRPGDPPKRDKAVAYVYGLIADPRRYDLGEAGRYKAEEKLGIRLSGRTLARFEDGEFKDEVFLPTLRYLFALTAGVPGH
EVDDIDHLGNRRIRTVGELMTDQFRVGLARLARGVRERMLMGSEDSLTPAKLVNSRPLEAAIREFFSRSQLSQFKDETNP
LSSLRHKRRISALGPGGLTRERAGFDVRDVHRTHYGRICPVETPEGANIGLITSLAAYARVDELGFIRTPYRRVVGGVVT
DEVVYMTATEEDRYTIAQANTPLEGNRIAAERVVARRKGEPVIVSPEEVEFMDVSPKQVFSVNTNLIPFLEHDDANRALM
GSNMQTQAVPLIRAQAPVVMTGLEERVVRDSLAALYAEEDGEVAKVDGNRIVVRYEDGRLVEYPLRRFYRSNQGTALDQR
PRVVVGQRVRKGDLLADGPASENGFLALGQNVLVAIMPFDGYNFEDAIVISEELLKRDFYTSIHIERYEIEARDTKLGPE
RITRDIPHLSEAALRDLDEEGVVRIGAEVKPGDILVGRTSFKGESEPTPEERLLRSIFGEKARDVKDTSLRVPPGEGGIV
VRTVRLRRGDPGVELKPGVREVVRVYVAQKRKLQVGDKLANRHGNKGVVAKILPVEDMPHLPDGTPVDVILNPLGVPSRM
NLGQILETHLGLAGYFLGQRYISPIFDGAKEPEIKELLAQAFEVYFGKRKGEGFGVDKREVEVLRRAEKLGLVTPGKTPE
EQLKELFLQGKVVLYDGRTGEPIEGPIVVGQMFIMKLYHMVEDKMHARSTGPYSLITQQPLGGKAQFGGQRFGEMEVWAL
EAYGAAHTLQEMLTLKSDDIEGRNAAYEAIIKGEDVPEPSVPESFRVLVKELQALALDVQTLDEKDNPVDIFEGLASKR
;
C
3 'polypeptide(L)'
;MKKEVRKVRIALASPEKIRSWSYGEVEKPETINYRTLKPERDGLFDERIFGPIKDYECACGKYKRQRFEGKVCERCGVEV
TKSIVRRYRMGHIELATPAAHIWFVKDVPSKIGTLLDLSATELEQVLYFSKYIVLDPKGAILNGVPVEKRQLLTDEEYRE
LRYGKQETYPLPPGVDALVKDGEEVVKGQELAPGVVSRLDGVALYRFPRRVRVEYVKKERAGLRLPLAAWVEKEAYKPGE
ILAELPEPYLFRAEEEGVVELKELEEGAFLVLRREDEPVATYFLPVGMTPLVVHGEIVEKGQPLAEAKGLLRMPRQVRAA
QVEAEEEGETVYLTLFLEWTEPKDYRVQPHMNVVVPEGARVEAGDKIVAAIDPEEEVIAEAEGVVHLHEPASILVVKARV
YPFEDDVEVSTGDRVAPGDVLADGGKVKSDVYGRVEVDLVRNVVRVVESYDIDARMGAEAIQQLLKELDLEALEKELLEE
MKHPSRARRAKARKRLEVVRAFLDSGNRPEWMILEAVPVLPPDLRPMVQVDGGRFATSDLNDLYRRLINRNNRLKKLLAQ
GAPEIIIRNEKRMLQEAVDALLDNGRRGAPVTNPGSDRPLRSLTDILSGKQGRFRQNLLGKRVDYSGRSVIVVGPQLKLH
QCGLPKRMALELFKPFLLKKMEEKGIAPNVKAARRMLERQRDIKDEVWDALEEVIHGKVVLLNRAPTLHRLGIQAFQPVL
VEGQSIQLHPLVCEAFNADFDGDQMAVHVPLSSFAQAEARIQMLSAHNLLSPASGEPLAKPSRDIILGLYYITQVRKEKK
GAGLEFATPEEALAAHERGEVALNAPIKVAGRETSVGRLKYVFANPDEALLAVAHGIVDLQDVVTVRYMGKRLETSPGRI
LFARIVAEAVEDEKVAWELIQLDVPQEKNSLKDLVYQAFLRLGMEKTARLLDALKYYGFTFSTTSGITIGIDDAVIPEEK
KQYLEEADRKLLQIEQAYEMGFLTDRERYDQILQLWTETTEKVTQAVFKNFEENYPFNPLYVMAQSGARGNPQQIRQLCG
LRGLMQKPSGETFEVPVRSSFREGLTVLEYFISSHGARKGGADTALRTADSGYLTRKLVDVTHEIVVREADCGTTNYISV
PLFQPDEVTRSLRLRKRADIEAGLYGRVLAREVEVLGVRLEEGRYLSMDDVHLLIKAAEAGEIQEVPVRSPLTCQTRYGV
CQKCYGYDLSMARPVSIGEAVGIVAAQSIGEPGTQLTMRTFHTGGVAGAADITQGLPRVIELFEARRPKAKAVISEIDGV
VRIEETEEKLSVFVESEGFSKEYKLPKEARLLVKDGDYVEAGQPLTRGAIDPHQLLEAKGPEAVERYLVEEIQKVYRAQG
VKLHDKHIEIVVRQMMKYVEVTDPGDSRLLEGQVLEKWDVEALNERLIAEGKTPVAWKPLLMGVTKSALSTKSWLSAASF
QNTTHVLTEAAIAGKKDELIGLKENVILGRLIPAGTGSDFVRFTQVVDQKTLKAIEEARKEAVEAKERPAARRGVKREQP
GKQAHHHHHHHHHH
;
D
4 'polypeptide(L)'
;MAEPGIDKLFGMVDSKYRLTVVVAKRAQQLLRHGFKNTVLEPEERPKMQTLEGLFDDPNAVTWAMKELLTGRLVFGENLV
PEDRLQKEMERLYPVEREE
;
E
5 'polydeoxyribonucleotide' (DG)(DG)(DA)(DA)(DG)(DA)(DG)(DA)(DT)(DT)(DC)(DC)(DC) N
6 'polyribonucleotide' UCAGGCGAUGUGUGCU R
7 'polydeoxyribonucleotide'
;(DG)(DG)(DG)(DA)(DA)(DT)(DC)(DT)(DC)(DT)(DT)(DC)(DC)(DA)(DG)(DC)(DA)(DC)(DA)(DC)
(DA)(DT)
;
T
#
# COMPACT_ATOMS: atom_id res chain seq x y z
N LYS A 7 -55.14 -2.04 -43.89
CA LYS A 7 -54.20 -1.54 -42.88
C LYS A 7 -54.07 -2.50 -41.69
N ALA A 8 -54.35 -3.78 -41.94
CA ALA A 8 -54.22 -4.81 -40.92
C ALA A 8 -52.94 -5.62 -41.12
N PRO A 9 -52.13 -5.78 -40.05
CA PRO A 9 -50.84 -6.47 -40.08
C PRO A 9 -50.87 -7.90 -40.61
N VAL A 10 -50.25 -8.10 -41.77
CA VAL A 10 -50.09 -9.42 -42.37
C VAL A 10 -48.93 -10.15 -41.71
N PHE A 11 -49.10 -11.44 -41.46
CA PHE A 11 -48.09 -12.26 -40.82
C PHE A 11 -47.61 -13.36 -41.77
N THR A 12 -46.30 -13.56 -41.87
CA THR A 12 -45.75 -14.52 -42.81
C THR A 12 -44.68 -15.42 -42.16
N VAL A 13 -44.49 -16.62 -42.68
CA VAL A 13 -43.57 -17.59 -42.09
C VAL A 13 -42.62 -18.20 -43.13
N ARG A 14 -41.36 -18.36 -42.75
CA ARG A 14 -40.37 -19.09 -43.57
C ARG A 14 -39.46 -19.96 -42.72
N THR A 15 -39.99 -21.06 -42.18
CA THR A 15 -39.22 -21.97 -41.33
C THR A 15 -38.52 -23.06 -42.13
N GLN A 16 -37.24 -22.83 -42.44
CA GLN A 16 -36.45 -23.80 -43.19
C GLN A 16 -35.93 -24.91 -42.27
N GLY A 17 -36.71 -25.97 -42.11
CA GLY A 17 -36.32 -27.11 -41.31
C GLY A 17 -36.87 -27.13 -39.89
N ARG A 18 -36.00 -27.45 -38.93
CA ARG A 18 -36.38 -27.49 -37.52
C ARG A 18 -35.48 -26.58 -36.69
N GLU A 19 -34.29 -26.29 -37.22
CA GLU A 19 -33.32 -25.47 -36.50
C GLU A 19 -33.52 -23.98 -36.73
N TYR A 20 -33.66 -23.58 -37.98
CA TYR A 20 -33.80 -22.16 -38.32
C TYR A 20 -35.26 -21.71 -38.43
N GLY A 21 -35.51 -20.43 -38.16
CA GLY A 21 -36.84 -19.86 -38.29
C GLY A 21 -36.84 -18.39 -38.64
N GLU A 22 -37.85 -17.98 -39.41
CA GLU A 22 -37.98 -16.60 -39.86
C GLU A 22 -39.44 -16.18 -39.84
N PHE A 23 -39.72 -14.99 -39.33
CA PHE A 23 -41.11 -14.53 -39.20
C PHE A 23 -41.29 -13.07 -39.59
N VAL A 24 -42.30 -12.79 -40.40
CA VAL A 24 -42.46 -11.44 -40.94
C VAL A 24 -43.81 -10.79 -40.62
N LEU A 25 -43.77 -9.53 -40.21
CA LEU A 25 -44.99 -8.77 -39.93
C LEU A 25 -45.00 -7.49 -40.75
N GLU A 26 -46.10 -7.23 -41.46
CA GLU A 26 -46.19 -6.01 -42.29
C GLU A 26 -47.64 -5.64 -42.67
N PRO A 27 -48.01 -4.37 -42.43
CA PRO A 27 -47.16 -3.29 -41.94
C PRO A 27 -47.49 -2.83 -40.52
N LEU A 28 -46.58 -2.01 -39.97
CA LEU A 28 -46.81 -1.37 -38.69
C LEU A 28 -46.63 0.13 -38.86
N GLU A 29 -47.29 0.90 -38.01
CA GLU A 29 -47.39 2.33 -38.23
C GLU A 29 -46.05 3.04 -38.09
N ARG A 30 -45.73 3.49 -36.88
CA ARG A 30 -44.52 4.27 -36.68
C ARG A 30 -43.58 3.65 -35.67
N GLY A 31 -42.46 3.12 -36.18
CA GLY A 31 -41.41 2.58 -35.33
C GLY A 31 -41.81 1.36 -34.52
N PHE A 32 -43.05 0.91 -34.71
CA PHE A 32 -43.56 -0.22 -33.93
C PHE A 32 -42.87 -1.53 -34.26
N GLY A 33 -41.96 -1.51 -35.23
CA GLY A 33 -41.18 -2.69 -35.56
C GLY A 33 -40.21 -3.03 -34.45
N VAL A 34 -39.49 -2.02 -34.01
CA VAL A 34 -38.52 -2.18 -32.93
C VAL A 34 -39.24 -2.30 -31.58
N THR A 35 -40.40 -1.67 -31.48
CA THR A 35 -41.20 -1.72 -30.26
C THR A 35 -41.74 -3.13 -30.03
N LEU A 36 -41.57 -4.00 -31.03
CA LEU A 36 -41.97 -5.39 -30.93
C LEU A 36 -40.79 -6.35 -31.10
N GLY A 37 -39.82 -5.95 -31.91
CA GLY A 37 -38.67 -6.78 -32.20
C GLY A 37 -37.85 -7.12 -30.98
N ASN A 38 -37.33 -6.08 -30.33
CA ASN A 38 -36.53 -6.24 -29.10
C ASN A 38 -37.22 -6.96 -27.94
N PRO A 39 -38.46 -6.56 -27.57
CA PRO A 39 -39.11 -7.21 -26.42
C PRO A 39 -39.26 -8.70 -26.61
N LEU A 40 -39.55 -9.14 -27.83
CA LEU A 40 -39.57 -10.56 -28.13
C LEU A 40 -38.17 -11.16 -27.99
N ARG A 41 -37.18 -10.46 -28.52
CA ARG A 41 -35.80 -10.94 -28.49
C ARG A 41 -35.32 -11.17 -27.06
N ARG A 42 -35.73 -10.28 -26.17
CA ARG A 42 -35.38 -10.39 -24.74
C ARG A 42 -35.91 -11.68 -24.14
N ILE A 43 -37.21 -11.91 -24.29
CA ILE A 43 -37.88 -13.09 -23.75
C ILE A 43 -37.41 -14.37 -24.42
N LEU A 44 -37.07 -14.28 -25.70
CA LEU A 44 -36.56 -15.42 -26.46
C LEU A 44 -35.19 -15.88 -25.94
N LEU A 45 -34.41 -14.96 -25.38
CA LEU A 45 -33.07 -15.29 -24.92
C LEU A 45 -33.01 -15.45 -23.41
N SER A 46 -34.00 -14.88 -22.71
CA SER A 46 -34.05 -14.96 -21.26
C SER A 46 -34.89 -16.16 -20.81
N SER A 47 -36.15 -16.14 -21.19
CA SER A 47 -37.10 -17.17 -20.76
C SER A 47 -37.09 -18.40 -21.67
N ILE A 48 -38.28 -18.95 -21.91
CA ILE A 48 -38.49 -20.17 -22.69
C ILE A 48 -37.85 -21.41 -22.05
N PRO A 49 -38.64 -22.47 -21.87
CA PRO A 49 -38.15 -23.71 -21.28
C PRO A 49 -37.13 -24.42 -22.18
N GLY A 50 -35.97 -24.73 -21.60
CA GLY A 50 -34.94 -25.47 -22.31
C GLY A 50 -34.77 -26.84 -21.68
N THR A 51 -33.88 -27.65 -22.27
CA THR A 51 -33.62 -28.99 -21.78
C THR A 51 -32.14 -29.34 -21.92
N ALA A 52 -31.48 -29.67 -20.81
CA ALA A 52 -30.05 -29.91 -20.84
C ALA A 52 -29.60 -31.00 -19.86
N VAL A 53 -28.32 -31.37 -19.96
CA VAL A 53 -27.71 -32.35 -19.07
C VAL A 53 -27.43 -31.74 -17.69
N THR A 54 -27.94 -32.38 -16.65
CA THR A 54 -27.80 -31.87 -15.28
C THR A 54 -26.67 -32.54 -14.51
N SER A 55 -26.67 -33.87 -14.47
CA SER A 55 -25.60 -34.60 -13.79
C SER A 55 -25.23 -35.93 -14.47
N VAL A 56 -23.95 -36.29 -14.37
CA VAL A 56 -23.42 -37.46 -15.07
C VAL A 56 -22.66 -38.36 -14.10
N TYR A 57 -22.89 -39.67 -14.21
CA TYR A 57 -22.15 -40.65 -13.41
C TYR A 57 -21.35 -41.60 -14.28
N ILE A 58 -20.04 -41.67 -14.05
CA ILE A 58 -19.16 -42.53 -14.82
C ILE A 58 -18.88 -43.85 -14.07
N GLU A 59 -18.56 -44.89 -14.84
CA GLU A 59 -18.22 -46.21 -14.32
C GLU A 59 -17.33 -46.17 -13.08
N ASP A 60 -16.08 -45.78 -13.26
CA ASP A 60 -15.10 -45.81 -12.18
C ASP A 60 -14.77 -44.43 -11.63
N VAL A 61 -15.08 -43.40 -12.41
CA VAL A 61 -14.71 -42.03 -12.05
C VAL A 61 -15.46 -41.53 -10.82
N LEU A 62 -14.72 -40.97 -9.87
CA LEU A 62 -15.32 -40.40 -8.67
C LEU A 62 -15.55 -38.90 -8.85
N HIS A 63 -14.46 -38.15 -8.86
CA HIS A 63 -14.54 -36.70 -8.99
C HIS A 63 -14.39 -36.24 -10.44
N GLU A 64 -14.72 -34.97 -10.66
CA GLU A 64 -14.72 -34.39 -12.01
C GLU A 64 -13.31 -34.38 -12.62
N PHE A 65 -12.29 -34.40 -11.77
CA PHE A 65 -10.91 -34.22 -12.22
C PHE A 65 -10.15 -35.54 -12.33
N SER A 66 -10.62 -36.44 -13.19
CA SER A 66 -9.97 -37.73 -13.37
C SER A 66 -9.66 -38.00 -14.84
N THR A 67 -9.14 -39.19 -15.10
CA THR A 67 -8.98 -39.66 -16.47
C THR A 67 -9.58 -41.06 -16.57
N ILE A 68 -9.73 -41.55 -17.79
CA ILE A 68 -10.21 -42.91 -18.01
C ILE A 68 -9.30 -43.63 -19.00
N PRO A 69 -8.81 -44.81 -18.61
CA PRO A 69 -7.99 -45.62 -19.52
C PRO A 69 -8.72 -45.83 -20.84
N GLY A 70 -8.04 -45.57 -21.94
CA GLY A 70 -8.61 -45.76 -23.25
C GLY A 70 -9.37 -44.56 -23.78
N VAL A 71 -9.24 -43.43 -23.10
CA VAL A 71 -9.93 -42.21 -23.51
C VAL A 71 -8.99 -41.02 -23.68
N LYS A 72 -8.99 -40.46 -24.89
CA LYS A 72 -8.22 -39.28 -25.24
C LYS A 72 -8.60 -38.09 -24.37
N GLU A 73 -9.90 -37.81 -24.28
CA GLU A 73 -10.39 -36.69 -23.47
C GLU A 73 -10.53 -37.08 -21.99
N ASP A 74 -9.97 -36.28 -21.10
CA ASP A 74 -10.19 -36.48 -19.67
C ASP A 74 -11.65 -36.22 -19.31
N VAL A 75 -12.02 -36.53 -18.07
CA VAL A 75 -13.40 -36.41 -17.60
C VAL A 75 -14.04 -35.04 -17.88
N VAL A 76 -13.34 -33.98 -17.53
CA VAL A 76 -13.85 -32.63 -17.71
C VAL A 76 -14.15 -32.33 -19.18
N GLU A 77 -13.22 -32.67 -20.06
CA GLU A 77 -13.36 -32.38 -21.49
C GLU A 77 -14.52 -33.16 -22.11
N ILE A 78 -14.70 -34.40 -21.64
CA ILE A 78 -15.82 -35.22 -22.07
C ILE A 78 -17.13 -34.59 -21.64
N ILE A 79 -17.22 -34.24 -20.35
CA ILE A 79 -18.41 -33.63 -19.78
C ILE A 79 -18.77 -32.36 -20.53
N LEU A 80 -17.74 -31.60 -20.86
CA LEU A 80 -17.89 -30.35 -21.59
C LEU A 80 -18.66 -30.55 -22.88
N ASN A 81 -18.46 -31.70 -23.53
CA ASN A 81 -19.15 -32.02 -24.77
C ASN A 81 -20.64 -32.29 -24.56
N LEU A 82 -21.01 -32.66 -23.33
CA LEU A 82 -22.39 -33.01 -23.02
C LEU A 82 -23.31 -31.81 -22.92
N LYS A 83 -22.74 -30.64 -22.65
CA LYS A 83 -23.52 -29.41 -22.61
C LYS A 83 -24.03 -29.04 -23.99
N GLU A 84 -23.24 -29.35 -25.02
CA GLU A 84 -23.62 -29.06 -26.40
C GLU A 84 -24.44 -30.21 -26.99
N LEU A 85 -25.20 -30.87 -26.12
CA LEU A 85 -26.05 -31.97 -26.52
C LEU A 85 -27.53 -31.62 -26.33
N VAL A 86 -28.31 -31.81 -27.39
CA VAL A 86 -29.71 -31.46 -27.37
C VAL A 86 -30.60 -32.69 -27.28
N VAL A 87 -31.20 -32.89 -26.11
CA VAL A 87 -32.09 -34.04 -25.89
C VAL A 87 -33.54 -33.58 -25.92
N ARG A 88 -34.21 -33.78 -27.05
CA ARG A 88 -35.57 -33.31 -27.22
C ARG A 88 -36.62 -34.31 -26.72
N PHE A 89 -37.51 -33.84 -25.85
CA PHE A 89 -38.58 -34.66 -25.32
C PHE A 89 -39.83 -34.49 -26.17
N LEU A 90 -40.95 -35.03 -25.70
CA LEU A 90 -42.19 -34.97 -26.47
C LEU A 90 -43.34 -34.41 -25.64
N ASN A 91 -43.46 -34.87 -24.39
CA ASN A 91 -44.56 -34.48 -23.52
C ASN A 91 -44.05 -33.76 -22.27
N PRO A 92 -44.85 -32.83 -21.70
CA PRO A 92 -44.50 -32.11 -20.47
C PRO A 92 -44.19 -33.01 -19.27
N SER A 93 -44.69 -34.24 -19.30
CA SER A 93 -44.44 -35.20 -18.22
C SER A 93 -42.96 -35.50 -18.00
N LEU A 94 -42.21 -35.61 -19.09
CA LEU A 94 -40.78 -35.90 -19.03
C LEU A 94 -40.00 -34.78 -18.34
N GLN A 95 -39.72 -34.97 -17.06
CA GLN A 95 -38.99 -33.98 -16.27
C GLN A 95 -37.57 -34.45 -15.94
N THR A 96 -37.37 -35.77 -15.87
CA THR A 96 -36.09 -36.33 -15.44
C THR A 96 -35.69 -37.59 -16.21
N VAL A 97 -35.45 -37.47 -17.51
CA VAL A 97 -35.06 -38.64 -18.31
C VAL A 97 -33.57 -38.94 -18.16
N THR A 98 -33.26 -40.04 -17.49
CA THR A 98 -31.88 -40.43 -17.23
C THR A 98 -31.34 -41.32 -18.34
N LEU A 99 -30.72 -40.72 -19.35
CA LEU A 99 -30.15 -41.48 -20.44
C LEU A 99 -29.01 -42.36 -19.95
N LEU A 100 -28.67 -43.37 -20.76
CA LEU A 100 -27.58 -44.27 -20.42
C LEU A 100 -26.74 -44.58 -21.67
N LEU A 101 -25.46 -44.88 -21.48
CA LEU A 101 -24.60 -45.23 -22.60
C LEU A 101 -23.36 -46.05 -22.22
N LYS A 102 -23.06 -47.07 -23.01
CA LYS A 102 -21.84 -47.85 -22.81
C LYS A 102 -21.32 -48.56 -24.06
N ALA A 103 -20.02 -48.46 -24.28
CA ALA A 103 -19.37 -49.09 -25.43
C ALA A 103 -17.86 -49.21 -25.20
N GLU A 104 -17.19 -49.87 -26.14
CA GLU A 104 -15.74 -50.06 -26.10
C GLU A 104 -15.12 -50.15 -27.50
N GLY A 105 -13.82 -50.41 -27.54
CA GLY A 105 -13.09 -50.51 -28.80
C GLY A 105 -12.80 -49.17 -29.43
N PRO A 106 -11.84 -49.13 -30.37
CA PRO A 106 -11.49 -47.87 -31.02
C PRO A 106 -12.61 -47.33 -31.90
N LYS A 107 -13.41 -46.42 -31.34
CA LYS A 107 -14.47 -45.76 -32.09
C LYS A 107 -14.84 -44.43 -31.45
N GLU A 108 -14.90 -43.37 -32.26
CA GLU A 108 -15.42 -42.09 -31.81
C GLU A 108 -16.86 -42.25 -31.35
N VAL A 109 -17.07 -42.25 -30.03
CA VAL A 109 -18.42 -42.39 -29.49
C VAL A 109 -19.31 -41.20 -29.86
N LYS A 110 -19.97 -41.29 -31.01
CA LYS A 110 -20.95 -40.29 -31.42
C LYS A 110 -22.14 -40.33 -30.47
N ALA A 111 -22.86 -39.22 -30.33
CA ALA A 111 -24.00 -39.15 -29.41
C ALA A 111 -25.18 -39.99 -29.90
N ARG A 112 -25.05 -40.54 -31.10
CA ARG A 112 -26.07 -41.40 -31.69
C ARG A 112 -25.97 -42.83 -31.15
N ASP A 113 -25.12 -43.02 -30.15
CA ASP A 113 -24.88 -44.34 -29.57
C ASP A 113 -25.68 -44.57 -28.30
N PHE A 114 -26.25 -43.49 -27.77
CA PHE A 114 -27.08 -43.58 -26.58
C PHE A 114 -28.22 -44.59 -26.77
N LEU A 115 -28.67 -45.19 -25.67
CA LEU A 115 -29.79 -46.12 -25.68
C LEU A 115 -31.10 -45.37 -25.72
N PRO A 116 -31.84 -45.49 -26.83
CA PRO A 116 -33.10 -44.78 -27.09
C PRO A 116 -34.17 -44.99 -26.02
N VAL A 117 -35.01 -43.99 -25.79
CA VAL A 117 -36.03 -44.00 -24.74
C VAL A 117 -37.40 -43.68 -25.34
N ALA A 118 -38.46 -44.12 -24.66
CA ALA A 118 -39.85 -44.00 -25.12
C ALA A 118 -40.16 -42.76 -25.98
N ASP A 119 -40.48 -41.64 -25.32
CA ASP A 119 -40.84 -40.41 -26.02
C ASP A 119 -39.67 -39.43 -26.14
N VAL A 120 -38.45 -39.94 -26.13
CA VAL A 120 -37.27 -39.08 -26.13
C VAL A 120 -36.41 -39.27 -27.38
N GLU A 121 -36.10 -38.17 -28.06
CA GLU A 121 -35.24 -38.21 -29.24
C GLU A 121 -34.14 -37.16 -29.15
N ILE A 122 -32.90 -37.59 -29.37
CA ILE A 122 -31.78 -36.66 -29.38
C ILE A 122 -31.61 -36.05 -30.77
N MET A 123 -31.83 -34.74 -30.86
CA MET A 123 -31.72 -34.02 -32.12
C MET A 123 -30.27 -33.77 -32.52
N ASN A 124 -29.35 -34.15 -31.63
CA ASN A 124 -27.91 -33.91 -31.81
C ASN A 124 -27.14 -35.23 -31.87
N PRO A 125 -27.14 -35.87 -33.05
CA PRO A 125 -26.62 -37.23 -33.24
C PRO A 125 -25.12 -37.32 -33.51
N ASP A 126 -24.53 -36.27 -34.07
CA ASP A 126 -23.14 -36.33 -34.50
C ASP A 126 -22.15 -35.89 -33.43
N LEU A 127 -22.68 -35.47 -32.28
CA LEU A 127 -21.86 -34.91 -31.20
C LEU A 127 -20.76 -35.85 -30.73
N HIS A 128 -19.55 -35.30 -30.62
CA HIS A 128 -18.42 -36.07 -30.15
C HIS A 128 -18.39 -36.13 -28.62
N ILE A 129 -18.47 -37.34 -28.06
CA ILE A 129 -18.36 -37.50 -26.62
C ILE A 129 -16.93 -37.77 -26.22
N ALA A 130 -16.36 -38.83 -26.78
CA ALA A 130 -14.99 -39.23 -26.50
C ALA A 130 -14.53 -40.27 -27.52
N THR A 131 -13.25 -40.19 -27.88
CA THR A 131 -12.65 -41.22 -28.70
C THR A 131 -12.18 -42.33 -27.76
N LEU A 132 -12.46 -43.57 -28.13
CA LEU A 132 -11.99 -44.71 -27.34
C LEU A 132 -10.75 -45.34 -27.97
N GLU A 133 -9.90 -45.89 -27.11
CA GLU A 133 -8.61 -46.43 -27.53
C GLU A 133 -8.74 -47.95 -27.64
N GLU A 134 -7.62 -48.63 -27.88
CA GLU A 134 -7.60 -50.09 -27.93
C GLU A 134 -7.92 -50.68 -26.56
N GLY A 135 -9.18 -51.05 -26.35
CA GLY A 135 -9.60 -51.61 -25.08
C GLY A 135 -10.11 -50.56 -24.12
N GLY A 136 -10.51 -49.42 -24.68
CA GLY A 136 -11.10 -48.34 -23.90
C GLY A 136 -12.60 -48.54 -23.77
N ARG A 137 -13.08 -48.51 -22.53
CA ARG A 137 -14.48 -48.80 -22.24
C ARG A 137 -15.10 -47.69 -21.40
N LEU A 138 -16.33 -47.30 -21.73
CA LEU A 138 -17.06 -46.34 -20.88
C LEU A 138 -18.50 -46.79 -20.63
N ASN A 139 -18.98 -46.60 -19.40
CA ASN A 139 -20.33 -46.97 -19.00
C ASN A 139 -20.88 -45.87 -18.08
N MET A 140 -21.78 -45.04 -18.60
CA MET A 140 -22.24 -43.86 -17.87
C MET A 140 -23.74 -43.59 -17.89
N GLU A 141 -24.18 -42.88 -16.86
CA GLU A 141 -25.57 -42.44 -16.72
C GLU A 141 -25.65 -40.93 -16.86
N VAL A 142 -26.22 -40.47 -17.97
CA VAL A 142 -26.37 -39.05 -18.25
C VAL A 142 -27.78 -38.57 -17.94
N ARG A 143 -27.97 -38.03 -16.74
CA ARG A 143 -29.30 -37.55 -16.34
C ARG A 143 -29.67 -36.26 -17.05
N VAL A 144 -30.88 -36.21 -17.60
CA VAL A 144 -31.37 -35.01 -18.29
C VAL A 144 -32.64 -34.46 -17.62
N ASP A 145 -32.61 -33.15 -17.30
CA ASP A 145 -33.69 -32.46 -16.60
C ASP A 145 -34.37 -31.43 -17.55
N ARG A 146 -35.36 -30.70 -17.04
CA ARG A 146 -36.03 -29.65 -17.81
C ARG A 146 -36.22 -28.41 -16.95
N GLY A 147 -35.37 -27.41 -17.15
CA GLY A 147 -35.45 -26.18 -16.40
C GLY A 147 -35.44 -24.96 -17.31
N VAL A 148 -35.15 -23.79 -16.74
CA VAL A 148 -35.12 -22.56 -17.50
C VAL A 148 -33.91 -21.70 -17.16
N GLY A 149 -33.21 -21.22 -18.19
CA GLY A 149 -32.13 -20.27 -18.02
C GLY A 149 -30.78 -20.90 -17.72
N TYR A 150 -29.81 -20.08 -17.36
CA TYR A 150 -28.50 -20.58 -16.98
C TYR A 150 -28.50 -21.00 -15.52
N VAL A 151 -28.39 -22.30 -15.28
CA VAL A 151 -28.32 -22.83 -13.93
C VAL A 151 -26.95 -23.43 -13.67
N PRO A 152 -26.10 -22.69 -12.94
CA PRO A 152 -24.74 -23.11 -12.64
C PRO A 152 -24.71 -24.43 -11.87
N ALA A 153 -23.82 -25.32 -12.28
CA ALA A 153 -23.67 -26.62 -11.63
C ALA A 153 -23.42 -26.47 -10.14
N GLU A 154 -22.78 -25.37 -9.76
CA GLU A 154 -22.49 -25.10 -8.36
C GLU A 154 -23.75 -24.86 -7.53
N LYS A 155 -24.90 -24.80 -8.18
CA LYS A 155 -26.15 -24.47 -7.48
C LYS A 155 -26.99 -25.69 -7.08
N HIS A 156 -27.51 -26.41 -8.06
CA HIS A 156 -28.42 -27.52 -7.79
C HIS A 156 -27.73 -28.72 -7.14
N GLY A 157 -26.62 -29.16 -7.72
CA GLY A 157 -25.87 -30.28 -7.18
C GLY A 157 -26.70 -31.55 -7.15
N ILE A 158 -27.27 -31.90 -8.30
CA ILE A 158 -28.09 -33.09 -8.41
C ILE A 158 -27.24 -34.35 -8.35
N LYS A 159 -27.27 -35.02 -7.21
CA LYS A 159 -26.52 -36.26 -7.01
C LYS A 159 -27.36 -37.45 -7.45
N ASP A 160 -27.25 -37.80 -8.73
CA ASP A 160 -28.00 -38.90 -9.31
C ASP A 160 -27.67 -40.20 -8.58
N ARG A 161 -26.41 -40.62 -8.72
CA ARG A 161 -25.87 -41.75 -7.97
C ARG A 161 -25.29 -41.29 -6.64
N ILE A 162 -24.02 -41.60 -6.43
CA ILE A 162 -23.29 -41.16 -5.26
C ILE A 162 -22.02 -40.45 -5.73
N ASN A 163 -21.40 -40.98 -6.79
CA ASN A 163 -20.25 -40.33 -7.42
C ASN A 163 -20.62 -39.63 -8.71
N ALA A 164 -21.89 -39.26 -8.84
CA ALA A 164 -22.36 -38.52 -10.01
C ALA A 164 -21.95 -37.05 -9.91
N ILE A 165 -21.39 -36.53 -11.00
CA ILE A 165 -20.89 -35.16 -11.02
C ILE A 165 -21.83 -34.20 -11.77
N PRO A 166 -22.32 -33.17 -11.06
CA PRO A 166 -23.23 -32.15 -11.63
C PRO A 166 -22.60 -31.39 -12.79
N VAL A 167 -23.43 -30.97 -13.74
CA VAL A 167 -22.96 -30.24 -14.93
C VAL A 167 -23.74 -28.93 -15.05
N ASP A 168 -23.09 -27.88 -15.56
CA ASP A 168 -23.77 -26.62 -15.79
C ASP A 168 -25.03 -26.83 -16.63
N ALA A 169 -26.16 -26.46 -16.06
CA ALA A 169 -27.44 -26.63 -16.73
C ALA A 169 -27.70 -25.47 -17.70
N VAL A 170 -27.63 -25.75 -19.00
CA VAL A 170 -27.85 -24.73 -20.01
C VAL A 170 -29.24 -24.85 -20.63
N PHE A 171 -30.23 -24.23 -19.99
CA PHE A 171 -31.61 -24.27 -20.46
C PHE A 171 -31.98 -23.04 -21.30
N SER A 172 -31.93 -23.19 -22.62
CA SER A 172 -32.34 -22.14 -23.56
C SER A 172 -32.32 -22.69 -24.98
N PRO A 173 -33.48 -23.16 -25.45
CA PRO A 173 -33.58 -23.81 -26.76
C PRO A 173 -33.24 -22.85 -27.89
N VAL A 174 -33.63 -21.59 -27.73
CA VAL A 174 -33.28 -20.56 -28.70
C VAL A 174 -31.80 -20.23 -28.55
N ARG A 175 -31.08 -20.20 -29.67
CA ARG A 175 -29.64 -19.95 -29.64
C ARG A 175 -29.30 -18.52 -30.03
N ARG A 176 -29.95 -18.01 -31.08
CA ARG A 176 -29.70 -16.64 -31.52
C ARG A 176 -30.98 -15.93 -31.95
N VAL A 177 -31.04 -14.61 -31.81
CA VAL A 177 -32.19 -13.84 -32.28
C VAL A 177 -31.75 -12.51 -32.89
N ALA A 178 -32.29 -12.18 -34.08
CA ALA A 178 -31.97 -10.92 -34.73
C ALA A 178 -33.16 -10.36 -35.53
N PHE A 179 -33.55 -9.11 -35.27
CA PHE A 179 -34.64 -8.50 -36.03
C PHE A 179 -34.18 -7.39 -36.96
N GLN A 180 -34.89 -7.24 -38.07
CA GLN A 180 -34.64 -6.17 -39.04
C GLN A 180 -35.92 -5.40 -39.31
N VAL A 181 -35.78 -4.11 -39.55
CA VAL A 181 -36.94 -3.26 -39.75
C VAL A 181 -36.88 -2.54 -41.09
N GLU A 182 -37.67 -3.01 -42.04
CA GLU A 182 -37.69 -2.41 -43.37
C GLU A 182 -38.96 -1.60 -43.53
N ASP A 183 -39.36 -1.35 -44.77
CA ASP A 183 -40.58 -0.59 -45.06
C ASP A 183 -41.24 -0.92 -46.40
N THR A 184 -42.27 -0.12 -46.73
CA THR A 184 -43.19 -0.21 -47.90
C THR A 184 -44.62 -0.60 -47.49
N ARG A 185 -45.44 -0.94 -48.49
CA ARG A 185 -46.87 -1.25 -48.31
C ARG A 185 -47.69 0.00 -47.92
N LEU A 186 -48.95 0.04 -48.36
CA LEU A 186 -49.84 1.18 -48.13
C LEU A 186 -49.30 2.49 -48.75
N GLY A 187 -49.75 2.79 -49.97
CA GLY A 187 -49.24 3.92 -50.72
C GLY A 187 -49.69 5.28 -50.25
N GLN A 188 -50.07 5.36 -48.98
CA GLN A 188 -50.54 6.62 -48.40
C GLN A 188 -49.46 7.20 -47.48
N ARG A 189 -49.24 6.55 -46.33
CA ARG A 189 -48.19 6.99 -45.41
C ARG A 189 -46.91 6.21 -45.67
N THR A 190 -45.85 6.94 -46.06
CA THR A 190 -44.59 6.32 -46.46
C THR A 190 -43.72 5.87 -45.28
N ASP A 191 -43.81 6.62 -44.18
CA ASP A 191 -43.10 6.25 -42.96
C ASP A 191 -43.78 5.06 -42.29
N LEU A 192 -43.43 3.85 -42.71
CA LEU A 192 -44.00 2.62 -42.13
C LEU A 192 -42.95 1.62 -41.68
N ASP A 193 -43.38 0.68 -40.84
CA ASP A 193 -42.49 -0.35 -40.32
C ASP A 193 -42.77 -1.71 -40.95
N LYS A 194 -41.72 -2.51 -41.09
CA LYS A 194 -41.83 -3.89 -41.58
C LYS A 194 -40.93 -4.78 -40.74
N LEU A 195 -41.53 -5.52 -39.81
CA LEU A 195 -40.75 -6.34 -38.88
C LEU A 195 -40.34 -7.66 -39.50
N THR A 196 -39.08 -8.05 -39.30
CA THR A 196 -38.61 -9.39 -39.66
C THR A 196 -37.74 -9.99 -38.55
N LEU A 197 -38.34 -10.92 -37.81
CA LEU A 197 -37.69 -11.56 -36.68
C LEU A 197 -37.07 -12.89 -37.08
N ARG A 198 -35.74 -13.00 -36.99
CA ARG A 198 -35.03 -14.25 -37.24
C ARG A 198 -34.67 -14.95 -35.94
N ILE A 199 -35.01 -16.23 -35.86
CA ILE A 199 -34.77 -17.03 -34.66
C ILE A 199 -33.98 -18.31 -34.98
N TRP A 200 -32.92 -18.55 -34.21
CA TRP A 200 -32.07 -19.72 -34.35
C TRP A 200 -32.15 -20.57 -33.09
N THR A 201 -32.62 -21.81 -33.23
CA THR A 201 -32.74 -22.72 -32.10
C THR A 201 -31.95 -24.00 -32.33
N ASP A 202 -31.76 -24.76 -31.25
CA ASP A 202 -30.93 -25.95 -31.29
C ASP A 202 -31.69 -27.19 -31.77
N GLY A 203 -32.99 -27.04 -31.98
CA GLY A 203 -33.80 -28.15 -32.46
C GLY A 203 -34.86 -28.57 -31.47
N SER A 204 -34.50 -28.59 -30.19
CA SER A 204 -35.39 -29.04 -29.11
C SER A 204 -36.75 -28.36 -29.17
N VAL A 205 -36.75 -27.10 -29.61
CA VAL A 205 -37.97 -26.36 -29.88
C VAL A 205 -37.79 -25.63 -31.20
N THR A 206 -38.66 -25.90 -32.18
CA THR A 206 -38.63 -25.18 -33.45
C THR A 206 -38.94 -23.71 -33.17
N PRO A 207 -38.39 -22.81 -33.99
CA PRO A 207 -38.55 -21.37 -33.78
C PRO A 207 -40.00 -20.89 -33.61
N LEU A 208 -40.94 -21.49 -34.36
CA LEU A 208 -42.36 -21.13 -34.25
C LEU A 208 -42.91 -21.30 -32.84
N GLU A 209 -42.77 -22.52 -32.31
CA GLU A 209 -43.20 -22.84 -30.95
C GLU A 209 -42.63 -21.84 -29.95
N ALA A 210 -41.34 -21.55 -30.11
CA ALA A 210 -40.62 -20.65 -29.21
C ALA A 210 -41.23 -19.25 -29.22
N LEU A 211 -41.43 -18.73 -30.42
CA LEU A 211 -42.00 -17.40 -30.61
C LEU A 211 -43.37 -17.33 -29.96
N ASN A 212 -44.18 -18.37 -30.17
CA ASN A 212 -45.50 -18.44 -29.55
C ASN A 212 -45.43 -18.40 -28.01
N GLN A 213 -44.54 -19.21 -27.45
CA GLN A 213 -44.40 -19.27 -25.99
C GLN A 213 -44.01 -17.91 -25.44
N ALA A 214 -43.09 -17.25 -26.14
CA ALA A 214 -42.65 -15.91 -25.78
C ALA A 214 -43.80 -14.92 -25.81
N VAL A 215 -44.61 -15.00 -26.86
CA VAL A 215 -45.80 -14.17 -26.99
C VAL A 215 -46.68 -14.36 -25.77
N GLU A 216 -46.87 -15.62 -25.36
CA GLU A 216 -47.65 -15.90 -24.16
C GLU A 216 -47.05 -15.25 -22.91
N ILE A 217 -45.74 -15.38 -22.75
CA ILE A 217 -45.05 -14.77 -21.61
C ILE A 217 -45.31 -13.26 -21.55
N LEU A 218 -45.11 -12.59 -22.67
CA LEU A 218 -45.29 -11.14 -22.75
C LEU A 218 -46.74 -10.76 -22.42
N ARG A 219 -47.69 -11.47 -23.02
CA ARG A 219 -49.11 -11.26 -22.74
C ARG A 219 -49.44 -11.36 -21.24
N GLU A 220 -49.11 -12.51 -20.65
CA GLU A 220 -49.32 -12.73 -19.21
C GLU A 220 -48.73 -11.60 -18.39
N HIS A 221 -47.48 -11.23 -18.67
CA HIS A 221 -46.85 -10.12 -17.96
C HIS A 221 -47.61 -8.81 -18.15
N LEU A 222 -48.19 -8.60 -19.33
CA LEU A 222 -48.95 -7.37 -19.59
C LEU A 222 -50.20 -7.32 -18.75
N THR A 223 -50.75 -8.49 -18.43
CA THR A 223 -51.94 -8.54 -17.59
C THR A 223 -51.70 -8.03 -16.15
N TYR A 224 -50.44 -7.95 -15.72
CA TYR A 224 -50.14 -7.65 -14.33
C TYR A 224 -50.46 -6.23 -13.86
N PHE A 225 -50.70 -5.32 -14.80
CA PHE A 225 -50.98 -3.92 -14.46
C PHE A 225 -52.45 -3.66 -14.10
N SER A 226 -53.11 -4.67 -13.52
CA SER A 226 -54.57 -4.66 -13.43
C SER A 226 -55.21 -4.04 -12.18
N ASN A 227 -54.74 -4.42 -11.00
CA ASN A 227 -55.35 -3.93 -9.76
C ASN A 227 -54.36 -3.24 -8.83
N PRO A 228 -54.54 -1.92 -8.65
CA PRO A 228 -53.56 -1.04 -7.99
C PRO A 228 -53.65 -1.02 -6.47
N GLN A 229 -52.75 -0.28 -5.85
CA GLN A 229 -52.79 0.02 -4.40
C GLN A 229 -52.37 1.45 -4.13
N LYS B 7 -42.97 -15.19 -9.49
CA LYS B 7 -44.14 -15.20 -8.62
C LYS B 7 -45.27 -14.38 -9.25
N ALA B 8 -45.68 -13.32 -8.57
CA ALA B 8 -46.70 -12.41 -9.06
C ALA B 8 -46.42 -10.99 -8.56
N PRO B 9 -46.30 -10.03 -9.49
CA PRO B 9 -45.88 -8.66 -9.14
C PRO B 9 -47.03 -7.71 -8.84
N VAL B 10 -46.87 -6.95 -7.76
CA VAL B 10 -47.88 -5.97 -7.37
C VAL B 10 -47.68 -4.66 -8.13
N PHE B 11 -48.80 -4.02 -8.45
CA PHE B 11 -48.80 -2.75 -9.15
C PHE B 11 -49.23 -1.67 -8.16
N THR B 12 -48.38 -0.67 -7.97
CA THR B 12 -48.62 0.34 -6.95
C THR B 12 -48.68 1.76 -7.54
N VAL B 13 -49.78 2.46 -7.30
CA VAL B 13 -49.99 3.79 -7.89
C VAL B 13 -49.82 4.93 -6.88
N ARG B 14 -49.02 5.93 -7.26
CA ARG B 14 -48.98 7.21 -6.56
C ARG B 14 -49.27 8.31 -7.57
N THR B 15 -50.54 8.70 -7.68
CA THR B 15 -50.99 9.59 -8.74
C THR B 15 -51.39 10.98 -8.25
N GLN B 16 -50.83 12.00 -8.89
CA GLN B 16 -51.04 13.39 -8.49
C GLN B 16 -51.90 14.11 -9.52
N GLY B 17 -53.17 14.29 -9.21
CA GLY B 17 -54.09 14.98 -10.09
C GLY B 17 -54.36 14.22 -11.38
N ARG B 18 -54.38 14.95 -12.49
CA ARG B 18 -54.82 14.40 -13.76
C ARG B 18 -53.70 14.34 -14.79
N GLU B 19 -52.51 14.79 -14.41
CA GLU B 19 -51.40 14.86 -15.36
C GLU B 19 -50.26 13.90 -15.04
N TYR B 20 -49.80 13.92 -13.78
CA TYR B 20 -48.66 13.10 -13.36
C TYR B 20 -49.07 11.86 -12.58
N GLY B 21 -48.40 10.75 -12.85
CA GLY B 21 -48.63 9.52 -12.12
C GLY B 21 -47.39 8.66 -12.04
N GLU B 22 -47.16 8.08 -10.87
CA GLU B 22 -46.01 7.20 -10.66
C GLU B 22 -46.47 5.77 -10.41
N PHE B 23 -46.05 4.87 -11.28
CA PHE B 23 -46.47 3.47 -11.21
C PHE B 23 -45.29 2.58 -10.91
N VAL B 24 -45.44 1.69 -9.93
CA VAL B 24 -44.35 0.77 -9.61
C VAL B 24 -44.80 -0.69 -9.55
N LEU B 25 -44.25 -1.51 -10.44
CA LEU B 25 -44.69 -2.91 -10.55
C LEU B 25 -43.56 -3.90 -10.21
N GLU B 26 -43.68 -4.56 -9.05
CA GLU B 26 -42.60 -5.42 -8.53
C GLU B 26 -43.09 -6.52 -7.56
N PRO B 27 -42.31 -7.63 -7.42
CA PRO B 27 -41.01 -7.95 -8.02
C PRO B 27 -41.12 -8.51 -9.45
N LEU B 28 -40.09 -8.25 -10.24
CA LEU B 28 -40.04 -8.72 -11.61
C LEU B 28 -38.89 -9.68 -11.81
N GLU B 29 -38.95 -10.46 -12.88
CA GLU B 29 -37.88 -11.39 -13.20
C GLU B 29 -36.70 -10.61 -13.78
N ARG B 30 -35.50 -11.17 -13.63
CA ARG B 30 -34.28 -10.53 -14.10
C ARG B 30 -34.34 -10.24 -15.59
N GLY B 31 -34.34 -8.95 -15.95
CA GLY B 31 -34.35 -8.55 -17.34
C GLY B 31 -35.70 -8.10 -17.87
N PHE B 32 -36.77 -8.46 -17.16
CA PHE B 32 -38.12 -8.12 -17.60
C PHE B 32 -38.48 -6.66 -17.31
N GLY B 33 -37.70 -6.03 -16.44
CA GLY B 33 -37.90 -4.63 -16.12
C GLY B 33 -37.84 -3.74 -17.34
N VAL B 34 -36.70 -3.72 -18.01
CA VAL B 34 -36.53 -2.89 -19.20
C VAL B 34 -37.33 -3.45 -20.36
N THR B 35 -37.38 -4.78 -20.43
CA THR B 35 -38.15 -5.49 -21.45
C THR B 35 -39.62 -5.05 -21.46
N LEU B 36 -40.15 -4.68 -20.30
CA LEU B 36 -41.52 -4.22 -20.23
C LEU B 36 -41.62 -2.69 -20.28
N GLY B 37 -40.71 -2.04 -19.58
CA GLY B 37 -40.74 -0.59 -19.46
C GLY B 37 -40.42 0.16 -20.75
N ASN B 38 -39.51 -0.38 -21.55
CA ASN B 38 -39.14 0.29 -22.78
C ASN B 38 -40.20 0.33 -23.91
N PRO B 39 -40.86 -0.81 -24.23
CA PRO B 39 -41.86 -0.78 -25.30
C PRO B 39 -43.01 0.17 -25.03
N LEU B 40 -43.51 0.16 -23.80
CA LEU B 40 -44.63 1.02 -23.40
C LEU B 40 -44.31 2.50 -23.60
N ARG B 41 -43.09 2.90 -23.27
CA ARG B 41 -42.70 4.29 -23.40
C ARG B 41 -42.70 4.75 -24.86
N ARG B 42 -42.37 3.83 -25.76
CA ARG B 42 -42.37 4.13 -27.18
C ARG B 42 -43.80 4.28 -27.68
N ILE B 43 -44.69 3.46 -27.14
CA ILE B 43 -46.11 3.52 -27.47
C ILE B 43 -46.77 4.78 -26.92
N LEU B 44 -46.50 5.08 -25.65
CA LEU B 44 -47.08 6.24 -24.99
C LEU B 44 -46.72 7.55 -25.69
N LEU B 45 -45.50 7.63 -26.22
CA LEU B 45 -45.03 8.85 -26.86
C LEU B 45 -45.37 8.93 -28.34
N SER B 46 -46.10 7.94 -28.85
CA SER B 46 -46.36 7.90 -30.29
C SER B 46 -47.74 7.37 -30.72
N SER B 47 -48.44 6.65 -29.84
CA SER B 47 -49.63 5.93 -30.27
C SER B 47 -50.94 6.57 -29.83
N ILE B 48 -51.01 6.96 -28.57
CA ILE B 48 -52.24 7.45 -27.95
C ILE B 48 -52.95 8.49 -28.80
N PRO B 49 -54.24 8.25 -29.08
CA PRO B 49 -55.04 9.20 -29.84
C PRO B 49 -55.25 10.49 -29.05
N GLY B 50 -54.88 11.61 -29.65
CA GLY B 50 -55.09 12.92 -29.06
C GLY B 50 -55.45 13.97 -30.10
N THR B 51 -55.33 15.24 -29.74
CA THR B 51 -55.66 16.34 -30.64
C THR B 51 -54.65 17.47 -30.57
N ALA B 52 -54.62 18.31 -31.60
CA ALA B 52 -53.66 19.40 -31.68
C ALA B 52 -54.06 20.43 -32.74
N VAL B 53 -53.50 21.62 -32.64
CA VAL B 53 -53.73 22.68 -33.61
C VAL B 53 -52.84 22.45 -34.83
N THR B 54 -53.44 22.02 -35.94
CA THR B 54 -52.66 21.69 -37.13
C THR B 54 -52.24 22.92 -37.92
N SER B 55 -53.19 23.83 -38.16
CA SER B 55 -52.91 25.04 -38.92
C SER B 55 -53.83 26.20 -38.53
N VAL B 56 -53.34 27.43 -38.68
CA VAL B 56 -54.02 28.62 -38.20
C VAL B 56 -54.10 29.71 -39.28
N TYR B 57 -55.21 30.45 -39.28
CA TYR B 57 -55.41 31.55 -40.21
C TYR B 57 -55.82 32.80 -39.46
N ILE B 58 -54.95 33.82 -39.47
CA ILE B 58 -55.30 35.09 -38.86
C ILE B 58 -55.58 36.10 -39.96
N GLU B 59 -56.23 37.20 -39.62
CA GLU B 59 -56.75 38.12 -40.63
C GLU B 59 -55.70 38.98 -41.34
N ASP B 60 -54.74 39.53 -40.59
CA ASP B 60 -53.71 40.33 -41.22
C ASP B 60 -52.31 39.76 -40.98
N VAL B 61 -52.22 38.43 -41.01
CA VAL B 61 -50.94 37.75 -40.89
C VAL B 61 -50.68 36.93 -42.13
N LEU B 62 -49.62 37.29 -42.85
CA LEU B 62 -49.26 36.61 -44.08
C LEU B 62 -48.18 35.56 -43.86
N HIS B 63 -47.16 35.95 -43.11
CA HIS B 63 -46.03 35.07 -42.84
C HIS B 63 -46.00 34.59 -41.38
N GLU B 64 -45.35 33.46 -41.15
CA GLU B 64 -45.23 32.88 -39.81
C GLU B 64 -44.44 33.80 -38.89
N PHE B 65 -43.43 34.45 -39.45
CA PHE B 65 -42.57 35.37 -38.69
C PHE B 65 -42.97 36.81 -38.92
N SER B 66 -44.21 37.14 -38.57
CA SER B 66 -44.71 38.49 -38.73
C SER B 66 -44.94 39.16 -37.39
N THR B 67 -45.34 40.42 -37.43
CA THR B 67 -45.72 41.16 -36.24
C THR B 67 -46.94 42.01 -36.54
N ILE B 68 -48.01 41.82 -35.77
CA ILE B 68 -49.22 42.62 -35.97
C ILE B 68 -49.44 43.66 -34.86
N PRO B 69 -49.40 44.95 -35.25
CA PRO B 69 -49.56 46.06 -34.32
C PRO B 69 -50.91 46.01 -33.64
N GLY B 70 -51.00 46.57 -32.44
CA GLY B 70 -52.21 46.50 -31.66
C GLY B 70 -52.25 45.24 -30.82
N VAL B 71 -51.64 44.18 -31.34
CA VAL B 71 -51.52 42.94 -30.60
C VAL B 71 -50.08 42.81 -30.15
N LYS B 72 -49.90 42.82 -28.84
CA LYS B 72 -48.58 42.93 -28.24
C LYS B 72 -47.63 41.81 -28.66
N GLU B 73 -48.10 40.58 -28.59
CA GLU B 73 -47.27 39.40 -28.76
C GLU B 73 -47.03 39.05 -30.22
N ASP B 74 -45.76 38.76 -30.56
CA ASP B 74 -45.42 38.40 -31.93
C ASP B 74 -46.18 37.16 -32.35
N VAL B 75 -46.44 37.06 -33.65
CA VAL B 75 -47.25 35.98 -34.20
C VAL B 75 -46.81 34.61 -33.70
N VAL B 76 -45.51 34.37 -33.77
CA VAL B 76 -44.94 33.08 -33.40
C VAL B 76 -45.26 32.67 -31.95
N GLU B 77 -45.14 33.61 -31.03
CA GLU B 77 -45.40 33.36 -29.61
C GLU B 77 -46.84 32.95 -29.39
N ILE B 78 -47.75 33.57 -30.15
CA ILE B 78 -49.16 33.20 -30.13
C ILE B 78 -49.33 31.78 -30.68
N ILE B 79 -48.62 31.50 -31.78
CA ILE B 79 -48.65 30.16 -32.38
C ILE B 79 -48.23 29.09 -31.37
N LEU B 80 -47.28 29.42 -30.52
CA LEU B 80 -46.83 28.49 -29.48
C LEU B 80 -47.97 28.20 -28.48
N ASN B 81 -48.60 29.26 -28.01
CA ASN B 81 -49.73 29.11 -27.09
C ASN B 81 -50.86 28.30 -27.72
N LEU B 82 -51.03 28.44 -29.04
CA LEU B 82 -51.98 27.62 -29.77
C LEU B 82 -51.65 26.14 -29.62
N LYS B 83 -50.36 25.83 -29.60
CA LYS B 83 -49.90 24.46 -29.40
C LYS B 83 -50.05 24.06 -27.95
N GLU B 84 -50.11 25.05 -27.06
CA GLU B 84 -50.19 24.76 -25.64
C GLU B 84 -51.60 24.34 -25.16
N LEU B 85 -52.64 24.58 -25.94
CA LEU B 85 -53.98 24.19 -25.49
C LEU B 85 -54.26 22.71 -25.71
N VAL B 86 -55.32 22.22 -25.09
CA VAL B 86 -55.72 20.84 -25.24
C VAL B 86 -57.24 20.65 -25.29
N VAL B 87 -57.71 19.99 -26.34
CA VAL B 87 -59.12 19.77 -26.56
C VAL B 87 -59.48 18.30 -26.66
N ARG B 88 -60.77 18.01 -26.46
CA ARG B 88 -61.26 16.63 -26.49
C ARG B 88 -62.59 16.55 -27.24
N PHE B 89 -62.70 15.57 -28.12
CA PHE B 89 -63.93 15.34 -28.87
C PHE B 89 -64.87 14.39 -28.14
N LEU B 90 -66.16 14.74 -28.11
CA LEU B 90 -67.15 13.92 -27.41
C LEU B 90 -67.47 12.64 -28.15
N ASN B 91 -67.71 12.76 -29.46
CA ASN B 91 -68.00 11.57 -30.27
C ASN B 91 -66.85 11.20 -31.22
N PRO B 92 -66.81 9.94 -31.67
CA PRO B 92 -65.76 9.56 -32.61
C PRO B 92 -65.90 10.21 -33.99
N SER B 93 -67.08 10.75 -34.29
CA SER B 93 -67.36 11.29 -35.63
C SER B 93 -66.46 12.48 -35.96
N LEU B 94 -66.19 13.30 -34.96
CA LEU B 94 -65.41 14.52 -35.14
C LEU B 94 -63.94 14.21 -35.41
N GLN B 95 -63.59 14.12 -36.70
CA GLN B 95 -62.22 13.83 -37.11
C GLN B 95 -61.43 15.12 -37.27
N THR B 96 -62.08 16.14 -37.83
CA THR B 96 -61.45 17.43 -38.07
C THR B 96 -62.43 18.58 -37.82
N VAL B 97 -62.14 19.42 -36.82
CA VAL B 97 -63.02 20.54 -36.49
C VAL B 97 -62.28 21.88 -36.46
N THR B 98 -62.96 22.94 -36.92
CA THR B 98 -62.36 24.27 -36.94
C THR B 98 -62.91 25.15 -35.83
N LEU B 99 -62.03 25.57 -34.92
CA LEU B 99 -62.42 26.51 -33.87
C LEU B 99 -62.40 27.94 -34.39
N LEU B 100 -63.28 28.77 -33.84
CA LEU B 100 -63.49 30.10 -34.38
C LEU B 100 -63.56 31.18 -33.31
N LEU B 101 -62.80 32.25 -33.52
CA LEU B 101 -62.55 33.28 -32.51
C LEU B 101 -62.59 34.70 -33.09
N LYS B 102 -63.04 35.66 -32.29
CA LYS B 102 -63.14 37.06 -32.70
C LYS B 102 -63.30 38.00 -31.51
N ALA B 103 -62.37 38.94 -31.36
CA ALA B 103 -62.41 39.92 -30.27
C ALA B 103 -61.50 41.10 -30.51
N GLU B 104 -61.90 42.29 -30.04
CA GLU B 104 -61.12 43.51 -30.20
C GLU B 104 -61.10 44.31 -28.90
N GLY B 105 -60.24 45.33 -28.84
CA GLY B 105 -60.19 46.22 -27.68
C GLY B 105 -59.21 45.80 -26.60
N PRO B 106 -59.25 46.48 -25.44
CA PRO B 106 -58.39 46.20 -24.29
C PRO B 106 -58.78 44.94 -23.52
N LYS B 107 -59.06 43.87 -24.26
CA LYS B 107 -59.38 42.58 -23.64
C LYS B 107 -58.16 41.69 -23.75
N GLU B 108 -58.30 40.44 -23.32
CA GLU B 108 -57.29 39.43 -23.60
C GLU B 108 -57.93 38.12 -23.97
N VAL B 109 -57.36 37.47 -24.97
CA VAL B 109 -57.88 36.21 -25.46
C VAL B 109 -57.32 35.04 -24.68
N LYS B 110 -58.25 34.22 -24.18
CA LYS B 110 -57.93 32.96 -23.52
C LYS B 110 -58.57 31.83 -24.31
N ALA B 111 -58.23 30.60 -23.98
CA ALA B 111 -58.71 29.43 -24.72
C ALA B 111 -60.22 29.22 -24.60
N ARG B 112 -60.88 30.03 -23.77
CA ARG B 112 -62.31 29.91 -23.54
C ARG B 112 -63.12 30.74 -24.53
N ASP B 113 -62.47 31.75 -25.11
CA ASP B 113 -63.15 32.70 -26.00
C ASP B 113 -63.49 32.10 -27.37
N PHE B 114 -62.87 30.98 -27.70
CA PHE B 114 -63.19 30.28 -28.94
C PHE B 114 -64.62 29.76 -28.86
N LEU B 115 -65.37 29.96 -29.93
CA LEU B 115 -66.78 29.59 -29.96
C LEU B 115 -66.99 28.08 -30.05
N PRO B 116 -67.74 27.53 -29.08
CA PRO B 116 -68.03 26.10 -28.93
C PRO B 116 -68.74 25.53 -30.15
N VAL B 117 -68.07 24.62 -30.87
CA VAL B 117 -68.65 24.00 -32.06
C VAL B 117 -69.12 22.57 -31.77
N ALA B 118 -70.42 22.43 -31.55
CA ALA B 118 -71.04 21.12 -31.30
C ALA B 118 -70.45 20.35 -30.12
N ASP B 119 -69.92 19.17 -30.44
CA ASP B 119 -69.41 18.26 -29.42
C ASP B 119 -67.90 18.41 -29.20
N VAL B 120 -67.44 19.66 -29.12
CA VAL B 120 -66.03 19.93 -28.83
C VAL B 120 -65.86 20.51 -27.43
N GLU B 121 -65.02 19.86 -26.63
CA GLU B 121 -64.77 20.30 -25.26
C GLU B 121 -63.34 20.85 -25.04
N ILE B 122 -63.26 22.07 -24.52
CA ILE B 122 -61.97 22.68 -24.23
C ILE B 122 -61.52 22.30 -22.81
N MET B 123 -60.64 21.31 -22.74
CA MET B 123 -60.18 20.77 -21.47
C MET B 123 -59.31 21.76 -20.69
N ASN B 124 -58.91 22.85 -21.35
CA ASN B 124 -58.04 23.82 -20.72
C ASN B 124 -58.36 25.25 -21.18
N PRO B 125 -58.99 26.04 -20.29
CA PRO B 125 -59.51 27.37 -20.62
C PRO B 125 -58.56 28.55 -20.38
N ASP B 126 -58.03 28.67 -19.16
CA ASP B 126 -57.26 29.86 -18.80
C ASP B 126 -55.88 29.96 -19.39
N LEU B 127 -55.62 29.17 -20.43
CA LEU B 127 -54.39 29.36 -21.18
C LEU B 127 -54.52 30.69 -21.90
N HIS B 128 -53.51 31.53 -21.71
CA HIS B 128 -53.51 32.86 -22.29
C HIS B 128 -53.16 32.83 -23.77
N ILE B 129 -54.10 33.23 -24.62
CA ILE B 129 -53.84 33.30 -26.04
C ILE B 129 -53.09 34.57 -26.40
N ALA B 130 -53.71 35.74 -26.16
CA ALA B 130 -53.06 37.01 -26.54
C ALA B 130 -53.66 38.28 -25.93
N THR B 131 -52.80 39.13 -25.34
CA THR B 131 -53.23 40.44 -24.86
C THR B 131 -53.31 41.45 -26.00
N LEU B 132 -54.35 42.28 -25.97
CA LEU B 132 -54.63 43.23 -27.03
C LEU B 132 -54.63 44.66 -26.53
N GLU B 133 -54.13 45.58 -27.36
CA GLU B 133 -54.08 47.00 -27.00
C GLU B 133 -55.33 47.72 -27.49
N GLU B 134 -55.31 49.05 -27.44
CA GLU B 134 -56.41 49.86 -27.95
C GLU B 134 -56.45 49.77 -29.46
N GLY B 135 -57.65 49.58 -30.01
CA GLY B 135 -57.80 49.42 -31.45
C GLY B 135 -57.18 48.12 -31.90
N GLY B 136 -56.91 47.24 -30.95
CA GLY B 136 -56.31 45.95 -31.22
C GLY B 136 -57.33 44.97 -31.75
N ARG B 137 -57.31 44.79 -33.06
CA ARG B 137 -58.28 43.94 -33.73
C ARG B 137 -57.68 42.56 -34.00
N LEU B 138 -58.42 41.51 -33.64
CA LEU B 138 -57.92 40.15 -33.78
C LEU B 138 -58.99 39.13 -34.17
N ASN B 139 -59.01 38.76 -35.44
CA ASN B 139 -59.92 37.72 -35.93
C ASN B 139 -59.11 36.58 -36.54
N MET B 140 -59.20 35.41 -35.92
CA MET B 140 -58.42 34.24 -36.36
C MET B 140 -59.20 32.92 -36.22
N GLU B 141 -58.74 31.89 -36.92
CA GLU B 141 -59.37 30.57 -36.85
C GLU B 141 -58.35 29.44 -36.71
N VAL B 142 -58.80 28.33 -36.16
CA VAL B 142 -57.91 27.25 -35.76
C VAL B 142 -58.38 25.92 -36.34
N ARG B 143 -57.44 25.03 -36.67
CA ARG B 143 -57.80 23.69 -37.12
C ARG B 143 -57.39 22.62 -36.09
N VAL B 144 -58.25 21.63 -35.90
CA VAL B 144 -57.97 20.53 -34.98
C VAL B 144 -58.24 19.15 -35.61
N ASP B 145 -57.19 18.35 -35.75
CA ASP B 145 -57.30 16.97 -36.21
C ASP B 145 -57.08 15.98 -35.06
N ARG B 146 -57.23 14.69 -35.34
CA ARG B 146 -56.98 13.66 -34.31
C ARG B 146 -55.77 12.81 -34.67
N GLY B 147 -54.64 13.47 -34.83
CA GLY B 147 -53.40 12.78 -35.14
C GLY B 147 -52.89 11.97 -33.98
N VAL B 148 -51.71 11.39 -34.13
CA VAL B 148 -51.17 10.51 -33.10
C VAL B 148 -49.68 10.73 -32.86
N GLY B 149 -49.34 11.74 -32.06
CA GLY B 149 -47.97 11.99 -31.70
C GLY B 149 -47.53 13.41 -32.02
N TYR B 150 -46.35 13.54 -32.62
CA TYR B 150 -45.85 14.85 -33.02
C TYR B 150 -45.48 14.85 -34.48
N VAL B 151 -45.96 15.87 -35.19
CA VAL B 151 -45.61 16.06 -36.58
C VAL B 151 -45.17 17.49 -36.80
N PRO B 152 -43.95 17.68 -37.30
CA PRO B 152 -43.44 19.01 -37.64
C PRO B 152 -44.37 19.72 -38.61
N ALA B 153 -44.53 21.03 -38.42
CA ALA B 153 -45.37 21.85 -39.29
C ALA B 153 -44.98 21.74 -40.75
N GLU B 154 -43.66 21.68 -41.00
CA GLU B 154 -43.14 21.65 -42.36
C GLU B 154 -43.24 20.25 -42.97
N LYS B 155 -44.16 19.44 -42.44
CA LYS B 155 -44.41 18.10 -42.95
C LYS B 155 -45.81 18.02 -43.55
N HIS B 156 -46.76 18.72 -42.92
CA HIS B 156 -48.13 18.76 -43.42
C HIS B 156 -48.52 20.14 -43.94
N GLY B 157 -48.60 21.13 -43.05
CA GLY B 157 -48.99 22.47 -43.43
C GLY B 157 -50.35 22.53 -44.09
N ILE B 158 -51.38 22.13 -43.35
CA ILE B 158 -52.74 22.10 -43.88
C ILE B 158 -53.23 23.50 -44.26
N LYS B 159 -53.08 23.84 -45.54
CA LYS B 159 -53.59 25.10 -46.06
C LYS B 159 -55.12 25.13 -46.05
N ASP B 160 -55.70 25.26 -44.86
CA ASP B 160 -57.14 25.39 -44.68
C ASP B 160 -57.63 26.57 -45.53
N ARG B 161 -57.20 27.77 -45.14
CA ARG B 161 -57.45 28.97 -45.94
C ARG B 161 -56.33 29.15 -46.97
N ILE B 162 -56.31 30.31 -47.60
CA ILE B 162 -55.32 30.60 -48.63
C ILE B 162 -53.92 30.72 -48.07
N ASN B 163 -53.73 31.72 -47.22
CA ASN B 163 -52.44 32.02 -46.62
C ASN B 163 -52.39 31.65 -45.14
N ALA B 164 -52.99 30.51 -44.81
CA ALA B 164 -52.96 29.99 -43.46
C ALA B 164 -51.54 29.57 -43.09
N ILE B 165 -51.28 29.43 -41.80
CA ILE B 165 -49.94 29.11 -41.33
C ILE B 165 -49.84 27.68 -40.81
N PRO B 166 -48.87 26.91 -41.34
CA PRO B 166 -48.57 25.57 -40.82
C PRO B 166 -48.16 25.62 -39.34
N VAL B 167 -48.78 24.80 -38.51
CA VAL B 167 -48.45 24.75 -37.09
C VAL B 167 -48.05 23.35 -36.66
N ASP B 168 -46.92 23.24 -35.99
CA ASP B 168 -46.42 21.95 -35.52
C ASP B 168 -47.46 21.27 -34.64
N ALA B 169 -47.93 20.09 -35.06
CA ALA B 169 -49.04 19.44 -34.35
C ALA B 169 -48.58 18.57 -33.17
N VAL B 170 -49.03 18.95 -31.99
CA VAL B 170 -48.68 18.24 -30.76
C VAL B 170 -49.83 17.35 -30.30
N PHE B 171 -50.09 16.29 -31.06
CA PHE B 171 -51.21 15.39 -30.78
C PHE B 171 -51.03 14.67 -29.46
N SER B 172 -49.86 14.04 -29.30
CA SER B 172 -49.52 13.24 -28.14
C SER B 172 -49.96 13.84 -26.81
N PRO B 173 -51.03 13.28 -26.23
CA PRO B 173 -51.59 13.78 -24.98
C PRO B 173 -50.54 13.85 -23.87
N VAL B 174 -49.68 12.84 -23.79
CA VAL B 174 -48.64 12.83 -22.77
C VAL B 174 -47.60 13.91 -23.06
N ARG B 175 -47.16 14.58 -22.00
CA ARG B 175 -46.11 15.59 -22.14
C ARG B 175 -44.77 14.87 -22.23
N ARG B 176 -44.57 13.89 -21.35
CA ARG B 176 -43.35 13.08 -21.38
C ARG B 176 -43.46 11.87 -20.46
N VAL B 177 -42.64 10.85 -20.72
CA VAL B 177 -42.70 9.61 -19.94
C VAL B 177 -41.31 9.04 -19.69
N ALA B 178 -41.00 8.75 -18.42
CA ALA B 178 -39.66 8.28 -18.06
C ALA B 178 -39.71 7.08 -17.11
N PHE B 179 -38.97 6.03 -17.42
CA PHE B 179 -38.97 4.84 -16.55
C PHE B 179 -37.59 4.44 -16.05
N GLN B 180 -37.55 3.82 -14.88
CA GLN B 180 -36.31 3.34 -14.28
C GLN B 180 -36.46 1.94 -13.71
N VAL B 181 -35.43 1.13 -13.89
CA VAL B 181 -35.43 -0.22 -13.34
C VAL B 181 -34.44 -0.33 -12.18
N GLU B 182 -34.97 -0.25 -10.96
CA GLU B 182 -34.14 -0.37 -9.77
C GLU B 182 -34.00 -1.82 -9.37
N ASP B 183 -33.26 -2.09 -8.29
CA ASP B 183 -33.07 -3.47 -7.84
C ASP B 183 -33.74 -3.79 -6.51
N THR B 184 -34.65 -4.77 -6.55
CA THR B 184 -35.33 -5.28 -5.37
C THR B 184 -34.93 -6.75 -5.14
N ARG B 185 -34.98 -7.17 -3.88
CA ARG B 185 -34.63 -8.53 -3.47
C ARG B 185 -35.83 -9.34 -2.98
N LEU B 186 -35.69 -10.65 -3.00
CA LEU B 186 -36.76 -11.56 -2.59
C LEU B 186 -36.20 -12.61 -1.63
N GLY B 187 -35.63 -12.14 -0.52
CA GLY B 187 -35.00 -13.02 0.43
C GLY B 187 -33.78 -13.70 -0.18
N GLN B 188 -34.02 -14.64 -1.08
CA GLN B 188 -32.95 -15.36 -1.75
C GLN B 188 -32.13 -14.41 -2.60
N ARG B 189 -32.67 -14.05 -3.76
CA ARG B 189 -31.95 -13.26 -4.75
C ARG B 189 -32.23 -11.78 -4.62
N THR B 190 -31.26 -10.96 -5.01
CA THR B 190 -31.39 -9.50 -4.98
C THR B 190 -31.49 -8.92 -6.39
N ASP B 191 -31.10 -9.69 -7.39
CA ASP B 191 -31.13 -9.18 -8.75
C ASP B 191 -32.53 -9.19 -9.34
N LEU B 192 -33.54 -8.86 -8.55
CA LEU B 192 -34.90 -8.80 -9.09
C LEU B 192 -35.24 -7.40 -9.56
N ASP B 193 -35.45 -7.27 -10.86
CA ASP B 193 -35.77 -5.98 -11.46
C ASP B 193 -37.02 -5.35 -10.85
N LYS B 194 -37.01 -4.02 -10.76
CA LYS B 194 -38.11 -3.25 -10.18
C LYS B 194 -38.49 -2.10 -11.10
N LEU B 195 -39.67 -2.20 -11.70
CA LEU B 195 -40.11 -1.20 -12.67
C LEU B 195 -40.80 -0.02 -11.99
N THR B 196 -40.21 1.16 -12.15
CA THR B 196 -40.90 2.39 -11.75
C THR B 196 -41.02 3.36 -12.94
N LEU B 197 -42.26 3.54 -13.40
CA LEU B 197 -42.54 4.33 -14.59
C LEU B 197 -43.36 5.57 -14.22
N ARG B 198 -42.89 6.75 -14.66
CA ARG B 198 -43.59 8.00 -14.39
C ARG B 198 -44.13 8.65 -15.66
N ILE B 199 -45.36 9.15 -15.57
CA ILE B 199 -46.09 9.67 -16.73
C ILE B 199 -46.58 11.11 -16.58
N TRP B 200 -46.35 11.90 -17.62
CA TRP B 200 -46.71 13.33 -17.67
C TRP B 200 -47.62 13.59 -18.85
N THR B 201 -48.86 14.00 -18.56
CA THR B 201 -49.86 14.26 -19.58
C THR B 201 -50.30 15.74 -19.55
N ASP B 202 -51.23 16.10 -20.44
CA ASP B 202 -51.64 17.50 -20.59
C ASP B 202 -52.91 17.85 -19.82
N GLY B 203 -53.68 16.83 -19.47
CA GLY B 203 -54.95 17.02 -18.78
C GLY B 203 -56.10 16.40 -19.55
N SER B 204 -55.84 16.02 -20.80
CA SER B 204 -56.84 15.36 -21.62
C SER B 204 -57.16 13.98 -21.06
N VAL B 205 -56.15 13.38 -20.44
CA VAL B 205 -56.22 11.99 -20.01
C VAL B 205 -55.24 11.73 -18.85
N THR B 206 -55.67 10.99 -17.84
CA THR B 206 -54.85 10.69 -16.67
C THR B 206 -53.69 9.76 -17.09
N PRO B 207 -52.57 9.82 -16.35
CA PRO B 207 -51.48 8.87 -16.63
C PRO B 207 -51.96 7.42 -16.72
N LEU B 208 -52.91 7.09 -15.85
CA LEU B 208 -53.48 5.76 -15.77
C LEU B 208 -54.15 5.38 -17.08
N GLU B 209 -54.94 6.31 -17.60
CA GLU B 209 -55.58 6.08 -18.89
C GLU B 209 -54.58 5.82 -20.00
N ALA B 210 -53.56 6.67 -20.07
CA ALA B 210 -52.51 6.49 -21.07
C ALA B 210 -51.93 5.09 -21.00
N LEU B 211 -51.64 4.65 -19.77
CA LEU B 211 -51.02 3.36 -19.55
C LEU B 211 -51.93 2.23 -20.01
N ASN B 212 -53.19 2.28 -19.60
CA ASN B 212 -54.14 1.26 -19.99
C ASN B 212 -54.19 1.16 -21.51
N GLN B 213 -54.31 2.32 -22.15
CA GLN B 213 -54.27 2.41 -23.61
C GLN B 213 -53.03 1.69 -24.16
N ALA B 214 -51.87 1.95 -23.57
CA ALA B 214 -50.62 1.34 -24.01
C ALA B 214 -50.67 -0.18 -23.93
N VAL B 215 -51.10 -0.69 -22.78
CA VAL B 215 -51.21 -2.13 -22.56
C VAL B 215 -52.07 -2.75 -23.65
N GLU B 216 -53.24 -2.15 -23.87
CA GLU B 216 -54.12 -2.62 -24.94
C GLU B 216 -53.43 -2.65 -26.30
N ILE B 217 -52.76 -1.55 -26.63
CA ILE B 217 -52.09 -1.40 -27.92
C ILE B 217 -51.04 -2.48 -28.13
N LEU B 218 -50.37 -2.87 -27.05
CA LEU B 218 -49.37 -3.93 -27.13
C LEU B 218 -50.02 -5.30 -27.29
N ARG B 219 -51.12 -5.54 -26.57
CA ARG B 219 -51.86 -6.79 -26.69
C ARG B 219 -52.33 -7.04 -28.12
N GLU B 220 -52.99 -6.03 -28.70
CA GLU B 220 -53.53 -6.11 -30.05
C GLU B 220 -52.45 -6.43 -31.06
N HIS B 221 -51.22 -6.03 -30.74
CA HIS B 221 -50.07 -6.33 -31.59
C HIS B 221 -49.55 -7.74 -31.35
N LEU B 222 -49.71 -8.24 -30.12
CA LEU B 222 -49.29 -9.61 -29.82
C LEU B 222 -50.25 -10.63 -30.42
N THR B 223 -51.44 -10.18 -30.79
CA THR B 223 -52.39 -11.07 -31.44
C THR B 223 -52.26 -11.16 -32.97
N TYR B 224 -51.27 -10.49 -33.55
CA TYR B 224 -51.09 -10.55 -35.01
C TYR B 224 -50.32 -11.78 -35.46
N PHE B 225 -49.51 -12.32 -34.54
CA PHE B 225 -48.71 -13.50 -34.84
C PHE B 225 -49.49 -14.78 -34.59
N SER B 226 -50.67 -14.87 -35.20
CA SER B 226 -51.57 -16.02 -34.99
C SER B 226 -51.93 -16.73 -36.30
N ASN B 227 -51.97 -16.00 -37.40
CA ASN B 227 -52.35 -16.60 -38.68
C ASN B 227 -51.23 -16.59 -39.70
N PRO B 228 -50.53 -17.73 -39.84
CA PRO B 228 -49.42 -17.89 -40.77
C PRO B 228 -49.87 -18.04 -42.22
N GLN B 229 -48.99 -17.72 -43.16
CA GLN B 229 -49.25 -17.91 -44.58
C GLN B 229 -47.99 -18.33 -45.34
N MET C 1 -9.53 -21.01 -38.00
CA MET C 1 -8.14 -21.43 -37.79
C MET C 1 -7.20 -20.74 -38.77
N GLU C 2 -6.29 -21.51 -39.38
CA GLU C 2 -5.27 -20.99 -40.31
C GLU C 2 -4.49 -19.73 -39.88
N ILE C 3 -3.50 -19.34 -40.70
CA ILE C 3 -2.56 -18.27 -40.32
C ILE C 3 -2.10 -17.45 -41.53
N LYS C 4 -1.93 -16.15 -41.34
CA LYS C 4 -1.29 -15.29 -42.33
C LYS C 4 -0.24 -14.38 -41.67
N ARG C 5 1.03 -14.58 -42.02
CA ARG C 5 2.12 -13.73 -41.49
C ARG C 5 2.33 -12.48 -42.33
N PHE C 6 2.75 -11.39 -41.69
CA PHE C 6 3.01 -10.14 -42.39
C PHE C 6 4.51 -9.84 -42.41
N GLY C 7 5.23 -10.38 -41.43
CA GLY C 7 6.63 -10.05 -41.21
C GLY C 7 7.55 -10.31 -42.39
N ARG C 8 8.25 -9.26 -42.84
CA ARG C 8 9.08 -9.39 -44.02
C ARG C 8 10.56 -9.07 -43.74
N ILE C 9 10.94 -9.15 -42.47
CA ILE C 9 12.36 -9.19 -42.11
C ILE C 9 12.80 -10.63 -41.83
N ARG C 10 13.53 -11.20 -42.78
CA ARG C 10 14.03 -12.56 -42.67
C ARG C 10 14.92 -12.75 -41.46
N GLU C 11 14.37 -13.35 -40.41
CA GLU C 11 15.14 -13.74 -39.23
C GLU C 11 16.19 -14.74 -39.67
N VAL C 12 17.42 -14.25 -39.86
CA VAL C 12 18.49 -15.08 -40.42
C VAL C 12 18.95 -16.16 -39.44
N ILE C 13 18.59 -16.01 -38.17
CA ILE C 13 18.88 -17.03 -37.15
C ILE C 13 17.68 -17.21 -36.22
N PRO C 14 17.42 -18.47 -35.82
CA PRO C 14 16.35 -18.79 -34.86
C PRO C 14 16.76 -18.37 -33.45
N LEU C 15 15.79 -18.24 -32.56
CA LEU C 15 16.07 -17.85 -31.18
C LEU C 15 16.72 -18.99 -30.41
N PRO C 16 17.81 -18.68 -29.70
CA PRO C 16 18.56 -19.62 -28.85
C PRO C 16 17.65 -20.30 -27.83
N PRO C 17 18.09 -21.45 -27.30
CA PRO C 17 17.35 -22.16 -26.25
C PRO C 17 17.20 -21.24 -25.06
N LEU C 18 15.96 -20.91 -24.72
CA LEU C 18 15.68 -19.88 -23.75
C LEU C 18 16.26 -20.15 -22.37
N THR C 19 15.93 -21.30 -21.79
CA THR C 19 16.51 -21.64 -20.50
C THR C 19 17.90 -22.23 -20.69
N GLU C 20 18.86 -21.38 -21.01
CA GLU C 20 20.23 -21.83 -21.19
C GLU C 20 21.13 -21.18 -20.15
N ILE C 21 20.74 -19.98 -19.73
CA ILE C 21 21.48 -19.23 -18.73
C ILE C 21 21.51 -20.02 -17.43
N GLN C 22 20.43 -20.75 -17.15
CA GLN C 22 20.37 -21.54 -15.94
C GLN C 22 21.02 -22.91 -16.12
N VAL C 23 20.84 -23.47 -17.32
CA VAL C 23 21.26 -24.85 -17.55
C VAL C 23 22.73 -24.99 -17.92
N GLU C 24 23.13 -24.37 -19.03
CA GLU C 24 24.50 -24.47 -19.55
C GLU C 24 25.49 -24.09 -18.47
N SER C 25 25.15 -23.05 -17.72
CA SER C 25 25.94 -22.61 -16.59
C SER C 25 26.18 -23.76 -15.62
N TYR C 26 25.11 -24.47 -15.27
CA TYR C 26 25.18 -25.53 -14.28
C TYR C 26 25.96 -26.74 -14.79
N ARG C 27 25.78 -27.06 -16.07
CA ARG C 27 26.48 -28.19 -16.67
C ARG C 27 27.97 -27.93 -16.82
N ARG C 28 28.33 -26.70 -17.17
CA ARG C 28 29.74 -26.33 -17.26
C ARG C 28 30.35 -26.17 -15.87
N ALA C 29 29.49 -25.96 -14.88
CA ALA C 29 29.94 -25.76 -13.50
C ALA C 29 30.43 -27.05 -12.86
N LEU C 30 30.18 -28.18 -13.51
CA LEU C 30 30.63 -29.45 -12.96
C LEU C 30 31.04 -30.45 -14.02
N GLN C 31 32.12 -31.18 -13.75
CA GLN C 31 32.64 -32.16 -14.68
C GLN C 31 31.93 -33.49 -14.50
N ALA C 32 30.61 -33.44 -14.24
CA ALA C 32 29.84 -34.65 -14.07
C ALA C 32 29.48 -35.25 -15.42
N ASP C 33 29.41 -34.39 -16.43
CA ASP C 33 29.15 -34.82 -17.80
C ASP C 33 30.32 -35.66 -18.30
N VAL C 34 31.36 -34.98 -18.77
CA VAL C 34 32.56 -35.63 -19.28
C VAL C 34 33.36 -36.26 -18.14
N PRO C 35 34.14 -37.32 -18.43
CA PRO C 35 35.00 -38.01 -17.45
C PRO C 35 35.86 -37.06 -16.61
N PRO C 36 36.27 -37.50 -15.41
CA PRO C 36 37.10 -36.71 -14.47
C PRO C 36 38.56 -36.58 -14.92
N GLU C 37 38.84 -36.92 -16.17
CA GLU C 37 40.15 -36.72 -16.78
C GLU C 37 40.07 -35.67 -17.87
N LYS C 38 38.85 -35.44 -18.36
CA LYS C 38 38.57 -34.53 -19.47
C LYS C 38 38.84 -33.06 -19.11
N ARG C 39 38.37 -32.16 -19.98
CA ARG C 39 38.63 -30.73 -19.85
C ARG C 39 37.73 -30.10 -18.79
N GLU C 40 37.37 -28.83 -19.00
CA GLU C 40 36.51 -28.10 -18.08
C GLU C 40 37.09 -28.05 -16.67
N ASN C 41 38.21 -27.36 -16.53
CA ASN C 41 38.84 -27.17 -15.24
C ASN C 41 37.97 -26.31 -14.33
N VAL C 42 37.23 -25.39 -14.94
CA VAL C 42 36.44 -24.40 -14.20
C VAL C 42 35.33 -25.01 -13.36
N GLY C 43 34.58 -24.14 -12.68
CA GLY C 43 33.51 -24.56 -11.81
C GLY C 43 34.05 -25.34 -10.62
N ILE C 44 33.25 -26.31 -10.15
CA ILE C 44 33.57 -27.14 -9.00
C ILE C 44 35.04 -27.59 -9.02
N GLN C 45 35.42 -28.26 -10.09
CA GLN C 45 36.78 -28.74 -10.28
C GLN C 45 37.83 -27.67 -9.98
N ALA C 46 37.67 -26.48 -10.57
CA ALA C 46 38.60 -25.39 -10.32
C ALA C 46 38.74 -25.17 -8.82
N ALA C 47 37.60 -24.97 -8.18
CA ALA C 47 37.51 -24.71 -6.74
C ALA C 47 38.36 -25.70 -5.96
N PHE C 48 38.42 -26.93 -6.45
CA PHE C 48 39.25 -27.93 -5.82
C PHE C 48 40.70 -27.47 -5.75
N ARG C 49 41.38 -27.40 -6.88
CA ARG C 49 42.83 -27.21 -6.87
C ARG C 49 43.28 -25.83 -6.36
N GLU C 50 42.32 -24.99 -6.01
CA GLU C 50 42.58 -23.69 -5.39
C GLU C 50 42.90 -23.88 -3.91
N THR C 51 42.11 -24.71 -3.23
CA THR C 51 42.33 -25.01 -1.82
C THR C 51 42.59 -26.50 -1.61
N PHE C 52 43.24 -27.13 -2.58
CA PHE C 52 43.49 -28.58 -2.52
C PHE C 52 44.91 -28.93 -2.06
N PRO C 53 45.94 -28.55 -2.83
CA PRO C 53 47.24 -28.97 -2.32
C PRO C 53 47.62 -28.10 -1.13
N ILE C 54 47.12 -28.45 0.05
CA ILE C 54 47.26 -27.59 1.22
C ILE C 54 48.62 -27.79 1.93
N GLU C 55 49.69 -27.29 1.30
CA GLU C 55 51.05 -27.42 1.81
C GLU C 55 51.23 -26.85 3.22
N GLU C 56 51.92 -27.60 4.08
CA GLU C 56 52.20 -27.15 5.43
C GLU C 56 53.66 -26.72 5.59
N GLY C 63 53.68 -32.25 7.79
CA GLY C 63 53.54 -33.17 6.68
C GLY C 63 52.14 -33.22 6.13
N LEU C 64 51.78 -32.21 5.34
CA LEU C 64 50.42 -32.07 4.83
C LEU C 64 50.38 -31.61 3.37
N VAL C 65 50.23 -32.55 2.45
CA VAL C 65 50.15 -32.25 1.03
C VAL C 65 49.06 -33.07 0.33
N LEU C 66 47.82 -32.61 0.40
CA LEU C 66 46.73 -33.26 -0.33
C LEU C 66 46.85 -32.90 -1.81
N ASP C 67 46.02 -33.50 -2.65
CA ASP C 67 46.06 -33.21 -4.09
C ASP C 67 44.78 -33.64 -4.81
N PHE C 68 44.43 -32.93 -5.87
CA PHE C 68 43.23 -33.28 -6.63
C PHE C 68 43.42 -34.59 -7.40
N LEU C 69 42.86 -35.67 -6.87
CA LEU C 69 42.89 -36.97 -7.54
C LEU C 69 41.50 -37.37 -8.03
N GLU C 70 40.96 -36.56 -8.96
CA GLU C 70 39.62 -36.74 -9.53
C GLU C 70 38.48 -36.64 -8.52
N TYR C 71 37.27 -36.58 -9.05
CA TYR C 71 36.08 -36.54 -8.23
C TYR C 71 34.90 -37.01 -9.05
N ARG C 72 33.96 -37.68 -8.39
CA ARG C 72 32.73 -38.13 -9.05
C ARG C 72 31.59 -38.36 -8.07
N LEU C 73 30.39 -38.05 -8.55
CA LEU C 73 29.15 -38.16 -7.80
C LEU C 73 28.04 -37.92 -8.80
N GLY C 74 26.79 -38.10 -8.40
CA GLY C 74 25.69 -37.75 -9.27
C GLY C 74 24.57 -38.78 -9.43
N GLU C 75 24.42 -39.66 -8.44
CA GLU C 75 23.25 -40.50 -8.39
C GLU C 75 22.42 -40.10 -7.17
N PRO C 76 21.21 -39.58 -7.42
CA PRO C 76 20.44 -38.91 -6.36
C PRO C 76 19.84 -39.88 -5.37
N PRO C 77 19.66 -39.45 -4.12
CA PRO C 77 18.84 -40.21 -3.17
C PRO C 77 17.45 -40.53 -3.74
N PHE C 78 16.75 -39.53 -4.26
CA PHE C 78 15.36 -39.74 -4.69
C PHE C 78 14.96 -38.95 -5.96
N PRO C 79 14.06 -39.52 -6.78
CA PRO C 79 13.66 -38.96 -8.08
C PRO C 79 12.97 -37.61 -8.07
N GLN C 80 12.70 -37.12 -9.27
CA GLN C 80 12.20 -35.78 -9.54
C GLN C 80 10.94 -35.44 -8.75
N ASP C 81 10.02 -36.38 -8.66
CA ASP C 81 8.72 -36.08 -8.07
C ASP C 81 8.55 -36.56 -6.64
N GLU C 82 9.31 -37.58 -6.26
CA GLU C 82 9.23 -38.11 -4.90
C GLU C 82 9.88 -37.16 -3.91
N CYS C 83 10.83 -36.36 -4.39
CA CYS C 83 11.42 -35.32 -3.57
C CYS C 83 10.38 -34.26 -3.25
N ARG C 84 9.56 -33.94 -4.25
CA ARG C 84 8.54 -32.90 -4.13
C ARG C 84 7.47 -33.25 -3.10
N GLU C 85 7.26 -34.54 -2.88
CA GLU C 85 6.20 -34.98 -1.99
C GLU C 85 6.69 -35.21 -0.55
N LYS C 86 7.95 -35.58 -0.41
CA LYS C 86 8.47 -35.97 0.89
C LYS C 86 9.41 -34.95 1.53
N ASP C 87 9.29 -33.68 1.12
CA ASP C 87 10.11 -32.61 1.67
C ASP C 87 11.61 -32.95 1.66
N LEU C 88 12.13 -33.29 0.48
CA LEU C 88 13.54 -33.63 0.33
C LEU C 88 14.21 -32.79 -0.74
N THR C 89 15.49 -33.07 -0.99
CA THR C 89 16.28 -32.32 -1.97
C THR C 89 16.77 -33.22 -3.10
N TYR C 90 16.48 -32.81 -4.33
CA TYR C 90 16.98 -33.54 -5.49
C TYR C 90 18.49 -33.28 -5.61
N GLN C 91 19.22 -33.71 -4.59
CA GLN C 91 20.67 -33.53 -4.55
C GLN C 91 21.36 -34.85 -4.82
N ALA C 92 22.69 -34.83 -4.77
CA ALA C 92 23.47 -36.05 -4.88
C ALA C 92 24.58 -36.06 -3.84
N PRO C 93 24.89 -37.25 -3.30
CA PRO C 93 25.97 -37.34 -2.32
C PRO C 93 27.29 -37.01 -2.99
N LEU C 94 28.13 -36.25 -2.30
CA LEU C 94 29.42 -35.82 -2.83
C LEU C 94 30.54 -36.72 -2.34
N TYR C 95 31.14 -37.46 -3.28
CA TYR C 95 32.23 -38.38 -2.95
C TYR C 95 33.59 -37.70 -3.04
N ALA C 96 34.09 -37.55 -4.27
CA ALA C 96 35.38 -36.90 -4.55
C ALA C 96 36.59 -37.61 -3.94
N ARG C 97 37.51 -38.06 -4.80
CA ARG C 97 38.66 -38.83 -4.36
C ARG C 97 39.82 -37.96 -3.86
N LEU C 98 40.33 -38.31 -2.68
CA LEU C 98 41.29 -37.49 -1.99
C LEU C 98 42.43 -38.31 -1.37
N GLN C 99 43.67 -38.00 -1.78
CA GLN C 99 44.86 -38.62 -1.19
C GLN C 99 45.68 -37.62 -0.39
N LEU C 100 46.49 -38.13 0.54
CA LEU C 100 47.42 -37.30 1.32
C LEU C 100 48.87 -37.71 1.11
N ILE C 101 49.75 -36.72 0.97
CA ILE C 101 51.18 -36.93 0.88
C ILE C 101 51.85 -36.22 2.06
N HIS C 102 52.57 -36.98 2.87
CA HIS C 102 53.31 -36.39 3.97
C HIS C 102 54.63 -35.80 3.44
N LYS C 103 55.25 -34.92 4.24
CA LYS C 103 56.53 -34.32 3.88
C LYS C 103 57.58 -35.42 3.73
N ASP C 104 57.55 -36.38 4.66
CA ASP C 104 58.39 -37.58 4.57
C ASP C 104 57.75 -38.66 3.70
N THR C 105 58.23 -39.90 3.83
CA THR C 105 57.77 -41.01 3.00
C THR C 105 56.47 -41.64 3.51
N GLY C 106 55.78 -42.36 2.62
CA GLY C 106 54.46 -42.89 2.93
C GLY C 106 53.38 -42.11 2.19
N LEU C 107 52.50 -42.84 1.51
CA LEU C 107 51.42 -42.23 0.72
C LEU C 107 50.09 -42.91 0.99
N ILE C 108 49.29 -42.35 1.89
CA ILE C 108 48.01 -42.94 2.27
C ILE C 108 46.85 -42.29 1.51
N LYS C 109 45.96 -43.13 0.99
CA LYS C 109 44.87 -42.66 0.15
C LYS C 109 43.52 -43.21 0.61
N GLU C 110 42.48 -42.40 0.47
CA GLU C 110 41.12 -42.87 0.69
C GLU C 110 40.16 -42.02 -0.13
N ASP C 111 39.81 -42.54 -1.31
CA ASP C 111 39.00 -41.85 -2.30
C ASP C 111 37.78 -41.13 -1.75
N GLU C 112 36.68 -41.89 -1.64
CA GLU C 112 35.36 -41.32 -1.41
C GLU C 112 35.15 -40.86 0.04
N VAL C 113 34.81 -39.59 0.24
CA VAL C 113 34.42 -39.09 1.55
C VAL C 113 33.06 -38.37 1.47
N PHE C 114 32.06 -38.94 2.16
CA PHE C 114 30.71 -38.35 2.19
C PHE C 114 30.73 -36.97 2.85
N LEU C 115 31.46 -36.03 2.24
CA LEU C 115 31.66 -34.71 2.84
C LEU C 115 30.58 -33.72 2.46
N GLY C 116 29.40 -34.22 2.13
CA GLY C 116 28.26 -33.35 1.89
C GLY C 116 27.40 -33.73 0.69
N HIS C 117 26.43 -32.89 0.37
CA HIS C 117 25.56 -33.12 -0.78
C HIS C 117 25.56 -31.92 -1.72
N ILE C 118 25.06 -32.13 -2.94
CA ILE C 118 24.97 -31.06 -3.93
C ILE C 118 23.77 -31.24 -4.87
N PRO C 119 22.84 -30.27 -4.83
CA PRO C 119 21.58 -30.24 -5.58
C PRO C 119 21.77 -30.29 -7.10
N LEU C 120 21.06 -31.20 -7.76
CA LEU C 120 21.07 -31.24 -9.21
C LEU C 120 19.97 -30.34 -9.73
N MET C 121 19.87 -30.22 -11.05
CA MET C 121 18.88 -29.34 -11.63
C MET C 121 18.04 -30.08 -12.67
N THR C 122 16.74 -29.79 -12.66
CA THR C 122 15.81 -30.39 -13.61
C THR C 122 16.15 -29.86 -15.00
N GLU C 123 15.73 -30.58 -16.03
CA GLU C 123 15.97 -30.14 -17.40
C GLU C 123 15.25 -28.84 -17.73
N ASP C 124 14.56 -28.26 -16.75
CA ASP C 124 13.85 -27.01 -16.96
C ASP C 124 14.56 -25.83 -16.32
N GLY C 125 15.37 -26.10 -15.31
CA GLY C 125 16.16 -25.07 -14.65
C GLY C 125 15.79 -24.78 -13.20
N SER C 126 15.11 -25.73 -12.56
CA SER C 126 14.75 -25.58 -11.16
C SER C 126 15.30 -26.70 -10.29
N PHE C 127 15.71 -26.37 -9.07
CA PHE C 127 16.19 -27.38 -8.13
C PHE C 127 15.22 -27.55 -6.97
N ILE C 128 14.67 -28.74 -6.84
CA ILE C 128 13.74 -29.03 -5.76
C ILE C 128 14.47 -29.11 -4.42
N ILE C 129 14.47 -28.00 -3.71
CA ILE C 129 15.14 -27.93 -2.41
C ILE C 129 14.10 -27.90 -1.30
N ASN C 130 14.30 -28.77 -0.31
CA ASN C 130 13.42 -28.83 0.86
C ASN C 130 11.95 -29.01 0.50
N GLY C 131 11.70 -29.86 -0.48
CA GLY C 131 10.35 -30.16 -0.92
C GLY C 131 9.60 -28.95 -1.45
N ALA C 132 10.28 -28.14 -2.27
CA ALA C 132 9.68 -26.98 -2.89
C ALA C 132 10.50 -26.54 -4.10
N ASP C 133 9.86 -26.41 -5.25
CA ASP C 133 10.58 -26.05 -6.47
C ASP C 133 11.15 -24.63 -6.38
N ARG C 134 12.47 -24.52 -6.25
CA ARG C 134 13.13 -23.22 -6.17
C ARG C 134 14.09 -22.97 -7.33
N VAL C 135 14.48 -21.71 -7.53
CA VAL C 135 15.39 -21.36 -8.62
C VAL C 135 16.25 -20.13 -8.28
N ILE C 136 17.50 -20.15 -8.75
CA ILE C 136 18.45 -19.07 -8.52
C ILE C 136 18.58 -18.19 -9.75
N VAL C 137 18.24 -16.92 -9.61
CA VAL C 137 18.36 -15.97 -10.71
C VAL C 137 19.80 -15.56 -10.93
N SER C 138 20.03 -14.83 -12.02
CA SER C 138 21.36 -14.38 -12.37
C SER C 138 21.62 -13.01 -11.76
N GLN C 139 22.90 -12.68 -11.55
CA GLN C 139 23.26 -11.38 -10.97
C GLN C 139 24.09 -10.55 -11.94
N ILE C 140 24.07 -9.23 -11.78
CA ILE C 140 24.93 -8.33 -12.52
C ILE C 140 25.83 -7.56 -11.56
N HIS C 141 27.12 -7.44 -11.87
CA HIS C 141 28.00 -6.60 -11.04
C HIS C 141 29.22 -6.14 -11.84
N ARG C 142 30.02 -5.25 -11.25
CA ARG C 142 31.19 -4.72 -11.92
C ARG C 142 32.23 -5.82 -12.10
N SER C 143 32.62 -6.05 -13.35
CA SER C 143 33.55 -7.14 -13.68
C SER C 143 34.93 -6.84 -13.12
N PRO C 144 35.43 -7.71 -12.24
CA PRO C 144 36.70 -7.50 -11.57
C PRO C 144 37.90 -7.33 -12.51
N GLY C 145 38.48 -6.13 -12.47
CA GLY C 145 39.64 -5.82 -13.30
C GLY C 145 40.18 -4.43 -13.07
N VAL C 146 40.90 -3.92 -14.07
CA VAL C 146 41.49 -2.59 -13.98
C VAL C 146 40.70 -1.58 -14.81
N TYR C 147 40.32 -0.47 -14.17
CA TYR C 147 39.55 0.57 -14.85
C TYR C 147 39.99 1.99 -14.51
N PHE C 148 39.74 2.90 -15.43
CA PHE C 148 40.17 4.28 -15.27
C PHE C 148 39.02 5.26 -15.36
N THR C 149 38.64 5.79 -14.19
CA THR C 149 37.49 6.66 -14.07
C THR C 149 37.94 8.00 -13.51
N PRO C 150 37.27 9.09 -13.93
CA PRO C 150 37.64 10.45 -13.48
C PRO C 150 37.60 10.62 -11.97
N ASP C 151 38.40 11.56 -11.46
CA ASP C 151 38.47 11.84 -10.03
C ASP C 151 37.27 12.70 -9.62
N PRO C 152 36.48 12.20 -8.65
CA PRO C 152 35.29 12.82 -8.09
C PRO C 152 35.28 14.36 -8.08
N ALA C 153 36.16 14.96 -7.29
CA ALA C 153 36.15 16.41 -7.09
C ALA C 153 36.99 17.16 -8.13
N ARG C 154 37.98 16.48 -8.68
CA ARG C 154 38.93 17.14 -9.57
C ARG C 154 38.88 16.61 -11.00
N PRO C 155 38.32 17.41 -11.93
CA PRO C 155 38.25 17.07 -13.36
C PRO C 155 39.59 17.26 -14.07
N GLY C 156 40.67 17.44 -13.31
CA GLY C 156 41.99 17.61 -13.90
C GLY C 156 42.67 16.28 -14.09
N ARG C 157 42.84 15.55 -13.00
CA ARG C 157 43.49 14.25 -13.05
C ARG C 157 42.48 13.11 -12.94
N TYR C 158 42.97 11.88 -13.01
CA TYR C 158 42.11 10.71 -12.98
C TYR C 158 42.61 9.71 -11.94
N ILE C 159 41.79 8.70 -11.65
CA ILE C 159 42.19 7.64 -10.73
C ILE C 159 42.01 6.25 -11.35
N ALA C 160 42.94 5.35 -11.01
CA ALA C 160 42.87 3.98 -11.45
C ALA C 160 41.96 3.18 -10.53
N SER C 161 41.71 1.92 -10.88
CA SER C 161 40.81 1.07 -10.11
C SER C 161 41.16 -0.40 -10.32
N ILE C 162 41.26 -1.16 -9.23
CA ILE C 162 41.44 -2.61 -9.34
C ILE C 162 40.44 -3.37 -8.49
N ILE C 163 39.36 -3.81 -9.11
CA ILE C 163 38.36 -4.62 -8.43
C ILE C 163 38.65 -6.11 -8.61
N PRO C 164 38.61 -6.88 -7.52
CA PRO C 164 38.61 -8.34 -7.53
C PRO C 164 37.61 -8.98 -6.54
N LEU C 165 36.50 -9.51 -7.02
CA LEU C 165 35.57 -10.26 -6.17
C LEU C 165 36.30 -11.51 -5.65
N PRO C 166 35.82 -12.12 -4.55
CA PRO C 166 34.66 -11.88 -3.68
C PRO C 166 34.85 -10.68 -2.78
N LYS C 167 33.99 -10.55 -1.78
CA LYS C 167 34.01 -9.42 -0.85
C LYS C 167 35.31 -9.37 -0.05
N ARG C 168 35.86 -10.54 0.27
CA ARG C 168 37.22 -10.63 0.80
C ARG C 168 38.21 -10.64 -0.37
N GLY C 169 39.09 -9.65 -0.36
CA GLY C 169 39.92 -9.31 -1.51
C GLY C 169 39.94 -7.79 -1.61
N PRO C 170 41.15 -7.21 -1.72
CA PRO C 170 41.33 -5.76 -1.58
C PRO C 170 40.60 -4.94 -2.65
N TRP C 171 40.47 -3.64 -2.41
CA TRP C 171 39.83 -2.73 -3.35
C TRP C 171 40.83 -1.62 -3.67
N ILE C 172 41.56 -1.79 -4.76
CA ILE C 172 42.73 -0.95 -5.02
C ILE C 172 42.48 0.22 -5.98
N ASP C 173 42.82 1.42 -5.52
CA ASP C 173 42.75 2.62 -6.37
C ASP C 173 44.11 3.30 -6.47
N LEU C 174 44.39 3.93 -7.61
CA LEU C 174 45.62 4.69 -7.78
C LEU C 174 45.30 6.12 -8.20
N GLU C 175 45.75 7.08 -7.41
CA GLU C 175 45.40 8.47 -7.61
C GLU C 175 46.64 9.37 -7.63
N VAL C 176 46.81 10.13 -8.71
CA VAL C 176 47.87 11.13 -8.74
C VAL C 176 47.47 12.36 -7.93
N GLU C 177 47.79 12.34 -6.64
CA GLU C 177 47.49 13.44 -5.73
C GLU C 177 48.04 14.76 -6.27
N PRO C 178 47.16 15.77 -6.40
CA PRO C 178 47.39 17.10 -7.01
C PRO C 178 48.78 17.66 -6.71
N ASN C 179 49.33 17.31 -5.56
CA ASN C 179 50.71 17.65 -5.21
C ASN C 179 51.67 17.15 -6.28
N GLY C 180 51.44 15.93 -6.76
CA GLY C 180 52.30 15.31 -7.75
C GLY C 180 52.56 13.87 -7.43
N VAL C 181 52.73 13.58 -6.14
CA VAL C 181 52.99 12.23 -5.66
C VAL C 181 51.82 11.30 -5.98
N VAL C 182 52.11 10.04 -6.28
CA VAL C 182 51.08 9.04 -6.58
C VAL C 182 50.72 8.24 -5.32
N SER C 183 49.43 8.20 -5.00
CA SER C 183 48.93 7.54 -3.80
C SER C 183 48.35 6.16 -4.07
N MET C 184 48.96 5.13 -3.49
CA MET C 184 48.41 3.78 -3.49
C MET C 184 47.28 3.70 -2.48
N LYS C 185 46.14 3.18 -2.93
CA LYS C 185 44.98 2.98 -2.08
C LYS C 185 44.63 1.49 -1.98
N VAL C 186 44.94 0.92 -0.81
CA VAL C 186 44.66 -0.48 -0.52
C VAL C 186 43.78 -0.53 0.72
N ASN C 187 42.81 -1.46 0.71
CA ASN C 187 41.79 -1.52 1.76
C ASN C 187 41.00 -0.23 1.82
N LYS C 188 41.67 0.85 2.24
CA LYS C 188 41.13 2.20 2.19
C LYS C 188 42.26 3.20 2.35
N ARG C 189 43.20 2.85 3.22
CA ARG C 189 44.35 3.69 3.55
C ARG C 189 45.19 4.02 2.32
N LYS C 190 45.90 5.15 2.37
CA LYS C 190 46.74 5.59 1.27
C LYS C 190 48.20 5.61 1.69
N PHE C 191 49.10 5.48 0.72
CA PHE C 191 50.52 5.67 0.98
C PHE C 191 51.32 5.88 -0.30
N PRO C 192 52.56 6.40 -0.19
CA PRO C 192 53.41 6.52 -1.38
C PRO C 192 53.57 5.20 -2.12
N LEU C 193 52.90 5.10 -3.28
CA LEU C 193 52.89 3.89 -4.10
C LEU C 193 54.28 3.47 -4.54
N VAL C 194 55.20 4.43 -4.52
CA VAL C 194 56.57 4.22 -4.97
C VAL C 194 57.30 3.21 -4.07
N LEU C 195 56.87 3.13 -2.82
CA LEU C 195 57.47 2.20 -1.87
C LEU C 195 57.13 0.79 -2.29
N LEU C 196 55.86 0.57 -2.60
CA LEU C 196 55.41 -0.74 -3.09
C LEU C 196 56.04 -1.03 -4.44
N LEU C 197 56.29 0.02 -5.22
CA LEU C 197 57.02 -0.13 -6.47
C LEU C 197 58.42 -0.64 -6.17
N ARG C 198 58.98 -0.22 -5.05
CA ARG C 198 60.32 -0.64 -4.66
C ARG C 198 60.32 -2.07 -4.08
N VAL C 199 59.17 -2.51 -3.55
CA VAL C 199 59.05 -3.88 -3.08
C VAL C 199 59.27 -4.86 -4.23
N LEU C 200 58.72 -4.51 -5.40
CA LEU C 200 58.75 -5.38 -6.57
C LEU C 200 60.07 -5.32 -7.32
N GLY C 201 61.05 -4.64 -6.71
CA GLY C 201 62.39 -4.60 -7.26
C GLY C 201 62.52 -3.69 -8.45
N TYR C 202 61.99 -2.48 -8.34
CA TYR C 202 62.14 -1.47 -9.38
C TYR C 202 63.23 -0.49 -9.00
N ASP C 203 64.07 -0.13 -9.97
CA ASP C 203 65.11 0.84 -9.73
C ASP C 203 64.66 2.19 -10.24
N GLN C 204 65.21 3.25 -9.64
CA GLN C 204 64.82 4.61 -9.97
C GLN C 204 64.92 4.82 -11.49
N GLU C 205 65.99 4.28 -12.07
CA GLU C 205 66.25 4.43 -13.50
C GLU C 205 65.23 3.73 -14.39
N THR C 206 65.15 2.40 -14.30
CA THR C 206 64.21 1.61 -15.11
C THR C 206 62.81 2.20 -15.07
N LEU C 207 62.35 2.49 -13.86
CA LEU C 207 61.08 3.15 -13.61
C LEU C 207 61.01 4.47 -14.38
N ALA C 208 62.03 5.30 -14.20
CA ALA C 208 62.13 6.60 -14.87
C ALA C 208 62.04 6.47 -16.39
N ARG C 209 62.49 5.33 -16.92
CA ARG C 209 62.38 5.07 -18.35
C ARG C 209 60.94 4.78 -18.71
N GLU C 210 60.46 3.66 -18.19
CA GLU C 210 59.14 3.14 -18.52
C GLU C 210 58.04 4.18 -18.36
N LEU C 211 58.03 4.86 -17.22
CA LEU C 211 57.04 5.91 -17.01
C LEU C 211 57.43 7.20 -17.72
N GLY C 212 58.72 7.51 -17.71
CA GLY C 212 59.21 8.76 -18.28
C GLY C 212 58.84 8.97 -19.74
N ALA C 213 58.66 7.87 -20.45
CA ALA C 213 58.21 7.86 -21.85
C ALA C 213 57.46 9.10 -22.39
N TYR C 214 56.51 9.61 -21.63
CA TYR C 214 55.72 10.75 -22.07
C TYR C 214 55.51 11.82 -21.01
N GLY C 215 54.32 11.87 -20.45
CA GLY C 215 53.95 12.88 -19.47
C GLY C 215 54.95 12.98 -18.33
N GLU C 216 55.69 14.09 -18.29
CA GLU C 216 56.72 14.34 -17.30
C GLU C 216 56.32 13.97 -15.85
N LEU C 217 55.01 13.94 -15.59
CA LEU C 217 54.41 13.58 -14.29
C LEU C 217 55.10 12.47 -13.49
N VAL C 218 56.04 11.79 -14.14
CA VAL C 218 56.84 10.72 -13.54
C VAL C 218 57.66 11.25 -12.38
N GLN C 219 58.03 12.52 -12.46
CA GLN C 219 58.69 13.21 -11.36
C GLN C 219 57.92 12.97 -10.08
N GLY C 220 56.59 12.98 -10.18
CA GLY C 220 55.71 12.77 -9.05
C GLY C 220 56.02 11.54 -8.21
N LEU C 221 56.60 10.53 -8.84
CA LEU C 221 56.83 9.26 -8.15
C LEU C 221 58.28 8.76 -8.23
N MET C 222 58.96 9.08 -9.33
CA MET C 222 60.31 8.58 -9.63
C MET C 222 61.32 8.77 -8.49
N ASP C 223 60.94 9.58 -7.53
CA ASP C 223 61.86 10.12 -6.56
C ASP C 223 62.00 9.26 -5.33
N GLU C 224 61.89 9.91 -4.18
CA GLU C 224 61.95 9.27 -2.88
C GLU C 224 63.30 8.60 -2.68
N SER C 225 64.38 9.34 -2.96
CA SER C 225 65.75 8.81 -2.89
C SER C 225 66.07 8.20 -1.52
N VAL C 226 65.96 9.02 -0.47
CA VAL C 226 66.12 8.57 0.91
C VAL C 226 65.01 7.57 1.28
N PHE C 227 63.88 7.68 0.58
CA PHE C 227 62.70 6.88 0.88
C PHE C 227 62.64 5.58 0.07
N ALA C 228 63.28 5.58 -1.10
CA ALA C 228 63.30 4.39 -1.96
C ALA C 228 64.73 4.07 -2.40
N MET C 229 65.55 3.72 -1.42
CA MET C 229 66.91 3.27 -1.67
C MET C 229 67.20 2.02 -0.85
N ARG C 230 66.26 1.08 -0.90
CA ARG C 230 66.31 -0.15 -0.13
C ARG C 230 65.46 -1.22 -0.82
N PRO C 231 66.07 -2.37 -1.17
CA PRO C 231 65.37 -3.46 -1.86
C PRO C 231 64.22 -4.07 -1.06
N GLU C 232 64.54 -4.90 -0.06
CA GLU C 232 63.53 -5.65 0.68
C GLU C 232 63.06 -4.94 1.95
N GLU C 233 63.50 -3.71 2.14
CA GLU C 233 63.12 -2.96 3.34
C GLU C 233 61.78 -2.30 3.14
N ALA C 234 61.37 -2.20 1.88
CA ALA C 234 60.10 -1.59 1.54
C ALA C 234 58.97 -2.43 2.12
N LEU C 235 59.19 -3.74 2.19
CA LEU C 235 58.30 -4.63 2.91
C LEU C 235 58.24 -4.23 4.38
N ILE C 236 59.41 -4.22 5.02
CA ILE C 236 59.55 -4.03 6.45
C ILE C 236 58.94 -2.70 6.92
N ARG C 237 58.97 -1.72 6.03
CA ARG C 237 58.46 -0.39 6.30
C ARG C 237 56.97 -0.27 5.95
N LEU C 238 56.57 -0.92 4.87
CA LEU C 238 55.16 -0.95 4.47
C LEU C 238 54.33 -1.56 5.59
N PHE C 239 54.83 -2.65 6.17
CA PHE C 239 54.15 -3.29 7.29
C PHE C 239 53.98 -2.33 8.45
N THR C 240 55.01 -1.54 8.72
CA THR C 240 54.99 -0.62 9.84
C THR C 240 53.94 0.43 9.61
N LEU C 241 53.89 0.92 8.37
CA LEU C 241 52.98 2.00 8.00
C LEU C 241 51.59 1.52 7.54
N LEU C 242 51.40 0.22 7.39
CA LEU C 242 50.11 -0.32 6.94
C LEU C 242 49.46 -1.22 7.99
N ARG C 243 50.28 -2.06 8.61
CA ARG C 243 49.84 -2.98 9.65
C ARG C 243 50.57 -2.65 10.94
N PRO C 244 50.09 -1.64 11.69
CA PRO C 244 50.72 -1.20 12.94
C PRO C 244 51.08 -2.38 13.86
N GLY C 245 52.32 -2.87 13.77
CA GLY C 245 52.72 -4.03 14.52
C GLY C 245 54.21 -4.33 14.44
N ASP C 246 54.56 -5.62 14.52
CA ASP C 246 55.95 -6.05 14.58
C ASP C 246 56.56 -6.27 13.18
N PRO C 247 57.80 -5.79 12.98
CA PRO C 247 58.50 -5.86 11.68
C PRO C 247 59.33 -7.10 11.32
N PRO C 248 59.07 -8.30 11.88
CA PRO C 248 59.87 -9.38 11.27
C PRO C 248 59.39 -9.80 9.87
N LYS C 249 58.87 -11.01 9.75
CA LYS C 249 58.57 -11.59 8.45
C LYS C 249 57.06 -11.65 8.16
N ARG C 250 56.25 -11.06 9.04
CA ARG C 250 54.81 -11.06 8.87
C ARG C 250 54.42 -10.39 7.55
N ASP C 251 55.18 -9.36 7.18
CA ASP C 251 54.96 -8.66 5.91
C ASP C 251 55.43 -9.48 4.71
N LYS C 252 56.45 -10.29 4.93
CA LYS C 252 56.98 -11.13 3.87
C LYS C 252 55.97 -12.23 3.59
N ALA C 253 55.00 -12.36 4.48
CA ALA C 253 53.92 -13.34 4.38
C ALA C 253 52.63 -12.68 3.88
N VAL C 254 52.38 -11.44 4.31
CA VAL C 254 51.25 -10.62 3.84
C VAL C 254 51.44 -10.40 2.34
N ALA C 255 52.69 -10.56 1.91
CA ALA C 255 53.04 -10.59 0.50
C ALA C 255 52.06 -11.45 -0.29
N TYR C 256 51.92 -12.69 0.17
CA TYR C 256 51.01 -13.67 -0.40
C TYR C 256 49.58 -13.17 -0.48
N VAL C 257 49.18 -12.32 0.46
CA VAL C 257 47.82 -11.79 0.51
C VAL C 257 47.55 -10.82 -0.62
N TYR C 258 48.54 -9.99 -0.93
CA TYR C 258 48.47 -9.17 -2.14
C TYR C 258 49.19 -9.93 -3.23
N GLY C 259 49.26 -11.25 -3.03
CA GLY C 259 49.95 -12.12 -3.95
C GLY C 259 48.97 -12.88 -4.83
N LEU C 260 48.91 -14.19 -4.63
CA LEU C 260 47.94 -15.03 -5.34
C LEU C 260 47.26 -15.99 -4.38
N ILE C 261 46.55 -16.98 -4.94
CA ILE C 261 45.80 -17.96 -4.16
C ILE C 261 44.74 -17.34 -3.24
N ALA C 262 45.20 -16.57 -2.26
CA ALA C 262 44.35 -16.05 -1.18
C ALA C 262 43.42 -14.93 -1.63
N ASP C 263 43.56 -13.76 -0.99
CA ASP C 263 42.69 -12.59 -1.22
C ASP C 263 42.34 -12.24 -2.68
N PRO C 264 43.36 -12.06 -3.54
CA PRO C 264 43.03 -11.61 -4.89
C PRO C 264 42.33 -12.72 -5.69
N ARG C 265 41.72 -12.35 -6.80
CA ARG C 265 40.81 -13.24 -7.53
C ARG C 265 41.51 -14.40 -8.23
N ARG C 266 40.91 -15.57 -8.08
CA ARG C 266 41.36 -16.80 -8.73
C ARG C 266 40.49 -17.05 -9.96
N TYR C 267 40.62 -16.17 -10.94
CA TYR C 267 39.85 -16.23 -12.18
C TYR C 267 40.61 -16.83 -13.36
N ASP C 268 41.38 -17.88 -13.07
CA ASP C 268 42.14 -18.61 -14.08
C ASP C 268 43.21 -17.78 -14.80
N LEU C 269 44.14 -18.46 -15.46
CA LEU C 269 45.21 -17.81 -16.23
C LEU C 269 44.82 -17.73 -17.70
N GLY C 270 44.16 -16.64 -18.08
CA GLY C 270 43.72 -16.46 -19.45
C GLY C 270 42.29 -16.00 -19.60
N GLU C 271 41.52 -16.10 -18.51
CA GLU C 271 40.09 -15.79 -18.53
C GLU C 271 39.74 -14.37 -18.04
N ALA C 272 39.10 -14.26 -16.88
CA ALA C 272 38.57 -12.97 -16.44
C ALA C 272 39.62 -11.88 -16.29
N GLY C 273 40.43 -11.92 -15.23
CA GLY C 273 41.49 -10.95 -15.01
C GLY C 273 42.38 -10.70 -16.21
N ARG C 274 42.87 -11.77 -16.84
CA ARG C 274 43.65 -11.69 -18.07
C ARG C 274 42.88 -10.91 -19.13
N TYR C 275 41.94 -11.59 -19.78
CA TYR C 275 41.22 -11.05 -20.93
C TYR C 275 40.69 -9.64 -20.70
N LYS C 276 40.10 -9.41 -19.53
CA LYS C 276 39.65 -8.06 -19.17
C LYS C 276 40.80 -7.07 -19.20
N ALA C 277 41.85 -7.36 -18.43
CA ALA C 277 43.03 -6.49 -18.39
C ALA C 277 43.54 -6.18 -19.78
N GLU C 278 44.08 -7.19 -20.45
CA GLU C 278 44.71 -7.00 -21.77
C GLU C 278 43.79 -6.36 -22.82
N GLU C 279 42.61 -6.94 -23.01
CA GLU C 279 41.69 -6.46 -24.05
C GLU C 279 41.23 -5.02 -23.77
N LYS C 280 41.24 -4.63 -22.50
CA LYS C 280 40.91 -3.24 -22.16
C LYS C 280 42.15 -2.34 -22.07
N LEU C 281 42.98 -2.59 -21.07
CA LEU C 281 44.20 -1.82 -20.83
C LEU C 281 45.44 -2.69 -20.93
N GLY C 282 46.58 -2.14 -20.50
CA GLY C 282 47.83 -2.89 -20.44
C GLY C 282 48.12 -3.77 -21.63
N ILE C 283 48.91 -4.82 -21.40
CA ILE C 283 49.28 -5.75 -22.46
C ILE C 283 49.38 -7.21 -21.94
N ARG C 284 49.85 -7.39 -20.71
CA ARG C 284 50.17 -8.75 -20.22
C ARG C 284 49.64 -9.16 -18.83
N LEU C 285 49.28 -10.45 -18.70
CA LEU C 285 48.99 -11.07 -17.41
C LEU C 285 49.76 -12.38 -17.25
N SER C 286 50.55 -12.47 -16.18
CA SER C 286 51.36 -13.66 -15.92
C SER C 286 50.90 -14.40 -14.66
N GLY C 287 49.74 -15.05 -14.74
CA GLY C 287 49.16 -15.73 -13.61
C GLY C 287 47.86 -15.06 -13.19
N ARG C 288 46.96 -15.84 -12.59
CA ARG C 288 45.65 -15.35 -12.15
C ARG C 288 45.71 -13.96 -11.54
N THR C 289 46.56 -13.78 -10.53
CA THR C 289 46.77 -12.45 -9.98
C THR C 289 48.24 -12.14 -9.71
N LEU C 290 48.46 -11.01 -9.05
CA LEU C 290 49.80 -10.42 -9.01
C LEU C 290 50.73 -10.97 -7.93
N ALA C 291 51.40 -12.07 -8.27
CA ALA C 291 52.50 -12.62 -7.51
C ALA C 291 53.30 -13.66 -8.25
N ARG C 292 54.51 -13.30 -8.65
CA ARG C 292 55.47 -14.26 -9.16
C ARG C 292 56.67 -14.18 -8.22
N PHE C 293 56.83 -15.20 -7.38
CA PHE C 293 57.84 -15.16 -6.33
C PHE C 293 58.85 -16.29 -6.43
N GLU C 294 59.78 -16.15 -7.37
CA GLU C 294 60.79 -17.17 -7.63
C GLU C 294 61.61 -17.50 -6.39
N ASP C 295 62.50 -16.57 -6.03
CA ASP C 295 63.41 -16.80 -4.92
C ASP C 295 63.04 -15.94 -3.73
N GLY C 296 61.77 -16.01 -3.31
CA GLY C 296 61.25 -15.15 -2.25
C GLY C 296 61.00 -13.75 -2.79
N GLU C 297 61.83 -13.35 -3.76
CA GLU C 297 61.71 -12.08 -4.46
C GLU C 297 60.32 -11.87 -5.05
N PHE C 298 60.05 -10.66 -5.51
CA PHE C 298 58.75 -10.36 -6.09
C PHE C 298 58.84 -10.03 -7.56
N LYS C 299 57.71 -10.13 -8.22
CA LYS C 299 57.59 -9.73 -9.61
C LYS C 299 56.17 -9.27 -9.82
N ASP C 300 55.95 -8.52 -10.89
CA ASP C 300 54.63 -8.01 -11.16
C ASP C 300 54.49 -7.72 -12.63
N GLU C 301 53.26 -7.64 -13.10
CA GLU C 301 53.02 -7.21 -14.45
C GLU C 301 51.90 -6.17 -14.54
N VAL C 302 50.85 -6.30 -13.75
CA VAL C 302 49.75 -5.35 -13.84
C VAL C 302 50.07 -3.93 -13.35
N PHE C 303 50.75 -3.82 -12.21
CA PHE C 303 51.05 -2.52 -11.61
C PHE C 303 51.65 -1.51 -12.59
N LEU C 304 52.55 -1.98 -13.44
CA LEU C 304 53.28 -1.07 -14.32
C LEU C 304 52.47 -0.54 -15.52
N PRO C 305 51.77 -1.42 -16.27
CA PRO C 305 50.73 -0.94 -17.18
C PRO C 305 49.64 -0.07 -16.56
N THR C 306 49.25 -0.33 -15.31
CA THR C 306 48.26 0.55 -14.68
C THR C 306 48.83 1.95 -14.53
N LEU C 307 50.05 2.03 -14.02
CA LEU C 307 50.72 3.32 -13.89
C LEU C 307 50.90 4.00 -15.26
N ARG C 308 51.32 3.20 -16.25
CA ARG C 308 51.57 3.67 -17.60
C ARG C 308 50.30 4.25 -18.22
N TYR C 309 49.18 3.55 -18.02
CA TYR C 309 47.91 3.95 -18.61
C TYR C 309 47.39 5.20 -17.91
N LEU C 310 47.65 5.26 -16.60
CA LEU C 310 47.24 6.39 -15.79
C LEU C 310 47.87 7.69 -16.26
N PHE C 311 49.17 7.66 -16.54
CA PHE C 311 49.84 8.84 -17.05
C PHE C 311 49.29 9.19 -18.43
N ALA C 312 49.16 8.17 -19.27
CA ALA C 312 48.68 8.34 -20.63
C ALA C 312 47.36 9.11 -20.64
N LEU C 313 46.43 8.67 -19.81
CA LEU C 313 45.14 9.32 -19.67
C LEU C 313 45.28 10.71 -19.08
N THR C 314 46.01 10.81 -17.97
CA THR C 314 46.23 12.09 -17.31
C THR C 314 47.32 12.90 -18.01
N ALA C 315 47.43 12.76 -19.32
CA ALA C 315 48.31 13.61 -20.10
C ALA C 315 47.88 13.72 -21.56
N GLY C 316 48.76 13.31 -22.47
CA GLY C 316 48.51 13.42 -23.90
C GLY C 316 47.53 12.38 -24.40
N VAL C 317 47.67 11.98 -25.66
CA VAL C 317 46.75 11.02 -26.26
C VAL C 317 47.43 9.74 -26.77
N PRO C 318 47.86 8.86 -25.85
CA PRO C 318 48.30 7.55 -26.33
C PRO C 318 47.15 6.61 -26.64
N GLY C 319 46.19 7.08 -27.44
CA GLY C 319 45.12 6.22 -27.94
C GLY C 319 43.81 6.22 -27.17
N HIS C 320 43.41 7.40 -26.68
CA HIS C 320 42.12 7.58 -25.98
C HIS C 320 41.84 6.55 -24.87
N GLU C 321 42.17 6.92 -23.64
CA GLU C 321 42.03 6.01 -22.51
C GLU C 321 40.96 6.44 -21.53
N VAL C 322 39.69 6.12 -21.81
CA VAL C 322 38.62 6.46 -20.89
C VAL C 322 37.66 5.30 -20.62
N ASP C 323 37.70 4.77 -19.40
CA ASP C 323 36.77 3.72 -19.00
C ASP C 323 35.43 4.28 -18.53
N ASP C 324 34.37 3.53 -18.77
CA ASP C 324 33.00 3.93 -18.41
C ASP C 324 32.41 2.93 -17.42
N ILE C 325 32.14 3.39 -16.20
CA ILE C 325 31.74 2.52 -15.10
C ILE C 325 30.65 1.48 -15.42
N ASP C 326 29.62 1.89 -16.16
CA ASP C 326 28.57 0.94 -16.53
C ASP C 326 28.41 0.84 -18.05
N HIS C 327 29.55 0.65 -18.72
CA HIS C 327 29.58 0.50 -20.17
C HIS C 327 29.10 -0.89 -20.57
N LEU C 328 28.74 -1.68 -19.56
CA LEU C 328 28.31 -3.07 -19.71
C LEU C 328 29.42 -4.00 -20.22
N GLY C 329 30.35 -3.44 -20.99
CA GLY C 329 31.57 -4.14 -21.31
C GLY C 329 32.49 -4.13 -20.10
N ASN C 330 31.94 -3.67 -18.97
CA ASN C 330 32.67 -3.66 -17.70
C ASN C 330 31.89 -4.36 -16.59
N ARG C 331 30.70 -4.86 -16.92
CA ARG C 331 29.83 -5.49 -15.92
C ARG C 331 29.51 -6.94 -16.22
N ARG C 332 30.11 -7.85 -15.44
CA ARG C 332 29.85 -9.30 -15.56
C ARG C 332 28.45 -9.68 -15.11
N ILE C 333 28.04 -10.87 -15.54
CA ILE C 333 26.82 -11.50 -15.07
C ILE C 333 27.10 -12.84 -14.40
N ARG C 334 27.04 -12.85 -13.08
CA ARG C 334 27.17 -14.10 -12.32
C ARG C 334 26.02 -15.02 -12.65
N THR C 335 26.31 -16.06 -13.42
CA THR C 335 25.32 -17.06 -13.81
C THR C 335 25.15 -18.05 -12.66
N VAL C 336 24.17 -18.93 -12.80
CA VAL C 336 23.78 -19.83 -11.71
C VAL C 336 24.96 -20.71 -11.29
N GLY C 337 25.62 -21.28 -12.28
CA GLY C 337 26.75 -22.14 -12.04
C GLY C 337 27.90 -21.43 -11.34
N GLU C 338 28.04 -20.14 -11.60
CA GLU C 338 29.08 -19.35 -10.93
C GLU C 338 28.75 -19.13 -9.46
N LEU C 339 27.47 -18.88 -9.17
CA LEU C 339 27.03 -18.71 -7.79
C LEU C 339 27.34 -19.99 -7.04
N MET C 340 26.92 -21.11 -7.64
CA MET C 340 27.18 -22.42 -7.06
C MET C 340 28.66 -22.68 -6.80
N THR C 341 29.48 -22.55 -7.85
CA THR C 341 30.90 -22.85 -7.71
C THR C 341 31.56 -21.91 -6.70
N ASP C 342 31.10 -20.67 -6.65
CA ASP C 342 31.61 -19.70 -5.68
C ASP C 342 31.37 -20.22 -4.27
N GLN C 343 30.14 -20.61 -3.99
CA GLN C 343 29.84 -21.13 -2.66
C GLN C 343 30.65 -22.40 -2.35
N PHE C 344 30.85 -23.23 -3.37
CA PHE C 344 31.67 -24.43 -3.22
C PHE C 344 33.11 -24.07 -2.80
N ARG C 345 33.68 -23.05 -3.43
CA ARG C 345 34.98 -22.53 -3.02
C ARG C 345 34.94 -22.11 -1.55
N VAL C 346 33.89 -21.38 -1.19
CA VAL C 346 33.73 -20.92 0.20
C VAL C 346 33.77 -22.07 1.19
N GLY C 347 33.10 -23.17 0.86
CA GLY C 347 33.10 -24.34 1.72
C GLY C 347 34.46 -25.01 1.80
N LEU C 348 35.11 -25.14 0.64
CA LEU C 348 36.43 -25.77 0.59
C LEU C 348 37.44 -24.99 1.42
N ALA C 349 37.21 -23.68 1.53
CA ALA C 349 38.06 -22.84 2.34
C ALA C 349 38.02 -23.25 3.83
N ARG C 350 36.83 -23.34 4.41
CA ARG C 350 36.71 -23.75 5.81
C ARG C 350 37.14 -25.21 6.01
N LEU C 351 36.93 -26.05 5.00
CA LEU C 351 37.45 -27.40 5.03
C LEU C 351 38.98 -27.36 5.20
N ALA C 352 39.60 -26.46 4.45
CA ALA C 352 41.05 -26.29 4.51
C ALA C 352 41.47 -25.78 5.88
N ARG C 353 40.65 -24.91 6.48
CA ARG C 353 40.94 -24.41 7.82
C ARG C 353 40.92 -25.57 8.84
N GLY C 354 39.93 -26.44 8.72
CA GLY C 354 39.88 -27.64 9.54
C GLY C 354 41.10 -28.54 9.39
N VAL C 355 41.50 -28.81 8.15
CA VAL C 355 42.65 -29.69 7.90
C VAL C 355 43.95 -29.07 8.40
N ARG C 356 43.98 -27.74 8.45
CA ARG C 356 45.08 -27.04 9.09
C ARG C 356 45.05 -27.25 10.61
N GLU C 357 43.86 -27.10 11.19
CA GLU C 357 43.71 -27.19 12.64
C GLU C 357 44.07 -28.57 13.16
N ARG C 358 43.78 -29.60 12.37
CA ARG C 358 43.88 -30.98 12.83
C ARG C 358 45.29 -31.56 12.91
N MET C 359 46.25 -30.91 12.27
CA MET C 359 47.63 -31.42 12.26
C MET C 359 48.22 -31.46 13.67
N LEU C 360 47.76 -30.55 14.53
CA LEU C 360 48.22 -30.51 15.91
C LEU C 360 47.55 -31.61 16.75
N MET C 361 46.45 -32.15 16.24
CA MET C 361 45.73 -33.21 16.94
C MET C 361 45.89 -34.56 16.25
N GLY C 362 46.98 -34.71 15.51
CA GLY C 362 47.30 -35.95 14.84
C GLY C 362 48.06 -36.88 15.78
N SER C 363 47.79 -38.18 15.64
CA SER C 363 48.43 -39.19 16.48
C SER C 363 49.82 -39.54 15.93
N GLU C 364 49.84 -40.24 14.80
CA GLU C 364 51.09 -40.71 14.20
C GLU C 364 51.40 -39.98 12.90
N ASP C 365 51.40 -40.73 11.80
CA ASP C 365 51.74 -40.19 10.49
C ASP C 365 50.52 -40.04 9.59
N SER C 366 50.02 -41.17 9.09
CA SER C 366 48.84 -41.21 8.24
C SER C 366 47.63 -40.60 8.94
N LEU C 367 46.78 -39.95 8.14
CA LEU C 367 45.54 -39.35 8.64
C LEU C 367 44.59 -38.88 7.51
N THR C 368 44.81 -39.41 6.30
CA THR C 368 44.05 -39.00 5.11
C THR C 368 42.52 -38.99 5.24
N PRO C 369 41.91 -40.16 5.50
CA PRO C 369 40.44 -40.17 5.41
C PRO C 369 39.77 -39.56 6.63
N ALA C 370 40.11 -40.12 7.78
CA ALA C 370 39.24 -40.10 8.94
C ALA C 370 39.63 -39.03 9.97
N LYS C 371 40.89 -38.63 9.96
CA LYS C 371 41.39 -37.68 10.94
C LYS C 371 41.32 -36.25 10.45
N LEU C 372 41.22 -36.07 9.13
CA LEU C 372 41.35 -34.75 8.52
C LEU C 372 40.07 -34.19 7.88
N VAL C 373 39.67 -34.76 6.75
CA VAL C 373 38.61 -34.18 5.91
C VAL C 373 37.20 -34.47 6.41
N ASN C 374 36.55 -33.48 7.01
CA ASN C 374 35.19 -33.66 7.56
C ASN C 374 34.07 -33.15 6.65
N SER C 375 32.83 -33.26 7.13
CA SER C 375 31.66 -33.00 6.30
C SER C 375 30.79 -31.85 6.77
N ARG C 376 31.41 -30.79 7.28
CA ARG C 376 30.65 -29.61 7.70
C ARG C 376 30.78 -28.35 6.82
N PRO C 377 32.02 -27.93 6.48
CA PRO C 377 32.19 -26.72 5.67
C PRO C 377 31.54 -26.77 4.30
N LEU C 378 31.67 -27.92 3.63
CA LEU C 378 31.07 -28.13 2.33
C LEU C 378 29.57 -28.16 2.48
N GLU C 379 29.12 -28.86 3.52
CA GLU C 379 27.70 -28.93 3.84
C GLU C 379 27.15 -27.54 4.07
N ALA C 380 27.73 -26.81 5.03
CA ALA C 380 27.29 -25.45 5.34
C ALA C 380 27.26 -24.56 4.11
N ALA C 381 28.22 -24.76 3.21
CA ALA C 381 28.30 -23.96 2.00
C ALA C 381 27.12 -24.20 1.07
N ILE C 382 26.91 -25.47 0.74
CA ILE C 382 25.94 -25.82 -0.28
C ILE C 382 24.52 -25.83 0.27
N ARG C 383 24.41 -25.85 1.59
CA ARG C 383 23.11 -25.99 2.26
C ARG C 383 22.42 -24.65 2.50
N GLU C 384 23.13 -23.73 3.12
CA GLU C 384 22.54 -22.44 3.45
C GLU C 384 22.29 -21.61 2.20
N PHE C 385 23.04 -21.90 1.14
CA PHE C 385 22.88 -21.18 -0.11
C PHE C 385 21.52 -21.43 -0.74
N PHE C 386 21.27 -22.68 -1.15
CA PHE C 386 20.02 -23.02 -1.81
C PHE C 386 18.76 -22.76 -0.96
N SER C 387 18.92 -22.44 0.32
CA SER C 387 17.77 -22.37 1.22
C SER C 387 17.66 -21.09 2.07
N ARG C 388 18.66 -20.22 2.04
CA ARG C 388 18.65 -18.99 2.81
C ARG C 388 19.01 -17.79 1.96
N SER C 389 19.57 -18.05 0.77
CA SER C 389 20.03 -16.96 -0.09
C SER C 389 18.88 -16.07 -0.52
N GLN C 390 19.14 -14.78 -0.52
CA GLN C 390 18.18 -13.80 -0.99
C GLN C 390 17.99 -13.99 -2.50
N LEU C 391 19.01 -14.60 -3.12
CA LEU C 391 19.08 -14.76 -4.57
C LEU C 391 18.24 -15.89 -5.15
N SER C 392 17.93 -16.89 -4.33
CA SER C 392 17.11 -18.01 -4.79
C SER C 392 15.70 -17.90 -4.24
N GLN C 393 14.69 -18.13 -5.08
CA GLN C 393 13.30 -18.03 -4.62
C GLN C 393 12.35 -19.09 -5.17
N PHE C 394 11.09 -18.95 -4.78
CA PHE C 394 9.97 -19.75 -5.26
C PHE C 394 9.89 -19.66 -6.78
N LYS C 395 9.75 -20.80 -7.45
CA LYS C 395 9.62 -20.79 -8.90
C LYS C 395 8.23 -20.32 -9.25
N ASP C 396 8.15 -19.15 -9.86
CA ASP C 396 6.87 -18.59 -10.25
C ASP C 396 6.25 -19.39 -11.38
N GLU C 397 5.40 -20.37 -11.03
CA GLU C 397 4.79 -21.27 -12.01
C GLU C 397 3.31 -21.02 -12.20
N THR C 398 2.96 -19.80 -12.60
CA THR C 398 1.57 -19.50 -12.90
C THR C 398 1.23 -20.26 -14.16
N ASN C 399 2.00 -20.01 -15.21
CA ASN C 399 1.89 -20.79 -16.42
C ASN C 399 3.30 -21.15 -16.85
N PRO C 400 3.44 -21.95 -17.91
CA PRO C 400 4.80 -22.26 -18.36
C PRO C 400 5.59 -21.03 -18.81
N LEU C 401 4.92 -20.05 -19.41
CA LEU C 401 5.64 -18.88 -19.91
C LEU C 401 6.22 -18.04 -18.78
N SER C 402 5.43 -17.87 -17.73
CA SER C 402 5.86 -17.11 -16.56
C SER C 402 7.08 -17.77 -15.93
N SER C 403 7.01 -19.09 -15.79
CA SER C 403 8.14 -19.86 -15.29
C SER C 403 9.36 -19.62 -16.17
N LEU C 404 9.12 -19.59 -17.48
CA LEU C 404 10.18 -19.37 -18.46
C LEU C 404 10.85 -18.01 -18.26
N ARG C 405 10.04 -17.02 -17.94
CA ARG C 405 10.51 -15.66 -17.70
C ARG C 405 11.35 -15.61 -16.44
N HIS C 406 10.86 -16.25 -15.39
CA HIS C 406 11.50 -16.16 -14.09
C HIS C 406 12.93 -16.68 -14.10
N LYS C 407 13.20 -17.61 -15.02
CA LYS C 407 14.55 -18.14 -15.19
C LYS C 407 15.45 -17.15 -15.93
N ARG C 408 14.90 -16.50 -16.96
CA ARG C 408 15.69 -15.65 -17.82
C ARG C 408 15.85 -14.23 -17.29
N ARG C 409 15.47 -14.02 -16.03
CA ARG C 409 15.51 -12.69 -15.44
C ARG C 409 16.86 -12.41 -14.79
N ILE C 410 17.29 -11.15 -14.83
CA ILE C 410 18.55 -10.76 -14.20
C ILE C 410 18.29 -9.83 -13.03
N SER C 411 19.04 -10.01 -11.95
CA SER C 411 18.87 -9.18 -10.76
C SER C 411 20.18 -8.49 -10.41
N ALA C 412 20.07 -7.38 -9.68
CA ALA C 412 21.23 -6.68 -9.17
C ALA C 412 21.37 -7.05 -7.70
N LEU C 413 20.26 -6.94 -6.98
CA LEU C 413 20.18 -7.30 -5.56
C LEU C 413 20.82 -8.65 -5.33
N GLY C 414 21.90 -8.69 -4.57
CA GLY C 414 22.61 -9.94 -4.37
C GLY C 414 23.25 -10.10 -3.01
N PRO C 415 24.45 -10.70 -2.98
CA PRO C 415 25.16 -11.04 -1.74
C PRO C 415 25.66 -9.85 -0.92
N GLY C 416 25.21 -8.64 -1.23
CA GLY C 416 25.65 -7.47 -0.49
C GLY C 416 26.93 -6.84 -1.00
N GLY C 417 27.88 -7.68 -1.44
CA GLY C 417 29.18 -7.20 -1.87
C GLY C 417 29.16 -6.43 -3.17
N LEU C 418 28.02 -6.48 -3.87
CA LEU C 418 27.91 -5.88 -5.19
C LEU C 418 26.80 -4.84 -5.26
N THR C 419 25.57 -5.27 -4.98
CA THR C 419 24.43 -4.37 -5.01
C THR C 419 23.75 -4.31 -3.64
N ARG C 420 23.24 -3.12 -3.31
CA ARG C 420 22.65 -2.84 -2.01
C ARG C 420 21.17 -2.60 -2.23
N GLU C 421 20.40 -2.44 -1.15
CA GLU C 421 19.00 -2.03 -1.32
C GLU C 421 18.81 -0.61 -0.82
N ARG C 422 19.88 0.17 -0.90
CA ARG C 422 19.86 1.58 -0.49
C ARG C 422 20.64 2.43 -1.49
N ALA C 423 20.55 2.04 -2.76
CA ALA C 423 21.23 2.76 -3.83
C ALA C 423 20.55 2.46 -5.17
N GLY C 424 19.81 3.42 -5.69
CA GLY C 424 19.12 3.26 -6.94
C GLY C 424 18.94 4.56 -7.71
N PHE C 425 17.81 4.66 -8.40
CA PHE C 425 17.44 5.86 -9.16
C PHE C 425 18.36 6.18 -10.36
N ASP C 426 19.66 6.00 -10.17
CA ASP C 426 20.65 6.24 -11.21
C ASP C 426 21.10 4.93 -11.86
N VAL C 427 21.23 3.87 -11.06
CA VAL C 427 21.65 2.57 -11.55
C VAL C 427 20.54 1.91 -12.36
N ARG C 428 19.31 2.13 -11.90
CA ARG C 428 18.14 1.49 -12.50
C ARG C 428 17.86 1.94 -13.92
N ASP C 429 18.26 3.16 -14.27
CA ASP C 429 17.97 3.72 -15.59
C ASP C 429 18.56 2.92 -16.74
N VAL C 430 17.83 2.91 -17.85
CA VAL C 430 18.26 2.22 -19.07
C VAL C 430 19.49 2.90 -19.66
N HIS C 431 20.65 2.31 -19.42
CA HIS C 431 21.88 2.76 -20.03
C HIS C 431 21.86 2.42 -21.52
N ARG C 432 22.80 2.97 -22.29
CA ARG C 432 22.84 2.80 -23.74
C ARG C 432 23.03 1.35 -24.17
N THR C 433 24.04 0.71 -23.59
CA THR C 433 24.43 -0.62 -24.02
C THR C 433 23.40 -1.71 -23.74
N HIS C 434 22.31 -1.39 -23.04
CA HIS C 434 21.29 -2.39 -22.80
C HIS C 434 20.58 -2.78 -24.09
N TYR C 435 20.80 -2.00 -25.14
CA TYR C 435 20.23 -2.27 -26.45
C TYR C 435 20.59 -3.67 -26.95
N GLY C 436 19.58 -4.52 -27.12
CA GLY C 436 19.78 -5.86 -27.61
C GLY C 436 20.24 -6.84 -26.55
N ARG C 437 20.65 -6.31 -25.40
CA ARG C 437 21.17 -7.12 -24.31
C ARG C 437 20.18 -7.21 -23.17
N ILE C 438 19.57 -6.07 -22.81
CA ILE C 438 18.58 -6.05 -21.74
C ILE C 438 17.33 -5.27 -22.15
N CYS C 439 16.16 -5.79 -21.80
CA CYS C 439 14.92 -5.13 -22.15
C CYS C 439 14.73 -3.86 -21.32
N PRO C 440 14.52 -2.73 -22.01
CA PRO C 440 14.22 -1.47 -21.33
C PRO C 440 12.79 -1.41 -20.81
N VAL C 441 12.09 -2.54 -20.79
CA VAL C 441 10.65 -2.53 -20.47
C VAL C 441 10.23 -3.52 -19.38
N GLU C 442 10.84 -4.70 -19.38
CA GLU C 442 10.39 -5.83 -18.54
C GLU C 442 10.35 -5.57 -17.04
N THR C 443 11.23 -4.69 -16.58
CA THR C 443 11.41 -4.37 -15.15
C THR C 443 10.11 -4.23 -14.37
N PRO C 444 9.87 -5.16 -13.44
CA PRO C 444 8.65 -5.18 -12.62
C PRO C 444 8.38 -3.84 -11.96
N GLU C 445 7.14 -3.35 -12.10
CA GLU C 445 6.76 -2.02 -11.64
C GLU C 445 6.62 -1.94 -10.13
N GLY C 446 6.29 -0.74 -9.64
CA GLY C 446 6.22 -0.48 -8.21
C GLY C 446 7.59 -0.17 -7.65
N ALA C 447 7.71 -0.22 -6.32
CA ALA C 447 9.00 -0.06 -5.65
C ALA C 447 9.94 -1.19 -6.07
N ASN C 448 11.23 -1.02 -5.81
CA ASN C 448 12.24 -2.01 -6.18
C ASN C 448 12.40 -2.14 -7.71
N ILE C 449 11.82 -1.19 -8.44
CA ILE C 449 11.84 -1.21 -9.91
C ILE C 449 13.24 -0.94 -10.46
N GLY C 450 13.54 -1.48 -11.64
CA GLY C 450 14.81 -1.21 -12.29
C GLY C 450 15.96 -2.06 -11.76
N LEU C 451 15.81 -2.55 -10.53
CA LEU C 451 16.81 -3.44 -9.94
C LEU C 451 16.66 -4.87 -10.46
N ILE C 452 15.52 -5.16 -11.08
CA ILE C 452 15.30 -6.45 -11.72
C ILE C 452 14.95 -6.27 -13.20
N THR C 453 15.81 -6.78 -14.08
CA THR C 453 15.61 -6.63 -15.51
C THR C 453 15.85 -7.96 -16.21
N SER C 454 14.86 -8.45 -16.95
CA SER C 454 15.04 -9.69 -17.71
C SER C 454 15.99 -9.49 -18.88
N LEU C 455 16.67 -10.56 -19.26
CA LEU C 455 17.59 -10.54 -20.40
C LEU C 455 16.81 -10.41 -21.69
N ALA C 456 17.40 -9.74 -22.68
CA ALA C 456 16.76 -9.60 -23.98
C ALA C 456 16.57 -10.96 -24.65
N ALA C 457 15.78 -10.98 -25.71
CA ALA C 457 15.42 -12.22 -26.39
C ALA C 457 16.63 -12.99 -26.92
N TYR C 458 17.22 -12.47 -28.00
CA TYR C 458 18.35 -13.14 -28.63
C TYR C 458 19.63 -13.10 -27.79
N ALA C 459 19.59 -12.35 -26.70
CA ALA C 459 20.78 -12.19 -25.87
C ALA C 459 21.18 -13.47 -25.17
N ARG C 460 22.47 -13.61 -24.87
CA ARG C 460 23.00 -14.82 -24.21
C ARG C 460 24.39 -14.61 -23.59
N VAL C 461 24.60 -15.19 -22.41
CA VAL C 461 25.87 -15.08 -21.68
C VAL C 461 27.01 -15.77 -22.43
N ASP C 462 28.21 -15.18 -22.40
CA ASP C 462 29.37 -15.73 -23.10
C ASP C 462 30.48 -16.23 -22.16
N GLU C 463 30.09 -17.03 -21.16
CA GLU C 463 31.01 -17.51 -20.12
C GLU C 463 31.66 -16.39 -19.31
N LEU C 464 32.26 -15.44 -20.02
CA LEU C 464 32.96 -14.31 -19.42
C LEU C 464 32.01 -13.40 -18.64
N GLY C 465 30.71 -13.56 -18.88
CA GLY C 465 29.70 -12.86 -18.11
C GLY C 465 28.96 -11.78 -18.89
N PHE C 466 29.67 -11.12 -19.80
CA PHE C 466 29.08 -10.03 -20.57
C PHE C 466 28.06 -10.55 -21.57
N ILE C 467 26.95 -9.84 -21.69
CA ILE C 467 25.92 -10.22 -22.65
C ILE C 467 26.45 -10.04 -24.07
N ARG C 468 26.10 -10.98 -24.95
CA ARG C 468 26.47 -10.88 -26.34
C ARG C 468 25.26 -10.70 -27.24
N THR C 469 25.34 -9.76 -28.17
CA THR C 469 24.26 -9.52 -29.11
C THR C 469 24.57 -10.08 -30.49
N PRO C 470 23.58 -10.70 -31.13
CA PRO C 470 23.75 -11.17 -32.51
C PRO C 470 23.69 -10.00 -33.49
N TYR C 471 24.81 -9.73 -34.14
CA TYR C 471 24.87 -8.68 -35.14
C TYR C 471 25.26 -9.26 -36.49
N ARG C 472 24.54 -8.86 -37.53
CA ARG C 472 24.88 -9.29 -38.88
C ARG C 472 25.86 -8.30 -39.47
N ARG C 473 27.13 -8.67 -39.57
CA ARG C 473 28.14 -7.81 -40.19
C ARG C 473 27.82 -7.61 -41.67
N VAL C 474 28.36 -6.57 -42.28
CA VAL C 474 28.14 -6.33 -43.71
C VAL C 474 29.44 -6.02 -44.45
N VAL C 475 29.52 -6.45 -45.71
CA VAL C 475 30.69 -6.17 -46.55
C VAL C 475 30.48 -4.91 -47.39
N GLY C 476 31.07 -3.81 -46.94
CA GLY C 476 30.94 -2.53 -47.63
C GLY C 476 29.51 -2.09 -47.85
N GLY C 477 28.85 -2.70 -48.84
CA GLY C 477 27.49 -2.36 -49.19
C GLY C 477 26.53 -3.54 -49.14
N VAL C 478 27.09 -4.75 -49.03
CA VAL C 478 26.28 -5.96 -49.00
C VAL C 478 26.21 -6.53 -47.59
N VAL C 479 25.01 -6.87 -47.13
CA VAL C 479 24.82 -7.47 -45.82
C VAL C 479 25.33 -8.91 -45.83
N THR C 480 26.29 -9.19 -44.95
CA THR C 480 26.82 -10.54 -44.84
C THR C 480 25.84 -11.42 -44.08
N ASP C 481 25.79 -12.70 -44.41
CA ASP C 481 24.94 -13.63 -43.68
C ASP C 481 25.68 -14.23 -42.50
N GLU C 482 26.59 -13.45 -41.92
CA GLU C 482 27.38 -13.89 -40.78
C GLU C 482 26.88 -13.21 -39.51
N VAL C 483 26.69 -14.00 -38.45
CA VAL C 483 26.23 -13.46 -37.18
C VAL C 483 27.35 -13.47 -36.15
N VAL C 484 27.88 -12.28 -35.90
CA VAL C 484 28.90 -12.10 -34.87
C VAL C 484 28.22 -11.69 -33.58
N TYR C 485 28.47 -12.46 -32.52
CA TYR C 485 27.98 -12.09 -31.20
C TYR C 485 28.93 -11.11 -30.53
N MET C 486 28.54 -9.84 -30.48
CA MET C 486 29.41 -8.79 -29.95
C MET C 486 29.15 -8.41 -28.50
N THR C 487 30.21 -7.95 -27.85
CA THR C 487 30.17 -7.47 -26.48
C THR C 487 29.92 -5.96 -26.51
N ALA C 488 29.47 -5.40 -25.40
CA ALA C 488 29.17 -3.97 -25.31
C ALA C 488 30.41 -3.12 -25.62
N THR C 489 31.55 -3.55 -25.09
CA THR C 489 32.82 -2.86 -25.31
C THR C 489 33.22 -2.90 -26.78
N GLU C 490 32.64 -3.83 -27.54
CA GLU C 490 33.00 -4.00 -28.94
C GLU C 490 31.93 -3.44 -29.87
N GLU C 491 30.71 -3.35 -29.37
CA GLU C 491 29.60 -2.81 -30.14
C GLU C 491 29.78 -1.33 -30.49
N ASP C 492 30.25 -0.54 -29.53
CA ASP C 492 30.39 0.90 -29.74
C ASP C 492 31.44 1.24 -30.78
N ARG C 493 32.33 0.29 -31.04
CA ARG C 493 33.43 0.47 -31.97
C ARG C 493 33.00 0.30 -33.44
N TYR C 494 31.71 0.40 -33.70
CA TYR C 494 31.21 0.22 -35.06
C TYR C 494 30.01 1.08 -35.40
N THR C 495 29.50 0.90 -36.60
CA THR C 495 28.34 1.62 -37.09
C THR C 495 27.29 0.62 -37.57
N ILE C 496 26.22 0.45 -36.78
CA ILE C 496 25.22 -0.56 -37.06
C ILE C 496 23.88 0.00 -37.58
N ALA C 497 23.35 -0.61 -38.64
CA ALA C 497 22.07 -0.19 -39.22
C ALA C 497 20.89 -0.93 -38.61
N GLN C 498 19.73 -0.27 -38.59
CA GLN C 498 18.49 -0.90 -38.13
C GLN C 498 18.04 -1.97 -39.11
N ALA C 499 17.18 -2.88 -38.64
CA ALA C 499 16.70 -3.98 -39.45
C ALA C 499 15.57 -3.55 -40.40
N ASN C 500 15.00 -2.39 -40.15
CA ASN C 500 13.94 -1.86 -40.99
C ASN C 500 14.44 -1.39 -42.33
N THR C 501 15.76 -1.24 -42.44
CA THR C 501 16.39 -0.72 -43.65
C THR C 501 16.06 -1.57 -44.88
N PRO C 502 15.61 -0.91 -45.96
CA PRO C 502 15.27 -1.54 -47.24
C PRO C 502 16.43 -2.39 -47.78
N LEU C 503 16.14 -3.63 -48.16
CA LEU C 503 17.18 -4.53 -48.62
C LEU C 503 16.76 -5.35 -49.84
N GLU C 504 17.70 -5.52 -50.77
CA GLU C 504 17.46 -6.35 -51.95
C GLU C 504 18.23 -7.67 -51.85
N GLY C 505 17.59 -8.68 -51.27
CA GLY C 505 18.23 -9.97 -51.08
C GLY C 505 19.24 -9.92 -49.94
N ASN C 506 20.28 -9.12 -50.14
CA ASN C 506 21.32 -8.89 -49.12
C ASN C 506 22.03 -7.57 -49.38
N ARG C 507 21.51 -6.81 -50.33
CA ARG C 507 22.11 -5.54 -50.71
C ARG C 507 21.22 -4.36 -50.34
N ILE C 508 21.82 -3.34 -49.73
CA ILE C 508 21.10 -2.13 -49.30
C ILE C 508 20.44 -1.46 -50.51
N ALA C 509 19.23 -0.94 -50.33
CA ALA C 509 18.49 -0.34 -51.43
C ALA C 509 18.02 1.09 -51.12
N ALA C 510 18.71 1.75 -50.19
CA ALA C 510 18.38 3.13 -49.87
C ALA C 510 19.64 3.98 -49.84
N GLU C 511 19.49 5.26 -50.20
CA GLU C 511 20.62 6.17 -50.21
C GLU C 511 20.98 6.60 -48.79
N ARG C 512 19.97 6.74 -47.93
CA ARG C 512 20.20 7.07 -46.53
C ARG C 512 19.84 5.92 -45.60
N VAL C 513 20.85 5.43 -44.88
CA VAL C 513 20.68 4.31 -43.96
C VAL C 513 20.65 4.77 -42.51
N VAL C 514 19.56 4.48 -41.81
CA VAL C 514 19.44 4.82 -40.39
C VAL C 514 20.40 3.94 -39.57
N ALA C 515 21.37 4.57 -38.91
CA ALA C 515 22.37 3.82 -38.18
C ALA C 515 22.57 4.37 -36.77
N ARG C 516 23.43 3.70 -36.01
CA ARG C 516 23.76 4.14 -34.66
C ARG C 516 25.25 3.94 -34.40
N ARG C 517 25.95 5.02 -34.07
CA ARG C 517 27.38 4.96 -33.82
C ARG C 517 27.64 4.40 -32.42
N LYS C 518 28.30 5.18 -31.58
CA LYS C 518 28.64 4.74 -30.23
C LYS C 518 27.43 4.70 -29.30
N GLY C 519 26.30 4.23 -29.82
CA GLY C 519 25.05 4.19 -29.08
C GLY C 519 24.25 5.46 -29.25
N GLU C 520 24.13 5.94 -30.48
CA GLU C 520 23.35 7.15 -30.76
C GLU C 520 22.92 7.26 -32.23
N PRO C 521 21.68 7.72 -32.45
CA PRO C 521 21.12 7.87 -33.80
C PRO C 521 21.94 8.75 -34.74
N VAL C 522 22.53 8.13 -35.75
CA VAL C 522 23.20 8.86 -36.83
C VAL C 522 22.79 8.28 -38.17
N ILE C 523 22.35 9.14 -39.09
CA ILE C 523 21.98 8.69 -40.42
C ILE C 523 23.17 8.74 -41.39
N VAL C 524 23.58 7.57 -41.85
CA VAL C 524 24.80 7.46 -42.65
C VAL C 524 24.54 6.88 -44.03
N SER C 525 25.62 6.65 -44.78
CA SER C 525 25.52 6.11 -46.13
C SER C 525 25.67 4.58 -46.13
N PRO C 526 25.14 3.91 -47.16
CA PRO C 526 25.17 2.45 -47.25
C PRO C 526 26.54 1.79 -47.11
N GLU C 527 27.61 2.58 -47.18
CA GLU C 527 28.96 2.03 -47.15
C GLU C 527 29.50 1.90 -45.72
N GLU C 528 29.30 2.94 -44.92
CA GLU C 528 29.81 3.00 -43.55
C GLU C 528 29.12 1.99 -42.63
N VAL C 529 28.17 1.25 -43.20
CA VAL C 529 27.58 0.12 -42.50
C VAL C 529 28.64 -0.96 -42.41
N GLU C 530 28.74 -1.60 -41.25
CA GLU C 530 29.68 -2.68 -41.01
C GLU C 530 28.98 -3.83 -40.33
N PHE C 531 27.83 -3.51 -39.73
CA PHE C 531 27.00 -4.51 -39.06
C PHE C 531 25.53 -4.13 -39.20
N MET C 532 24.65 -4.99 -38.69
CA MET C 532 23.21 -4.77 -38.80
C MET C 532 22.43 -5.58 -37.76
N ASP C 533 21.42 -4.95 -37.19
CA ASP C 533 20.48 -5.64 -36.33
C ASP C 533 19.84 -6.81 -37.09
N VAL C 534 19.82 -7.98 -36.45
CA VAL C 534 19.20 -9.16 -37.03
C VAL C 534 17.72 -8.90 -37.28
N SER C 535 17.01 -8.56 -36.21
CA SER C 535 15.57 -8.34 -36.25
C SER C 535 15.14 -7.50 -35.06
N PRO C 536 14.14 -6.62 -35.24
CA PRO C 536 13.68 -5.77 -34.15
C PRO C 536 13.22 -6.54 -32.90
N LYS C 537 13.13 -7.87 -32.96
CA LYS C 537 12.71 -8.66 -31.82
C LYS C 537 13.82 -8.84 -30.78
N GLN C 538 15.00 -8.30 -31.07
CA GLN C 538 16.16 -8.55 -30.22
C GLN C 538 16.33 -7.48 -29.15
N VAL C 539 15.52 -6.43 -29.21
CA VAL C 539 15.60 -5.35 -28.26
C VAL C 539 14.90 -5.72 -26.96
N PHE C 540 13.87 -6.56 -27.06
CA PHE C 540 12.99 -6.79 -25.93
C PHE C 540 13.08 -8.20 -25.36
N SER C 541 12.71 -8.33 -24.09
CA SER C 541 12.64 -9.63 -23.42
C SER C 541 11.35 -10.30 -23.85
N VAL C 542 11.45 -11.58 -24.17
CA VAL C 542 10.41 -12.38 -24.80
C VAL C 542 8.95 -12.02 -24.46
N ASN C 543 8.70 -11.64 -23.22
CA ASN C 543 7.36 -11.26 -22.78
C ASN C 543 6.87 -10.02 -23.50
N THR C 544 7.79 -9.08 -23.73
CA THR C 544 7.48 -7.89 -24.50
C THR C 544 7.39 -8.26 -25.99
N ASN C 545 8.15 -9.28 -26.38
CA ASN C 545 8.07 -9.82 -27.74
C ASN C 545 6.76 -10.53 -28.01
N LEU C 546 5.98 -10.77 -26.96
CA LEU C 546 4.66 -11.38 -27.13
C LEU C 546 3.56 -10.36 -27.32
N ILE C 547 3.92 -9.13 -27.67
CA ILE C 547 2.91 -8.08 -27.83
C ILE C 547 2.82 -7.54 -29.24
N PRO C 548 1.73 -7.87 -29.95
CA PRO C 548 1.50 -7.37 -31.29
C PRO C 548 1.31 -5.86 -31.32
N PHE C 549 1.73 -5.22 -32.41
CA PHE C 549 1.69 -3.75 -32.56
C PHE C 549 2.29 -3.02 -31.37
N LEU C 550 3.48 -3.45 -30.96
CA LEU C 550 4.16 -2.86 -29.81
C LEU C 550 4.53 -1.40 -30.07
N GLU C 551 4.77 -1.07 -31.32
CA GLU C 551 5.16 0.28 -31.72
C GLU C 551 4.05 1.30 -31.45
N HIS C 552 2.86 0.80 -31.12
CA HIS C 552 1.71 1.66 -30.92
C HIS C 552 1.23 1.64 -29.47
N ASP C 553 2.16 1.32 -28.56
CA ASP C 553 1.89 1.35 -27.13
C ASP C 553 2.96 2.15 -26.40
N ASP C 554 2.55 2.89 -25.38
CA ASP C 554 3.49 3.67 -24.57
C ASP C 554 4.44 2.73 -23.84
N ALA C 555 5.59 3.24 -23.43
CA ALA C 555 6.60 2.43 -22.75
C ALA C 555 6.10 1.97 -21.40
N ASN C 556 5.37 2.84 -20.71
CA ASN C 556 4.82 2.49 -19.42
C ASN C 556 3.78 1.38 -19.52
N ARG C 557 2.86 1.52 -20.48
CA ARG C 557 1.83 0.51 -20.67
C ARG C 557 2.43 -0.85 -21.03
N ALA C 558 3.43 -0.82 -21.91
CA ALA C 558 4.03 -2.05 -22.43
C ALA C 558 4.73 -2.80 -21.32
N LEU C 559 5.18 -2.06 -20.33
CA LEU C 559 5.74 -2.68 -19.14
C LEU C 559 4.69 -3.58 -18.50
N MET C 560 3.55 -3.01 -18.13
CA MET C 560 2.54 -3.79 -17.45
C MET C 560 2.10 -4.94 -18.36
N GLY C 561 1.90 -4.62 -19.63
CA GLY C 561 1.53 -5.62 -20.62
C GLY C 561 2.48 -6.81 -20.66
N SER C 562 3.77 -6.54 -20.53
CA SER C 562 4.78 -7.58 -20.57
C SER C 562 4.85 -8.26 -19.21
N ASN C 563 4.30 -7.61 -18.21
CA ASN C 563 4.34 -8.12 -16.86
C ASN C 563 3.01 -8.72 -16.42
N MET C 564 2.04 -8.77 -17.35
CA MET C 564 0.73 -9.37 -17.08
C MET C 564 0.74 -10.87 -17.32
N GLN C 565 1.43 -11.29 -18.39
CA GLN C 565 1.52 -12.69 -18.75
C GLN C 565 1.99 -13.52 -17.56
N THR C 566 2.77 -12.89 -16.69
CA THR C 566 3.37 -13.56 -15.54
C THR C 566 2.33 -13.91 -14.47
N GLN C 567 1.07 -13.70 -14.79
CA GLN C 567 -0.01 -14.12 -13.90
C GLN C 567 -1.25 -14.44 -14.71
N ALA C 568 -1.06 -15.17 -15.80
CA ALA C 568 -2.17 -15.59 -16.64
C ALA C 568 -2.58 -17.01 -16.31
N VAL C 569 -3.63 -17.15 -15.51
CA VAL C 569 -4.10 -18.47 -15.08
C VAL C 569 -4.48 -19.36 -16.25
N PRO C 570 -3.88 -20.57 -16.31
CA PRO C 570 -4.15 -21.56 -17.37
C PRO C 570 -5.62 -21.90 -17.42
N LEU C 571 -6.25 -21.57 -18.55
CA LEU C 571 -7.68 -21.79 -18.70
C LEU C 571 -7.98 -23.12 -19.37
N ILE C 572 -8.96 -23.82 -18.83
CA ILE C 572 -9.31 -25.17 -19.28
C ILE C 572 -9.50 -25.28 -20.79
N ARG C 573 -10.22 -24.31 -21.37
CA ARG C 573 -10.31 -24.21 -22.81
C ARG C 573 -9.60 -22.93 -23.17
N ALA C 574 -8.33 -23.00 -23.50
CA ALA C 574 -7.59 -21.79 -23.81
C ALA C 574 -7.50 -21.57 -25.31
N GLN C 575 -7.32 -20.32 -25.71
CA GLN C 575 -7.20 -19.98 -27.10
C GLN C 575 -5.87 -19.32 -27.39
N ALA C 576 -5.25 -19.72 -28.51
CA ALA C 576 -4.08 -19.06 -29.04
C ALA C 576 -4.53 -17.69 -29.51
N PRO C 577 -3.61 -16.70 -29.51
CA PRO C 577 -3.99 -15.34 -29.92
C PRO C 577 -4.52 -15.31 -31.35
N VAL C 578 -5.51 -14.44 -31.58
CA VAL C 578 -6.01 -14.21 -32.92
C VAL C 578 -5.05 -13.26 -33.62
N VAL C 579 -4.29 -12.52 -32.82
CA VAL C 579 -3.25 -11.64 -33.34
C VAL C 579 -1.97 -11.87 -32.55
N MET C 580 -1.02 -12.59 -33.13
CA MET C 580 0.20 -12.94 -32.41
C MET C 580 1.46 -12.45 -33.11
N THR C 581 2.61 -12.77 -32.54
CA THR C 581 3.88 -12.26 -33.04
C THR C 581 4.72 -13.36 -33.68
N GLY C 582 4.58 -14.59 -33.19
CA GLY C 582 5.31 -15.70 -33.75
C GLY C 582 6.17 -16.46 -32.76
N LEU C 583 6.40 -15.87 -31.60
CA LEU C 583 7.25 -16.50 -30.59
C LEU C 583 6.56 -17.64 -29.85
N GLU C 584 5.23 -17.56 -29.75
CA GLU C 584 4.42 -18.50 -28.97
C GLU C 584 4.82 -19.96 -29.11
N GLU C 585 4.90 -20.40 -30.37
CA GLU C 585 5.22 -21.78 -30.74
C GLU C 585 6.58 -22.21 -30.20
N ARG C 586 7.51 -21.26 -30.15
CA ARG C 586 8.84 -21.50 -29.62
C ARG C 586 8.80 -21.48 -28.09
N VAL C 587 7.92 -20.62 -27.57
CA VAL C 587 7.77 -20.45 -26.13
C VAL C 587 7.36 -21.76 -25.47
N VAL C 588 6.33 -22.40 -26.01
CA VAL C 588 5.84 -23.64 -25.42
C VAL C 588 6.87 -24.77 -25.43
N ARG C 589 7.66 -24.83 -26.50
CA ARG C 589 8.66 -25.90 -26.62
C ARG C 589 9.91 -25.66 -25.76
N ASP C 590 10.40 -24.43 -25.74
CA ASP C 590 11.60 -24.12 -24.95
C ASP C 590 11.32 -24.08 -23.44
N SER C 591 10.06 -23.87 -23.06
CA SER C 591 9.68 -23.73 -21.66
C SER C 591 9.36 -25.07 -21.02
N LEU C 592 9.49 -26.14 -21.80
CA LEU C 592 9.14 -27.49 -21.37
C LEU C 592 7.73 -27.59 -20.84
N ALA C 593 6.80 -26.99 -21.59
CA ALA C 593 5.39 -27.04 -21.25
C ALA C 593 4.78 -28.36 -21.71
N ALA C 594 4.67 -28.50 -23.02
CA ALA C 594 4.09 -29.68 -23.64
C ALA C 594 5.17 -30.71 -23.96
N LEU C 595 4.75 -31.82 -24.56
CA LEU C 595 5.67 -32.87 -24.99
C LEU C 595 5.65 -33.01 -26.51
N TYR C 596 6.84 -33.03 -27.11
CA TYR C 596 6.95 -33.17 -28.56
C TYR C 596 7.40 -34.59 -28.92
N ALA C 597 7.67 -34.81 -30.20
CA ALA C 597 8.15 -36.11 -30.67
C ALA C 597 9.67 -36.10 -30.77
N GLU C 598 10.29 -37.24 -30.49
CA GLU C 598 11.73 -37.33 -30.53
C GLU C 598 12.25 -37.86 -31.87
N GLU C 599 11.46 -38.71 -32.53
CA GLU C 599 11.86 -39.27 -33.82
C GLU C 599 10.67 -39.63 -34.72
N ASP C 600 10.89 -39.65 -36.03
CA ASP C 600 9.81 -39.85 -36.99
C ASP C 600 9.01 -41.14 -36.77
N GLY C 601 7.75 -41.11 -37.20
CA GLY C 601 6.93 -42.31 -37.14
C GLY C 601 5.43 -42.12 -36.95
N GLU C 602 4.77 -43.19 -36.54
CA GLU C 602 3.32 -43.25 -36.48
C GLU C 602 2.83 -43.27 -35.05
N VAL C 603 1.51 -43.19 -34.88
CA VAL C 603 0.91 -43.16 -33.56
C VAL C 603 0.52 -44.56 -33.11
N ALA C 604 0.82 -44.92 -31.86
CA ALA C 604 0.42 -46.23 -31.36
C ALA C 604 -0.82 -46.19 -30.47
N LYS C 605 -0.71 -45.51 -29.32
CA LYS C 605 -1.80 -45.49 -28.35
C LYS C 605 -2.05 -44.13 -27.70
N VAL C 606 -2.94 -43.34 -28.28
CA VAL C 606 -3.32 -42.05 -27.69
C VAL C 606 -4.25 -42.26 -26.51
N ASP C 607 -3.66 -42.40 -25.33
CA ASP C 607 -4.43 -42.55 -24.10
C ASP C 607 -4.45 -41.21 -23.39
N GLY C 608 -5.36 -41.07 -22.43
CA GLY C 608 -5.40 -39.89 -21.58
C GLY C 608 -4.38 -40.03 -20.47
N ASN C 609 -3.62 -41.11 -20.52
CA ASN C 609 -2.51 -41.31 -19.59
C ASN C 609 -1.19 -41.56 -20.29
N ARG C 610 -1.24 -41.83 -21.59
CA ARG C 610 -0.02 -42.14 -22.33
C ARG C 610 -0.16 -41.95 -23.84
N ILE C 611 0.99 -41.73 -24.48
CA ILE C 611 1.06 -41.76 -25.93
C ILE C 611 2.28 -42.58 -26.33
N VAL C 612 2.05 -43.71 -26.99
CA VAL C 612 3.14 -44.55 -27.46
C VAL C 612 3.50 -44.20 -28.91
N VAL C 613 4.79 -44.21 -29.22
CA VAL C 613 5.27 -43.69 -30.50
C VAL C 613 6.00 -44.73 -31.35
N ARG C 614 5.65 -44.78 -32.64
CA ARG C 614 6.26 -45.72 -33.57
C ARG C 614 7.54 -45.15 -34.18
N TYR C 615 8.66 -45.40 -33.53
CA TYR C 615 9.95 -45.04 -34.10
C TYR C 615 10.30 -46.08 -35.16
N GLU C 616 10.78 -45.61 -36.31
CA GLU C 616 11.13 -46.51 -37.41
C GLU C 616 12.25 -47.47 -37.05
N ASP C 617 12.93 -47.21 -35.94
CA ASP C 617 14.01 -48.08 -35.47
C ASP C 617 13.50 -49.11 -34.48
N GLY C 618 12.34 -49.69 -34.76
CA GLY C 618 11.79 -50.78 -33.95
C GLY C 618 11.57 -50.43 -32.50
N ARG C 619 11.42 -49.15 -32.21
CA ARG C 619 11.28 -48.71 -30.82
C ARG C 619 10.01 -47.93 -30.53
N LEU C 620 9.26 -48.41 -29.55
CA LEU C 620 8.16 -47.62 -29.01
C LEU C 620 8.46 -47.17 -27.58
N VAL C 621 8.73 -45.88 -27.44
CA VAL C 621 9.12 -45.27 -26.18
C VAL C 621 7.91 -44.70 -25.45
N GLU C 622 7.87 -44.89 -24.13
CA GLU C 622 6.71 -44.50 -23.32
C GLU C 622 6.66 -43.04 -22.85
N TYR C 623 5.51 -42.41 -23.06
CA TYR C 623 5.28 -41.02 -22.66
C TYR C 623 4.11 -40.94 -21.68
N PRO C 624 4.34 -40.34 -20.50
CA PRO C 624 3.22 -40.07 -19.61
C PRO C 624 2.52 -38.76 -19.96
N LEU C 625 1.20 -38.78 -19.98
CA LEU C 625 0.43 -37.55 -20.02
C LEU C 625 -0.14 -37.33 -18.62
N ARG C 626 0.30 -36.25 -17.99
CA ARG C 626 0.04 -35.97 -16.59
C ARG C 626 -1.06 -34.93 -16.42
N ARG C 627 -2.21 -35.39 -15.92
CA ARG C 627 -3.41 -34.56 -15.88
C ARG C 627 -3.42 -33.45 -14.84
N PHE C 628 -3.34 -33.77 -13.55
CA PHE C 628 -3.48 -32.73 -12.54
C PHE C 628 -2.35 -32.61 -11.52
N TYR C 629 -1.33 -31.86 -11.89
CA TYR C 629 -0.16 -31.65 -11.04
C TYR C 629 -0.14 -30.21 -10.52
N ARG C 630 -0.38 -30.07 -9.22
CA ARG C 630 -0.43 -28.76 -8.56
C ARG C 630 0.80 -27.92 -8.81
N SER C 631 0.59 -26.76 -9.43
CA SER C 631 1.68 -25.84 -9.68
C SER C 631 2.17 -25.26 -8.37
N ASN C 632 3.36 -24.67 -8.41
CA ASN C 632 3.95 -24.07 -7.22
C ASN C 632 3.11 -22.92 -6.70
N GLN C 633 2.32 -22.34 -7.60
CA GLN C 633 1.53 -21.15 -7.30
C GLN C 633 0.13 -21.47 -6.79
N GLY C 634 -0.51 -22.47 -7.37
CA GLY C 634 -1.86 -22.83 -6.99
C GLY C 634 -2.70 -23.25 -8.18
N THR C 635 -2.24 -22.91 -9.38
CA THR C 635 -2.91 -23.34 -10.61
C THR C 635 -2.69 -24.84 -10.84
N ALA C 636 -3.08 -25.31 -12.02
CA ALA C 636 -2.92 -26.74 -12.35
C ALA C 636 -2.22 -26.93 -13.70
N LEU C 637 -1.39 -27.97 -13.78
CA LEU C 637 -0.67 -28.26 -15.02
C LEU C 637 -1.21 -29.51 -15.68
N ASP C 638 -1.86 -29.35 -16.84
CA ASP C 638 -2.42 -30.49 -17.54
C ASP C 638 -1.86 -30.70 -18.95
N GLN C 639 -1.65 -31.96 -19.31
CA GLN C 639 -1.29 -32.33 -20.67
C GLN C 639 -2.41 -33.15 -21.30
N ARG C 640 -2.88 -32.70 -22.45
CA ARG C 640 -3.97 -33.34 -23.16
C ARG C 640 -3.54 -33.67 -24.57
N PRO C 641 -3.78 -34.91 -25.01
CA PRO C 641 -3.33 -35.42 -26.31
C PRO C 641 -3.92 -34.66 -27.49
N ARG C 642 -3.22 -34.66 -28.63
CA ARG C 642 -3.62 -33.83 -29.75
C ARG C 642 -3.63 -34.55 -31.10
N VAL C 643 -3.08 -35.75 -31.12
CA VAL C 643 -3.13 -36.59 -32.30
C VAL C 643 -4.01 -37.81 -31.99
N VAL C 644 -4.59 -38.41 -33.02
CA VAL C 644 -5.47 -39.56 -32.87
C VAL C 644 -4.69 -40.84 -33.18
N VAL C 645 -5.14 -41.97 -32.64
CA VAL C 645 -4.53 -43.28 -32.87
C VAL C 645 -4.50 -43.64 -34.36
N GLY C 646 -3.31 -43.96 -34.87
CA GLY C 646 -3.16 -44.35 -36.26
C GLY C 646 -2.86 -43.17 -37.18
N GLN C 647 -1.84 -42.40 -36.83
CA GLN C 647 -1.46 -41.23 -37.62
C GLN C 647 0.07 -41.08 -37.62
N ARG C 648 0.61 -40.54 -38.71
CA ARG C 648 2.05 -40.37 -38.85
C ARG C 648 2.52 -38.99 -38.40
N VAL C 649 3.39 -39.00 -37.40
CA VAL C 649 3.94 -37.77 -36.83
C VAL C 649 5.38 -37.58 -37.32
N ARG C 650 5.97 -36.43 -37.02
CA ARG C 650 7.37 -36.17 -37.39
C ARG C 650 8.21 -35.83 -36.18
N LYS C 651 9.52 -35.96 -36.31
CA LYS C 651 10.46 -35.61 -35.26
C LYS C 651 10.39 -34.12 -34.93
N GLY C 652 9.98 -33.80 -33.71
CA GLY C 652 9.86 -32.42 -33.28
C GLY C 652 8.44 -31.91 -33.39
N ASP C 653 7.50 -32.81 -33.69
CA ASP C 653 6.09 -32.46 -33.77
C ASP C 653 5.41 -32.80 -32.44
N LEU C 654 4.49 -31.94 -32.03
CA LEU C 654 3.80 -32.10 -30.76
C LEU C 654 3.03 -33.41 -30.71
N LEU C 655 2.75 -33.84 -29.49
CA LEU C 655 1.92 -35.02 -29.26
C LEU C 655 0.81 -34.67 -28.29
N ALA C 656 1.08 -33.67 -27.45
CA ALA C 656 0.09 -33.17 -26.51
C ALA C 656 0.26 -31.67 -26.29
N ASP C 657 -0.62 -31.09 -25.48
CA ASP C 657 -0.56 -29.66 -25.18
C ASP C 657 -0.15 -29.40 -23.74
N GLY C 658 0.57 -28.31 -23.53
CA GLY C 658 0.95 -27.89 -22.21
C GLY C 658 -0.20 -27.16 -21.53
N PRO C 659 -0.04 -26.85 -20.24
CA PRO C 659 -1.04 -26.13 -19.44
C PRO C 659 -1.48 -24.83 -20.08
N ALA C 660 -0.66 -24.28 -20.98
CA ALA C 660 -0.99 -23.03 -21.65
C ALA C 660 -0.73 -23.12 -23.16
N SER C 661 -1.23 -24.17 -23.78
CA SER C 661 -1.00 -24.35 -25.22
C SER C 661 -2.21 -24.93 -25.96
N GLU C 662 -2.48 -24.36 -27.12
CA GLU C 662 -3.55 -24.84 -28.00
C GLU C 662 -2.93 -25.26 -29.32
N ASN C 663 -2.79 -26.57 -29.51
CA ASN C 663 -2.19 -27.10 -30.74
C ASN C 663 -0.76 -26.61 -30.98
N GLY C 664 -0.05 -26.30 -29.90
CA GLY C 664 1.36 -25.95 -29.98
C GLY C 664 1.68 -24.46 -29.97
N PHE C 665 0.67 -23.64 -29.76
CA PHE C 665 0.86 -22.19 -29.62
C PHE C 665 0.65 -21.81 -28.17
N LEU C 666 1.15 -20.63 -27.77
CA LEU C 666 0.97 -20.16 -26.39
C LEU C 666 -0.44 -19.65 -26.18
N ALA C 667 -1.23 -20.37 -25.40
CA ALA C 667 -2.61 -19.95 -25.15
C ALA C 667 -2.81 -19.47 -23.72
N LEU C 668 -2.65 -18.17 -23.51
CA LEU C 668 -2.79 -17.61 -22.17
C LEU C 668 -4.05 -16.79 -22.03
N GLY C 669 -5.20 -17.36 -22.36
CA GLY C 669 -6.45 -16.64 -22.25
C GLY C 669 -7.47 -16.99 -23.30
N GLN C 670 -8.24 -15.99 -23.73
CA GLN C 670 -9.35 -16.19 -24.67
C GLN C 670 -9.38 -15.18 -25.81
N ASN C 671 -10.08 -15.55 -26.88
CA ASN C 671 -10.42 -14.60 -27.95
C ASN C 671 -11.89 -14.25 -27.92
N VAL C 672 -12.23 -13.18 -27.21
CA VAL C 672 -13.61 -12.77 -27.04
C VAL C 672 -13.97 -11.57 -27.92
N LEU C 673 -15.19 -11.55 -28.43
CA LEU C 673 -15.68 -10.44 -29.23
C LEU C 673 -15.99 -9.24 -28.34
N VAL C 674 -15.06 -8.28 -28.33
CA VAL C 674 -15.15 -7.10 -27.46
C VAL C 674 -15.62 -5.86 -28.21
N ALA C 675 -16.57 -5.14 -27.61
CA ALA C 675 -17.01 -3.83 -28.11
C ALA C 675 -16.53 -2.76 -27.15
N ILE C 676 -15.72 -1.83 -27.66
CA ILE C 676 -15.17 -0.78 -26.82
C ILE C 676 -16.06 0.46 -26.86
N MET C 677 -16.72 0.71 -25.73
CA MET C 677 -17.73 1.75 -25.61
C MET C 677 -18.08 1.94 -24.14
N PRO C 678 -18.56 3.14 -23.76
CA PRO C 678 -18.99 3.35 -22.39
C PRO C 678 -20.32 2.62 -22.14
N PHE C 679 -20.51 2.06 -20.96
CA PHE C 679 -21.75 1.36 -20.66
C PHE C 679 -22.20 1.58 -19.23
N ASP C 680 -23.41 2.11 -19.10
CA ASP C 680 -23.92 2.68 -17.86
C ASP C 680 -22.81 3.28 -17.01
N GLY C 681 -22.59 2.67 -15.85
CA GLY C 681 -21.47 3.04 -15.02
C GLY C 681 -20.63 1.79 -14.84
N TYR C 682 -21.07 0.71 -15.45
CA TYR C 682 -20.44 -0.58 -15.23
C TYR C 682 -19.00 -0.66 -15.72
N ASN C 683 -18.61 0.22 -16.64
CA ASN C 683 -17.20 0.26 -17.04
C ASN C 683 -16.49 1.51 -16.56
N PHE C 684 -16.98 2.09 -15.47
CA PHE C 684 -16.33 3.22 -14.84
C PHE C 684 -14.89 2.86 -14.47
N GLU C 685 -13.98 3.82 -14.57
CA GLU C 685 -12.55 3.58 -14.43
C GLU C 685 -12.07 2.52 -15.42
N ASP C 686 -11.62 1.39 -14.91
CA ASP C 686 -11.14 0.32 -15.76
C ASP C 686 -11.92 -0.95 -15.50
N ALA C 687 -13.01 -0.82 -14.76
CA ALA C 687 -13.86 -1.97 -14.50
C ALA C 687 -14.44 -2.44 -15.81
N ILE C 688 -14.69 -3.74 -15.90
CA ILE C 688 -15.02 -4.36 -17.18
C ILE C 688 -16.35 -5.11 -17.14
N VAL C 689 -17.29 -4.68 -17.98
CA VAL C 689 -18.54 -5.38 -18.20
C VAL C 689 -18.27 -6.67 -18.96
N ILE C 690 -19.06 -7.70 -18.70
CA ILE C 690 -18.85 -9.00 -19.36
C ILE C 690 -20.15 -9.73 -19.73
N SER C 691 -20.14 -10.44 -20.85
CA SER C 691 -21.27 -11.24 -21.28
C SER C 691 -21.46 -12.43 -20.35
N GLU C 692 -22.71 -12.75 -20.05
CA GLU C 692 -23.04 -13.95 -19.31
C GLU C 692 -22.73 -15.18 -20.16
N GLU C 693 -22.71 -14.97 -21.47
CA GLU C 693 -22.48 -16.02 -22.45
C GLU C 693 -21.17 -16.76 -22.21
N LEU C 694 -20.15 -16.00 -21.84
CA LEU C 694 -18.82 -16.55 -21.58
C LEU C 694 -18.86 -17.54 -20.42
N LEU C 695 -19.80 -17.34 -19.51
CA LEU C 695 -20.00 -18.25 -18.41
C LEU C 695 -20.76 -19.49 -18.85
N LYS C 696 -21.66 -19.30 -19.80
CA LYS C 696 -22.50 -20.40 -20.27
C LYS C 696 -21.66 -21.46 -20.97
N ARG C 697 -20.62 -21.01 -21.65
CA ARG C 697 -19.73 -21.93 -22.35
C ARG C 697 -18.36 -21.99 -21.69
N ASP C 698 -18.37 -21.85 -20.36
CA ASP C 698 -17.18 -21.89 -19.48
C ASP C 698 -15.88 -21.40 -20.10
N PHE C 699 -15.89 -20.16 -20.58
CA PHE C 699 -14.72 -19.62 -21.26
C PHE C 699 -13.58 -19.33 -20.31
N TYR C 700 -13.88 -18.73 -19.18
CA TYR C 700 -12.85 -18.48 -18.17
C TYR C 700 -13.08 -19.35 -16.95
N THR C 701 -12.31 -20.43 -16.86
CA THR C 701 -12.44 -21.36 -15.75
C THR C 701 -11.09 -21.97 -15.41
N SER C 702 -10.73 -21.92 -14.14
CA SER C 702 -9.44 -22.47 -13.71
C SER C 702 -9.61 -23.71 -12.85
N ILE C 703 -8.51 -24.17 -12.28
CA ILE C 703 -8.50 -25.33 -11.40
C ILE C 703 -7.42 -25.23 -10.33
N HIS C 704 -7.83 -24.76 -9.16
CA HIS C 704 -6.90 -24.56 -8.04
C HIS C 704 -6.91 -25.74 -7.06
N ILE C 705 -5.75 -26.05 -6.51
CA ILE C 705 -5.60 -27.16 -5.58
C ILE C 705 -4.95 -26.69 -4.28
N GLU C 706 -5.77 -26.43 -3.27
CA GLU C 706 -5.27 -25.93 -1.99
C GLU C 706 -4.81 -27.09 -1.11
N ARG C 707 -3.53 -27.12 -0.78
CA ARG C 707 -2.97 -28.22 0.00
C ARG C 707 -3.02 -27.97 1.50
N TYR C 708 -3.84 -28.73 2.20
CA TYR C 708 -3.93 -28.65 3.65
C TYR C 708 -3.01 -29.68 4.30
N GLU C 709 -2.81 -29.57 5.60
CA GLU C 709 -1.90 -30.46 6.31
C GLU C 709 -2.10 -30.49 7.82
N ILE C 710 -1.51 -31.50 8.46
CA ILE C 710 -1.52 -31.64 9.91
C ILE C 710 -0.39 -32.57 10.35
N GLU C 711 0.09 -32.36 11.57
CA GLU C 711 1.19 -33.18 12.10
C GLU C 711 0.77 -33.92 13.37
N ALA C 712 1.33 -35.10 13.58
CA ALA C 712 1.00 -35.95 14.73
C ALA C 712 2.15 -36.02 15.74
N ARG C 713 2.42 -34.88 16.37
CA ARG C 713 3.50 -34.75 17.35
C ARG C 713 3.23 -35.59 18.58
N ASP C 714 4.25 -36.29 19.05
CA ASP C 714 4.12 -37.19 20.19
C ASP C 714 4.39 -36.44 21.50
N THR C 715 3.41 -35.67 21.97
CA THR C 715 3.54 -34.93 23.22
C THR C 715 3.57 -35.90 24.40
N LYS C 716 4.18 -35.46 25.50
CA LYS C 716 4.37 -36.32 26.66
C LYS C 716 3.17 -36.38 27.59
N LEU C 717 2.48 -35.25 27.75
CA LEU C 717 1.25 -35.22 28.54
C LEU C 717 0.22 -36.16 27.93
N GLY C 718 0.28 -36.32 26.61
CA GLY C 718 -0.62 -37.20 25.90
C GLY C 718 -0.27 -37.32 24.43
N PRO C 719 0.18 -38.50 24.01
CA PRO C 719 0.57 -38.83 22.64
C PRO C 719 -0.56 -38.59 21.64
N GLU C 720 -0.40 -37.58 20.80
CA GLU C 720 -1.38 -37.29 19.77
C GLU C 720 -1.34 -38.40 18.73
N ARG C 721 -2.50 -38.73 18.15
CA ARG C 721 -2.58 -39.79 17.17
C ARG C 721 -3.79 -39.64 16.26
N ILE C 722 -3.63 -40.00 14.99
CA ILE C 722 -4.71 -39.88 14.02
C ILE C 722 -5.61 -41.12 13.98
N THR C 723 -6.90 -40.90 14.22
CA THR C 723 -7.89 -41.97 14.19
C THR C 723 -9.20 -41.50 13.57
N ARG C 724 -9.97 -42.43 13.00
CA ARG C 724 -11.28 -42.11 12.43
C ARG C 724 -12.32 -42.00 13.54
N ASP C 725 -11.98 -41.21 14.54
CA ASP C 725 -12.80 -41.08 15.74
C ASP C 725 -12.84 -39.64 16.22
N ILE C 726 -14.02 -39.06 16.18
CA ILE C 726 -14.21 -37.70 16.69
C ILE C 726 -15.12 -37.73 17.93
N PRO C 727 -14.50 -37.68 19.11
CA PRO C 727 -15.01 -37.99 20.45
C PRO C 727 -16.40 -37.50 20.85
N HIS C 728 -16.92 -36.41 20.30
CA HIS C 728 -18.08 -35.82 20.97
C HIS C 728 -19.49 -35.87 20.37
N LEU C 729 -19.64 -35.78 19.06
CA LEU C 729 -21.01 -35.58 18.56
C LEU C 729 -21.58 -36.51 17.47
N SER C 730 -21.39 -36.19 16.19
CA SER C 730 -22.21 -36.82 15.15
C SER C 730 -21.54 -37.79 14.18
N GLU C 731 -22.32 -38.76 13.73
CA GLU C 731 -21.90 -39.72 12.70
C GLU C 731 -22.05 -39.08 11.33
N ALA C 732 -22.87 -38.04 11.26
CA ALA C 732 -23.14 -37.35 10.02
C ALA C 732 -21.89 -36.66 9.49
N ALA C 733 -21.03 -36.22 10.39
CA ALA C 733 -19.80 -35.53 10.01
C ALA C 733 -18.73 -36.51 9.55
N LEU C 734 -18.94 -37.80 9.83
CA LEU C 734 -17.95 -38.84 9.54
C LEU C 734 -18.31 -39.63 8.29
N ARG C 735 -19.41 -39.24 7.64
CA ARG C 735 -19.88 -39.91 6.42
C ARG C 735 -18.83 -39.83 5.31
N ASP C 736 -17.96 -38.84 5.40
CA ASP C 736 -16.86 -38.68 4.46
C ASP C 736 -15.63 -39.47 4.90
N LEU C 737 -15.40 -39.55 6.21
CA LEU C 737 -14.25 -40.28 6.74
C LEU C 737 -14.26 -41.76 6.36
N ASP C 738 -13.53 -42.09 5.30
CA ASP C 738 -13.48 -43.44 4.75
C ASP C 738 -12.42 -44.28 5.44
N GLU C 739 -11.16 -43.95 5.17
CA GLU C 739 -10.03 -44.65 5.78
C GLU C 739 -10.05 -44.42 7.29
N GLU C 740 -9.21 -45.17 8.00
CA GLU C 740 -9.12 -45.05 9.45
C GLU C 740 -8.29 -43.82 9.82
N GLY C 741 -8.93 -42.66 9.83
CA GLY C 741 -8.26 -41.41 10.10
C GLY C 741 -8.31 -40.43 8.93
N VAL C 742 -8.25 -40.98 7.72
CA VAL C 742 -8.24 -40.19 6.50
C VAL C 742 -9.62 -40.09 5.87
N VAL C 743 -9.94 -38.91 5.34
CA VAL C 743 -11.19 -38.67 4.62
C VAL C 743 -11.10 -39.31 3.23
N ARG C 744 -12.23 -39.65 2.63
CA ARG C 744 -12.21 -40.32 1.33
C ARG C 744 -11.77 -39.39 0.22
N ILE C 745 -11.31 -39.99 -0.88
CA ILE C 745 -10.95 -39.24 -2.07
C ILE C 745 -12.17 -39.14 -2.96
N GLY C 746 -12.40 -37.95 -3.52
CA GLY C 746 -13.54 -37.74 -4.39
C GLY C 746 -14.75 -37.20 -3.64
N ALA C 747 -14.54 -36.84 -2.38
CA ALA C 747 -15.61 -36.30 -1.55
C ALA C 747 -15.70 -34.78 -1.63
N GLU C 748 -16.81 -34.23 -1.15
CA GLU C 748 -17.03 -32.79 -1.17
C GLU C 748 -16.88 -32.20 0.23
N VAL C 749 -15.88 -31.36 0.42
CA VAL C 749 -15.66 -30.73 1.71
C VAL C 749 -16.01 -29.25 1.66
N LYS C 750 -16.65 -28.76 2.72
CA LYS C 750 -17.10 -27.38 2.76
C LYS C 750 -16.55 -26.69 3.99
N PRO C 751 -16.58 -25.35 4.02
CA PRO C 751 -16.13 -24.63 5.21
C PRO C 751 -16.71 -25.17 6.52
N GLY C 752 -15.85 -25.81 7.31
CA GLY C 752 -16.26 -26.40 8.57
C GLY C 752 -16.29 -27.91 8.55
N ASP C 753 -16.17 -28.49 7.35
CA ASP C 753 -16.17 -29.93 7.17
C ASP C 753 -14.91 -30.53 7.79
N ILE C 754 -15.03 -31.73 8.32
CA ILE C 754 -13.90 -32.39 8.95
C ILE C 754 -13.06 -33.14 7.93
N LEU C 755 -11.80 -32.73 7.82
CA LEU C 755 -10.90 -33.28 6.83
C LEU C 755 -10.11 -34.44 7.40
N VAL C 756 -9.47 -34.21 8.55
CA VAL C 756 -8.70 -35.23 9.25
C VAL C 756 -9.23 -35.36 10.66
N GLY C 757 -9.20 -36.57 11.23
CA GLY C 757 -9.64 -36.77 12.59
C GLY C 757 -8.53 -37.22 13.52
N ARG C 758 -8.35 -36.49 14.62
CA ARG C 758 -7.35 -36.82 15.61
C ARG C 758 -7.52 -35.96 16.86
N THR C 759 -7.01 -36.43 17.99
CA THR C 759 -7.19 -35.69 19.24
C THR C 759 -5.93 -35.66 20.10
N SER C 760 -5.95 -34.77 21.08
CA SER C 760 -4.88 -34.68 22.06
C SER C 760 -5.45 -34.30 23.42
N PHE C 761 -4.62 -34.45 24.45
CA PHE C 761 -5.06 -34.26 25.84
C PHE C 761 -5.10 -32.77 26.21
N VAL C 785 -11.09 -36.90 25.84
CA VAL C 785 -10.02 -36.26 25.08
C VAL C 785 -10.58 -35.35 23.98
N LYS C 786 -10.41 -34.03 24.16
CA LYS C 786 -10.99 -33.03 23.27
C LYS C 786 -10.57 -33.16 21.80
N ASP C 787 -11.44 -32.73 20.90
CA ASP C 787 -11.18 -32.81 19.46
C ASP C 787 -10.26 -31.71 18.95
N THR C 788 -9.09 -32.10 18.47
CA THR C 788 -8.14 -31.16 17.88
C THR C 788 -7.87 -31.53 16.43
N SER C 789 -8.92 -31.92 15.73
CA SER C 789 -8.80 -32.42 14.36
C SER C 789 -8.49 -31.30 13.37
N LEU C 790 -8.44 -31.66 12.09
CA LEU C 790 -8.25 -30.67 11.04
C LEU C 790 -9.51 -30.50 10.21
N ARG C 791 -10.09 -29.30 10.25
CA ARG C 791 -11.28 -29.00 9.47
C ARG C 791 -10.99 -27.98 8.38
N VAL C 792 -11.92 -27.87 7.44
CA VAL C 792 -11.80 -26.92 6.33
C VAL C 792 -12.11 -25.49 6.79
N PRO C 793 -11.10 -24.61 6.71
CA PRO C 793 -11.12 -23.19 7.06
C PRO C 793 -12.30 -22.43 6.42
N PRO C 794 -12.58 -21.19 6.88
CA PRO C 794 -13.78 -20.50 6.41
C PRO C 794 -13.78 -20.17 4.92
N GLY C 795 -12.62 -20.30 4.27
CA GLY C 795 -12.51 -20.00 2.86
C GLY C 795 -13.39 -20.91 2.04
N GLU C 796 -12.85 -22.07 1.67
CA GLU C 796 -13.59 -23.06 0.91
C GLU C 796 -12.81 -24.36 0.80
N GLY C 797 -13.52 -25.47 0.70
CA GLY C 797 -12.93 -26.75 0.42
C GLY C 797 -13.05 -27.08 -1.06
N GLY C 798 -13.97 -27.98 -1.39
CA GLY C 798 -14.16 -28.39 -2.78
C GLY C 798 -14.23 -29.89 -2.92
N ILE C 799 -13.42 -30.44 -3.82
CA ILE C 799 -13.40 -31.89 -4.05
C ILE C 799 -11.99 -32.45 -3.92
N VAL C 800 -11.83 -33.44 -3.04
CA VAL C 800 -10.54 -34.06 -2.78
C VAL C 800 -10.07 -34.93 -3.94
N VAL C 801 -8.82 -34.76 -4.35
CA VAL C 801 -8.29 -35.50 -5.50
C VAL C 801 -7.11 -36.41 -5.16
N ARG C 802 -6.45 -36.16 -4.04
CA ARG C 802 -5.32 -36.98 -3.61
C ARG C 802 -5.02 -36.84 -2.12
N THR C 803 -4.63 -37.95 -1.49
CA THR C 803 -4.30 -37.94 -0.06
C THR C 803 -3.00 -38.68 0.26
N VAL C 804 -1.99 -37.92 0.66
CA VAL C 804 -0.69 -38.47 1.00
C VAL C 804 -0.54 -38.61 2.51
N ARG C 805 0.09 -39.69 2.95
CA ARG C 805 0.35 -39.93 4.37
C ARG C 805 1.76 -40.46 4.57
N LEU C 806 2.51 -39.79 5.45
CA LEU C 806 3.90 -40.18 5.74
C LEU C 806 4.02 -40.76 7.14
N ARG C 807 3.79 -42.07 7.28
CA ARG C 807 3.78 -42.73 8.59
C ARG C 807 5.14 -42.75 9.28
N ARG C 808 5.19 -43.36 10.47
CA ARG C 808 6.44 -43.54 11.20
C ARG C 808 7.37 -44.48 10.43
N GLY C 809 6.82 -45.58 9.94
CA GLY C 809 7.55 -46.51 9.10
C GLY C 809 7.76 -45.94 7.70
N ASP C 810 8.45 -44.81 7.66
CA ASP C 810 8.67 -44.07 6.42
C ASP C 810 9.92 -44.54 5.68
N PRO C 811 9.73 -45.09 4.47
CA PRO C 811 10.83 -45.55 3.61
C PRO C 811 11.75 -44.42 3.19
N GLY C 812 12.47 -43.84 4.15
CA GLY C 812 13.44 -42.79 3.89
C GLY C 812 12.84 -41.42 3.64
N VAL C 813 12.39 -40.75 4.71
CA VAL C 813 11.89 -39.37 4.63
C VAL C 813 12.51 -38.54 5.75
N GLU C 814 12.29 -37.22 5.73
CA GLU C 814 12.75 -36.36 6.81
C GLU C 814 11.89 -36.49 8.06
N LEU C 815 10.69 -35.92 7.99
CA LEU C 815 9.77 -35.81 9.13
C LEU C 815 10.31 -34.87 10.19
N LYS C 816 9.50 -33.89 10.56
CA LYS C 816 9.89 -32.88 11.53
C LYS C 816 10.04 -33.49 12.93
N PRO C 817 10.86 -32.84 13.78
CA PRO C 817 11.08 -33.29 15.15
C PRO C 817 9.76 -33.44 15.92
N GLY C 818 9.65 -34.50 16.71
CA GLY C 818 8.51 -34.71 17.58
C GLY C 818 7.30 -35.31 16.87
N VAL C 819 7.17 -34.99 15.59
CA VAL C 819 6.05 -35.46 14.79
C VAL C 819 6.23 -36.94 14.48
N ARG C 820 5.12 -37.67 14.43
CA ARG C 820 5.15 -39.08 14.13
C ARG C 820 4.73 -39.35 12.68
N GLU C 821 3.70 -38.64 12.22
CA GLU C 821 3.24 -38.76 10.84
C GLU C 821 2.44 -37.54 10.38
N VAL C 822 2.65 -37.15 9.12
CA VAL C 822 1.94 -36.00 8.56
C VAL C 822 0.81 -36.45 7.64
N VAL C 823 -0.25 -35.64 7.55
CA VAL C 823 -1.34 -35.93 6.65
C VAL C 823 -1.64 -34.71 5.78
N ARG C 824 -1.27 -34.80 4.50
CA ARG C 824 -1.51 -33.72 3.56
C ARG C 824 -2.65 -34.08 2.61
N VAL C 825 -3.50 -33.10 2.33
CA VAL C 825 -4.66 -33.30 1.47
C VAL C 825 -4.65 -32.34 0.30
N TYR C 826 -4.95 -32.87 -0.90
CA TYR C 826 -5.05 -32.07 -2.10
C TYR C 826 -6.51 -31.84 -2.47
N VAL C 827 -7.05 -30.71 -2.02
CA VAL C 827 -8.43 -30.35 -2.32
C VAL C 827 -8.49 -29.43 -3.52
N ALA C 828 -8.96 -29.98 -4.64
CA ALA C 828 -9.07 -29.18 -5.85
C ALA C 828 -10.45 -28.56 -5.97
N GLN C 829 -10.56 -27.53 -6.79
CA GLN C 829 -11.85 -26.90 -7.09
C GLN C 829 -11.76 -26.06 -8.36
N LYS C 830 -12.78 -26.12 -9.19
CA LYS C 830 -12.81 -25.28 -10.39
C LYS C 830 -13.66 -24.04 -10.16
N ARG C 831 -13.08 -22.89 -10.47
CA ARG C 831 -13.75 -21.61 -10.25
C ARG C 831 -13.98 -20.88 -11.57
N LYS C 832 -15.20 -20.38 -11.74
CA LYS C 832 -15.58 -19.67 -12.95
C LYS C 832 -15.37 -18.17 -12.79
N LEU C 833 -15.36 -17.47 -13.92
CA LEU C 833 -15.21 -16.03 -13.93
C LEU C 833 -16.42 -15.39 -13.26
N GLN C 834 -16.18 -14.74 -12.13
CA GLN C 834 -17.26 -14.08 -11.41
C GLN C 834 -16.96 -12.61 -11.22
N VAL C 835 -17.97 -11.86 -10.78
CA VAL C 835 -17.82 -10.45 -10.54
C VAL C 835 -16.75 -10.20 -9.48
N GLY C 836 -15.66 -9.59 -9.88
CA GLY C 836 -14.58 -9.27 -8.97
C GLY C 836 -13.23 -9.77 -9.43
N ASP C 837 -13.25 -10.74 -10.36
CA ASP C 837 -12.00 -11.26 -10.89
C ASP C 837 -11.29 -10.21 -11.71
N LYS C 838 -9.97 -10.32 -11.79
CA LYS C 838 -9.13 -9.35 -12.48
C LYS C 838 -8.91 -9.72 -13.95
N LEU C 839 -9.23 -8.82 -14.87
CA LEU C 839 -9.03 -9.08 -16.30
C LEU C 839 -8.07 -8.10 -16.95
N ALA C 840 -7.30 -8.59 -17.91
CA ALA C 840 -6.37 -7.73 -18.64
C ALA C 840 -5.95 -8.33 -19.98
N ASN C 841 -5.20 -7.56 -20.76
CA ASN C 841 -4.79 -8.00 -22.07
C ASN C 841 -3.28 -8.10 -22.21
N ARG C 842 -2.80 -8.08 -23.45
CA ARG C 842 -1.38 -8.05 -23.71
C ARG C 842 -0.90 -6.61 -23.83
N HIS C 843 -1.80 -5.71 -24.22
CA HIS C 843 -1.45 -4.31 -24.38
C HIS C 843 -1.36 -3.59 -23.04
N GLY C 844 -1.90 -4.20 -22.00
CA GLY C 844 -1.66 -3.74 -20.64
C GLY C 844 -2.82 -3.18 -19.83
N ASN C 845 -4.04 -3.30 -20.33
CA ASN C 845 -5.18 -2.74 -19.62
C ASN C 845 -5.69 -3.63 -18.50
N LYS C 846 -5.31 -3.34 -17.26
CA LYS C 846 -5.85 -4.11 -16.15
C LYS C 846 -7.25 -3.61 -15.83
N GLY C 847 -8.01 -4.43 -15.12
CA GLY C 847 -9.36 -4.05 -14.75
C GLY C 847 -10.21 -5.20 -14.22
N VAL C 848 -10.93 -4.93 -13.15
CA VAL C 848 -11.80 -5.91 -12.53
C VAL C 848 -13.07 -6.07 -13.36
N VAL C 849 -13.78 -7.18 -13.17
CA VAL C 849 -15.11 -7.35 -13.74
C VAL C 849 -16.12 -6.65 -12.84
N ALA C 850 -17.06 -5.95 -13.45
CA ALA C 850 -18.06 -5.22 -12.68
C ALA C 850 -19.42 -5.93 -12.66
N LYS C 851 -20.00 -6.13 -13.84
CA LYS C 851 -21.31 -6.78 -13.91
C LYS C 851 -21.39 -7.77 -15.06
N ILE C 852 -22.08 -8.88 -14.83
CA ILE C 852 -22.25 -9.87 -15.87
C ILE C 852 -23.66 -9.80 -16.43
N LEU C 853 -23.87 -8.83 -17.31
CA LEU C 853 -25.16 -8.65 -17.98
C LEU C 853 -25.52 -9.90 -18.77
N PRO C 854 -26.75 -10.41 -18.57
CA PRO C 854 -27.24 -11.56 -19.33
C PRO C 854 -27.22 -11.29 -20.83
N VAL C 855 -27.39 -12.35 -21.62
CA VAL C 855 -27.23 -12.28 -23.07
C VAL C 855 -28.16 -11.26 -23.70
N GLU C 856 -29.33 -11.12 -23.10
CA GLU C 856 -30.39 -10.28 -23.68
C GLU C 856 -30.02 -8.81 -23.78
N ASP C 857 -29.76 -8.18 -22.63
CA ASP C 857 -29.54 -6.74 -22.56
C ASP C 857 -28.10 -6.36 -22.84
N MET C 858 -27.51 -7.01 -23.84
CA MET C 858 -26.12 -6.74 -24.20
C MET C 858 -26.05 -6.23 -25.63
N PRO C 859 -25.16 -5.27 -25.87
CA PRO C 859 -24.88 -4.74 -27.20
C PRO C 859 -24.67 -5.84 -28.23
N HIS C 860 -25.50 -5.83 -29.27
CA HIS C 860 -25.43 -6.85 -30.30
C HIS C 860 -25.46 -6.23 -31.70
N LEU C 861 -24.72 -6.84 -32.62
CA LEU C 861 -24.63 -6.39 -34.01
C LEU C 861 -25.99 -6.50 -34.71
N PRO C 862 -26.10 -5.98 -35.95
CA PRO C 862 -27.30 -6.26 -36.75
C PRO C 862 -27.55 -7.76 -36.93
N ASP C 863 -26.47 -8.52 -37.07
CA ASP C 863 -26.52 -9.97 -37.03
C ASP C 863 -26.82 -10.39 -35.59
N GLY C 864 -27.46 -11.54 -35.41
CA GLY C 864 -27.82 -12.03 -34.09
C GLY C 864 -26.69 -12.28 -33.11
N THR C 865 -25.51 -11.69 -33.36
CA THR C 865 -24.33 -11.92 -32.53
C THR C 865 -24.10 -10.88 -31.44
N PRO C 866 -24.21 -11.29 -30.17
CA PRO C 866 -23.91 -10.40 -29.05
C PRO C 866 -22.41 -10.17 -28.89
N VAL C 867 -22.03 -9.25 -28.02
CA VAL C 867 -20.63 -8.94 -27.76
C VAL C 867 -20.22 -9.59 -26.44
N ASP C 868 -18.95 -10.01 -26.33
CA ASP C 868 -18.51 -10.71 -25.14
C ASP C 868 -18.08 -9.80 -23.98
N VAL C 869 -17.28 -8.78 -24.29
CA VAL C 869 -16.71 -7.92 -23.25
C VAL C 869 -16.80 -6.45 -23.64
N ILE C 870 -17.02 -5.58 -22.66
CA ILE C 870 -17.20 -4.17 -22.93
C ILE C 870 -16.17 -3.28 -22.26
N LEU C 871 -15.30 -2.67 -23.06
CA LEU C 871 -14.23 -1.86 -22.52
C LEU C 871 -14.49 -0.36 -22.66
N ASN C 872 -14.32 0.36 -21.56
CA ASN C 872 -14.46 1.82 -21.54
C ASN C 872 -13.35 2.51 -22.33
N PRO C 873 -13.73 3.33 -23.32
CA PRO C 873 -12.77 4.06 -24.15
C PRO C 873 -11.99 5.11 -23.37
N LEU C 874 -12.55 5.58 -22.26
CA LEU C 874 -11.89 6.59 -21.43
C LEU C 874 -10.61 6.09 -20.78
N GLY C 875 -10.28 4.82 -21.03
CA GLY C 875 -9.07 4.24 -20.50
C GLY C 875 -7.93 4.23 -21.50
N VAL C 876 -8.24 4.63 -22.73
CA VAL C 876 -7.29 4.57 -23.84
C VAL C 876 -6.40 5.80 -24.04
N PRO C 877 -6.98 7.00 -24.11
CA PRO C 877 -6.09 8.13 -24.44
C PRO C 877 -5.09 8.49 -23.33
N SER C 878 -5.51 8.40 -22.07
CA SER C 878 -4.69 8.90 -20.97
C SER C 878 -3.42 8.08 -20.73
N ARG C 879 -3.30 6.96 -21.43
CA ARG C 879 -2.14 6.10 -21.26
C ARG C 879 -1.50 5.77 -22.59
N MET C 880 -2.13 6.23 -23.67
CA MET C 880 -1.56 6.13 -25.01
C MET C 880 -1.19 4.71 -25.41
N ASN C 881 -2.07 3.75 -25.17
CA ASN C 881 -1.83 2.40 -25.70
C ASN C 881 -2.79 2.07 -26.84
N LEU C 882 -2.50 2.59 -28.02
CA LEU C 882 -3.35 2.37 -29.18
C LEU C 882 -3.31 0.93 -29.68
N GLY C 883 -2.63 0.06 -28.94
CA GLY C 883 -2.47 -1.32 -29.36
C GLY C 883 -3.78 -2.10 -29.37
N GLN C 884 -4.56 -1.94 -28.31
CA GLN C 884 -5.83 -2.64 -28.16
C GLN C 884 -6.72 -2.33 -29.34
N ILE C 885 -6.72 -1.06 -29.73
CA ILE C 885 -7.52 -0.59 -30.83
C ILE C 885 -7.16 -1.34 -32.10
N LEU C 886 -5.87 -1.57 -32.30
CA LEU C 886 -5.43 -2.23 -33.53
C LEU C 886 -5.67 -3.73 -33.52
N GLU C 887 -5.42 -4.37 -32.38
CA GLU C 887 -5.71 -5.80 -32.24
C GLU C 887 -7.20 -6.03 -32.42
N THR C 888 -8.00 -5.03 -32.05
CA THR C 888 -9.45 -5.11 -32.20
C THR C 888 -9.81 -4.97 -33.67
N HIS C 889 -9.23 -3.97 -34.32
CA HIS C 889 -9.44 -3.75 -35.74
C HIS C 889 -9.13 -4.99 -36.57
N LEU C 890 -7.97 -5.59 -36.35
CA LEU C 890 -7.62 -6.82 -37.04
C LEU C 890 -8.55 -7.95 -36.59
N GLY C 891 -8.96 -7.88 -35.32
CA GLY C 891 -9.80 -8.90 -34.72
C GLY C 891 -11.17 -8.97 -35.36
N LEU C 892 -11.60 -7.88 -35.98
CA LEU C 892 -12.85 -7.87 -36.72
C LEU C 892 -12.77 -8.82 -37.92
N ALA C 893 -11.82 -8.52 -38.80
CA ALA C 893 -11.55 -9.37 -39.96
C ALA C 893 -11.30 -10.81 -39.52
N GLY C 894 -10.64 -10.96 -38.37
CA GLY C 894 -10.37 -12.28 -37.82
C GLY C 894 -11.63 -13.04 -37.48
N TYR C 895 -12.55 -12.37 -36.80
CA TYR C 895 -13.83 -12.98 -36.45
C TYR C 895 -14.63 -13.36 -37.68
N PHE C 896 -14.69 -12.47 -38.68
CA PHE C 896 -15.55 -12.75 -39.83
C PHE C 896 -14.91 -13.54 -40.99
N LEU C 897 -13.62 -13.84 -40.88
CA LEU C 897 -12.94 -14.66 -41.87
C LEU C 897 -12.46 -15.96 -41.26
N GLY C 898 -12.57 -16.06 -39.94
CA GLY C 898 -12.22 -17.27 -39.22
C GLY C 898 -10.76 -17.62 -39.31
N GLN C 899 -9.91 -16.59 -39.28
CA GLN C 899 -8.46 -16.79 -39.38
C GLN C 899 -7.64 -15.81 -38.55
N ARG C 900 -6.79 -16.38 -37.68
CA ARG C 900 -5.91 -15.58 -36.84
C ARG C 900 -4.72 -15.05 -37.64
N TYR C 901 -3.86 -14.27 -36.98
CA TYR C 901 -2.77 -13.61 -37.68
C TYR C 901 -1.48 -13.61 -36.89
N ILE C 902 -0.36 -13.49 -37.60
CA ILE C 902 0.93 -13.35 -36.96
C ILE C 902 1.58 -12.03 -37.35
N SER C 903 1.59 -11.11 -36.39
CA SER C 903 2.16 -9.80 -36.60
C SER C 903 3.40 -9.63 -35.73
N PRO C 904 4.59 -9.69 -36.35
CA PRO C 904 5.87 -9.53 -35.65
C PRO C 904 5.97 -8.18 -34.94
N ILE C 905 7.08 -7.97 -34.23
CA ILE C 905 7.21 -6.79 -33.36
C ILE C 905 7.16 -5.46 -34.11
N PHE C 906 8.22 -5.11 -34.83
CA PHE C 906 8.21 -3.87 -35.59
C PHE C 906 8.08 -4.11 -37.09
N ASP C 907 7.92 -5.37 -37.46
CA ASP C 907 7.65 -5.69 -38.86
C ASP C 907 6.27 -6.29 -39.00
N GLY C 908 5.39 -5.95 -38.06
CA GLY C 908 4.05 -6.47 -38.06
C GLY C 908 3.15 -5.80 -39.09
N ALA C 909 1.84 -5.88 -38.87
CA ALA C 909 0.86 -5.33 -39.79
C ALA C 909 0.82 -3.80 -39.77
N LYS C 910 0.22 -3.22 -40.82
CA LYS C 910 0.04 -1.77 -40.92
C LYS C 910 -1.39 -1.42 -41.30
N GLU C 911 -1.67 -0.13 -41.46
CA GLU C 911 -3.03 0.31 -41.79
C GLU C 911 -3.55 -0.20 -43.14
N PRO C 912 -2.82 0.03 -44.25
CA PRO C 912 -3.31 -0.48 -45.53
C PRO C 912 -3.69 -1.97 -45.46
N GLU C 913 -2.85 -2.77 -44.82
CA GLU C 913 -3.11 -4.20 -44.69
C GLU C 913 -4.40 -4.51 -43.91
N ILE C 914 -4.49 -3.99 -42.68
CA ILE C 914 -5.64 -4.26 -41.82
C ILE C 914 -6.94 -3.78 -42.46
N LYS C 915 -6.93 -2.54 -42.93
CA LYS C 915 -8.08 -1.96 -43.63
C LYS C 915 -8.47 -2.86 -44.81
N GLU C 916 -7.47 -3.32 -45.54
CA GLU C 916 -7.70 -4.17 -46.71
C GLU C 916 -8.41 -5.47 -46.35
N LEU C 917 -7.91 -6.16 -45.32
CA LEU C 917 -8.52 -7.40 -44.88
C LEU C 917 -9.95 -7.16 -44.36
N LEU C 918 -10.13 -6.03 -43.68
CA LEU C 918 -11.46 -5.64 -43.20
C LEU C 918 -12.44 -5.51 -44.36
N ALA C 919 -11.98 -4.89 -45.44
CA ALA C 919 -12.78 -4.75 -46.65
C ALA C 919 -13.24 -6.12 -47.15
N GLN C 920 -12.39 -7.11 -46.96
CA GLN C 920 -12.68 -8.48 -47.38
C GLN C 920 -13.73 -9.13 -46.50
N ALA C 921 -13.56 -9.00 -45.19
CA ALA C 921 -14.52 -9.60 -44.24
C ALA C 921 -15.92 -8.97 -44.36
N PHE C 922 -15.95 -7.69 -44.73
CA PHE C 922 -17.20 -6.96 -44.89
C PHE C 922 -18.11 -7.63 -45.92
N GLU C 923 -17.50 -8.18 -46.96
CA GLU C 923 -18.24 -8.84 -48.02
C GLU C 923 -19.03 -10.03 -47.51
N VAL C 924 -18.45 -10.72 -46.53
CA VAL C 924 -19.15 -11.83 -45.88
C VAL C 924 -20.26 -11.26 -45.02
N TYR C 925 -19.84 -10.48 -44.02
CA TYR C 925 -20.76 -9.98 -43.01
C TYR C 925 -22.02 -9.32 -43.58
N PHE C 926 -21.87 -8.63 -44.70
CA PHE C 926 -22.99 -7.90 -45.31
C PHE C 926 -23.60 -8.60 -46.52
N GLY C 927 -22.76 -9.22 -47.34
CA GLY C 927 -23.22 -9.96 -48.50
C GLY C 927 -24.19 -11.06 -48.12
N LYS C 928 -23.94 -11.70 -46.98
CA LYS C 928 -24.88 -12.73 -46.49
C LYS C 928 -26.30 -12.18 -46.41
N ARG C 929 -26.45 -11.04 -45.75
CA ARG C 929 -27.74 -10.35 -45.62
C ARG C 929 -28.30 -9.89 -46.96
N LYS C 930 -27.47 -9.23 -47.75
CA LYS C 930 -27.90 -8.68 -49.04
C LYS C 930 -28.46 -9.76 -49.94
N GLY C 931 -27.90 -10.95 -49.84
CA GLY C 931 -28.41 -12.10 -50.56
C GLY C 931 -29.65 -12.70 -49.92
N GLU C 932 -29.63 -12.84 -48.60
CA GLU C 932 -30.67 -13.56 -47.87
C GLU C 932 -32.09 -13.02 -48.03
N GLY C 933 -32.20 -11.73 -48.38
CA GLY C 933 -33.50 -11.11 -48.55
C GLY C 933 -33.72 -10.02 -47.52
N PHE C 934 -32.63 -9.53 -46.96
CA PHE C 934 -32.66 -8.39 -46.05
C PHE C 934 -31.72 -7.31 -46.57
N GLY C 935 -31.74 -6.15 -45.94
CA GLY C 935 -30.93 -5.03 -46.38
C GLY C 935 -30.67 -4.00 -45.30
N VAL C 936 -30.48 -2.75 -45.71
CA VAL C 936 -30.20 -1.66 -44.77
C VAL C 936 -31.36 -1.38 -43.82
N ASP C 937 -31.20 -1.77 -42.56
CA ASP C 937 -32.21 -1.56 -41.52
C ASP C 937 -32.44 -0.06 -41.28
N LYS C 938 -33.67 0.29 -40.90
CA LYS C 938 -34.02 1.68 -40.61
C LYS C 938 -33.05 2.26 -39.58
N ARG C 939 -32.71 1.44 -38.60
CA ARG C 939 -31.77 1.81 -37.54
C ARG C 939 -30.40 2.13 -38.13
N GLU C 940 -29.91 1.24 -38.99
CA GLU C 940 -28.66 1.46 -39.68
C GLU C 940 -28.70 2.77 -40.44
N VAL C 941 -29.84 3.04 -41.10
CA VAL C 941 -30.03 4.30 -41.82
C VAL C 941 -29.83 5.50 -40.90
N GLU C 942 -30.52 5.50 -39.75
CA GLU C 942 -30.40 6.59 -38.78
C GLU C 942 -28.96 6.79 -38.31
N VAL C 943 -28.32 5.70 -37.88
CA VAL C 943 -26.93 5.72 -37.45
C VAL C 943 -26.00 6.30 -38.51
N LEU C 944 -26.22 5.90 -39.76
CA LEU C 944 -25.44 6.42 -40.88
C LEU C 944 -25.63 7.94 -40.99
N ARG C 945 -26.89 8.36 -40.93
CA ARG C 945 -27.26 9.76 -41.02
C ARG C 945 -26.51 10.60 -39.98
N ARG C 946 -26.40 10.08 -38.77
CA ARG C 946 -25.66 10.78 -37.72
C ARG C 946 -24.14 10.73 -37.97
N ALA C 947 -23.68 9.59 -38.48
CA ALA C 947 -22.25 9.39 -38.76
C ALA C 947 -21.77 10.39 -39.80
N GLU C 948 -22.68 10.84 -40.66
CA GLU C 948 -22.37 11.87 -41.65
C GLU C 948 -21.97 13.18 -40.99
N LYS C 949 -22.84 13.68 -40.12
CA LYS C 949 -22.56 14.88 -39.34
C LYS C 949 -21.33 14.68 -38.45
N LEU C 950 -21.06 13.44 -38.06
CA LEU C 950 -19.84 13.15 -37.31
C LEU C 950 -18.62 13.36 -38.19
N GLY C 951 -18.67 12.82 -39.39
CA GLY C 951 -17.58 12.98 -40.35
C GLY C 951 -16.73 11.74 -40.49
N LEU C 952 -17.35 10.57 -40.36
CA LEU C 952 -16.64 9.32 -40.59
C LEU C 952 -16.94 8.83 -42.01
N VAL C 953 -18.20 8.89 -42.40
CA VAL C 953 -18.61 8.55 -43.75
C VAL C 953 -18.52 9.75 -44.68
N THR C 954 -18.51 9.49 -45.97
CA THR C 954 -18.55 10.54 -46.98
C THR C 954 -20.01 10.75 -47.39
N PRO C 955 -20.42 12.02 -47.58
CA PRO C 955 -21.80 12.33 -47.96
C PRO C 955 -21.99 12.14 -49.45
N GLY C 956 -22.95 11.31 -49.87
CA GLY C 956 -23.21 11.12 -51.28
C GLY C 956 -23.31 9.67 -51.73
N LYS C 957 -22.58 8.79 -51.06
CA LYS C 957 -22.61 7.37 -51.40
C LYS C 957 -23.91 6.70 -50.98
N THR C 958 -24.01 5.41 -51.27
CA THR C 958 -25.16 4.60 -50.90
C THR C 958 -24.94 4.00 -49.51
N PRO C 959 -26.05 3.77 -48.76
CA PRO C 959 -26.02 3.21 -47.41
C PRO C 959 -25.05 2.04 -47.28
N GLU C 960 -25.06 1.15 -48.27
CA GLU C 960 -24.15 0.01 -48.30
C GLU C 960 -22.69 0.47 -48.28
N GLU C 961 -22.37 1.46 -49.11
CA GLU C 961 -21.03 2.02 -49.19
C GLU C 961 -20.64 2.79 -47.93
N GLN C 962 -21.60 3.47 -47.32
CA GLN C 962 -21.38 4.15 -46.04
C GLN C 962 -20.97 3.11 -45.00
N LEU C 963 -21.76 2.04 -44.90
CA LEU C 963 -21.45 0.94 -43.99
C LEU C 963 -20.10 0.32 -44.31
N LYS C 964 -19.72 0.33 -45.59
CA LYS C 964 -18.42 -0.19 -45.99
C LYS C 964 -17.30 0.68 -45.41
N GLU C 965 -17.44 1.99 -45.59
CA GLU C 965 -16.50 2.94 -45.04
C GLU C 965 -16.37 2.81 -43.52
N LEU C 966 -17.50 2.62 -42.84
CA LEU C 966 -17.48 2.45 -41.39
C LEU C 966 -16.76 1.17 -41.02
N PHE C 967 -17.07 0.10 -41.74
CA PHE C 967 -16.48 -1.21 -41.51
C PHE C 967 -14.98 -1.23 -41.81
N LEU C 968 -14.52 -0.23 -42.56
CA LEU C 968 -13.10 -0.11 -42.82
C LEU C 968 -12.35 0.44 -41.61
N GLN C 969 -13.02 1.32 -40.86
CA GLN C 969 -12.38 1.97 -39.73
C GLN C 969 -12.55 1.14 -38.46
N GLY C 970 -12.93 -0.11 -38.62
CA GLY C 970 -13.15 -0.99 -37.49
C GLY C 970 -14.48 -0.77 -36.80
N LYS C 971 -15.17 0.30 -37.18
CA LYS C 971 -16.44 0.65 -36.55
C LYS C 971 -17.63 0.00 -37.26
N VAL C 972 -18.75 -0.13 -36.55
CA VAL C 972 -19.94 -0.81 -37.08
C VAL C 972 -21.16 -0.51 -36.20
N VAL C 973 -22.33 -0.44 -36.84
CA VAL C 973 -23.59 -0.21 -36.13
C VAL C 973 -23.77 -1.20 -35.00
N LEU C 974 -24.28 -0.71 -33.86
CA LEU C 974 -24.56 -1.57 -32.72
C LEU C 974 -25.88 -1.23 -32.06
N TYR C 975 -26.63 -2.26 -31.70
CA TYR C 975 -27.95 -2.08 -31.09
C TYR C 975 -27.85 -2.17 -29.57
N ASP C 976 -28.66 -1.36 -28.89
CA ASP C 976 -28.63 -1.31 -27.44
C ASP C 976 -28.85 -2.66 -26.78
N GLY C 977 -29.71 -3.47 -27.37
CA GLY C 977 -30.03 -4.77 -26.82
C GLY C 977 -31.18 -4.71 -25.83
N ARG C 978 -31.08 -3.84 -24.84
CA ARG C 978 -32.14 -3.75 -23.84
C ARG C 978 -33.27 -2.84 -24.29
N THR C 979 -33.09 -2.21 -25.43
CA THR C 979 -34.11 -1.32 -25.97
C THR C 979 -34.38 -1.61 -27.44
N GLY C 980 -33.31 -1.82 -28.21
CA GLY C 980 -33.46 -2.05 -29.63
C GLY C 980 -33.21 -0.76 -30.38
N GLU C 981 -33.04 0.31 -29.63
CA GLU C 981 -32.67 1.60 -30.19
C GLU C 981 -31.19 1.53 -30.51
N PRO C 982 -30.83 1.88 -31.75
CA PRO C 982 -29.44 1.77 -32.17
C PRO C 982 -28.58 2.81 -31.47
N ILE C 983 -27.40 2.39 -31.00
CA ILE C 983 -26.46 3.34 -30.44
C ILE C 983 -26.13 4.38 -31.50
N GLU C 984 -26.79 5.54 -31.40
CA GLU C 984 -26.59 6.65 -32.32
C GLU C 984 -25.12 7.06 -32.39
N GLY C 985 -24.37 6.38 -33.27
CA GLY C 985 -22.95 6.61 -33.39
C GLY C 985 -22.27 5.26 -33.55
N PRO C 986 -21.46 5.12 -34.60
CA PRO C 986 -20.77 3.84 -34.84
C PRO C 986 -19.61 3.66 -33.87
N ILE C 987 -19.44 2.44 -33.37
CA ILE C 987 -18.34 2.14 -32.45
C ILE C 987 -17.52 0.98 -32.98
N VAL C 988 -16.24 0.92 -32.59
CA VAL C 988 -15.36 -0.14 -33.06
C VAL C 988 -15.51 -1.44 -32.28
N VAL C 989 -15.81 -2.52 -32.99
CA VAL C 989 -15.90 -3.85 -32.39
C VAL C 989 -14.93 -4.80 -33.08
N GLY C 990 -14.57 -5.87 -32.39
CA GLY C 990 -13.67 -6.88 -32.91
C GLY C 990 -13.24 -7.80 -31.78
N GLN C 991 -12.57 -8.90 -32.11
CA GLN C 991 -12.12 -9.84 -31.10
C GLN C 991 -10.66 -9.62 -30.68
N MET C 992 -10.49 -9.16 -29.45
CA MET C 992 -9.16 -8.97 -28.89
C MET C 992 -8.89 -10.09 -27.90
N PHE C 993 -7.63 -10.20 -27.51
CA PHE C 993 -7.17 -11.27 -26.62
C PHE C 993 -7.23 -10.83 -25.17
N ILE C 994 -7.90 -11.62 -24.33
CA ILE C 994 -8.02 -11.28 -22.92
C ILE C 994 -7.79 -12.48 -22.01
N MET C 995 -6.82 -12.35 -21.11
CA MET C 995 -6.58 -13.39 -20.11
C MET C 995 -7.27 -13.07 -18.79
N LYS C 996 -7.35 -14.08 -17.93
CA LYS C 996 -7.79 -13.87 -16.56
C LYS C 996 -6.57 -13.94 -15.66
N LEU C 997 -6.43 -12.96 -14.78
CA LEU C 997 -5.22 -12.81 -13.98
C LEU C 997 -5.23 -13.68 -12.73
N TYR C 998 -4.04 -14.04 -12.25
CA TYR C 998 -3.90 -14.80 -11.02
C TYR C 998 -4.05 -13.90 -9.81
N HIS C 999 -5.28 -13.81 -9.32
CA HIS C 999 -5.59 -13.01 -8.15
C HIS C 999 -6.95 -13.47 -7.61
N MET C 1000 -7.95 -13.45 -8.49
CA MET C 1000 -9.32 -13.86 -8.17
C MET C 1000 -9.91 -13.02 -7.04
N VAL C 1001 -11.04 -13.45 -6.50
CA VAL C 1001 -11.65 -12.78 -5.37
C VAL C 1001 -11.64 -13.69 -4.16
N GLU C 1002 -12.09 -14.92 -4.38
CA GLU C 1002 -12.18 -15.93 -3.33
C GLU C 1002 -10.86 -16.16 -2.59
N ASP C 1003 -9.75 -15.82 -3.24
CA ASP C 1003 -8.44 -15.89 -2.61
C ASP C 1003 -8.35 -14.82 -1.51
N LYS C 1004 -8.94 -13.67 -1.77
CA LYS C 1004 -8.93 -12.52 -0.85
C LYS C 1004 -10.36 -12.21 -0.40
N MET C 1005 -10.80 -12.78 0.71
CA MET C 1005 -12.17 -12.59 1.17
C MET C 1005 -12.25 -12.69 2.68
N HIS C 1006 -12.62 -11.61 3.35
CA HIS C 1006 -12.71 -11.63 4.81
C HIS C 1006 -14.02 -11.05 5.31
N ALA C 1007 -14.63 -11.75 6.25
CA ALA C 1007 -15.91 -11.35 6.79
C ALA C 1007 -16.22 -12.11 8.06
N ARG C 1008 -15.59 -11.72 9.14
CA ARG C 1008 -15.84 -12.34 10.43
C ARG C 1008 -16.26 -11.26 11.42
N SER C 1009 -17.23 -11.59 12.25
CA SER C 1009 -17.72 -10.64 13.24
C SER C 1009 -17.10 -10.95 14.58
N THR C 1010 -17.31 -12.18 15.03
CA THR C 1010 -16.73 -12.64 16.29
C THR C 1010 -16.24 -14.06 16.12
N GLY C 1011 -14.99 -14.30 16.51
CA GLY C 1011 -14.40 -15.62 16.37
C GLY C 1011 -13.18 -15.80 17.23
N PRO C 1012 -12.21 -16.58 16.74
CA PRO C 1012 -11.02 -16.91 17.51
C PRO C 1012 -10.19 -15.70 17.91
N TYR C 1013 -9.50 -15.81 19.04
CA TYR C 1013 -8.49 -14.84 19.44
C TYR C 1013 -7.23 -15.65 19.74
N SER C 1014 -6.24 -15.04 20.37
CA SER C 1014 -5.05 -15.77 20.76
C SER C 1014 -4.81 -15.69 22.26
N LEU C 1015 -4.22 -16.74 22.84
CA LEU C 1015 -3.91 -16.75 24.26
C LEU C 1015 -2.83 -15.71 24.57
N ILE C 1016 -1.86 -15.59 23.66
CA ILE C 1016 -0.77 -14.64 23.81
C ILE C 1016 -1.23 -13.20 23.63
N THR C 1017 -2.11 -12.96 22.68
CA THR C 1017 -2.64 -11.63 22.43
C THR C 1017 -4.14 -11.69 22.13
N GLN C 1018 -4.91 -10.81 22.77
CA GLN C 1018 -6.37 -10.86 22.64
C GLN C 1018 -6.87 -10.27 21.32
N GLN C 1019 -5.94 -9.73 20.52
CA GLN C 1019 -6.31 -9.26 19.20
C GLN C 1019 -6.66 -10.45 18.32
N PRO C 1020 -7.86 -10.41 17.70
CA PRO C 1020 -8.44 -11.55 17.01
C PRO C 1020 -7.74 -11.95 15.71
N LEU C 1021 -7.46 -13.24 15.59
CA LEU C 1021 -7.00 -13.83 14.33
C LEU C 1021 -6.99 -15.36 14.47
N GLY C 1022 -7.17 -16.07 13.36
CA GLY C 1022 -7.27 -17.52 13.34
C GLY C 1022 -8.32 -17.98 12.34
N GLY C 1023 -8.07 -19.10 11.68
CA GLY C 1023 -8.97 -19.58 10.64
C GLY C 1023 -9.79 -20.84 10.91
N LYS C 1024 -10.31 -20.99 12.13
CA LYS C 1024 -11.16 -22.13 12.48
C LYS C 1024 -12.54 -22.06 11.80
N ALA C 1025 -13.34 -21.08 12.19
CA ALA C 1025 -14.65 -20.84 11.57
C ALA C 1025 -14.75 -19.40 11.07
N GLN C 1026 -13.74 -18.59 11.42
CA GLN C 1026 -13.68 -17.19 11.01
C GLN C 1026 -12.38 -16.91 10.26
N PHE C 1027 -12.35 -15.84 9.47
CA PHE C 1027 -11.18 -15.54 8.63
C PHE C 1027 -10.02 -14.97 9.43
N GLY C 1028 -10.16 -13.72 9.84
CA GLY C 1028 -9.14 -13.01 10.58
C GLY C 1028 -9.55 -11.55 10.74
N GLY C 1029 -9.33 -11.00 11.93
CA GLY C 1029 -9.71 -9.63 12.20
C GLY C 1029 -8.85 -8.65 11.44
N GLN C 1030 -9.48 -7.67 10.81
CA GLN C 1030 -8.76 -6.73 9.97
C GLN C 1030 -7.84 -5.83 10.76
N ARG C 1031 -6.71 -5.49 10.14
CA ARG C 1031 -5.72 -4.65 10.80
C ARG C 1031 -6.20 -3.21 10.87
N PHE C 1032 -5.87 -2.54 11.96
CA PHE C 1032 -6.21 -1.14 12.17
C PHE C 1032 -4.91 -0.37 12.41
N GLY C 1033 -4.45 0.37 11.40
CA GLY C 1033 -3.19 1.10 11.51
C GLY C 1033 -3.34 2.52 11.98
N GLU C 1034 -2.22 3.23 12.06
CA GLU C 1034 -2.22 4.63 12.47
C GLU C 1034 -2.96 5.50 11.47
N MET C 1035 -2.94 5.09 10.21
CA MET C 1035 -3.61 5.84 9.17
C MET C 1035 -5.14 5.79 9.33
N GLU C 1036 -5.65 4.70 9.91
CA GLU C 1036 -7.10 4.59 10.11
C GLU C 1036 -7.53 5.34 11.35
N VAL C 1037 -6.81 5.09 12.43
CA VAL C 1037 -7.05 5.76 13.71
C VAL C 1037 -6.98 7.27 13.52
N TRP C 1038 -6.08 7.73 12.66
CA TRP C 1038 -5.97 9.14 12.37
C TRP C 1038 -7.24 9.68 11.71
N ALA C 1039 -7.84 8.88 10.84
CA ALA C 1039 -9.06 9.28 10.16
C ALA C 1039 -10.22 9.38 11.15
N LEU C 1040 -10.44 8.30 11.90
CA LEU C 1040 -11.49 8.32 12.92
C LEU C 1040 -11.31 9.47 13.91
N GLU C 1041 -10.06 9.74 14.29
CA GLU C 1041 -9.74 10.85 15.19
C GLU C 1041 -10.09 12.18 14.54
N ALA C 1042 -9.72 12.30 13.28
CA ALA C 1042 -9.95 13.52 12.52
C ALA C 1042 -11.43 13.86 12.48
N TYR C 1043 -12.26 12.85 12.21
CA TYR C 1043 -13.70 13.07 12.17
C TYR C 1043 -14.24 13.56 13.51
N GLY C 1044 -13.65 13.05 14.60
CA GLY C 1044 -14.14 13.36 15.92
C GLY C 1044 -15.11 12.28 16.40
N ALA C 1045 -14.88 11.06 15.92
CA ALA C 1045 -15.74 9.92 16.26
C ALA C 1045 -15.22 9.18 17.49
N ALA C 1046 -15.06 9.89 18.60
CA ALA C 1046 -14.42 9.38 19.81
C ALA C 1046 -14.98 8.04 20.26
N HIS C 1047 -16.29 7.91 20.12
CA HIS C 1047 -16.96 6.68 20.52
C HIS C 1047 -16.61 5.51 19.60
N THR C 1048 -16.68 5.74 18.29
CA THR C 1048 -16.34 4.70 17.33
C THR C 1048 -14.88 4.29 17.50
N LEU C 1049 -14.02 5.28 17.69
CA LEU C 1049 -12.59 5.05 17.85
C LEU C 1049 -12.30 4.23 19.10
N GLN C 1050 -12.79 4.69 20.25
CA GLN C 1050 -12.56 3.99 21.50
C GLN C 1050 -13.13 2.58 21.44
N GLU C 1051 -14.32 2.45 20.86
CA GLU C 1051 -14.97 1.16 20.68
C GLU C 1051 -14.12 0.24 19.81
N MET C 1052 -13.39 0.84 18.89
CA MET C 1052 -12.54 0.09 17.99
C MET C 1052 -11.22 -0.33 18.67
N LEU C 1053 -10.68 0.54 19.52
CA LEU C 1053 -9.37 0.31 20.13
C LEU C 1053 -9.38 -0.67 21.29
N THR C 1054 -10.56 -0.92 21.86
CA THR C 1054 -10.68 -1.82 23.01
C THR C 1054 -11.80 -2.84 22.85
N LEU C 1055 -13.04 -2.36 22.91
CA LEU C 1055 -14.25 -3.17 22.86
C LEU C 1055 -14.23 -4.32 21.86
N LYS C 1056 -13.65 -4.09 20.70
CA LYS C 1056 -13.62 -5.08 19.63
C LYS C 1056 -12.20 -5.53 19.32
N SER C 1057 -11.31 -5.45 20.31
CA SER C 1057 -9.91 -5.77 20.07
C SER C 1057 -9.21 -6.46 21.24
N ASP C 1058 -8.77 -5.69 22.22
CA ASP C 1058 -7.89 -6.19 23.28
C ASP C 1058 -8.54 -6.18 24.67
N ASP C 1059 -9.58 -5.36 24.87
CA ASP C 1059 -10.34 -5.37 26.12
C ASP C 1059 -11.27 -6.58 26.14
N ILE C 1060 -11.02 -7.50 27.07
CA ILE C 1060 -11.79 -8.74 27.17
C ILE C 1060 -13.00 -8.57 28.07
N GLU C 1061 -12.84 -7.80 29.15
CA GLU C 1061 -13.91 -7.54 30.11
C GLU C 1061 -15.15 -6.94 29.44
N GLY C 1062 -14.95 -6.04 28.50
CA GLY C 1062 -16.05 -5.37 27.84
C GLY C 1062 -16.49 -6.06 26.58
N ARG C 1063 -15.62 -6.92 26.05
CA ARG C 1063 -15.88 -7.61 24.79
C ARG C 1063 -17.14 -8.44 24.91
N ASN C 1064 -17.11 -9.35 25.88
CA ASN C 1064 -18.27 -10.17 26.18
C ASN C 1064 -19.45 -9.35 26.69
N ALA C 1065 -19.20 -8.14 27.16
CA ALA C 1065 -20.29 -7.26 27.61
C ALA C 1065 -21.17 -6.87 26.41
N ALA C 1066 -20.52 -6.43 25.35
CA ALA C 1066 -21.18 -6.11 24.10
C ALA C 1066 -21.77 -7.36 23.46
N TYR C 1067 -20.98 -8.42 23.40
CA TYR C 1067 -21.44 -9.67 22.79
C TYR C 1067 -22.68 -10.24 23.47
N GLU C 1068 -22.77 -10.06 24.79
CA GLU C 1068 -23.95 -10.47 25.54
C GLU C 1068 -25.10 -9.52 25.27
N ALA C 1069 -24.76 -8.22 25.16
CA ALA C 1069 -25.78 -7.19 24.97
C ALA C 1069 -26.57 -7.37 23.68
N ILE C 1070 -25.86 -7.51 22.57
CA ILE C 1070 -26.53 -7.63 21.28
C ILE C 1070 -27.37 -8.91 21.18
N ILE C 1071 -26.89 -9.98 21.83
CA ILE C 1071 -27.61 -11.24 21.88
C ILE C 1071 -29.06 -11.05 22.35
N LYS C 1072 -29.24 -10.17 23.33
CA LYS C 1072 -30.56 -9.90 23.88
C LYS C 1072 -31.31 -8.79 23.13
N GLY C 1073 -30.60 -8.06 22.28
CA GLY C 1073 -31.20 -7.01 21.48
C GLY C 1073 -31.15 -5.66 22.17
N GLU C 1074 -30.21 -5.54 23.11
CA GLU C 1074 -30.04 -4.30 23.84
C GLU C 1074 -28.86 -3.53 23.26
N ASP C 1075 -28.72 -2.27 23.66
CA ASP C 1075 -27.64 -1.42 23.17
C ASP C 1075 -26.30 -1.92 23.67
N VAL C 1076 -25.25 -1.65 22.90
CA VAL C 1076 -23.89 -1.97 23.31
C VAL C 1076 -23.49 -1.08 24.47
N PRO C 1077 -23.21 -1.67 25.63
CA PRO C 1077 -22.82 -0.86 26.77
C PRO C 1077 -21.39 -0.36 26.57
N GLU C 1078 -21.17 0.93 26.84
CA GLU C 1078 -19.84 1.51 26.77
C GLU C 1078 -18.99 0.93 27.90
N PRO C 1079 -17.66 1.12 27.83
CA PRO C 1079 -16.82 0.70 28.94
C PRO C 1079 -16.65 1.83 29.96
N SER C 1080 -17.21 1.66 31.15
CA SER C 1080 -17.10 2.66 32.21
C SER C 1080 -15.64 2.92 32.58
N VAL C 1081 -14.92 1.84 32.86
CA VAL C 1081 -13.50 1.93 33.22
C VAL C 1081 -12.62 1.41 32.09
N PRO C 1082 -11.83 2.31 31.49
CA PRO C 1082 -10.89 1.98 30.42
C PRO C 1082 -9.86 0.94 30.84
N GLU C 1083 -9.78 -0.15 30.08
CA GLU C 1083 -8.98 -1.31 30.43
C GLU C 1083 -7.48 -1.08 30.32
N SER C 1084 -7.06 -0.64 29.15
CA SER C 1084 -5.65 -0.41 28.86
C SER C 1084 -5.02 0.60 29.83
N PHE C 1085 -5.87 1.34 30.54
CA PHE C 1085 -5.45 2.29 31.58
C PHE C 1085 -5.14 1.55 32.87
N ARG C 1086 -6.11 0.77 33.34
CA ARG C 1086 -5.98 0.05 34.60
C ARG C 1086 -4.86 -1.00 34.54
N VAL C 1087 -4.59 -1.52 33.35
CA VAL C 1087 -3.47 -2.45 33.20
C VAL C 1087 -2.13 -1.71 33.30
N LEU C 1088 -2.04 -0.58 32.60
CA LEU C 1088 -0.83 0.24 32.60
C LEU C 1088 -0.49 0.78 33.99
N VAL C 1089 -1.52 1.08 34.78
CA VAL C 1089 -1.30 1.49 36.17
C VAL C 1089 -0.52 0.41 36.93
N LYS C 1090 -0.98 -0.83 36.81
CA LYS C 1090 -0.32 -1.98 37.43
C LYS C 1090 1.12 -2.15 36.92
N GLU C 1091 1.28 -2.07 35.60
CA GLU C 1091 2.61 -2.21 34.99
C GLU C 1091 3.58 -1.12 35.45
N LEU C 1092 3.06 0.07 35.72
CA LEU C 1092 3.90 1.20 36.11
C LEU C 1092 4.19 1.19 37.61
N GLN C 1093 3.32 0.54 38.38
CA GLN C 1093 3.52 0.38 39.81
C GLN C 1093 4.54 -0.72 40.13
N ALA C 1094 4.85 -1.54 39.13
CA ALA C 1094 5.79 -2.65 39.31
C ALA C 1094 7.16 -2.16 39.75
N LEU C 1095 7.54 -0.99 39.25
CA LEU C 1095 8.83 -0.41 39.56
C LEU C 1095 8.71 0.51 40.76
N ALA C 1096 9.71 1.35 40.96
CA ALA C 1096 9.69 2.30 42.06
C ALA C 1096 8.80 3.50 41.74
N LEU C 1097 8.11 3.43 40.60
CA LEU C 1097 7.28 4.52 40.11
C LEU C 1097 5.86 4.44 40.66
N ASP C 1098 5.26 5.59 40.92
CA ASP C 1098 3.91 5.66 41.46
C ASP C 1098 3.01 6.43 40.50
N VAL C 1099 1.94 5.78 40.06
CA VAL C 1099 0.97 6.45 39.22
C VAL C 1099 -0.26 6.89 40.01
N GLN C 1100 -0.31 8.16 40.36
CA GLN C 1100 -1.43 8.70 41.14
C GLN C 1100 -2.47 9.35 40.24
N THR C 1101 -3.66 8.77 40.21
CA THR C 1101 -4.76 9.31 39.40
C THR C 1101 -5.57 10.33 40.20
N LEU C 1102 -5.09 11.56 40.24
CA LEU C 1102 -5.75 12.63 41.02
C LEU C 1102 -7.11 13.04 40.44
N ASP C 1103 -7.93 13.68 41.28
CA ASP C 1103 -9.24 14.17 40.86
C ASP C 1103 -9.07 15.54 40.18
N GLU C 1104 -10.18 16.25 40.01
CA GLU C 1104 -10.19 17.56 39.39
C GLU C 1104 -9.42 18.58 40.24
N LYS C 1105 -9.59 18.47 41.56
CA LYS C 1105 -8.96 19.41 42.49
C LYS C 1105 -7.86 18.73 43.34
N ASP C 1106 -7.17 17.78 42.70
CA ASP C 1106 -6.05 17.05 43.31
C ASP C 1106 -6.47 16.18 44.50
N ASN C 1107 -7.16 15.08 44.20
CA ASN C 1107 -7.47 14.05 45.19
C ASN C 1107 -7.45 12.66 44.57
N PRO C 1108 -6.78 11.71 45.24
CA PRO C 1108 -6.71 10.32 44.80
C PRO C 1108 -8.08 9.77 44.42
N VAL C 1109 -8.15 8.99 43.34
CA VAL C 1109 -9.42 8.42 42.87
C VAL C 1109 -9.31 6.92 42.62
N ASP C 1110 -10.22 6.14 43.20
CA ASP C 1110 -10.23 4.69 42.98
C ASP C 1110 -10.43 4.35 41.52
N ILE C 1111 -9.92 3.20 41.12
CA ILE C 1111 -10.09 2.74 39.75
C ILE C 1111 -10.69 1.36 39.80
N PHE C 1112 -10.54 0.70 40.95
CA PHE C 1112 -10.97 -0.67 41.10
C PHE C 1112 -11.99 -0.80 42.24
N LYS D 2 -14.54 11.55 44.81
CA LYS D 2 -13.50 11.11 43.88
C LYS D 2 -14.02 10.16 42.79
N LYS D 3 -14.74 10.71 41.81
CA LYS D 3 -15.35 9.90 40.76
C LYS D 3 -14.90 10.23 39.34
N GLU D 4 -14.28 11.40 39.16
CA GLU D 4 -13.88 11.85 37.83
C GLU D 4 -12.37 12.02 37.68
N VAL D 5 -11.74 11.05 37.04
CA VAL D 5 -10.30 11.09 36.86
C VAL D 5 -9.91 12.22 35.92
N ARG D 6 -9.07 13.13 36.42
CA ARG D 6 -8.72 14.32 35.67
C ARG D 6 -7.31 14.23 35.09
N LYS D 7 -6.31 14.25 35.97
CA LYS D 7 -4.92 14.20 35.52
C LYS D 7 -4.09 13.19 36.30
N VAL D 8 -2.94 12.80 35.74
CA VAL D 8 -2.09 11.79 36.35
C VAL D 8 -0.67 12.31 36.63
N ARG D 9 -0.18 12.04 37.83
CA ARG D 9 1.17 12.44 38.25
C ARG D 9 2.06 11.22 38.45
N ILE D 10 3.35 11.39 38.19
CA ILE D 10 4.32 10.30 38.38
C ILE D 10 5.46 10.72 39.32
N ALA D 11 5.72 9.87 40.32
CA ALA D 11 6.76 10.17 41.30
C ALA D 11 7.36 8.91 41.93
N LEU D 12 8.55 9.06 42.53
CA LEU D 12 9.21 7.96 43.24
C LEU D 12 8.32 7.45 44.37
N ALA D 13 8.57 6.22 44.80
CA ALA D 13 7.77 5.61 45.86
C ALA D 13 8.60 5.17 47.07
N SER D 14 8.15 5.55 48.26
CA SER D 14 8.80 5.14 49.50
C SER D 14 8.55 3.65 49.75
N PRO D 15 9.34 3.03 50.65
CA PRO D 15 9.07 1.65 51.09
C PRO D 15 7.60 1.46 51.48
N GLU D 16 7.07 2.44 52.20
CA GLU D 16 5.68 2.44 52.64
C GLU D 16 4.70 2.32 51.48
N LYS D 17 4.80 3.22 50.51
CA LYS D 17 3.92 3.20 49.35
C LYS D 17 4.19 2.01 48.44
N ILE D 18 5.41 1.49 48.46
CA ILE D 18 5.72 0.26 47.74
C ILE D 18 4.92 -0.90 48.32
N ARG D 19 4.87 -0.96 49.65
CA ARG D 19 4.17 -2.05 50.34
C ARG D 19 2.67 -1.82 50.40
N SER D 20 2.28 -0.58 50.17
CA SER D 20 0.88 -0.16 50.29
C SER D 20 0.00 -0.80 49.23
N TRP D 21 0.56 -0.98 48.03
CA TRP D 21 -0.15 -1.66 46.95
C TRP D 21 0.03 -3.17 47.09
N SER D 22 0.97 -3.57 47.93
CA SER D 22 1.24 -4.98 48.17
C SER D 22 0.24 -5.60 49.13
N TYR D 23 -0.18 -6.83 48.86
CA TYR D 23 -1.11 -7.55 49.72
C TYR D 23 -0.49 -8.80 50.33
N GLY D 24 0.84 -8.80 50.50
CA GLY D 24 1.54 -9.96 51.04
C GLY D 24 2.91 -10.11 50.41
N GLU D 25 3.74 -10.97 50.99
CA GLU D 25 5.12 -11.13 50.51
C GLU D 25 5.36 -12.47 49.81
N VAL D 26 5.86 -12.40 48.58
CA VAL D 26 6.27 -13.57 47.85
C VAL D 26 7.54 -14.13 48.51
N GLU D 27 7.35 -14.93 49.56
CA GLU D 27 8.47 -15.45 50.32
C GLU D 27 8.94 -16.83 49.85
N LYS D 28 8.56 -17.19 48.62
CA LYS D 28 8.99 -18.45 48.02
C LYS D 28 9.13 -18.29 46.51
N PRO D 29 10.02 -19.08 45.88
CA PRO D 29 10.19 -19.04 44.44
C PRO D 29 9.30 -20.08 43.75
N GLU D 30 8.10 -20.24 44.29
CA GLU D 30 7.20 -21.29 43.84
C GLU D 30 6.12 -20.79 42.87
N THR D 31 5.95 -21.50 41.77
CA THR D 31 4.93 -21.18 40.78
C THR D 31 3.74 -22.14 40.89
N ILE D 32 3.75 -23.20 40.08
CA ILE D 32 2.64 -24.16 40.03
C ILE D 32 3.14 -25.60 40.02
N ASN D 33 2.47 -26.46 40.79
CA ASN D 33 2.70 -27.91 40.70
C ASN D 33 2.25 -28.47 39.35
N TYR D 34 3.00 -29.42 38.82
CA TYR D 34 2.67 -30.05 37.52
C TYR D 34 1.39 -30.90 37.61
N ARG D 35 1.09 -31.38 38.82
CA ARG D 35 -0.08 -32.22 39.07
C ARG D 35 -1.29 -31.36 39.41
N THR D 36 -1.26 -30.76 40.60
CA THR D 36 -2.32 -29.84 41.00
C THR D 36 -2.04 -28.45 40.44
N LEU D 37 -2.84 -28.04 39.46
CA LEU D 37 -2.64 -26.73 38.82
C LEU D 37 -2.88 -25.56 39.76
N LYS D 38 -3.35 -25.88 40.97
CA LYS D 38 -3.49 -24.89 42.04
C LYS D 38 -2.15 -24.22 42.36
N PRO D 39 -2.21 -23.00 42.89
CA PRO D 39 -0.99 -22.26 43.24
C PRO D 39 -0.19 -22.93 44.33
N GLU D 40 1.07 -22.56 44.43
CA GLU D 40 1.99 -23.26 45.31
C GLU D 40 2.17 -22.59 46.67
N ARG D 41 3.40 -22.57 47.15
CA ARG D 41 3.70 -22.26 48.54
C ARG D 41 3.91 -20.77 48.79
N ASP D 42 2.83 -20.01 48.91
CA ASP D 42 2.90 -18.58 49.20
C ASP D 42 3.85 -17.80 48.30
N GLY D 43 4.04 -18.30 47.08
CA GLY D 43 4.97 -17.72 46.12
C GLY D 43 4.34 -16.70 45.20
N LEU D 44 4.20 -17.05 43.92
CA LEU D 44 3.76 -16.09 42.92
C LEU D 44 2.27 -16.11 42.61
N PHE D 45 1.57 -17.19 42.97
CA PHE D 45 0.17 -17.33 42.56
C PHE D 45 -0.80 -17.58 43.71
N ASP D 46 -0.29 -17.54 44.93
CA ASP D 46 -1.11 -17.76 46.12
C ASP D 46 -2.30 -16.80 46.18
N GLU D 47 -3.47 -17.33 46.53
CA GLU D 47 -4.68 -16.53 46.61
C GLU D 47 -4.69 -15.59 47.81
N ARG D 48 -3.82 -15.87 48.78
CA ARG D 48 -3.75 -15.06 49.99
C ARG D 48 -3.21 -13.67 49.69
N ILE D 49 -2.11 -13.63 48.96
CA ILE D 49 -1.49 -12.37 48.58
C ILE D 49 -2.21 -11.71 47.41
N PHE D 50 -2.39 -12.47 46.32
CA PHE D 50 -2.99 -11.93 45.12
C PHE D 50 -4.49 -12.11 45.14
N GLY D 51 -5.01 -13.02 44.32
CA GLY D 51 -6.43 -13.29 44.31
C GLY D 51 -6.79 -14.73 44.00
N PRO D 52 -8.05 -15.09 44.29
CA PRO D 52 -8.66 -16.40 44.06
C PRO D 52 -8.51 -16.83 42.61
N ILE D 53 -7.88 -17.99 42.40
CA ILE D 53 -7.68 -18.52 41.06
C ILE D 53 -9.00 -18.83 40.39
N LYS D 54 -10.06 -18.95 41.20
CA LYS D 54 -11.39 -19.24 40.68
C LYS D 54 -12.22 -17.97 40.61
N ASP D 55 -13.48 -18.12 40.23
CA ASP D 55 -14.38 -16.98 40.02
C ASP D 55 -14.79 -16.34 41.34
N TYR D 56 -15.93 -16.75 41.89
CA TYR D 56 -16.45 -16.18 43.12
C TYR D 56 -16.20 -17.13 44.29
N GLU D 57 -15.92 -18.38 43.95
CA GLU D 57 -15.63 -19.43 44.92
C GLU D 57 -14.25 -19.23 45.59
N CYS D 58 -14.14 -19.66 46.83
CA CYS D 58 -12.89 -19.53 47.61
C CYS D 58 -11.93 -20.72 47.46
N ALA D 59 -11.02 -20.87 48.42
CA ALA D 59 -10.05 -21.97 48.40
C ALA D 59 -10.68 -23.31 48.78
N CYS D 60 -11.08 -23.45 50.05
CA CYS D 60 -11.71 -24.66 50.54
C CYS D 60 -13.15 -24.76 50.01
N GLY D 61 -13.99 -23.84 50.44
CA GLY D 61 -15.35 -23.78 49.93
C GLY D 61 -16.45 -23.54 50.96
N LYS D 62 -16.13 -22.80 52.02
CA LYS D 62 -17.13 -22.42 53.03
C LYS D 62 -18.14 -21.42 52.43
N TYR D 63 -17.62 -20.49 51.64
CA TYR D 63 -18.44 -19.49 50.96
C TYR D 63 -18.25 -19.67 49.45
N LYS D 64 -19.34 -19.80 48.70
CA LYS D 64 -19.24 -20.16 47.28
C LYS D 64 -19.98 -19.27 46.27
N ARG D 65 -20.95 -18.47 46.71
CA ARG D 65 -21.73 -17.69 45.76
C ARG D 65 -21.64 -16.16 45.92
N GLN D 66 -22.62 -15.45 45.35
CA GLN D 66 -22.57 -13.99 45.23
C GLN D 66 -23.18 -13.24 46.42
N ARG D 67 -24.08 -13.92 47.13
CA ARG D 67 -24.80 -13.34 48.27
C ARG D 67 -23.89 -12.62 49.28
N PHE D 68 -22.78 -13.28 49.62
CA PHE D 68 -21.78 -12.72 50.52
C PHE D 68 -20.62 -12.12 49.72
N GLU D 69 -20.94 -11.18 48.85
CA GLU D 69 -19.96 -10.58 47.93
C GLU D 69 -18.71 -9.96 48.59
N GLY D 70 -18.90 -9.05 49.53
CA GLY D 70 -17.80 -8.38 50.18
C GLY D 70 -17.45 -8.95 51.53
N LYS D 71 -17.30 -10.26 51.61
CA LYS D 71 -17.00 -10.95 52.87
C LYS D 71 -15.75 -11.83 52.75
N VAL D 72 -14.99 -11.91 53.84
CA VAL D 72 -13.81 -12.78 53.91
C VAL D 72 -14.09 -13.95 54.86
N CYS D 73 -13.73 -15.17 54.45
CA CYS D 73 -13.99 -16.36 55.26
C CYS D 73 -13.24 -16.33 56.61
N GLU D 74 -13.88 -16.93 57.62
CA GLU D 74 -13.35 -16.98 58.99
C GLU D 74 -12.03 -17.75 59.14
N ARG D 75 -11.91 -18.86 58.40
CA ARG D 75 -10.76 -19.75 58.56
C ARG D 75 -9.64 -19.52 57.53
N CYS D 76 -10.02 -19.12 56.32
CA CYS D 76 -9.04 -18.73 55.31
C CYS D 76 -9.47 -17.43 54.61
N GLY D 77 -8.52 -16.50 54.46
CA GLY D 77 -8.82 -15.17 53.94
C GLY D 77 -9.00 -15.09 52.44
N VAL D 78 -10.24 -15.26 51.99
CA VAL D 78 -10.54 -15.19 50.55
C VAL D 78 -11.76 -14.30 50.25
N GLU D 79 -11.49 -13.02 49.96
CA GLU D 79 -12.53 -12.11 49.48
C GLU D 79 -12.54 -12.14 47.96
N VAL D 80 -13.72 -12.26 47.36
CA VAL D 80 -13.81 -12.70 45.96
C VAL D 80 -14.61 -11.83 44.99
N THR D 81 -13.93 -11.30 43.97
CA THR D 81 -14.57 -10.95 42.71
C THR D 81 -14.07 -12.05 41.79
N LYS D 82 -14.27 -11.93 40.49
CA LYS D 82 -13.87 -13.00 39.56
C LYS D 82 -12.36 -13.21 39.51
N SER D 83 -11.87 -13.77 38.42
CA SER D 83 -10.43 -13.92 38.22
C SER D 83 -9.77 -12.57 37.99
N ILE D 84 -10.48 -11.50 38.29
CA ILE D 84 -10.01 -10.12 38.13
C ILE D 84 -9.22 -9.63 39.36
N VAL D 85 -9.72 -9.95 40.55
CA VAL D 85 -9.03 -9.57 41.78
C VAL D 85 -7.64 -10.19 41.83
N ARG D 86 -7.52 -11.37 41.24
CA ARG D 86 -6.22 -12.02 41.06
C ARG D 86 -5.34 -11.08 40.26
N ARG D 87 -5.85 -10.66 39.12
CA ARG D 87 -5.07 -9.92 38.14
C ARG D 87 -4.92 -8.42 38.46
N TYR D 88 -5.46 -7.97 39.59
CA TYR D 88 -5.37 -6.56 39.95
C TYR D 88 -4.67 -6.28 41.29
N ARG D 89 -4.36 -7.33 42.04
CA ARG D 89 -3.68 -7.19 43.33
C ARG D 89 -2.18 -7.49 43.22
N MET D 90 -1.38 -6.72 43.93
CA MET D 90 0.07 -6.85 43.90
C MET D 90 0.61 -7.58 45.13
N GLY D 91 1.76 -8.24 44.95
CA GLY D 91 2.54 -8.77 46.06
C GLY D 91 3.92 -8.14 45.99
N HIS D 92 4.73 -8.39 47.02
CA HIS D 92 6.07 -7.80 47.07
C HIS D 92 7.13 -8.78 47.58
N ILE D 93 8.37 -8.31 47.60
CA ILE D 93 9.50 -9.10 48.07
C ILE D 93 10.41 -8.21 48.91
N GLU D 94 10.58 -8.55 50.18
CA GLU D 94 11.46 -7.79 51.05
C GLU D 94 12.90 -8.23 50.88
N LEU D 95 13.66 -7.45 50.13
CA LEU D 95 15.07 -7.72 49.90
C LEU D 95 15.83 -7.73 51.22
N ALA D 96 16.87 -8.55 51.29
CA ALA D 96 17.72 -8.60 52.47
C ALA D 96 18.47 -7.29 52.63
N THR D 97 19.42 -7.06 51.71
CA THR D 97 20.15 -5.81 51.64
C THR D 97 19.49 -4.91 50.59
N PRO D 98 19.32 -3.62 50.91
CA PRO D 98 18.77 -2.62 49.98
C PRO D 98 19.42 -2.69 48.59
N ALA D 99 18.62 -2.43 47.56
CA ALA D 99 19.10 -2.43 46.19
C ALA D 99 18.55 -1.21 45.45
N ALA D 100 19.37 -0.60 44.60
CA ALA D 100 18.96 0.61 43.89
C ALA D 100 18.36 0.31 42.53
N HIS D 101 17.38 1.13 42.15
CA HIS D 101 16.69 1.02 40.88
C HIS D 101 17.59 1.37 39.70
N ILE D 102 18.01 0.34 38.94
CA ILE D 102 18.92 0.51 37.82
C ILE D 102 18.46 1.56 36.83
N TRP D 103 17.15 1.79 36.76
CA TRP D 103 16.57 2.83 35.92
C TRP D 103 17.18 4.19 36.23
N PHE D 104 17.42 4.45 37.52
CA PHE D 104 17.99 5.71 37.93
C PHE D 104 19.51 5.65 37.92
N VAL D 105 20.05 4.46 37.69
CA VAL D 105 21.49 4.29 37.60
C VAL D 105 21.95 4.37 36.16
N LYS D 106 21.54 3.40 35.35
CA LYS D 106 21.91 3.37 33.95
C LYS D 106 21.02 4.31 33.12
N ASP D 107 21.61 5.41 32.68
CA ASP D 107 20.88 6.44 31.95
C ASP D 107 21.92 7.26 31.18
N VAL D 108 21.48 8.12 30.28
CA VAL D 108 22.42 9.06 29.68
C VAL D 108 22.81 10.11 30.75
N PRO D 109 21.83 10.66 31.48
CA PRO D 109 22.25 11.42 32.67
C PRO D 109 22.01 10.63 33.95
N SER D 110 23.09 10.41 34.71
CA SER D 110 23.01 9.66 35.95
C SER D 110 22.09 10.39 36.94
N LYS D 111 20.94 9.78 37.21
CA LYS D 111 19.96 10.41 38.06
C LYS D 111 20.41 10.42 39.51
N ILE D 112 21.44 9.63 39.79
CA ILE D 112 21.98 9.55 41.13
C ILE D 112 23.44 10.00 41.17
N GLY D 113 24.14 9.85 40.06
CA GLY D 113 25.54 10.23 39.97
C GLY D 113 25.70 11.73 39.77
N THR D 114 24.57 12.37 39.45
CA THR D 114 24.52 13.83 39.36
C THR D 114 24.25 14.40 40.74
N LEU D 115 23.18 13.92 41.37
CA LEU D 115 22.80 14.35 42.71
C LEU D 115 23.90 14.08 43.72
N LEU D 116 24.36 12.83 43.77
CA LEU D 116 25.35 12.40 44.75
C LEU D 116 26.78 12.52 44.26
N ASP D 117 27.11 13.69 43.70
CA ASP D 117 28.41 14.01 43.09
C ASP D 117 29.48 12.92 43.06
N LEU D 118 29.22 11.86 42.29
CA LEU D 118 30.21 10.84 42.01
C LEU D 118 30.41 10.78 40.50
N SER D 119 31.49 10.15 40.04
CA SER D 119 31.72 10.00 38.60
C SER D 119 30.54 9.30 37.94
N ALA D 120 29.95 9.95 36.95
CA ALA D 120 28.68 9.56 36.35
C ALA D 120 28.52 8.07 36.05
N THR D 121 29.63 7.39 35.79
CA THR D 121 29.56 5.98 35.43
C THR D 121 30.53 5.13 36.22
N GLU D 122 31.83 5.42 36.07
CA GLU D 122 32.87 4.57 36.63
C GLU D 122 32.72 4.32 38.11
N LEU D 123 32.86 5.39 38.87
CA LEU D 123 32.80 5.34 40.33
C LEU D 123 31.50 4.69 40.82
N GLU D 124 30.42 4.88 40.07
CA GLU D 124 29.15 4.24 40.37
C GLU D 124 29.25 2.72 40.32
N GLN D 125 29.40 2.19 39.11
CA GLN D 125 29.53 0.75 38.90
C GLN D 125 30.59 0.11 39.80
N VAL D 126 31.64 0.86 40.08
CA VAL D 126 32.74 0.40 40.92
C VAL D 126 32.27 -0.08 42.29
N LEU D 127 31.44 0.71 42.97
CA LEU D 127 31.00 0.37 44.32
C LEU D 127 29.53 -0.02 44.43
N TYR D 128 28.86 -0.10 43.29
CA TYR D 128 27.44 -0.37 43.27
C TYR D 128 27.17 -1.87 43.41
N PHE D 129 27.96 -2.68 42.71
CA PHE D 129 27.85 -4.14 42.80
C PHE D 129 28.98 -4.77 43.61
N SER D 130 30.17 -4.18 43.50
CA SER D 130 31.36 -4.77 44.11
C SER D 130 31.45 -4.47 45.61
N LYS D 131 32.48 -5.01 46.26
CA LYS D 131 32.72 -4.82 47.70
C LYS D 131 33.60 -3.59 47.90
N TYR D 132 33.42 -2.60 47.04
CA TYR D 132 34.27 -1.42 47.10
C TYR D 132 33.73 -0.34 48.07
N ILE D 133 34.45 -0.19 49.18
CA ILE D 133 34.07 0.70 50.27
C ILE D 133 33.93 2.17 49.86
N VAL D 134 32.74 2.74 50.04
CA VAL D 134 32.54 4.19 49.88
C VAL D 134 33.09 4.92 51.10
N LEU D 135 33.55 6.15 50.89
CA LEU D 135 34.00 6.96 52.00
C LEU D 135 32.97 8.03 52.33
N ASP D 136 31.86 7.60 52.94
CA ASP D 136 30.82 8.49 53.45
C ASP D 136 31.37 9.04 54.79
N PRO D 137 30.56 9.75 55.61
CA PRO D 137 31.03 10.34 56.88
C PRO D 137 32.29 9.80 57.62
N LYS D 138 33.03 10.73 58.23
CA LYS D 138 34.25 10.48 59.02
C LYS D 138 35.54 10.26 58.23
N GLY D 139 36.64 10.13 58.96
CA GLY D 139 37.95 9.96 58.37
C GLY D 139 38.81 11.20 58.55
N ALA D 140 40.10 10.99 58.78
CA ALA D 140 41.06 12.09 58.88
C ALA D 140 42.44 11.57 58.48
N ILE D 141 42.72 10.34 58.87
CA ILE D 141 43.94 9.64 58.46
C ILE D 141 43.98 9.51 56.94
N LEU D 142 45.18 9.60 56.37
CA LEU D 142 45.35 9.68 54.92
C LEU D 142 46.14 8.53 54.29
N ASN D 143 46.43 8.68 53.01
CA ASN D 143 47.32 7.79 52.29
C ASN D 143 48.24 8.64 51.40
N GLY D 144 48.42 9.89 51.81
CA GLY D 144 49.26 10.83 51.08
C GLY D 144 48.56 12.15 50.83
N VAL D 145 47.25 12.13 51.03
CA VAL D 145 46.38 13.28 50.77
C VAL D 145 45.23 13.23 51.77
N PRO D 146 44.86 14.40 52.34
CA PRO D 146 43.77 14.54 53.32
C PRO D 146 42.55 13.67 53.04
N VAL D 147 41.83 13.30 54.10
CA VAL D 147 40.65 12.44 53.98
C VAL D 147 39.71 12.90 52.89
N GLU D 148 39.15 11.94 52.17
CA GLU D 148 38.24 12.20 51.09
C GLU D 148 36.82 12.37 51.60
N LYS D 149 36.24 13.52 51.33
CA LYS D 149 34.88 13.82 51.78
C LYS D 149 33.85 12.91 51.12
N ARG D 150 33.94 12.76 49.80
CA ARG D 150 32.98 11.94 49.06
C ARG D 150 33.65 10.91 48.16
N GLN D 151 34.98 10.98 48.05
CA GLN D 151 35.71 10.06 47.20
C GLN D 151 35.68 8.64 47.77
N LEU D 152 35.53 7.68 46.88
CA LEU D 152 35.25 6.30 47.22
C LEU D 152 36.39 5.40 46.73
N LEU D 153 37.45 5.35 47.54
CA LEU D 153 38.60 4.52 47.24
C LEU D 153 38.14 3.06 47.11
N THR D 154 38.69 2.36 46.14
CA THR D 154 38.38 0.95 45.97
C THR D 154 38.81 0.16 47.21
N ASP D 155 38.26 -1.03 47.38
CA ASP D 155 38.53 -1.84 48.56
C ASP D 155 40.00 -2.18 48.70
N GLU D 156 40.72 -2.23 47.58
CA GLU D 156 42.17 -2.42 47.61
C GLU D 156 42.76 -1.32 48.48
N GLU D 157 42.55 -0.08 48.05
CA GLU D 157 42.99 1.10 48.76
C GLU D 157 42.43 1.18 50.18
N TYR D 158 41.30 0.50 50.41
CA TYR D 158 40.68 0.50 51.73
C TYR D 158 41.46 -0.38 52.70
N ARG D 159 41.53 -1.67 52.39
CA ARG D 159 42.26 -2.62 53.20
C ARG D 159 43.71 -2.16 53.39
N GLU D 160 44.32 -1.60 52.35
CA GLU D 160 45.70 -1.13 52.51
C GLU D 160 45.80 0.22 53.24
N LEU D 161 44.89 0.46 54.18
CA LEU D 161 44.92 1.66 55.01
C LEU D 161 45.19 1.30 56.47
N ARG D 162 44.67 0.16 56.91
CA ARG D 162 44.90 -0.31 58.27
C ARG D 162 46.26 -0.98 58.37
N TYR D 163 46.46 -2.02 57.57
CA TYR D 163 47.74 -2.74 57.54
C TYR D 163 48.69 -2.09 56.56
N GLY D 164 48.31 -0.93 56.04
CA GLY D 164 49.04 -0.29 54.95
C GLY D 164 50.50 0.02 55.22
N LYS D 165 51.19 -0.90 55.89
CA LYS D 165 52.62 -0.85 56.19
C LYS D 165 53.04 -2.01 57.08
N GLN D 166 52.12 -2.93 57.35
CA GLN D 166 52.36 -3.99 58.34
C GLN D 166 52.68 -5.35 57.73
N GLU D 167 53.84 -5.45 57.07
CA GLU D 167 54.25 -6.69 56.40
C GLU D 167 55.59 -7.27 56.87
N THR D 168 55.60 -8.56 57.17
CA THR D 168 56.82 -9.26 57.53
C THR D 168 57.59 -9.66 56.27
N TYR D 169 58.85 -9.25 56.21
CA TYR D 169 59.71 -9.61 55.09
C TYR D 169 60.83 -10.51 55.57
N PRO D 170 60.64 -11.84 55.46
CA PRO D 170 61.64 -12.82 55.89
C PRO D 170 62.98 -12.63 55.21
N LEU D 171 64.05 -13.02 55.88
CA LEU D 171 65.41 -12.90 55.35
C LEU D 171 66.10 -14.24 55.34
N PRO D 172 66.85 -14.54 54.27
CA PRO D 172 67.73 -15.71 54.25
C PRO D 172 68.89 -15.49 55.21
N PRO D 173 69.46 -16.58 55.75
CA PRO D 173 70.59 -16.51 56.68
C PRO D 173 71.86 -15.99 56.01
N GLY D 174 72.62 -15.15 56.69
CA GLY D 174 73.84 -14.60 56.15
C GLY D 174 73.61 -13.45 55.19
N VAL D 175 72.46 -12.78 55.34
CA VAL D 175 72.13 -11.61 54.55
C VAL D 175 71.70 -10.49 55.51
N ASP D 176 72.70 -9.80 56.06
CA ASP D 176 72.56 -8.81 57.12
C ASP D 176 71.32 -7.91 57.05
N ALA D 177 71.51 -6.69 56.57
CA ALA D 177 70.44 -5.71 56.44
C ALA D 177 70.95 -4.47 55.73
N LEU D 178 70.09 -3.46 55.64
CA LEU D 178 70.48 -2.15 55.16
C LEU D 178 69.89 -1.11 56.09
N VAL D 179 69.27 -1.60 57.17
CA VAL D 179 68.60 -0.75 58.13
C VAL D 179 68.83 -1.27 59.54
N LYS D 180 69.22 -0.39 60.45
CA LYS D 180 69.46 -0.79 61.83
C LYS D 180 68.23 -0.57 62.70
N ASP D 181 67.49 -1.65 62.94
CA ASP D 181 66.27 -1.66 63.76
C ASP D 181 65.29 -0.57 63.39
N GLY D 182 64.74 0.10 64.41
CA GLY D 182 63.74 1.13 64.23
C GLY D 182 64.20 2.25 63.31
N GLU D 183 63.79 2.20 62.04
CA GLU D 183 64.27 3.22 61.08
C GLU D 183 63.44 3.42 59.82
N GLU D 184 62.90 4.63 59.66
CA GLU D 184 62.03 5.04 58.54
C GLU D 184 62.43 4.51 57.16
N VAL D 185 61.49 3.84 56.50
CA VAL D 185 61.71 3.26 55.19
C VAL D 185 60.82 3.93 54.15
N VAL D 186 61.21 3.82 52.88
CA VAL D 186 60.43 4.33 51.77
C VAL D 186 59.75 3.20 51.02
N LYS D 187 58.63 3.49 50.36
CA LYS D 187 57.91 2.50 49.58
C LYS D 187 58.74 2.03 48.38
N GLY D 188 59.44 0.92 48.55
CA GLY D 188 60.29 0.39 47.49
C GLY D 188 61.76 0.46 47.87
N GLN D 189 62.03 1.06 49.03
CA GLN D 189 63.38 1.14 49.56
C GLN D 189 63.88 -0.25 49.93
N GLU D 190 65.06 -0.59 49.43
CA GLU D 190 65.63 -1.90 49.70
C GLU D 190 65.96 -2.08 51.18
N LEU D 191 65.05 -2.76 51.88
CA LEU D 191 65.22 -3.03 53.30
C LEU D 191 66.48 -3.83 53.56
N ALA D 192 66.75 -4.79 52.67
CA ALA D 192 67.81 -5.76 52.85
C ALA D 192 68.52 -5.99 51.51
N PRO D 193 69.65 -6.73 51.52
CA PRO D 193 70.30 -7.04 50.23
C PRO D 193 69.56 -8.10 49.40
N GLY D 194 68.40 -8.55 49.86
CA GLY D 194 67.59 -9.48 49.09
C GLY D 194 66.09 -9.23 49.15
N VAL D 195 65.69 -8.22 49.93
CA VAL D 195 64.28 -7.89 50.08
C VAL D 195 64.00 -6.42 49.77
N VAL D 196 63.01 -6.18 48.91
CA VAL D 196 62.58 -4.83 48.59
C VAL D 196 61.19 -4.59 49.17
N SER D 197 61.12 -3.75 50.18
CA SER D 197 59.87 -3.47 50.87
C SER D 197 58.84 -2.89 49.90
N ARG D 198 57.57 -3.08 50.20
CA ARG D 198 56.52 -2.61 49.33
C ARG D 198 55.68 -1.47 49.94
N LEU D 199 56.17 -0.91 51.05
CA LEU D 199 55.49 0.19 51.74
C LEU D 199 56.44 1.05 52.56
N ASP D 200 56.02 2.28 52.86
CA ASP D 200 56.85 3.23 53.60
C ASP D 200 56.87 2.90 55.10
N GLY D 201 56.80 3.94 55.93
CA GLY D 201 56.76 3.78 57.37
C GLY D 201 58.14 3.65 58.02
N VAL D 202 58.19 2.98 59.15
CA VAL D 202 59.44 2.76 59.85
C VAL D 202 59.84 1.29 59.73
N ALA D 203 61.12 0.98 59.94
CA ALA D 203 61.58 -0.41 59.94
C ALA D 203 61.79 -0.91 61.35
N LEU D 204 61.84 -2.25 61.47
CA LEU D 204 61.98 -2.93 62.75
C LEU D 204 62.81 -4.19 62.53
N TYR D 205 63.39 -4.74 63.59
CA TYR D 205 64.09 -6.02 63.48
C TYR D 205 63.23 -7.17 63.97
N ARG D 206 63.81 -8.36 63.96
CA ARG D 206 63.16 -9.53 64.53
C ARG D 206 64.09 -10.20 65.52
N PHE D 207 64.91 -11.14 65.05
CA PHE D 207 65.81 -11.87 65.92
C PHE D 207 67.28 -11.63 65.55
N PRO D 208 68.18 -11.76 66.53
CA PRO D 208 69.59 -11.41 66.31
C PRO D 208 70.51 -12.62 66.15
N ARG D 209 71.30 -12.61 65.06
CA ARG D 209 72.24 -13.68 64.77
C ARG D 209 73.68 -13.18 64.75
N ARG D 210 73.88 -11.88 64.94
CA ARG D 210 75.22 -11.30 64.87
C ARG D 210 75.28 -9.96 65.61
N VAL D 211 76.39 -9.73 66.32
CA VAL D 211 76.54 -8.55 67.18
C VAL D 211 77.92 -7.91 67.00
N ARG D 212 78.11 -7.20 65.89
CA ARG D 212 79.40 -6.61 65.56
C ARG D 212 79.51 -5.17 66.04
N VAL D 213 80.37 -4.93 67.04
CA VAL D 213 80.54 -3.59 67.59
C VAL D 213 81.75 -3.48 68.53
N GLU D 214 82.45 -2.35 68.43
CA GLU D 214 83.64 -2.01 69.22
C GLU D 214 83.62 -2.43 70.71
N TYR D 215 84.58 -3.29 71.07
CA TYR D 215 84.79 -3.79 72.44
C TYR D 215 86.27 -3.77 72.83
N VAL D 216 86.70 -2.75 73.57
CA VAL D 216 88.10 -2.60 74.02
C VAL D 216 88.67 -3.86 74.67
N THR D 340 90.36 -0.22 70.23
CA THR D 340 89.05 -0.80 70.54
C THR D 340 88.59 -1.83 69.49
N GLU D 341 88.29 -3.04 69.96
CA GLU D 341 88.09 -4.19 69.08
C GLU D 341 86.65 -4.75 69.00
N PRO D 342 86.04 -4.67 67.81
CA PRO D 342 84.66 -5.14 67.59
C PRO D 342 84.52 -6.67 67.38
N LYS D 343 84.38 -7.41 68.47
CA LYS D 343 84.18 -8.86 68.38
C LYS D 343 82.70 -9.17 68.17
N ASP D 344 82.39 -9.78 67.03
CA ASP D 344 81.01 -10.07 66.64
C ASP D 344 80.25 -10.97 67.61
N TYR D 345 80.84 -12.11 67.94
CA TYR D 345 80.16 -13.14 68.74
C TYR D 345 78.89 -13.66 68.06
N ARG D 346 78.98 -14.83 67.44
CA ARG D 346 77.83 -15.47 66.81
C ARG D 346 76.80 -15.93 67.83
N VAL D 347 75.69 -15.19 67.94
CA VAL D 347 74.58 -15.59 68.79
C VAL D 347 73.62 -16.52 68.04
N GLN D 348 73.50 -17.74 68.53
CA GLN D 348 72.56 -18.69 67.94
C GLN D 348 71.14 -18.27 68.29
N PRO D 349 70.19 -18.49 67.36
CA PRO D 349 68.79 -18.09 67.50
C PRO D 349 68.12 -18.60 68.78
N HIS D 350 68.54 -19.78 69.26
CA HIS D 350 67.96 -20.34 70.48
C HIS D 350 68.43 -19.60 71.74
N MET D 351 69.10 -18.48 71.54
CA MET D 351 69.51 -17.61 72.63
C MET D 351 68.78 -16.28 72.52
N ASN D 352 68.20 -15.83 73.62
CA ASN D 352 67.54 -14.52 73.67
C ASN D 352 68.55 -13.39 73.73
N VAL D 353 68.14 -12.21 73.26
CA VAL D 353 68.96 -11.00 73.37
C VAL D 353 68.09 -9.83 73.78
N VAL D 354 68.28 -9.36 75.01
CA VAL D 354 67.57 -8.19 75.49
C VAL D 354 68.46 -6.95 75.39
N VAL D 355 68.78 -6.55 74.17
CA VAL D 355 69.61 -5.37 73.92
C VAL D 355 69.08 -4.56 72.74
N PRO D 356 68.73 -3.29 72.99
CA PRO D 356 68.31 -2.37 71.92
C PRO D 356 69.49 -1.97 71.06
N GLU D 357 69.23 -1.63 69.79
CA GLU D 357 70.28 -1.18 68.87
C GLU D 357 70.92 0.12 69.36
N GLY D 358 72.25 0.18 69.33
CA GLY D 358 72.97 1.37 69.74
C GLY D 358 72.85 1.62 71.22
N ALA D 359 72.90 0.55 72.00
CA ALA D 359 72.80 0.62 73.46
C ALA D 359 74.18 0.74 74.08
N ARG D 360 74.23 0.83 75.41
CA ARG D 360 75.49 1.08 76.10
C ARG D 360 75.84 -0.05 77.07
N VAL D 361 76.96 -0.73 76.83
CA VAL D 361 77.36 -1.85 77.67
C VAL D 361 78.86 -1.83 78.06
N GLU D 362 79.15 -2.13 79.31
CA GLU D 362 80.53 -2.22 79.81
C GLU D 362 80.76 -3.57 80.48
N ALA D 363 82.02 -4.00 80.54
CA ALA D 363 82.44 -5.38 80.87
C ALA D 363 81.76 -6.10 82.06
N GLY D 364 80.50 -5.78 82.36
CA GLY D 364 79.78 -6.43 83.44
C GLY D 364 78.32 -6.71 83.14
N ASP D 365 77.84 -6.22 82.01
CA ASP D 365 76.43 -6.36 81.65
C ASP D 365 76.20 -7.38 80.53
N LYS D 366 75.62 -8.52 80.86
CA LYS D 366 75.28 -9.55 79.87
C LYS D 366 74.52 -8.97 78.67
N ILE D 367 74.92 -9.38 77.47
CA ILE D 367 74.26 -8.90 76.27
C ILE D 367 73.28 -9.95 75.74
N VAL D 368 73.80 -10.96 75.05
CA VAL D 368 72.98 -12.11 74.66
C VAL D 368 72.68 -12.96 75.90
N ALA D 369 71.57 -12.64 76.56
CA ALA D 369 71.09 -13.43 77.69
C ALA D 369 70.23 -14.60 77.20
N ALA D 370 70.89 -15.68 76.80
CA ALA D 370 70.23 -16.88 76.30
C ALA D 370 69.14 -17.39 77.22
N ILE D 371 68.14 -18.06 76.65
CA ILE D 371 67.07 -18.70 77.40
C ILE D 371 67.70 -19.69 78.37
N ASP D 372 68.71 -20.39 77.85
CA ASP D 372 69.53 -21.30 78.63
C ASP D 372 70.62 -20.56 79.40
N PRO D 373 70.75 -20.83 80.71
CA PRO D 373 71.82 -20.26 81.52
C PRO D 373 73.16 -20.96 81.23
N GLU D 374 74.24 -20.44 81.81
CA GLU D 374 75.59 -20.96 81.58
C GLU D 374 76.09 -20.76 80.14
N GLU D 375 77.36 -20.37 80.03
CA GLU D 375 78.01 -20.10 78.74
C GLU D 375 77.50 -18.83 78.03
N GLU D 376 76.31 -18.35 78.45
CA GLU D 376 75.72 -17.13 77.89
C GLU D 376 76.72 -15.98 77.95
N VAL D 377 76.83 -15.25 76.85
CA VAL D 377 77.88 -14.24 76.71
C VAL D 377 77.73 -13.14 77.76
N ILE D 378 78.87 -12.69 78.27
CA ILE D 378 78.91 -11.59 79.21
C ILE D 378 79.27 -10.35 78.42
N ALA D 379 79.34 -9.21 79.10
CA ALA D 379 79.81 -7.99 78.46
C ALA D 379 81.28 -8.13 78.15
N GLU D 380 81.63 -8.01 76.88
CA GLU D 380 83.02 -8.05 76.48
C GLU D 380 83.54 -6.63 76.37
N ALA D 381 84.32 -6.22 77.38
CA ALA D 381 84.89 -4.88 77.43
C ALA D 381 83.81 -3.79 77.46
N GLU D 382 84.12 -2.65 76.85
CA GLU D 382 83.25 -1.49 76.89
C GLU D 382 82.71 -1.11 75.51
N GLY D 383 81.71 -0.23 75.48
CA GLY D 383 81.27 0.36 74.23
C GLY D 383 79.79 0.19 73.92
N VAL D 384 79.41 0.53 72.69
CA VAL D 384 78.03 0.41 72.25
C VAL D 384 77.71 -1.02 71.80
N VAL D 385 76.47 -1.25 71.34
CA VAL D 385 76.07 -2.57 70.87
C VAL D 385 75.25 -2.48 69.58
N HIS D 386 75.54 -3.37 68.62
CA HIS D 386 74.80 -3.43 67.36
C HIS D 386 74.16 -4.79 67.10
N LEU D 387 73.28 -4.85 66.10
CA LEU D 387 72.55 -6.07 65.75
C LEU D 387 72.60 -6.30 64.23
N HIS D 388 72.97 -7.53 63.84
CA HIS D 388 73.14 -7.86 62.43
C HIS D 388 72.33 -9.10 61.99
N GLU D 389 72.03 -9.18 60.70
CA GLU D 389 71.18 -10.22 60.12
C GLU D 389 69.96 -10.69 60.92
N PRO D 390 68.89 -9.87 60.91
CA PRO D 390 67.61 -10.30 61.50
C PRO D 390 66.91 -11.30 60.60
N ALA D 391 66.08 -12.18 61.17
CA ALA D 391 65.37 -13.17 60.38
C ALA D 391 64.18 -12.56 59.66
N SER D 392 63.80 -11.35 60.07
CA SER D 392 62.65 -10.68 59.49
C SER D 392 62.75 -9.17 59.69
N ILE D 393 62.88 -8.43 58.59
CA ILE D 393 62.78 -6.98 58.66
C ILE D 393 61.38 -6.56 58.25
N LEU D 394 60.56 -6.20 59.23
CA LEU D 394 59.19 -5.79 58.95
C LEU D 394 58.97 -4.32 59.26
N VAL D 395 58.24 -3.66 58.37
CA VAL D 395 57.91 -2.24 58.56
C VAL D 395 56.55 -2.14 59.24
N VAL D 396 56.23 -0.95 59.76
CA VAL D 396 54.94 -0.72 60.43
C VAL D 396 54.47 0.71 60.18
N LYS D 397 53.15 0.93 60.14
CA LYS D 397 52.57 2.25 59.90
C LYS D 397 52.55 3.09 61.18
N ALA D 398 53.35 2.69 62.16
CA ALA D 398 53.43 3.45 63.40
C ALA D 398 54.47 4.56 63.25
N ARG D 399 54.54 5.41 64.27
CA ARG D 399 55.58 6.42 64.35
C ARG D 399 56.26 6.27 65.71
N VAL D 400 57.55 6.54 65.76
CA VAL D 400 58.35 6.30 66.97
C VAL D 400 58.41 7.48 67.94
N TYR D 401 57.90 7.25 69.15
CA TYR D 401 57.94 8.22 70.23
C TYR D 401 58.58 7.58 71.46
N PRO D 402 59.88 7.84 71.67
CA PRO D 402 60.62 7.33 72.83
C PRO D 402 60.18 8.05 74.12
N PHE D 403 60.59 7.54 75.27
CA PHE D 403 60.32 8.19 76.55
C PHE D 403 61.34 7.72 77.57
N GLU D 404 61.59 8.53 78.59
CA GLU D 404 62.51 8.13 79.66
C GLU D 404 61.77 7.76 80.93
N ASP D 405 60.61 8.37 81.13
CA ASP D 405 59.77 8.09 82.30
C ASP D 405 58.32 8.50 82.05
N ASP D 406 57.43 8.10 82.96
CA ASP D 406 56.00 8.43 82.88
C ASP D 406 55.28 7.81 81.68
N VAL D 407 54.43 6.81 81.95
CA VAL D 407 53.61 6.21 80.91
C VAL D 407 52.13 6.35 81.28
N GLU D 408 51.48 7.37 80.71
CA GLU D 408 50.08 7.65 81.02
C GLU D 408 49.13 7.05 79.99
N VAL D 409 49.54 7.02 78.73
CA VAL D 409 48.74 6.39 77.69
C VAL D 409 48.97 4.87 77.66
N SER D 410 47.91 4.12 77.89
CA SER D 410 47.95 2.66 77.91
C SER D 410 47.99 2.07 76.50
N THR D 411 47.40 0.89 76.33
CA THR D 411 47.47 0.17 75.06
C THR D 411 46.10 -0.05 74.39
N GLY D 412 45.94 0.48 73.18
CA GLY D 412 44.76 0.21 72.38
C GLY D 412 43.82 1.39 72.11
N ASP D 413 44.27 2.59 72.43
CA ASP D 413 43.42 3.79 72.35
C ASP D 413 43.83 4.77 71.24
N ARG D 414 42.85 5.22 70.48
CA ARG D 414 43.08 6.20 69.42
C ARG D 414 43.49 7.57 69.98
N VAL D 415 44.79 7.85 69.96
CA VAL D 415 45.31 9.11 70.45
C VAL D 415 45.37 10.18 69.35
N ALA D 416 44.59 11.24 69.54
CA ALA D 416 44.52 12.33 68.58
C ALA D 416 45.83 13.07 68.49
N PRO D 417 46.21 13.48 67.27
CA PRO D 417 47.45 14.22 66.97
C PRO D 417 47.70 15.39 67.91
N GLY D 418 48.28 15.10 69.07
CA GLY D 418 48.60 16.13 70.03
C GLY D 418 48.35 15.66 71.46
N ASP D 419 47.57 14.60 71.60
CA ASP D 419 47.28 14.03 72.90
C ASP D 419 48.52 13.42 73.53
N VAL D 420 48.84 13.87 74.74
CA VAL D 420 50.06 13.49 75.42
C VAL D 420 50.18 11.98 75.64
N LEU D 421 51.24 11.39 75.11
CA LEU D 421 51.48 9.96 75.21
C LEU D 421 52.24 9.60 76.49
N ALA D 422 53.47 10.11 76.60
CA ALA D 422 54.35 9.79 77.71
C ALA D 422 55.21 11.00 78.09
N ASP D 423 56.23 10.77 78.92
CA ASP D 423 57.17 11.83 79.35
C ASP D 423 56.51 13.03 80.02
N GLY D 424 55.32 12.82 80.60
CA GLY D 424 54.62 13.87 81.33
C GLY D 424 53.83 14.83 80.45
N GLY D 425 54.50 15.40 79.45
CA GLY D 425 53.88 16.34 78.54
C GLY D 425 54.76 16.73 77.36
N LYS D 426 55.92 16.07 77.26
CA LYS D 426 56.87 16.35 76.19
C LYS D 426 56.71 15.40 75.00
N VAL D 427 55.94 14.34 75.20
CA VAL D 427 55.68 13.36 74.14
C VAL D 427 54.19 13.30 73.80
N LYS D 428 53.87 13.68 72.57
CA LYS D 428 52.49 13.69 72.08
C LYS D 428 52.39 12.88 70.79
N SER D 429 51.17 12.55 70.39
CA SER D 429 50.94 11.81 69.15
C SER D 429 50.79 12.76 67.96
N ASP D 430 50.91 12.22 66.76
CA ASP D 430 50.78 13.00 65.52
C ASP D 430 49.67 12.41 64.64
N VAL D 431 49.22 11.21 65.01
CA VAL D 431 48.11 10.53 64.33
C VAL D 431 47.31 9.67 65.30
N TYR D 432 46.06 9.39 64.95
CA TYR D 432 45.19 8.50 65.73
C TYR D 432 45.65 7.05 65.56
N GLY D 433 44.92 6.13 66.18
CA GLY D 433 45.19 4.70 66.04
C GLY D 433 45.62 4.01 67.32
N ARG D 434 45.83 2.70 67.26
CA ARG D 434 46.16 1.93 68.46
C ARG D 434 47.57 2.19 68.96
N VAL D 435 47.68 2.48 70.25
CA VAL D 435 48.96 2.72 70.90
C VAL D 435 49.49 1.44 71.53
N GLU D 436 50.63 0.96 71.05
CA GLU D 436 51.28 -0.21 71.66
C GLU D 436 52.50 0.22 72.47
N VAL D 437 52.33 0.25 73.79
CA VAL D 437 53.42 0.63 74.68
C VAL D 437 54.46 -0.50 74.74
N ASP D 438 55.73 -0.14 74.57
CA ASP D 438 56.81 -1.11 74.56
C ASP D 438 57.86 -0.78 75.62
N LEU D 439 57.60 -1.26 76.84
CA LEU D 439 58.45 -1.00 77.99
C LEU D 439 59.85 -1.60 77.80
N VAL D 440 59.92 -2.63 76.96
CA VAL D 440 61.19 -3.31 76.68
C VAL D 440 62.19 -2.41 75.94
N ARG D 441 61.75 -1.75 74.88
CA ARG D 441 62.63 -0.85 74.13
C ARG D 441 62.55 0.58 74.65
N ASN D 442 61.73 0.78 75.67
CA ASN D 442 61.46 2.11 76.23
C ASN D 442 61.00 3.12 75.18
N VAL D 443 59.89 2.80 74.52
CA VAL D 443 59.33 3.65 73.47
C VAL D 443 57.86 3.32 73.22
N VAL D 444 57.02 4.35 73.21
CA VAL D 444 55.59 4.16 72.94
C VAL D 444 55.23 4.62 71.53
N ARG D 445 54.72 3.69 70.71
CA ARG D 445 54.37 4.00 69.33
C ARG D 445 52.86 3.99 69.12
N VAL D 446 52.43 4.41 67.93
CA VAL D 446 51.01 4.38 67.59
C VAL D 446 50.77 4.14 66.09
N VAL D 447 50.06 3.06 65.78
CA VAL D 447 49.78 2.70 64.39
C VAL D 447 48.68 3.60 63.81
N GLU D 448 48.87 4.03 62.58
CA GLU D 448 47.97 5.01 61.95
C GLU D 448 46.65 4.37 61.57
N SER D 449 45.61 4.63 62.38
CA SER D 449 44.29 4.08 62.12
C SER D 449 43.19 5.03 62.61
N TYR D 450 41.95 4.72 62.25
CA TYR D 450 40.82 5.57 62.61
C TYR D 450 39.49 4.82 62.50
N ASP D 451 38.47 5.31 63.18
CA ASP D 451 37.11 4.77 63.09
C ASP D 451 36.37 5.39 61.92
N ILE D 452 36.86 5.09 60.71
CA ILE D 452 36.24 5.60 59.49
C ILE D 452 34.96 4.82 59.15
N ASP D 453 33.86 5.54 58.93
CA ASP D 453 32.61 4.92 58.52
C ASP D 453 32.70 4.47 57.07
N ALA D 454 32.32 3.22 56.82
CA ALA D 454 32.62 2.57 55.55
C ALA D 454 31.54 1.56 55.17
N ARG D 455 31.06 1.62 53.93
CA ARG D 455 30.02 0.72 53.48
C ARG D 455 30.19 0.26 52.04
N MET D 456 29.37 -0.72 51.64
CA MET D 456 29.44 -1.27 50.30
C MET D 456 28.05 -1.57 49.76
N GLY D 457 27.92 -1.62 48.44
CA GLY D 457 26.66 -1.95 47.82
C GLY D 457 25.69 -0.78 47.73
N ALA D 458 24.41 -1.07 47.86
CA ALA D 458 23.36 -0.06 47.73
C ALA D 458 22.96 0.54 49.07
N GLU D 459 23.16 -0.22 50.15
CA GLU D 459 22.93 0.32 51.49
C GLU D 459 23.95 1.42 51.75
N ALA D 460 25.08 1.35 51.06
CA ALA D 460 26.13 2.34 51.14
C ALA D 460 25.64 3.67 50.57
N ILE D 461 25.06 3.60 49.38
CA ILE D 461 24.57 4.78 48.69
C ILE D 461 23.34 5.38 49.38
N GLN D 462 22.42 4.52 49.80
CA GLN D 462 21.14 4.95 50.36
C GLN D 462 21.26 5.94 51.51
N GLN D 463 22.15 5.62 52.43
CA GLN D 463 22.41 6.48 53.57
C GLN D 463 23.00 7.82 53.09
N LEU D 464 23.86 7.76 52.07
CA LEU D 464 24.47 8.98 51.56
C LEU D 464 23.43 9.84 50.83
N LEU D 465 22.34 9.20 50.40
CA LEU D 465 21.22 9.89 49.77
C LEU D 465 20.36 10.59 50.81
N LYS D 466 20.06 9.86 51.88
CA LYS D 466 19.32 10.43 53.00
C LYS D 466 20.08 11.62 53.60
N GLU D 467 21.39 11.48 53.73
CA GLU D 467 22.24 12.52 54.31
C GLU D 467 22.34 13.74 53.41
N LEU D 468 21.98 13.60 52.14
CA LEU D 468 22.07 14.73 51.23
C LEU D 468 21.02 15.78 51.57
N ASP D 469 21.49 16.95 52.00
CA ASP D 469 20.58 18.06 52.27
C ASP D 469 20.28 18.82 50.98
N LEU D 470 19.08 18.63 50.47
CA LEU D 470 18.63 19.23 49.21
C LEU D 470 18.80 20.74 49.25
N GLU D 471 18.65 21.30 50.44
CA GLU D 471 18.66 22.74 50.64
C GLU D 471 20.03 23.37 50.40
N ALA D 472 21.00 23.05 51.24
CA ALA D 472 22.33 23.67 51.19
C ALA D 472 22.97 23.57 49.82
N LEU D 473 22.76 22.42 49.18
CA LEU D 473 23.30 22.17 47.86
C LEU D 473 22.71 23.15 46.86
N GLU D 474 21.43 23.46 47.02
CA GLU D 474 20.74 24.39 46.12
C GLU D 474 21.41 25.76 46.12
N LYS D 475 21.80 26.24 47.30
CA LYS D 475 22.47 27.53 47.41
C LYS D 475 23.89 27.43 46.85
N GLU D 476 24.59 26.37 47.27
CA GLU D 476 25.97 26.15 46.86
C GLU D 476 26.12 26.15 45.34
N LEU D 477 25.19 25.48 44.67
CA LEU D 477 25.17 25.40 43.22
C LEU D 477 24.57 26.67 42.62
N LEU D 478 23.71 27.34 43.37
CA LEU D 478 23.13 28.61 42.91
C LEU D 478 24.25 29.63 42.76
N GLU D 479 25.34 29.44 43.51
CA GLU D 479 26.53 30.28 43.34
C GLU D 479 27.53 29.66 42.35
N GLU D 480 27.70 28.35 42.44
CA GLU D 480 28.59 27.62 41.54
C GLU D 480 28.15 27.72 40.07
N MET D 481 26.91 28.11 39.83
CA MET D 481 26.38 28.26 38.47
C MET D 481 26.81 29.57 37.82
N LYS D 482 26.84 30.63 38.63
CA LYS D 482 27.05 31.98 38.12
C LYS D 482 28.51 32.41 38.20
N HIS D 483 29.05 32.41 39.42
CA HIS D 483 30.39 32.93 39.70
C HIS D 483 31.51 32.21 38.92
N PRO D 484 31.50 30.88 38.89
CA PRO D 484 32.49 30.20 38.05
C PRO D 484 32.29 30.48 36.57
N SER D 485 33.28 30.10 35.77
CA SER D 485 33.23 30.24 34.32
C SER D 485 32.53 29.04 33.67
N ARG D 486 32.81 28.84 32.38
CA ARG D 486 32.19 27.77 31.59
C ARG D 486 32.54 26.37 32.10
N ALA D 487 33.62 26.27 32.87
CA ALA D 487 34.07 24.99 33.40
C ALA D 487 33.07 24.36 34.37
N ARG D 488 32.67 25.13 35.38
CA ARG D 488 31.80 24.60 36.43
C ARG D 488 30.34 24.95 36.17
N ARG D 489 30.13 25.88 35.23
CA ARG D 489 28.80 26.33 34.87
C ARG D 489 27.96 25.19 34.31
N ALA D 490 28.51 24.46 33.34
CA ALA D 490 27.81 23.33 32.75
C ALA D 490 27.54 22.25 33.79
N LYS D 491 28.39 22.19 34.80
CA LYS D 491 28.21 21.25 35.91
C LYS D 491 26.96 21.60 36.71
N ALA D 492 27.01 22.74 37.40
CA ALA D 492 25.90 23.18 38.24
C ALA D 492 24.60 23.36 37.44
N ARG D 493 24.75 23.55 36.13
CA ARG D 493 23.64 23.71 35.21
C ARG D 493 22.68 22.53 35.30
N LYS D 494 23.13 21.38 34.81
CA LYS D 494 22.35 20.16 34.87
C LYS D 494 22.18 19.67 36.30
N ARG D 495 23.16 19.98 37.15
CA ARG D 495 23.13 19.50 38.53
C ARG D 495 21.97 20.06 39.36
N LEU D 496 21.86 21.39 39.41
CA LEU D 496 20.89 22.06 40.27
C LEU D 496 19.46 21.65 39.94
N GLU D 497 19.20 21.42 38.67
CA GLU D 497 17.87 21.09 38.18
C GLU D 497 17.33 19.82 38.83
N VAL D 498 18.22 18.86 39.07
CA VAL D 498 17.84 17.56 39.61
C VAL D 498 17.26 17.69 41.02
N VAL D 499 18.07 18.21 41.93
CA VAL D 499 17.65 18.47 43.30
C VAL D 499 16.44 19.40 43.34
N ARG D 500 16.47 20.46 42.53
CA ARG D 500 15.34 21.36 42.38
C ARG D 500 14.07 20.59 42.08
N ALA D 501 14.19 19.57 41.24
CA ALA D 501 13.08 18.71 40.90
C ALA D 501 12.62 17.91 42.12
N PHE D 502 13.56 17.27 42.81
CA PHE D 502 13.20 16.46 43.99
C PHE D 502 12.49 17.28 45.08
N LEU D 503 12.87 18.55 45.21
CA LEU D 503 12.27 19.44 46.19
C LEU D 503 10.79 19.66 45.89
N ASP D 504 10.48 20.21 44.73
CA ASP D 504 9.10 20.48 44.33
C ASP D 504 8.37 19.23 43.88
N SER D 505 8.51 18.14 44.63
CA SER D 505 7.94 16.86 44.23
C SER D 505 7.35 16.10 45.42
N GLY D 506 7.98 16.25 46.57
CA GLY D 506 7.52 15.60 47.79
C GLY D 506 8.17 14.25 47.99
N ASN D 507 9.15 13.96 47.14
CA ASN D 507 9.87 12.71 47.27
C ASN D 507 11.35 12.92 47.55
N ARG D 508 11.77 12.44 48.72
CA ARG D 508 13.17 12.47 49.11
C ARG D 508 13.94 11.50 48.24
N PRO D 509 15.20 11.81 47.95
CA PRO D 509 16.02 10.98 47.06
C PRO D 509 16.23 9.57 47.62
N GLU D 510 16.05 9.39 48.93
CA GLU D 510 16.23 8.09 49.57
C GLU D 510 15.29 7.01 49.01
N TRP D 511 14.19 7.42 48.39
CA TRP D 511 13.23 6.48 47.86
C TRP D 511 13.78 5.80 46.61
N MET D 512 14.81 6.41 46.01
CA MET D 512 15.44 5.85 44.82
C MET D 512 15.87 4.40 45.02
N ILE D 513 16.48 4.12 46.17
CA ILE D 513 16.80 2.74 46.51
C ILE D 513 15.58 2.05 47.10
N LEU D 514 15.00 1.15 46.32
CA LEU D 514 13.85 0.39 46.78
C LEU D 514 14.33 -0.84 47.55
N GLU D 515 13.86 -0.99 48.77
CA GLU D 515 14.23 -2.15 49.57
C GLU D 515 13.13 -3.19 49.51
N ALA D 516 12.03 -2.84 48.87
CA ALA D 516 10.94 -3.77 48.64
C ALA D 516 10.61 -3.81 47.15
N VAL D 517 10.57 -5.01 46.60
CA VAL D 517 10.33 -5.19 45.16
C VAL D 517 8.89 -5.56 44.88
N PRO D 518 8.13 -4.64 44.27
CA PRO D 518 6.74 -4.91 43.88
C PRO D 518 6.67 -5.99 42.83
N VAL D 519 5.76 -6.94 43.00
CA VAL D 519 5.56 -7.99 42.01
C VAL D 519 4.28 -7.72 41.23
N LEU D 520 4.35 -7.91 39.92
CA LEU D 520 3.20 -7.76 39.04
C LEU D 520 2.12 -8.76 39.42
N PRO D 521 0.86 -8.38 39.19
CA PRO D 521 -0.27 -9.31 39.31
C PRO D 521 -0.11 -10.52 38.39
N PRO D 522 -0.77 -11.65 38.75
CA PRO D 522 -0.73 -12.90 37.99
C PRO D 522 -1.08 -12.79 36.51
N ASP D 523 -2.35 -12.58 36.19
CA ASP D 523 -2.81 -12.70 34.81
C ASP D 523 -2.05 -11.80 33.83
N LEU D 524 -1.39 -10.77 34.36
CA LEU D 524 -0.51 -9.94 33.54
C LEU D 524 0.76 -10.72 33.17
N ARG D 525 0.92 -11.89 33.79
CA ARG D 525 2.02 -12.81 33.55
C ARG D 525 1.44 -14.21 33.49
N PRO D 526 0.75 -14.56 32.39
CA PRO D 526 -0.04 -15.80 32.32
C PRO D 526 0.77 -17.09 32.21
N MET D 527 0.87 -17.82 33.32
CA MET D 527 1.43 -19.16 33.32
C MET D 527 0.36 -20.08 32.73
N VAL D 528 0.35 -20.20 31.41
CA VAL D 528 -0.79 -20.82 30.74
C VAL D 528 -0.46 -21.99 29.79
N GLN D 529 -1.24 -23.05 29.93
CA GLN D 529 -1.22 -24.19 29.03
C GLN D 529 -1.62 -23.75 27.63
N VAL D 530 -0.76 -24.03 26.65
CA VAL D 530 -1.02 -23.63 25.25
C VAL D 530 -1.61 -24.76 24.40
N ASP D 531 -0.79 -25.75 24.03
CA ASP D 531 -1.27 -26.93 23.30
C ASP D 531 -0.39 -28.17 23.58
N GLY D 532 -1.05 -29.32 23.78
CA GLY D 532 -0.37 -30.58 24.02
C GLY D 532 0.28 -30.71 25.39
N GLY D 533 0.24 -29.62 26.16
CA GLY D 533 0.91 -29.57 27.45
C GLY D 533 2.07 -28.58 27.41
N ARG D 534 2.24 -27.90 26.29
CA ARG D 534 3.24 -26.83 26.20
C ARG D 534 2.79 -25.69 27.09
N PHE D 535 3.69 -25.18 27.92
CA PHE D 535 3.36 -24.11 28.85
C PHE D 535 4.03 -22.79 28.53
N ALA D 536 3.24 -21.83 28.05
CA ALA D 536 3.77 -20.49 27.87
C ALA D 536 3.66 -19.71 29.16
N THR D 537 4.80 -19.42 29.77
CA THR D 537 4.88 -18.56 30.93
C THR D 537 5.59 -17.27 30.55
N SER D 538 4.95 -16.13 30.81
CA SER D 538 5.58 -14.85 30.50
C SER D 538 6.89 -14.80 31.26
N ASP D 539 7.96 -14.46 30.55
CA ASP D 539 9.32 -14.52 31.07
C ASP D 539 9.49 -13.85 32.42
N LEU D 540 8.55 -12.98 32.77
CA LEU D 540 8.52 -12.35 34.07
C LEU D 540 8.49 -13.37 35.21
N ASN D 541 7.81 -14.50 35.02
CA ASN D 541 7.82 -15.56 36.03
C ASN D 541 9.24 -16.12 36.25
N ASP D 542 9.91 -16.48 35.16
CA ASP D 542 11.28 -16.96 35.23
C ASP D 542 12.22 -15.89 35.78
N LEU D 543 11.83 -14.63 35.66
CA LEU D 543 12.63 -13.51 36.17
C LEU D 543 12.43 -13.29 37.68
N TYR D 544 11.19 -13.42 38.13
CA TYR D 544 10.85 -13.32 39.54
C TYR D 544 11.36 -14.54 40.31
N ARG D 545 11.56 -15.64 39.59
CA ARG D 545 12.02 -16.88 40.19
C ARG D 545 13.41 -16.75 40.82
N ARG D 546 14.39 -16.40 40.00
CA ARG D 546 15.77 -16.27 40.48
C ARG D 546 15.94 -15.15 41.50
N LEU D 547 15.06 -14.15 41.43
CA LEU D 547 15.08 -13.03 42.39
C LEU D 547 14.83 -13.57 43.79
N ILE D 548 13.87 -14.48 43.91
CA ILE D 548 13.58 -15.14 45.18
C ILE D 548 14.68 -16.13 45.53
N ASN D 549 15.16 -16.86 44.52
CA ASN D 549 16.22 -17.85 44.71
C ASN D 549 17.49 -17.25 45.31
N ARG D 550 17.71 -15.96 45.04
CA ARG D 550 18.87 -15.27 45.58
C ARG D 550 18.51 -14.49 46.84
N ASN D 551 17.28 -13.97 46.87
CA ASN D 551 16.79 -13.23 48.03
C ASN D 551 16.79 -14.07 49.30
N ASN D 552 16.10 -15.21 49.24
CA ASN D 552 16.02 -16.11 50.38
C ASN D 552 17.36 -16.78 50.67
N ARG D 553 18.25 -16.78 49.67
CA ARG D 553 19.58 -17.32 49.86
C ARG D 553 20.49 -16.28 50.50
N LEU D 554 20.05 -15.03 50.49
CA LEU D 554 20.81 -13.96 51.14
C LEU D 554 20.32 -13.75 52.57
N LYS D 555 19.00 -13.77 52.76
CA LYS D 555 18.38 -13.63 54.08
C LYS D 555 18.71 -14.80 55.00
N LYS D 556 18.60 -16.02 54.47
CA LYS D 556 18.93 -17.23 55.23
C LYS D 556 20.41 -17.24 55.61
N LEU D 557 21.22 -16.68 54.73
CA LEU D 557 22.68 -16.70 54.88
C LEU D 557 23.16 -15.85 56.05
N LEU D 558 22.50 -14.72 56.28
CA LEU D 558 22.86 -13.84 57.39
C LEU D 558 22.66 -14.53 58.74
N ALA D 559 21.74 -15.50 58.78
CA ALA D 559 21.40 -16.19 60.02
C ALA D 559 22.53 -17.11 60.51
N GLN D 560 22.86 -18.11 59.72
CA GLN D 560 23.88 -19.11 60.09
C GLN D 560 25.28 -18.50 60.27
N GLY D 561 26.00 -18.37 59.17
CA GLY D 561 27.32 -17.76 59.20
C GLY D 561 27.26 -16.36 58.63
N ALA D 562 28.41 -15.82 58.24
CA ALA D 562 28.47 -14.50 57.61
C ALA D 562 29.79 -14.18 56.90
N PRO D 563 30.23 -15.03 55.96
CA PRO D 563 31.51 -14.71 55.31
C PRO D 563 31.40 -13.50 54.36
N GLU D 564 32.46 -12.71 54.26
CA GLU D 564 32.46 -11.51 53.42
C GLU D 564 32.33 -11.87 51.95
N ILE D 565 33.10 -12.85 51.50
CA ILE D 565 33.03 -13.31 50.12
C ILE D 565 31.64 -13.83 49.84
N ILE D 566 31.22 -14.84 50.58
CA ILE D 566 29.93 -15.48 50.35
C ILE D 566 28.79 -14.46 50.36
N ILE D 567 28.68 -13.74 51.47
CA ILE D 567 27.59 -12.77 51.63
C ILE D 567 27.66 -11.58 50.66
N ARG D 568 28.83 -10.96 50.49
CA ARG D 568 28.95 -9.82 49.57
C ARG D 568 28.74 -10.21 48.11
N ASN D 569 29.37 -11.31 47.71
CA ASN D 569 29.15 -11.87 46.37
C ASN D 569 27.67 -12.12 46.19
N GLU D 570 27.02 -12.57 47.26
CA GLU D 570 25.59 -12.77 47.26
C GLU D 570 24.82 -11.45 47.07
N LYS D 571 25.34 -10.37 47.65
CA LYS D 571 24.70 -9.06 47.57
C LYS D 571 24.78 -8.55 46.14
N ARG D 572 25.94 -8.77 45.53
CA ARG D 572 26.14 -8.46 44.13
C ARG D 572 25.18 -9.29 43.26
N MET D 573 25.05 -10.57 43.59
CA MET D 573 24.14 -11.45 42.86
C MET D 573 22.70 -10.95 42.93
N LEU D 574 22.31 -10.45 44.09
CA LEU D 574 20.95 -9.95 44.30
C LEU D 574 20.73 -8.68 43.50
N GLN D 575 21.66 -7.74 43.68
CA GLN D 575 21.65 -6.44 42.99
C GLN D 575 21.62 -6.60 41.48
N GLU D 576 22.19 -7.71 41.01
CA GLU D 576 22.20 -8.02 39.58
C GLU D 576 20.87 -8.64 39.15
N ALA D 577 20.40 -9.60 39.94
CA ALA D 577 19.19 -10.34 39.62
C ALA D 577 17.96 -9.45 39.57
N VAL D 578 17.84 -8.52 40.53
CA VAL D 578 16.69 -7.62 40.53
C VAL D 578 16.76 -6.65 39.34
N ASP D 579 17.98 -6.24 38.98
CA ASP D 579 18.18 -5.40 37.80
C ASP D 579 17.69 -6.14 36.55
N ALA D 580 17.93 -7.44 36.49
CA ALA D 580 17.47 -8.27 35.37
C ALA D 580 15.96 -8.18 35.23
N LEU D 581 15.27 -8.18 36.37
CA LEU D 581 13.83 -8.04 36.41
C LEU D 581 13.40 -6.65 35.96
N LEU D 582 14.13 -5.64 36.40
CA LEU D 582 13.82 -4.25 36.03
C LEU D 582 14.22 -3.92 34.59
N ASP D 583 15.49 -3.59 34.38
CA ASP D 583 16.00 -3.26 33.05
C ASP D 583 17.03 -4.28 32.57
N ASN D 584 16.54 -5.33 31.90
CA ASN D 584 17.41 -6.37 31.33
C ASN D 584 18.23 -5.83 30.16
N GLY D 585 19.54 -6.03 30.21
CA GLY D 585 20.37 -5.72 29.08
C GLY D 585 21.47 -4.71 29.36
N ARG D 586 21.33 -3.98 30.47
CA ARG D 586 22.31 -2.97 30.82
C ARG D 586 23.59 -3.59 31.35
N ARG D 587 23.51 -4.85 31.76
CA ARG D 587 24.67 -5.60 32.25
C ARG D 587 24.69 -7.02 31.71
N GLY D 588 25.26 -7.20 30.52
CA GLY D 588 25.24 -8.50 29.87
C GLY D 588 23.84 -8.82 29.38
N ALA D 589 23.39 -10.05 29.63
CA ALA D 589 22.04 -10.46 29.25
C ALA D 589 21.64 -11.78 29.89
N PRO D 590 20.85 -11.71 30.98
CA PRO D 590 20.32 -12.91 31.61
C PRO D 590 19.49 -13.74 30.64
N VAL D 591 19.81 -15.02 30.52
CA VAL D 591 19.09 -15.91 29.61
C VAL D 591 18.66 -17.19 30.30
N THR D 592 17.60 -17.79 29.80
CA THR D 592 17.19 -19.11 30.23
C THR D 592 18.24 -20.10 29.71
N ASN D 593 18.59 -21.07 30.56
CA ASN D 593 19.57 -22.10 30.22
C ASN D 593 19.44 -22.60 28.79
N PRO D 594 20.59 -22.81 28.12
CA PRO D 594 20.77 -23.19 26.72
C PRO D 594 19.53 -23.79 26.04
N GLY D 595 18.89 -22.98 25.21
CA GLY D 595 17.68 -23.35 24.49
C GLY D 595 17.16 -22.11 23.79
N SER D 596 17.28 -20.98 24.49
CA SER D 596 16.98 -19.68 23.92
C SER D 596 17.99 -18.65 24.45
N ASP D 597 18.77 -18.07 23.54
CA ASP D 597 19.80 -17.10 23.91
C ASP D 597 19.23 -15.70 24.02
N ARG D 598 17.90 -15.63 24.01
CA ARG D 598 17.19 -14.37 24.18
C ARG D 598 17.20 -13.94 25.64
N PRO D 599 17.35 -12.64 25.87
CA PRO D 599 17.17 -12.13 27.24
C PRO D 599 15.68 -12.07 27.54
N LEU D 600 15.29 -12.27 28.79
CA LEU D 600 13.89 -12.24 29.18
C LEU D 600 13.33 -10.83 29.07
N ARG D 601 12.18 -10.69 28.43
CA ARG D 601 11.52 -9.39 28.34
C ARG D 601 11.19 -8.87 29.74
N SER D 602 12.07 -8.01 30.26
CA SER D 602 11.89 -7.45 31.60
C SER D 602 10.78 -6.39 31.59
N LEU D 603 10.44 -5.89 32.77
CA LEU D 603 9.39 -4.88 32.93
C LEU D 603 9.60 -3.66 32.03
N THR D 604 10.86 -3.25 31.87
CA THR D 604 11.20 -2.13 31.02
C THR D 604 10.85 -2.44 29.57
N ASP D 605 10.97 -3.71 29.20
CA ASP D 605 10.69 -4.14 27.83
C ASP D 605 9.21 -4.41 27.57
N ILE D 606 8.43 -4.60 28.64
CA ILE D 606 7.00 -4.85 28.50
C ILE D 606 6.28 -3.56 28.10
N LEU D 607 7.07 -2.50 27.96
CA LEU D 607 6.57 -1.20 27.58
C LEU D 607 7.22 -0.68 26.30
N SER D 608 8.51 -0.35 26.38
CA SER D 608 9.22 0.22 25.24
C SER D 608 9.33 -0.75 24.07
N GLY D 609 8.85 -0.33 22.91
CA GLY D 609 8.92 -1.17 21.72
C GLY D 609 7.62 -1.17 20.94
N LYS D 610 7.69 -1.64 19.70
CA LYS D 610 6.54 -1.68 18.80
C LYS D 610 5.36 -2.45 19.40
N GLN D 611 5.67 -3.50 20.16
CA GLN D 611 4.65 -4.35 20.76
C GLN D 611 4.67 -4.18 22.27
N GLY D 612 4.38 -2.97 22.73
CA GLY D 612 4.46 -2.66 24.15
C GLY D 612 3.16 -2.21 24.79
N ARG D 613 3.26 -1.13 25.57
CA ARG D 613 2.12 -0.58 26.28
C ARG D 613 2.16 0.94 26.20
N PHE D 614 2.75 1.45 25.12
CA PHE D 614 2.72 2.87 24.80
C PHE D 614 2.52 3.04 23.31
N ARG D 615 3.14 2.14 22.54
CA ARG D 615 2.93 2.08 21.11
C ARG D 615 1.74 1.15 20.82
N GLN D 616 1.22 0.57 21.91
CA GLN D 616 0.21 -0.48 21.84
C GLN D 616 -1.05 -0.03 21.12
N ASN D 617 -1.92 0.65 21.85
CA ASN D 617 -3.19 1.13 21.30
C ASN D 617 -3.01 2.15 20.19
N LEU D 618 -1.84 2.78 20.14
CA LEU D 618 -1.60 3.91 19.23
C LEU D 618 -1.62 3.54 17.76
N LEU D 619 -1.26 2.30 17.44
CA LEU D 619 -1.09 1.91 16.05
C LEU D 619 -1.60 0.51 15.75
N GLY D 620 -1.56 -0.37 16.75
CA GLY D 620 -1.93 -1.76 16.53
C GLY D 620 -3.40 -2.04 16.65
N LYS D 621 -3.70 -3.13 17.34
CA LYS D 621 -5.08 -3.56 17.61
C LYS D 621 -5.82 -4.04 16.37
N ARG D 622 -6.14 -5.33 16.37
CA ARG D 622 -6.93 -5.88 15.28
C ARG D 622 -8.40 -5.87 15.67
N VAL D 623 -9.22 -5.31 14.80
CA VAL D 623 -10.63 -5.17 15.09
C VAL D 623 -11.33 -6.51 15.05
N ASP D 624 -12.57 -6.52 15.51
CA ASP D 624 -13.34 -7.74 15.62
C ASP D 624 -14.34 -7.88 14.49
N TYR D 625 -15.46 -7.17 14.63
CA TYR D 625 -16.53 -7.24 13.64
C TYR D 625 -16.11 -6.52 12.37
N SER D 626 -15.50 -7.23 11.43
CA SER D 626 -14.94 -6.57 10.26
C SER D 626 -14.66 -7.48 9.08
N GLY D 627 -14.11 -6.91 8.02
CA GLY D 627 -13.78 -7.68 6.82
C GLY D 627 -13.17 -6.83 5.70
N ARG D 628 -13.18 -7.38 4.49
CA ARG D 628 -12.62 -6.69 3.33
C ARG D 628 -12.94 -7.45 2.05
N SER D 629 -12.84 -6.76 0.92
CA SER D 629 -12.94 -7.41 -0.40
C SER D 629 -12.51 -6.51 -1.56
N VAL D 630 -12.62 -7.03 -2.78
CA VAL D 630 -12.24 -6.32 -3.98
C VAL D 630 -13.30 -5.31 -4.39
N ILE D 631 -12.88 -4.10 -4.77
CA ILE D 631 -13.85 -3.05 -5.11
C ILE D 631 -14.39 -3.14 -6.53
N VAL D 632 -15.64 -2.73 -6.67
CA VAL D 632 -16.35 -2.80 -7.94
C VAL D 632 -17.26 -1.58 -8.00
N VAL D 633 -17.52 -1.06 -9.19
CA VAL D 633 -18.46 0.05 -9.36
C VAL D 633 -19.83 -0.31 -8.80
N GLY D 634 -20.52 0.69 -8.24
CA GLY D 634 -21.90 0.53 -7.79
C GLY D 634 -22.80 1.53 -8.48
N PRO D 635 -23.14 1.26 -9.75
CA PRO D 635 -23.91 2.19 -10.58
C PRO D 635 -25.32 2.43 -10.05
N GLN D 636 -26.02 1.35 -9.73
CA GLN D 636 -27.41 1.45 -9.27
C GLN D 636 -27.53 1.57 -7.76
N LEU D 637 -26.90 2.60 -7.20
CA LEU D 637 -27.07 2.95 -5.79
C LEU D 637 -26.51 4.35 -5.53
N LYS D 638 -27.07 5.04 -4.55
CA LYS D 638 -26.72 6.43 -4.28
C LYS D 638 -25.61 6.59 -3.25
N LEU D 639 -25.17 7.83 -3.03
CA LEU D 639 -24.12 8.14 -2.07
C LEU D 639 -24.47 7.67 -0.66
N HIS D 640 -25.77 7.64 -0.38
CA HIS D 640 -26.28 7.25 0.93
C HIS D 640 -25.93 5.80 1.24
N GLN D 641 -25.71 5.00 0.20
CA GLN D 641 -25.55 3.56 0.37
C GLN D 641 -24.37 2.97 -0.37
N CYS D 642 -24.18 1.67 -0.21
CA CYS D 642 -23.13 0.97 -0.94
C CYS D 642 -23.44 -0.52 -1.04
N GLY D 643 -22.80 -1.20 -1.98
CA GLY D 643 -23.05 -2.60 -2.22
C GLY D 643 -22.13 -3.51 -1.43
N LEU D 644 -22.73 -4.33 -0.58
CA LEU D 644 -21.98 -5.26 0.25
C LEU D 644 -22.59 -6.64 0.08
N PRO D 645 -21.75 -7.66 -0.17
CA PRO D 645 -22.24 -9.01 -0.49
C PRO D 645 -22.98 -9.65 0.68
N LYS D 646 -23.85 -10.62 0.36
CA LYS D 646 -24.74 -11.22 1.34
C LYS D 646 -23.99 -11.89 2.49
N ARG D 647 -23.06 -12.77 2.14
CA ARG D 647 -22.32 -13.56 3.11
C ARG D 647 -21.71 -12.65 4.17
N MET D 648 -21.05 -11.58 3.72
CA MET D 648 -20.44 -10.62 4.62
C MET D 648 -21.48 -10.04 5.56
N ALA D 649 -22.64 -9.68 5.01
CA ALA D 649 -23.69 -9.05 5.79
C ALA D 649 -24.18 -9.96 6.89
N LEU D 650 -24.35 -11.23 6.55
CA LEU D 650 -24.78 -12.21 7.54
C LEU D 650 -23.74 -12.35 8.65
N GLU D 651 -22.49 -12.57 8.26
CA GLU D 651 -21.44 -12.79 9.25
C GLU D 651 -21.24 -11.58 10.17
N LEU D 652 -20.98 -10.42 9.57
CA LEU D 652 -20.76 -9.18 10.30
C LEU D 652 -21.88 -8.85 11.28
N PHE D 653 -23.11 -9.11 10.86
CA PHE D 653 -24.27 -8.87 11.71
C PHE D 653 -24.88 -10.18 12.22
N LYS D 654 -24.04 -11.06 12.75
CA LYS D 654 -24.49 -12.34 13.31
C LYS D 654 -25.40 -12.18 14.54
N PRO D 655 -24.94 -11.45 15.58
CA PRO D 655 -25.73 -11.40 16.82
C PRO D 655 -27.07 -10.67 16.71
N PHE D 656 -27.08 -9.50 16.05
CA PHE D 656 -28.30 -8.75 15.81
C PHE D 656 -29.32 -9.65 15.13
N LEU D 657 -28.86 -10.34 14.08
CA LEU D 657 -29.67 -11.28 13.33
C LEU D 657 -30.19 -12.39 14.24
N LEU D 658 -29.36 -12.85 15.18
CA LEU D 658 -29.79 -13.87 16.14
C LEU D 658 -31.00 -13.37 16.93
N LYS D 659 -30.85 -12.20 17.56
CA LYS D 659 -31.92 -11.67 18.40
C LYS D 659 -33.20 -11.43 17.62
N LYS D 660 -33.08 -10.78 16.47
CA LYS D 660 -34.25 -10.49 15.66
C LYS D 660 -34.90 -11.77 15.14
N MET D 661 -34.09 -12.81 14.95
CA MET D 661 -34.62 -14.12 14.57
C MET D 661 -35.42 -14.72 15.71
N GLU D 662 -35.01 -14.44 16.93
CA GLU D 662 -35.80 -14.84 18.10
C GLU D 662 -37.09 -14.02 18.18
N GLU D 663 -37.04 -12.77 17.73
CA GLU D 663 -38.22 -11.91 17.76
C GLU D 663 -39.32 -12.41 16.81
N LYS D 664 -38.95 -13.23 15.84
CA LYS D 664 -39.91 -13.74 14.86
C LYS D 664 -39.98 -15.26 14.92
N GLY D 665 -40.79 -15.84 14.04
CA GLY D 665 -40.95 -17.28 13.97
C GLY D 665 -39.87 -17.95 13.13
N ILE D 666 -38.61 -17.63 13.45
CA ILE D 666 -37.49 -18.16 12.70
C ILE D 666 -36.69 -19.16 13.52
N ALA D 667 -36.55 -18.86 14.82
CA ALA D 667 -35.82 -19.72 15.72
C ALA D 667 -36.39 -19.63 17.12
N PRO D 668 -36.34 -20.76 17.87
CA PRO D 668 -36.87 -20.80 19.24
C PRO D 668 -36.22 -19.75 20.15
N ASN D 669 -34.91 -19.84 20.31
CA ASN D 669 -34.18 -18.88 21.13
C ASN D 669 -32.82 -18.55 20.54
N VAL D 670 -31.90 -18.11 21.40
CA VAL D 670 -30.58 -17.70 20.97
C VAL D 670 -29.77 -18.85 20.39
N LYS D 671 -29.59 -19.88 21.21
CA LYS D 671 -28.73 -21.01 20.88
C LYS D 671 -29.17 -21.77 19.64
N ALA D 672 -30.44 -22.09 19.56
CA ALA D 672 -30.99 -22.81 18.41
C ALA D 672 -30.78 -21.99 17.13
N ALA D 673 -30.81 -20.67 17.27
CA ALA D 673 -30.55 -19.78 16.15
C ALA D 673 -29.07 -19.81 15.77
N ARG D 674 -28.21 -19.90 16.78
CA ARG D 674 -26.77 -20.01 16.55
C ARG D 674 -26.44 -21.30 15.80
N ARG D 675 -27.19 -22.37 16.10
CA ARG D 675 -27.05 -23.64 15.42
C ARG D 675 -27.71 -23.61 14.04
N MET D 676 -28.68 -22.72 13.87
CA MET D 676 -29.37 -22.55 12.59
C MET D 676 -28.37 -22.14 11.51
N LEU D 677 -27.59 -21.10 11.80
CA LEU D 677 -26.68 -20.54 10.81
C LEU D 677 -25.35 -21.30 10.68
N GLU D 678 -25.25 -22.46 11.35
CA GLU D 678 -23.99 -23.21 11.40
C GLU D 678 -23.51 -23.68 10.03
N ARG D 679 -24.28 -24.54 9.36
CA ARG D 679 -23.92 -24.96 8.02
C ARG D 679 -24.46 -23.99 6.98
N GLN D 680 -23.76 -23.91 5.85
CA GLN D 680 -23.96 -22.87 4.85
C GLN D 680 -25.26 -22.96 4.05
N ARG D 681 -25.92 -24.11 4.09
CA ARG D 681 -27.11 -24.33 3.27
C ARG D 681 -28.41 -24.06 4.03
N ASP D 682 -28.27 -23.62 5.28
CA ASP D 682 -29.41 -23.40 6.17
C ASP D 682 -30.09 -22.05 5.94
N ILE D 683 -29.36 -21.12 5.34
CA ILE D 683 -29.86 -19.77 5.09
C ILE D 683 -31.10 -19.75 4.20
N LYS D 684 -32.26 -19.58 4.83
CA LYS D 684 -33.53 -19.54 4.12
C LYS D 684 -34.06 -18.11 4.07
N ASP D 685 -35.18 -17.92 3.38
CA ASP D 685 -35.79 -16.60 3.20
C ASP D 685 -35.97 -15.85 4.50
N GLU D 686 -36.48 -16.56 5.50
CA GLU D 686 -36.72 -16.02 6.84
C GLU D 686 -35.51 -15.23 7.33
N VAL D 687 -34.38 -15.91 7.35
CA VAL D 687 -33.14 -15.34 7.84
C VAL D 687 -32.78 -14.05 7.10
N TRP D 688 -32.87 -14.08 5.77
CA TRP D 688 -32.47 -12.91 4.99
C TRP D 688 -33.37 -11.72 5.32
N ASP D 689 -34.68 -11.93 5.25
CA ASP D 689 -35.62 -10.86 5.55
C ASP D 689 -35.37 -10.27 6.93
N ALA D 690 -35.16 -11.14 7.92
CA ALA D 690 -34.85 -10.67 9.26
C ALA D 690 -33.58 -9.83 9.24
N LEU D 691 -32.61 -10.24 8.42
CA LEU D 691 -31.33 -9.56 8.32
C LEU D 691 -31.50 -8.15 7.75
N GLU D 692 -32.45 -7.99 6.85
CA GLU D 692 -32.78 -6.64 6.41
C GLU D 692 -33.47 -5.88 7.54
N GLU D 693 -34.19 -6.61 8.39
CA GLU D 693 -34.86 -5.96 9.52
C GLU D 693 -33.90 -5.53 10.64
N VAL D 694 -32.67 -6.04 10.62
CA VAL D 694 -31.71 -5.69 11.68
C VAL D 694 -30.91 -4.44 11.34
N ILE D 695 -30.75 -4.16 10.05
CA ILE D 695 -29.95 -3.03 9.61
C ILE D 695 -30.78 -1.76 9.44
N HIS D 696 -31.54 -1.68 8.36
CA HIS D 696 -32.29 -0.48 8.01
C HIS D 696 -31.35 0.72 7.92
N GLY D 697 -31.39 1.57 8.94
CA GLY D 697 -30.61 2.80 8.97
C GLY D 697 -29.18 2.60 9.41
N LYS D 698 -28.86 1.38 9.83
CA LYS D 698 -27.50 1.03 10.24
C LYS D 698 -26.51 1.37 9.13
N VAL D 699 -25.39 1.97 9.50
CA VAL D 699 -24.35 2.33 8.54
C VAL D 699 -23.01 1.66 8.86
N VAL D 700 -22.29 1.26 7.81
CA VAL D 700 -21.00 0.60 7.96
C VAL D 700 -19.85 1.52 7.52
N LEU D 701 -18.67 1.28 8.07
CA LEU D 701 -17.46 2.05 7.69
C LEU D 701 -16.67 1.31 6.61
N LEU D 702 -16.29 2.04 5.56
CA LEU D 702 -15.47 1.49 4.48
C LEU D 702 -14.10 2.16 4.41
N ASN D 703 -13.04 1.36 4.49
CA ASN D 703 -11.68 1.88 4.50
C ASN D 703 -10.93 1.59 3.20
N ARG D 704 -10.00 2.46 2.85
CA ARG D 704 -9.20 2.36 1.62
C ARG D 704 -7.85 1.71 1.96
N ALA D 705 -7.02 1.46 0.95
CA ALA D 705 -5.70 0.89 1.19
C ALA D 705 -4.73 1.89 1.87
N PRO D 706 -3.82 2.60 1.14
CA PRO D 706 -3.27 3.63 2.04
C PRO D 706 -4.23 4.80 2.31
N THR D 707 -4.89 4.75 3.46
CA THR D 707 -5.68 5.87 3.95
C THR D 707 -4.73 7.03 4.23
N LEU D 708 -5.09 8.23 3.80
CA LEU D 708 -4.18 9.37 3.91
C LEU D 708 -4.82 10.62 4.53
N HIS D 709 -5.89 11.11 3.91
CA HIS D 709 -6.60 12.27 4.45
C HIS D 709 -7.90 11.85 5.11
N ARG D 710 -8.56 12.82 5.74
CA ARG D 710 -9.79 12.61 6.51
C ARG D 710 -10.80 11.75 5.75
N LEU D 711 -11.07 12.11 4.50
CA LEU D 711 -12.05 11.38 3.70
C LEU D 711 -11.56 10.00 3.28
N GLY D 712 -10.57 9.48 4.00
CA GLY D 712 -10.03 8.17 3.69
C GLY D 712 -10.97 7.04 4.06
N ILE D 713 -11.86 7.29 5.02
CA ILE D 713 -12.86 6.29 5.39
C ILE D 713 -14.26 6.90 5.34
N GLN D 714 -15.14 6.26 4.58
CA GLN D 714 -16.50 6.76 4.40
C GLN D 714 -17.54 5.77 4.89
N ALA D 715 -18.59 6.27 5.53
CA ALA D 715 -19.69 5.43 5.97
C ALA D 715 -20.75 5.34 4.88
N PHE D 716 -21.31 4.15 4.70
CA PHE D 716 -22.40 3.97 3.75
C PHE D 716 -23.46 3.08 4.37
N GLN D 717 -24.68 3.11 3.83
CA GLN D 717 -25.69 2.18 4.30
C GLN D 717 -25.62 0.92 3.45
N PRO D 718 -25.46 -0.23 4.12
CA PRO D 718 -25.30 -1.50 3.40
C PRO D 718 -26.51 -1.85 2.55
N VAL D 719 -26.25 -2.36 1.36
CA VAL D 719 -27.30 -2.92 0.52
C VAL D 719 -26.92 -4.35 0.17
N LEU D 720 -27.76 -5.30 0.60
CA LEU D 720 -27.50 -6.71 0.36
C LEU D 720 -27.53 -7.07 -1.11
N VAL D 721 -26.38 -7.00 -1.76
CA VAL D 721 -26.27 -7.36 -3.18
C VAL D 721 -25.61 -8.71 -3.32
N GLU D 722 -25.85 -9.38 -4.44
CA GLU D 722 -25.19 -10.65 -4.69
C GLU D 722 -23.74 -10.46 -5.09
N GLY D 723 -23.19 -11.41 -5.82
CA GLY D 723 -21.77 -11.38 -6.17
C GLY D 723 -20.95 -11.71 -4.94
N GLN D 724 -19.72 -11.25 -4.90
CA GLN D 724 -18.86 -11.53 -3.76
C GLN D 724 -18.02 -10.32 -3.40
N SER D 725 -17.72 -9.51 -4.40
CA SER D 725 -16.94 -8.29 -4.21
C SER D 725 -17.77 -7.15 -3.62
N ILE D 726 -17.08 -6.20 -3.00
CA ILE D 726 -17.70 -4.99 -2.47
C ILE D 726 -18.06 -4.01 -3.58
N GLN D 727 -19.31 -3.57 -3.61
CA GLN D 727 -19.75 -2.57 -4.58
C GLN D 727 -19.81 -1.18 -3.96
N LEU D 728 -19.17 -0.22 -4.64
CA LEU D 728 -19.03 1.12 -4.12
C LEU D 728 -19.45 2.16 -5.14
N HIS D 729 -20.00 3.27 -4.66
CA HIS D 729 -20.42 4.36 -5.52
C HIS D 729 -19.25 4.95 -6.28
N PRO D 730 -19.47 5.33 -7.54
CA PRO D 730 -18.44 5.94 -8.40
C PRO D 730 -17.85 7.23 -7.86
N LEU D 731 -18.69 8.13 -7.34
CA LEU D 731 -18.24 9.47 -7.01
C LEU D 731 -17.13 9.53 -5.96
N VAL D 732 -17.22 8.70 -4.93
CA VAL D 732 -16.25 8.76 -3.84
C VAL D 732 -14.95 8.04 -4.15
N CYS D 733 -14.72 7.76 -5.43
CA CYS D 733 -13.48 7.10 -5.83
C CYS D 733 -12.30 8.04 -5.69
N GLU D 734 -12.45 9.23 -6.26
CA GLU D 734 -11.38 10.22 -6.22
C GLU D 734 -11.14 10.65 -4.78
N ALA D 735 -12.17 10.52 -3.95
CA ALA D 735 -12.07 10.86 -2.54
C ALA D 735 -10.88 10.14 -1.89
N PHE D 736 -10.99 8.85 -1.68
CA PHE D 736 -9.87 8.12 -1.11
C PHE D 736 -9.06 7.41 -2.18
N ASN D 737 -9.00 8.03 -3.35
CA ASN D 737 -8.18 7.56 -4.49
C ASN D 737 -8.32 6.08 -4.76
N ALA D 738 -9.48 5.67 -5.29
CA ALA D 738 -9.71 4.26 -5.59
C ALA D 738 -10.08 4.04 -7.05
N ASP D 739 -9.33 3.17 -7.71
CA ASP D 739 -9.61 2.80 -9.09
C ASP D 739 -10.02 1.34 -9.14
N PHE D 740 -10.79 0.97 -10.16
CA PHE D 740 -11.29 -0.39 -10.26
C PHE D 740 -10.38 -1.27 -11.11
N ASP D 741 -9.30 -1.76 -10.49
CA ASP D 741 -8.35 -2.62 -11.18
C ASP D 741 -7.68 -3.61 -10.25
N GLY D 742 -8.33 -3.91 -9.12
CA GLY D 742 -7.89 -4.97 -8.26
C GLY D 742 -7.63 -4.55 -6.83
N ASP D 743 -8.13 -3.36 -6.48
CA ASP D 743 -7.88 -2.80 -5.16
C ASP D 743 -8.70 -3.49 -4.07
N GLN D 744 -8.31 -3.25 -2.82
CA GLN D 744 -8.93 -3.90 -1.69
C GLN D 744 -9.42 -2.88 -0.65
N MET D 745 -10.70 -2.94 -0.31
CA MET D 745 -11.25 -2.06 0.73
C MET D 745 -11.75 -2.85 1.93
N ALA D 746 -11.58 -2.27 3.11
CA ALA D 746 -11.99 -2.92 4.36
C ALA D 746 -13.33 -2.40 4.85
N VAL D 747 -13.88 -3.05 5.87
CA VAL D 747 -15.21 -2.71 6.36
C VAL D 747 -15.37 -3.03 7.86
N HIS D 748 -15.93 -2.08 8.62
CA HIS D 748 -16.20 -2.30 10.04
C HIS D 748 -17.67 -2.02 10.35
N VAL D 749 -18.06 -2.18 11.61
CA VAL D 749 -19.41 -1.81 12.04
C VAL D 749 -19.41 -1.12 13.40
N PRO D 750 -19.68 0.19 13.43
CA PRO D 750 -19.84 0.92 14.70
C PRO D 750 -20.99 0.34 15.52
N LEU D 751 -20.67 -0.54 16.46
CA LEU D 751 -21.69 -1.30 17.19
C LEU D 751 -22.56 -0.46 18.12
N SER D 752 -21.92 0.29 19.02
CA SER D 752 -22.63 1.14 19.98
C SER D 752 -23.55 2.14 19.29
N SER D 753 -24.73 2.35 19.87
CA SER D 753 -25.68 3.31 19.32
C SER D 753 -25.11 4.73 19.29
N PHE D 754 -24.19 5.01 20.20
CA PHE D 754 -23.46 6.27 20.19
C PHE D 754 -22.58 6.32 18.95
N ALA D 755 -21.87 5.23 18.72
CA ALA D 755 -20.98 5.10 17.56
C ALA D 755 -21.75 5.12 16.25
N GLN D 756 -22.94 4.54 16.26
CA GLN D 756 -23.83 4.56 15.10
C GLN D 756 -24.21 6.01 14.83
N ALA D 757 -24.60 6.70 15.91
CA ALA D 757 -25.02 8.10 15.86
C ALA D 757 -23.96 9.00 15.25
N GLU D 758 -22.72 8.89 15.74
CA GLU D 758 -21.66 9.74 15.20
C GLU D 758 -21.32 9.33 13.77
N ALA D 759 -21.43 8.03 13.48
CA ALA D 759 -21.02 7.50 12.18
C ALA D 759 -21.91 8.01 11.06
N ARG D 760 -23.22 7.91 11.27
CA ARG D 760 -24.14 8.29 10.20
C ARG D 760 -24.36 9.81 10.12
N ILE D 761 -23.75 10.56 11.03
CA ILE D 761 -23.90 12.01 11.03
C ILE D 761 -22.67 12.74 10.51
N GLN D 762 -21.50 12.39 11.05
CA GLN D 762 -20.28 13.10 10.66
C GLN D 762 -19.35 12.25 9.79
N MET D 763 -19.54 10.94 9.80
CA MET D 763 -18.71 10.04 9.00
C MET D 763 -19.36 9.53 7.71
N LEU D 764 -20.58 9.96 7.45
CA LEU D 764 -21.31 9.48 6.28
C LEU D 764 -20.82 10.18 5.01
N SER D 765 -20.88 9.47 3.88
CA SER D 765 -20.34 9.97 2.62
C SER D 765 -21.11 11.18 2.10
N ALA D 766 -22.44 11.09 2.10
CA ALA D 766 -23.27 12.15 1.53
C ALA D 766 -23.17 13.47 2.31
N HIS D 767 -22.64 13.41 3.52
CA HIS D 767 -22.52 14.61 4.35
C HIS D 767 -21.13 15.20 4.31
N ASN D 768 -20.20 14.52 3.66
CA ASN D 768 -18.84 15.04 3.49
C ASN D 768 -18.55 15.36 2.03
N LEU D 769 -19.27 16.34 1.49
CA LEU D 769 -19.18 16.65 0.07
C LEU D 769 -18.12 17.69 -0.28
N LEU D 770 -17.28 18.02 0.69
CA LEU D 770 -16.17 18.93 0.44
C LEU D 770 -14.91 18.43 1.13
N SER D 771 -13.76 18.81 0.59
CA SER D 771 -12.49 18.41 1.16
C SER D 771 -12.09 19.39 2.24
N PRO D 772 -11.66 18.85 3.39
CA PRO D 772 -11.14 19.64 4.52
C PRO D 772 -9.88 20.40 4.12
N ALA D 773 -9.27 20.05 2.99
CA ALA D 773 -8.12 20.78 2.50
C ALA D 773 -8.53 22.12 1.90
N SER D 774 -9.43 22.10 0.91
CA SER D 774 -9.84 23.32 0.25
C SER D 774 -11.31 23.31 -0.13
N GLY D 775 -11.90 24.49 -0.24
CA GLY D 775 -13.31 24.62 -0.57
C GLY D 775 -13.59 24.21 -2.00
N GLU D 776 -13.43 22.92 -2.28
CA GLU D 776 -13.64 22.37 -3.61
C GLU D 776 -14.42 21.08 -3.46
N PRO D 777 -15.51 20.93 -4.22
CA PRO D 777 -16.34 19.72 -4.13
C PRO D 777 -15.54 18.49 -4.53
N LEU D 778 -15.37 17.55 -3.60
CA LEU D 778 -14.58 16.37 -3.89
C LEU D 778 -15.46 15.19 -4.33
N ALA D 779 -16.71 15.48 -4.67
CA ALA D 779 -17.60 14.45 -5.19
C ALA D 779 -18.14 14.86 -6.56
N LYS D 780 -17.35 15.65 -7.27
CA LYS D 780 -17.75 16.15 -8.58
C LYS D 780 -17.84 15.02 -9.60
N PRO D 781 -18.60 15.25 -10.67
CA PRO D 781 -18.64 14.31 -11.80
C PRO D 781 -17.24 13.99 -12.31
N SER D 782 -17.03 12.76 -12.78
CA SER D 782 -15.70 12.28 -13.04
C SER D 782 -15.46 11.88 -14.50
N ARG D 783 -14.89 10.69 -14.68
CA ARG D 783 -14.45 10.22 -15.99
C ARG D 783 -15.62 10.09 -16.97
N ASP D 784 -16.54 9.19 -16.65
CA ASP D 784 -17.64 8.85 -17.56
C ASP D 784 -18.75 9.90 -17.54
N ILE D 785 -19.16 10.26 -16.34
CA ILE D 785 -20.23 11.21 -16.10
C ILE D 785 -20.06 12.46 -16.95
N ILE D 786 -18.90 13.08 -16.81
CA ILE D 786 -18.59 14.32 -17.52
C ILE D 786 -18.67 14.14 -19.03
N LEU D 787 -18.06 13.08 -19.54
CA LEU D 787 -18.07 12.82 -20.98
C LEU D 787 -19.52 12.80 -21.47
N GLY D 788 -20.34 12.01 -20.80
CA GLY D 788 -21.75 11.95 -21.14
C GLY D 788 -22.43 13.30 -21.13
N LEU D 789 -22.21 14.08 -20.07
CA LEU D 789 -22.83 15.40 -19.95
C LEU D 789 -22.39 16.35 -21.08
N TYR D 790 -21.08 16.47 -21.26
CA TYR D 790 -20.48 17.34 -22.27
C TYR D 790 -20.99 16.99 -23.66
N TYR D 791 -21.20 15.70 -23.90
CA TYR D 791 -21.67 15.28 -25.21
C TYR D 791 -23.04 15.84 -25.53
N ILE D 792 -23.87 16.06 -24.52
CA ILE D 792 -25.24 16.43 -24.81
C ILE D 792 -25.54 17.92 -24.70
N THR D 793 -24.55 18.72 -24.34
CA THR D 793 -24.82 20.15 -24.13
C THR D 793 -24.02 21.06 -25.06
N GLN D 794 -23.56 20.53 -26.17
CA GLN D 794 -22.78 21.32 -27.12
C GLN D 794 -23.54 21.55 -28.43
N VAL D 795 -23.13 22.58 -29.16
CA VAL D 795 -23.76 22.94 -30.42
C VAL D 795 -23.01 22.37 -31.62
N ARG D 796 -23.75 22.13 -32.71
CA ARG D 796 -23.16 21.67 -33.96
C ARG D 796 -23.03 22.81 -34.96
N LYS D 797 -21.99 22.76 -35.79
CA LYS D 797 -21.78 23.75 -36.85
C LYS D 797 -21.26 23.04 -38.11
N GLU D 798 -22.01 23.11 -39.20
CA GLU D 798 -21.65 22.41 -40.44
C GLU D 798 -21.22 23.39 -41.53
N LYS D 799 -21.14 22.89 -42.77
CA LYS D 799 -20.86 23.72 -43.93
C LYS D 799 -21.92 24.82 -44.07
N LYS D 800 -21.50 26.00 -44.52
CA LYS D 800 -22.39 27.15 -44.64
C LYS D 800 -23.58 26.85 -45.54
N GLY D 801 -23.41 25.90 -46.44
CA GLY D 801 -24.47 25.48 -47.34
C GLY D 801 -24.67 26.45 -48.48
N ALA D 802 -25.24 27.61 -48.16
CA ALA D 802 -25.49 28.68 -49.12
C ALA D 802 -25.87 29.97 -48.41
N GLY D 803 -24.98 30.96 -48.45
CA GLY D 803 -25.25 32.26 -47.86
C GLY D 803 -25.12 32.27 -46.35
N LEU D 804 -24.72 33.40 -45.80
CA LEU D 804 -24.50 33.48 -44.37
C LEU D 804 -24.93 34.83 -43.79
N GLU D 805 -26.22 35.12 -43.88
CA GLU D 805 -26.74 36.38 -43.35
C GLU D 805 -28.22 36.36 -42.91
N PHE D 806 -28.44 36.92 -41.72
CA PHE D 806 -29.74 37.22 -41.18
C PHE D 806 -29.50 38.06 -39.93
N ALA D 807 -28.40 38.82 -39.97
CA ALA D 807 -28.07 39.76 -38.91
C ALA D 807 -29.19 40.78 -38.79
N THR D 808 -29.74 41.15 -39.94
CA THR D 808 -30.85 42.10 -40.05
C THR D 808 -31.78 41.95 -41.28
N PRO D 809 -31.33 41.32 -42.39
CA PRO D 809 -32.24 41.07 -43.51
C PRO D 809 -33.65 40.62 -43.14
N GLU D 810 -34.63 41.50 -43.35
CA GLU D 810 -36.03 41.24 -43.01
C GLU D 810 -36.60 40.12 -43.86
N GLU D 811 -36.02 39.93 -45.04
CA GLU D 811 -36.50 38.92 -45.97
C GLU D 811 -35.96 37.55 -45.60
N ALA D 812 -34.81 37.53 -44.94
CA ALA D 812 -34.12 36.29 -44.63
C ALA D 812 -34.89 35.33 -43.71
N LEU D 813 -35.86 35.83 -42.95
CA LEU D 813 -36.62 34.94 -42.09
C LEU D 813 -37.61 34.06 -42.87
N ALA D 814 -38.18 34.60 -43.92
CA ALA D 814 -39.21 33.89 -44.69
C ALA D 814 -38.62 33.21 -45.92
N ALA D 815 -37.52 33.77 -46.43
CA ALA D 815 -36.88 33.25 -47.64
C ALA D 815 -35.82 32.18 -47.34
N HIS D 816 -34.74 32.61 -46.69
CA HIS D 816 -33.61 31.73 -46.40
C HIS D 816 -34.03 30.42 -45.74
N GLU D 817 -35.08 30.50 -44.91
CA GLU D 817 -35.61 29.31 -44.24
C GLU D 817 -35.92 28.25 -45.28
N ARG D 818 -36.75 28.61 -46.26
CA ARG D 818 -37.12 27.72 -47.35
C ARG D 818 -35.89 27.09 -47.99
N GLY D 819 -34.80 27.87 -48.03
CA GLY D 819 -33.54 27.42 -48.59
C GLY D 819 -33.08 26.08 -48.05
N GLU D 820 -33.14 25.91 -46.73
CA GLU D 820 -32.71 24.65 -46.13
C GLU D 820 -33.56 23.51 -46.66
N VAL D 821 -34.86 23.76 -46.76
CA VAL D 821 -35.79 22.76 -47.26
C VAL D 821 -35.51 22.49 -48.74
N ALA D 822 -34.98 23.49 -49.44
CA ALA D 822 -34.63 23.29 -50.84
C ALA D 822 -33.43 22.36 -50.91
N LEU D 823 -32.27 22.90 -50.50
CA LEU D 823 -31.05 22.12 -50.31
C LEU D 823 -29.90 23.04 -49.92
N ASN D 824 -30.19 24.34 -49.87
CA ASN D 824 -29.15 25.35 -49.70
C ASN D 824 -28.28 25.20 -48.47
N ALA D 825 -28.76 25.71 -47.33
CA ALA D 825 -27.98 25.69 -46.11
C ALA D 825 -28.59 24.79 -45.04
N PRO D 826 -27.81 23.80 -44.55
CA PRO D 826 -28.25 22.85 -43.53
C PRO D 826 -28.70 23.49 -42.22
N ILE D 827 -29.05 22.65 -41.25
CA ILE D 827 -29.88 23.10 -40.14
C ILE D 827 -29.19 23.96 -39.06
N LYS D 828 -28.17 23.42 -38.41
CA LYS D 828 -27.50 24.13 -37.32
C LYS D 828 -26.32 24.97 -37.83
N VAL D 829 -26.54 25.63 -38.97
CA VAL D 829 -25.49 26.34 -39.67
C VAL D 829 -25.34 27.78 -39.21
N ALA D 830 -24.10 28.22 -39.05
CA ALA D 830 -23.82 29.63 -38.76
C ALA D 830 -24.27 30.51 -39.93
N GLY D 831 -25.58 30.56 -40.16
CA GLY D 831 -26.15 31.41 -41.20
C GLY D 831 -26.38 32.81 -40.67
N ARG D 832 -25.53 33.20 -39.72
CA ARG D 832 -25.57 34.51 -39.07
C ARG D 832 -26.79 34.72 -38.18
N GLU D 833 -26.55 35.30 -37.02
CA GLU D 833 -27.62 35.58 -36.04
C GLU D 833 -28.32 34.32 -35.56
N THR D 834 -29.01 33.64 -36.47
CA THR D 834 -29.66 32.38 -36.13
C THR D 834 -29.32 31.32 -37.16
N SER D 835 -30.13 30.27 -37.18
CA SER D 835 -30.05 29.27 -38.22
C SER D 835 -31.45 28.74 -38.48
N VAL D 836 -31.60 28.05 -39.60
CA VAL D 836 -32.92 27.57 -40.02
C VAL D 836 -33.61 26.83 -38.90
N GLY D 837 -32.84 26.08 -38.14
CA GLY D 837 -33.37 25.29 -37.05
C GLY D 837 -33.95 26.14 -35.93
N ARG D 838 -33.56 27.40 -35.89
CA ARG D 838 -34.09 28.34 -34.92
C ARG D 838 -35.34 29.01 -35.48
N LEU D 839 -35.50 28.95 -36.79
CA LEU D 839 -36.70 29.47 -37.44
C LEU D 839 -37.74 28.37 -37.59
N LYS D 840 -37.31 27.27 -38.20
CA LYS D 840 -38.19 26.15 -38.51
C LYS D 840 -38.82 25.54 -37.26
N TYR D 841 -37.98 25.14 -36.31
CA TYR D 841 -38.44 24.48 -35.10
C TYR D 841 -38.50 25.40 -33.89
N VAL D 842 -39.64 26.05 -33.69
CA VAL D 842 -39.90 26.79 -32.46
C VAL D 842 -40.87 26.01 -31.56
N PHE D 843 -40.33 25.42 -30.50
CA PHE D 843 -41.13 24.59 -29.61
C PHE D 843 -41.75 25.41 -28.49
N ALA D 844 -43.06 25.26 -28.31
CA ALA D 844 -43.79 25.99 -27.30
C ALA D 844 -43.31 25.66 -25.88
N ASN D 845 -43.81 24.55 -25.35
CA ASN D 845 -43.39 24.07 -24.05
C ASN D 845 -41.90 23.74 -24.05
N PRO D 846 -41.23 23.94 -22.92
CA PRO D 846 -39.84 23.49 -22.80
C PRO D 846 -39.77 21.97 -22.88
N ASP D 847 -40.76 21.29 -22.32
CA ASP D 847 -40.80 19.84 -22.32
C ASP D 847 -41.03 19.29 -23.72
N GLU D 848 -41.91 19.95 -24.48
CA GLU D 848 -42.33 19.47 -25.79
C GLU D 848 -41.17 19.32 -26.77
N ALA D 849 -40.21 20.23 -26.66
CA ALA D 849 -39.02 20.17 -27.51
C ALA D 849 -38.31 18.83 -27.29
N LEU D 850 -38.37 18.33 -26.06
CA LEU D 850 -37.76 17.06 -25.72
C LEU D 850 -38.57 15.87 -26.23
N LEU D 851 -39.88 16.03 -26.29
CA LEU D 851 -40.76 15.02 -26.86
C LEU D 851 -40.48 14.88 -28.34
N ALA D 852 -40.13 16.01 -28.97
CA ALA D 852 -39.85 16.06 -30.39
C ALA D 852 -38.59 15.27 -30.75
N VAL D 853 -37.58 15.37 -29.90
CA VAL D 853 -36.31 14.70 -30.13
C VAL D 853 -36.47 13.18 -30.13
N ALA D 854 -37.44 12.68 -29.38
CA ALA D 854 -37.71 11.25 -29.35
C ALA D 854 -38.25 10.76 -30.69
N HIS D 855 -38.62 11.70 -31.55
CA HIS D 855 -39.12 11.40 -32.88
C HIS D 855 -38.13 11.78 -33.97
N GLY D 856 -36.85 11.75 -33.62
CA GLY D 856 -35.75 11.92 -34.56
C GLY D 856 -35.82 13.06 -35.56
N ILE D 857 -36.55 14.12 -35.24
CA ILE D 857 -36.66 15.25 -36.15
C ILE D 857 -35.59 16.30 -35.86
N VAL D 858 -35.20 16.41 -34.58
CA VAL D 858 -34.11 17.28 -34.19
C VAL D 858 -33.25 16.60 -33.12
N ASP D 859 -31.95 16.53 -33.37
CA ASP D 859 -31.04 15.90 -32.41
C ASP D 859 -30.90 16.73 -31.14
N LEU D 860 -30.34 16.14 -30.09
CA LEU D 860 -30.15 16.83 -28.83
C LEU D 860 -29.05 17.89 -28.89
N GLN D 861 -28.44 18.08 -30.06
CA GLN D 861 -27.32 19.02 -30.18
C GLN D 861 -27.56 20.05 -31.27
N ASP D 862 -28.73 19.99 -31.90
CA ASP D 862 -29.12 20.96 -32.91
C ASP D 862 -29.72 22.20 -32.25
N VAL D 863 -29.24 23.37 -32.64
CA VAL D 863 -29.66 24.62 -32.02
C VAL D 863 -31.04 25.06 -32.50
N VAL D 864 -31.99 25.11 -31.57
CA VAL D 864 -33.35 25.52 -31.88
C VAL D 864 -33.84 26.58 -30.92
N THR D 865 -35.14 26.86 -30.98
CA THR D 865 -35.74 27.88 -30.14
C THR D 865 -36.72 27.27 -29.16
N VAL D 866 -36.54 27.57 -27.87
CA VAL D 866 -37.44 27.08 -26.85
C VAL D 866 -37.99 28.21 -25.99
N ARG D 867 -38.76 27.85 -24.97
CA ARG D 867 -39.38 28.85 -24.12
C ARG D 867 -39.44 28.39 -22.67
N TYR D 868 -38.37 28.63 -21.92
CA TYR D 868 -38.33 28.26 -20.51
C TYR D 868 -38.76 29.42 -19.63
N MET D 869 -39.77 29.16 -18.81
CA MET D 869 -40.31 30.15 -17.88
C MET D 869 -40.76 31.44 -18.56
N GLY D 870 -41.14 31.33 -19.82
CA GLY D 870 -41.86 32.40 -20.49
C GLY D 870 -41.12 33.24 -21.51
N LYS D 871 -39.85 32.95 -21.76
CA LYS D 871 -39.11 33.77 -22.70
C LYS D 871 -38.34 32.97 -23.76
N ARG D 872 -38.26 33.54 -24.96
CA ARG D 872 -37.58 32.91 -26.09
C ARG D 872 -36.11 32.64 -25.79
N LEU D 873 -35.67 31.41 -26.03
CA LEU D 873 -34.28 31.04 -25.80
C LEU D 873 -33.67 30.30 -26.99
N GLU D 874 -32.43 30.65 -27.32
CA GLU D 874 -31.71 30.04 -28.43
C GLU D 874 -30.78 28.96 -27.90
N THR D 875 -31.20 27.71 -27.97
CA THR D 875 -30.40 26.61 -27.43
C THR D 875 -30.85 25.24 -27.93
N SER D 876 -30.10 24.22 -27.52
CA SER D 876 -30.39 22.85 -27.91
C SER D 876 -31.31 22.20 -26.89
N PRO D 877 -32.12 21.22 -27.33
CA PRO D 877 -32.95 20.46 -26.40
C PRO D 877 -32.11 19.77 -25.34
N GLY D 878 -30.87 19.42 -25.68
CA GLY D 878 -29.97 18.80 -24.73
C GLY D 878 -29.64 19.71 -23.57
N ARG D 879 -29.32 20.97 -23.88
CA ARG D 879 -29.00 21.94 -22.85
C ARG D 879 -30.19 22.21 -21.94
N ILE D 880 -31.37 22.38 -22.54
CA ILE D 880 -32.56 22.64 -21.75
C ILE D 880 -32.91 21.40 -20.91
N LEU D 881 -32.51 20.24 -21.41
CA LEU D 881 -32.70 18.98 -20.70
C LEU D 881 -31.80 18.94 -19.48
N PHE D 882 -30.55 19.38 -19.63
CA PHE D 882 -29.63 19.52 -18.51
C PHE D 882 -30.22 20.45 -17.46
N ALA D 883 -30.72 21.59 -17.93
CA ALA D 883 -31.31 22.58 -17.03
C ALA D 883 -32.44 21.96 -16.21
N ARG D 884 -33.33 21.24 -16.90
CA ARG D 884 -34.44 20.59 -16.22
C ARG D 884 -33.96 19.50 -15.26
N ILE D 885 -32.85 18.85 -15.59
CA ILE D 885 -32.27 17.83 -14.72
C ILE D 885 -31.85 18.48 -13.40
N VAL D 886 -31.03 19.52 -13.53
CA VAL D 886 -30.54 20.29 -12.39
C VAL D 886 -31.72 20.81 -11.57
N ALA D 887 -32.82 21.11 -12.26
CA ALA D 887 -34.05 21.54 -11.58
C ALA D 887 -34.66 20.43 -10.73
N GLU D 888 -35.27 19.46 -11.41
CA GLU D 888 -35.97 18.35 -10.76
C GLU D 888 -35.14 17.64 -9.69
N ALA D 889 -33.83 17.72 -9.84
CA ALA D 889 -32.94 17.16 -8.82
C ALA D 889 -33.18 17.77 -7.46
N VAL D 890 -33.19 19.10 -7.40
CA VAL D 890 -33.28 19.81 -6.13
C VAL D 890 -34.64 20.46 -5.90
N GLU D 891 -35.54 20.28 -6.86
CA GLU D 891 -36.94 20.72 -6.76
C GLU D 891 -37.19 22.23 -6.93
N ASP D 892 -36.21 23.06 -6.61
CA ASP D 892 -36.37 24.51 -6.71
C ASP D 892 -36.09 25.04 -8.12
N GLU D 893 -37.12 25.09 -8.96
CA GLU D 893 -36.91 25.40 -10.37
C GLU D 893 -36.37 26.81 -10.67
N LYS D 894 -36.50 27.73 -9.72
CA LYS D 894 -36.02 29.09 -9.95
C LYS D 894 -34.50 29.14 -10.03
N VAL D 895 -33.83 28.87 -8.91
CA VAL D 895 -32.38 28.91 -8.83
C VAL D 895 -31.72 27.91 -9.77
N ALA D 896 -32.49 26.89 -10.15
CA ALA D 896 -32.06 25.86 -11.08
C ALA D 896 -31.53 26.46 -12.37
N TRP D 897 -32.31 27.33 -12.99
CA TRP D 897 -31.92 27.91 -14.25
C TRP D 897 -30.84 28.98 -14.02
N GLU D 898 -30.79 29.51 -12.80
CA GLU D 898 -29.88 30.62 -12.52
C GLU D 898 -28.46 30.19 -12.17
N LEU D 899 -28.36 29.10 -11.43
CA LEU D 899 -27.07 28.60 -10.97
C LEU D 899 -26.22 28.04 -12.12
N ILE D 900 -26.86 27.34 -13.06
CA ILE D 900 -26.16 26.79 -14.20
C ILE D 900 -25.84 27.85 -15.24
N GLN D 901 -25.11 27.48 -16.29
CA GLN D 901 -24.91 28.36 -17.43
C GLN D 901 -25.28 27.64 -18.72
N LEU D 902 -26.17 28.26 -19.49
CA LEU D 902 -26.72 27.63 -20.67
C LEU D 902 -26.16 28.23 -21.95
N ASP D 903 -24.94 28.76 -21.87
CA ASP D 903 -24.32 29.41 -23.02
C ASP D 903 -23.09 28.67 -23.56
N VAL D 904 -22.55 27.77 -22.75
CA VAL D 904 -21.40 26.99 -23.14
C VAL D 904 -21.63 25.52 -22.79
N PRO D 905 -20.74 24.63 -23.26
CA PRO D 905 -20.95 23.24 -22.83
C PRO D 905 -20.61 23.06 -21.36
N GLN D 906 -20.80 21.86 -20.83
CA GLN D 906 -20.45 21.56 -19.44
C GLN D 906 -19.15 20.77 -19.38
N GLU D 907 -18.21 21.25 -18.56
CA GLU D 907 -16.95 20.52 -18.35
C GLU D 907 -16.61 20.37 -16.88
N LYS D 908 -15.35 20.01 -16.61
CA LYS D 908 -14.86 19.82 -15.25
C LYS D 908 -15.17 21.03 -14.42
N ASN D 909 -14.65 22.18 -14.84
CA ASN D 909 -14.80 23.41 -14.08
C ASN D 909 -16.25 23.84 -13.92
N SER D 910 -17.01 23.74 -15.00
CA SER D 910 -18.40 24.17 -14.98
C SER D 910 -19.22 23.36 -13.99
N LEU D 911 -19.12 22.04 -14.09
CA LEU D 911 -19.89 21.16 -13.23
C LEU D 911 -19.42 21.25 -11.77
N LYS D 912 -18.11 21.27 -11.58
CA LYS D 912 -17.49 21.37 -10.25
C LYS D 912 -17.96 22.65 -9.54
N ASP D 913 -17.80 23.79 -10.21
CA ASP D 913 -18.20 25.08 -9.66
C ASP D 913 -19.70 25.15 -9.42
N LEU D 914 -20.47 24.53 -10.31
CA LEU D 914 -21.92 24.44 -10.15
C LEU D 914 -22.28 23.71 -8.86
N VAL D 915 -21.60 22.59 -8.62
CA VAL D 915 -21.82 21.81 -7.41
C VAL D 915 -21.45 22.63 -6.19
N TYR D 916 -20.33 23.34 -6.26
CA TYR D 916 -19.91 24.20 -5.16
C TYR D 916 -20.91 25.30 -4.80
N GLN D 917 -21.50 25.92 -5.81
CA GLN D 917 -22.45 26.99 -5.59
C GLN D 917 -23.80 26.46 -5.10
N ALA D 918 -24.28 25.41 -5.74
CA ALA D 918 -25.55 24.78 -5.36
C ALA D 918 -25.45 24.24 -3.94
N PHE D 919 -24.23 23.86 -3.54
CA PHE D 919 -23.97 23.39 -2.19
C PHE D 919 -24.31 24.45 -1.15
N LEU D 920 -23.69 25.61 -1.26
CA LEU D 920 -23.88 26.65 -0.25
C LEU D 920 -25.16 27.43 -0.51
N ARG D 921 -25.88 27.11 -1.58
CA ARG D 921 -27.15 27.77 -1.84
C ARG D 921 -28.36 26.90 -1.52
N LEU D 922 -28.38 25.68 -2.05
CA LEU D 922 -29.51 24.78 -1.86
C LEU D 922 -29.35 23.91 -0.62
N GLY D 923 -28.10 23.71 -0.21
CA GLY D 923 -27.81 22.94 0.98
C GLY D 923 -26.91 21.76 0.71
N MET D 924 -26.83 20.87 1.69
CA MET D 924 -25.97 19.70 1.61
C MET D 924 -26.74 18.47 1.09
N GLU D 925 -27.77 18.08 1.84
CA GLU D 925 -28.60 16.92 1.53
C GLU D 925 -29.26 16.99 0.15
N LYS D 926 -29.36 18.20 -0.37
CA LYS D 926 -29.94 18.42 -1.68
C LYS D 926 -28.88 18.20 -2.75
N THR D 927 -27.74 18.84 -2.56
CA THR D 927 -26.60 18.71 -3.47
C THR D 927 -26.20 17.25 -3.63
N ALA D 928 -26.38 16.44 -2.59
CA ALA D 928 -26.20 14.99 -2.74
C ALA D 928 -27.04 14.48 -3.92
N ARG D 929 -28.35 14.77 -3.86
CA ARG D 929 -29.29 14.28 -4.85
C ARG D 929 -29.00 14.83 -6.25
N LEU D 930 -28.63 16.10 -6.34
CA LEU D 930 -28.18 16.67 -7.60
C LEU D 930 -27.02 15.83 -8.15
N LEU D 931 -26.07 15.54 -7.26
CA LEU D 931 -24.88 14.80 -7.64
C LEU D 931 -25.30 13.47 -8.27
N ASP D 932 -26.11 12.70 -7.56
CA ASP D 932 -26.51 11.38 -8.06
C ASP D 932 -27.37 11.44 -9.33
N ALA D 933 -28.09 12.55 -9.51
CA ALA D 933 -28.82 12.77 -10.75
C ALA D 933 -27.84 12.90 -11.91
N LEU D 934 -26.82 13.73 -11.73
CA LEU D 934 -25.77 13.87 -12.74
C LEU D 934 -25.13 12.52 -13.02
N LYS D 935 -24.78 11.81 -11.95
CA LYS D 935 -24.11 10.51 -12.07
C LYS D 935 -24.95 9.55 -12.87
N TYR D 936 -26.27 9.67 -12.76
CA TYR D 936 -27.18 8.81 -13.51
C TYR D 936 -27.27 9.22 -14.98
N TYR D 937 -27.78 10.43 -15.21
CA TYR D 937 -28.03 10.90 -16.56
C TYR D 937 -26.78 10.86 -17.43
N GLY D 938 -25.67 11.37 -16.89
CA GLY D 938 -24.43 11.41 -17.61
C GLY D 938 -23.96 10.06 -18.11
N PHE D 939 -24.10 9.04 -17.27
CA PHE D 939 -23.78 7.68 -17.69
C PHE D 939 -24.72 7.31 -18.82
N THR D 940 -26.00 7.30 -18.48
CA THR D 940 -27.04 6.80 -19.39
C THR D 940 -26.92 7.43 -20.77
N PHE D 941 -26.50 8.69 -20.83
CA PHE D 941 -26.29 9.34 -22.12
C PHE D 941 -24.95 8.96 -22.74
N SER D 942 -23.95 8.72 -21.90
CA SER D 942 -22.61 8.44 -22.40
C SER D 942 -22.59 7.11 -23.11
N THR D 943 -23.59 6.29 -22.82
CA THR D 943 -23.74 5.02 -23.50
C THR D 943 -24.52 5.19 -24.82
N THR D 944 -25.36 6.21 -24.91
CA THR D 944 -26.14 6.45 -26.12
C THR D 944 -25.31 7.20 -27.15
N SER D 945 -24.33 7.97 -26.68
CA SER D 945 -23.51 8.83 -27.53
C SER D 945 -22.75 8.05 -28.60
N GLY D 946 -22.19 6.92 -28.21
CA GLY D 946 -21.42 6.08 -29.12
C GLY D 946 -19.99 6.53 -29.24
N ILE D 947 -19.52 7.25 -28.22
CA ILE D 947 -18.16 7.73 -28.19
C ILE D 947 -17.21 6.56 -27.99
N THR D 948 -16.40 6.29 -29.01
CA THR D 948 -15.51 5.15 -28.97
C THR D 948 -14.11 5.55 -29.42
N ILE D 949 -13.16 4.63 -29.35
CA ILE D 949 -11.82 4.94 -29.84
C ILE D 949 -11.33 4.00 -30.94
N GLY D 950 -11.24 4.54 -32.15
CA GLY D 950 -10.75 3.80 -33.31
C GLY D 950 -9.34 4.21 -33.73
N ILE D 951 -8.76 3.46 -34.66
CA ILE D 951 -7.41 3.74 -35.11
C ILE D 951 -7.38 5.06 -35.89
N ASP D 952 -8.47 5.36 -36.58
CA ASP D 952 -8.59 6.59 -37.35
C ASP D 952 -8.96 7.76 -36.44
N ASP D 953 -9.70 7.47 -35.36
CA ASP D 953 -10.20 8.49 -34.44
C ASP D 953 -9.13 9.51 -34.05
N ALA D 954 -7.92 9.04 -33.79
CA ALA D 954 -6.81 9.93 -33.47
C ALA D 954 -6.35 10.67 -34.71
N VAL D 955 -7.20 11.58 -35.20
CA VAL D 955 -6.92 12.30 -36.44
C VAL D 955 -5.62 13.08 -36.39
N ILE D 956 -4.66 12.67 -37.23
CA ILE D 956 -3.41 13.37 -37.37
C ILE D 956 -3.66 14.74 -38.02
N PRO D 957 -3.04 15.80 -37.48
CA PRO D 957 -3.11 17.13 -38.07
C PRO D 957 -2.68 17.10 -39.52
N GLU D 958 -3.22 17.98 -40.33
CA GLU D 958 -2.91 18.01 -41.76
C GLU D 958 -1.54 18.64 -42.02
N GLU D 959 -1.16 19.60 -41.19
CA GLU D 959 0.04 20.40 -41.44
C GLU D 959 1.33 19.76 -40.93
N LYS D 960 1.21 18.53 -40.42
CA LYS D 960 2.37 17.79 -39.90
C LYS D 960 3.60 17.93 -40.78
N LYS D 961 3.50 17.41 -41.99
CA LYS D 961 4.64 17.39 -42.91
C LYS D 961 5.25 18.76 -43.12
N GLN D 962 4.44 19.82 -43.08
CA GLN D 962 4.98 21.16 -43.29
C GLN D 962 5.69 21.66 -42.02
N TYR D 963 5.10 21.41 -40.85
CA TYR D 963 5.68 21.86 -39.59
C TYR D 963 7.03 21.18 -39.37
N LEU D 964 7.14 19.94 -39.85
CA LEU D 964 8.41 19.25 -39.85
C LEU D 964 9.32 19.78 -40.96
N GLU D 965 8.74 20.04 -42.13
CA GLU D 965 9.54 20.46 -43.28
C GLU D 965 10.25 21.76 -42.95
N GLU D 966 9.45 22.76 -42.56
CA GLU D 966 9.97 24.06 -42.15
C GLU D 966 10.92 23.95 -40.95
N ALA D 967 10.84 22.82 -40.24
CA ALA D 967 11.80 22.56 -39.17
C ALA D 967 13.09 22.02 -39.77
N ASP D 968 12.96 20.99 -40.61
CA ASP D 968 14.13 20.37 -41.25
C ASP D 968 14.91 21.40 -42.06
N ARG D 969 14.24 22.05 -43.01
CA ARG D 969 14.86 23.09 -43.83
C ARG D 969 15.38 24.26 -42.98
N LYS D 970 15.01 24.28 -41.70
CA LYS D 970 15.58 25.24 -40.76
C LYS D 970 16.90 24.71 -40.20
N LEU D 971 16.86 23.49 -39.66
CA LEU D 971 18.03 22.91 -38.99
C LEU D 971 19.22 22.77 -39.94
N LEU D 972 18.92 22.37 -41.17
CA LEU D 972 19.92 22.24 -42.23
C LEU D 972 20.76 23.49 -42.37
N GLN D 973 20.15 24.65 -42.13
CA GLN D 973 20.90 25.91 -42.20
C GLN D 973 21.76 26.05 -40.94
N ILE D 974 21.11 25.88 -39.78
CA ILE D 974 21.76 26.08 -38.48
C ILE D 974 22.99 25.20 -38.31
N GLU D 975 22.81 23.91 -38.61
CA GLU D 975 23.89 22.93 -38.67
C GLU D 975 25.09 23.48 -39.45
N GLN D 976 24.85 23.99 -40.66
CA GLN D 976 25.92 24.53 -41.48
C GLN D 976 26.70 25.61 -40.73
N ALA D 977 25.97 26.48 -40.04
CA ALA D 977 26.57 27.57 -39.26
C ALA D 977 27.57 27.05 -38.23
N TYR D 978 27.30 25.87 -37.68
CA TYR D 978 28.25 25.22 -36.78
C TYR D 978 29.50 24.75 -37.52
N GLU D 979 29.27 24.08 -38.66
CA GLU D 979 30.36 23.48 -39.43
C GLU D 979 31.26 24.56 -40.04
N MET D 980 30.68 25.73 -40.30
CA MET D 980 31.45 26.88 -40.72
C MET D 980 32.26 27.43 -39.55
N GLY D 981 31.66 27.37 -38.36
CA GLY D 981 32.35 27.77 -37.13
C GLY D 981 31.82 29.06 -36.56
N PHE D 982 30.52 29.28 -36.73
CA PHE D 982 29.88 30.49 -36.24
C PHE D 982 29.53 30.37 -34.75
N LEU D 983 28.65 29.43 -34.43
CA LEU D 983 28.21 29.21 -33.06
C LEU D 983 29.03 28.11 -32.38
N THR D 984 29.04 28.10 -31.06
CA THR D 984 29.78 27.09 -30.31
C THR D 984 28.95 25.81 -30.13
N ASP D 985 29.47 24.85 -29.36
CA ASP D 985 28.78 23.59 -29.10
C ASP D 985 27.50 23.82 -28.30
N ARG D 986 27.66 24.42 -27.12
CA ARG D 986 26.56 24.78 -26.23
C ARG D 986 25.47 25.55 -26.98
N GLU D 987 25.89 26.53 -27.76
CA GLU D 987 24.97 27.37 -28.54
C GLU D 987 24.04 26.59 -29.47
N ARG D 988 24.60 25.70 -30.29
CA ARG D 988 23.76 24.92 -31.21
C ARG D 988 22.96 23.89 -30.44
N TYR D 989 23.52 23.39 -29.34
CA TYR D 989 22.77 22.47 -28.49
C TYR D 989 21.47 23.12 -28.09
N ASP D 990 21.56 24.39 -27.65
CA ASP D 990 20.38 25.15 -27.29
C ASP D 990 19.54 25.55 -28.51
N GLN D 991 20.19 25.61 -29.68
CA GLN D 991 19.51 25.96 -30.94
C GLN D 991 18.53 24.89 -31.39
N ILE D 992 19.02 23.67 -31.52
CA ILE D 992 18.17 22.52 -31.84
C ILE D 992 17.06 22.43 -30.80
N LEU D 993 17.44 22.68 -29.54
CA LEU D 993 16.49 22.73 -28.43
C LEU D 993 15.32 23.66 -28.73
N GLN D 994 15.61 24.93 -29.00
CA GLN D 994 14.57 25.90 -29.32
C GLN D 994 13.76 25.46 -30.54
N LEU D 995 14.47 24.92 -31.53
CA LEU D 995 13.85 24.44 -32.77
C LEU D 995 12.73 23.46 -32.51
N TRP D 996 13.04 22.33 -31.89
CA TRP D 996 12.02 21.31 -31.66
C TRP D 996 11.04 21.68 -30.55
N THR D 997 11.51 22.48 -29.60
CA THR D 997 10.67 22.97 -28.50
C THR D 997 9.51 23.78 -29.05
N GLU D 998 9.81 24.59 -30.06
CA GLU D 998 8.78 25.37 -30.71
C GLU D 998 7.99 24.51 -31.70
N THR D 999 8.67 23.58 -32.37
CA THR D 999 8.03 22.72 -33.35
C THR D 999 6.89 21.91 -32.74
N THR D 1000 7.17 21.23 -31.62
CA THR D 1000 6.16 20.38 -30.98
C THR D 1000 4.97 21.18 -30.48
N GLU D 1001 5.27 22.32 -29.85
CA GLU D 1001 4.25 23.22 -29.35
C GLU D 1001 3.35 23.71 -30.48
N LYS D 1002 3.94 23.98 -31.63
CA LYS D 1002 3.18 24.44 -32.80
C LYS D 1002 2.31 23.34 -33.38
N VAL D 1003 2.87 22.14 -33.51
CA VAL D 1003 2.11 20.97 -33.97
C VAL D 1003 0.91 20.70 -33.06
N THR D 1004 1.10 20.87 -31.76
CA THR D 1004 0.05 20.68 -30.77
C THR D 1004 -1.17 21.52 -31.12
N GLN D 1005 -0.93 22.77 -31.48
CA GLN D 1005 -1.99 23.67 -31.90
C GLN D 1005 -2.71 23.12 -33.14
N ALA D 1006 -1.96 22.55 -34.07
CA ALA D 1006 -2.57 21.94 -35.26
C ALA D 1006 -3.50 20.77 -34.86
N VAL D 1007 -3.06 19.96 -33.90
CA VAL D 1007 -3.89 18.89 -33.38
C VAL D 1007 -5.20 19.42 -32.81
N PHE D 1008 -5.07 20.33 -31.85
CA PHE D 1008 -6.24 20.84 -31.12
C PHE D 1008 -7.15 21.73 -31.97
N LYS D 1009 -6.65 22.20 -33.10
CA LYS D 1009 -7.44 23.08 -33.95
C LYS D 1009 -8.12 22.31 -35.06
N ASN D 1010 -7.43 21.29 -35.59
CA ASN D 1010 -7.98 20.46 -36.64
C ASN D 1010 -9.30 19.85 -36.18
N PHE D 1011 -9.29 19.34 -34.95
CA PHE D 1011 -10.49 18.85 -34.31
C PHE D 1011 -11.57 19.92 -34.28
N GLU D 1012 -11.33 20.96 -33.49
CA GLU D 1012 -12.30 22.04 -33.24
C GLU D 1012 -12.93 22.59 -34.52
N GLU D 1013 -12.16 22.62 -35.60
CA GLU D 1013 -12.66 23.10 -36.89
C GLU D 1013 -13.45 22.02 -37.62
N ASN D 1014 -12.78 20.95 -38.06
CA ASN D 1014 -13.44 19.97 -38.90
C ASN D 1014 -14.17 18.85 -38.14
N TYR D 1015 -13.66 18.50 -36.97
CA TYR D 1015 -14.24 17.40 -36.21
C TYR D 1015 -14.63 17.82 -34.80
N PRO D 1016 -15.76 18.55 -34.69
CA PRO D 1016 -16.21 19.12 -33.41
C PRO D 1016 -16.47 18.04 -32.38
N PHE D 1017 -17.11 16.96 -32.81
CA PHE D 1017 -17.44 15.86 -31.91
C PHE D 1017 -16.49 14.69 -32.08
N ASN D 1018 -15.19 14.97 -32.02
CA ASN D 1018 -14.22 13.89 -32.10
C ASN D 1018 -14.11 13.16 -30.77
N PRO D 1019 -14.36 11.83 -30.82
CA PRO D 1019 -14.31 10.98 -29.63
C PRO D 1019 -13.03 11.14 -28.81
N LEU D 1020 -11.93 11.49 -29.46
CA LEU D 1020 -10.66 11.67 -28.75
C LEU D 1020 -10.56 13.10 -28.22
N TYR D 1021 -11.32 13.99 -28.85
CA TYR D 1021 -11.29 15.40 -28.50
C TYR D 1021 -12.20 15.71 -27.31
N VAL D 1022 -13.41 15.18 -27.33
CA VAL D 1022 -14.39 15.48 -26.28
C VAL D 1022 -13.93 14.96 -24.93
N MET D 1023 -13.12 13.91 -24.94
CA MET D 1023 -12.54 13.40 -23.71
C MET D 1023 -11.55 14.39 -23.11
N ALA D 1024 -10.56 14.78 -23.90
CA ALA D 1024 -9.49 15.63 -23.43
C ALA D 1024 -10.02 17.01 -23.07
N GLN D 1025 -11.04 17.45 -23.80
CA GLN D 1025 -11.59 18.78 -23.59
C GLN D 1025 -12.27 18.90 -22.23
N SER D 1026 -13.37 18.18 -22.05
CA SER D 1026 -14.08 18.21 -20.79
C SER D 1026 -13.28 17.51 -19.70
N GLY D 1027 -13.82 17.47 -18.50
CA GLY D 1027 -13.12 16.89 -17.36
C GLY D 1027 -12.84 15.41 -17.45
N ALA D 1028 -13.17 14.81 -18.58
CA ALA D 1028 -12.94 13.38 -18.75
C ALA D 1028 -11.45 13.09 -18.87
N ARG D 1029 -11.11 11.82 -19.03
CA ARG D 1029 -9.72 11.43 -19.19
C ARG D 1029 -9.12 12.09 -20.41
N GLY D 1030 -7.83 12.40 -20.34
CA GLY D 1030 -7.16 13.08 -21.43
C GLY D 1030 -6.37 14.28 -20.93
N ASN D 1031 -5.38 14.68 -21.71
CA ASN D 1031 -4.46 15.74 -21.34
C ASN D 1031 -3.83 16.33 -22.61
N PRO D 1032 -3.64 17.66 -22.65
CA PRO D 1032 -3.16 18.36 -23.86
C PRO D 1032 -1.95 17.71 -24.53
N GLN D 1033 -0.80 17.80 -23.89
CA GLN D 1033 0.43 17.27 -24.46
C GLN D 1033 0.36 15.75 -24.71
N GLN D 1034 -0.57 15.08 -24.03
CA GLN D 1034 -0.80 13.65 -24.25
C GLN D 1034 -1.51 13.38 -25.58
N ILE D 1035 -2.56 14.16 -25.84
CA ILE D 1035 -3.27 14.08 -27.11
C ILE D 1035 -2.29 14.45 -28.22
N ARG D 1036 -1.40 15.37 -27.90
CA ARG D 1036 -0.33 15.73 -28.83
C ARG D 1036 0.50 14.52 -29.24
N GLN D 1037 0.65 13.56 -28.34
CA GLN D 1037 1.48 12.38 -28.62
C GLN D 1037 0.82 11.37 -29.56
N LEU D 1038 -0.51 11.30 -29.48
CA LEU D 1038 -1.24 10.29 -30.26
C LEU D 1038 -1.31 10.67 -31.74
N CYS D 1039 -1.60 11.93 -32.02
CA CYS D 1039 -1.77 12.41 -33.39
C CYS D 1039 -0.50 13.12 -33.86
N GLY D 1040 -0.10 14.16 -33.14
CA GLY D 1040 1.16 14.84 -33.42
C GLY D 1040 2.30 13.98 -32.92
N LEU D 1041 3.53 14.48 -33.02
CA LEU D 1041 4.68 13.68 -32.59
C LEU D 1041 5.20 13.98 -31.18
N ARG D 1042 5.72 12.94 -30.53
CA ARG D 1042 6.40 13.10 -29.25
C ARG D 1042 7.58 14.03 -29.42
N GLY D 1043 7.86 14.81 -28.39
CA GLY D 1043 8.98 15.73 -28.42
C GLY D 1043 10.30 15.01 -28.24
N LEU D 1044 11.36 15.80 -28.06
CA LEU D 1044 12.65 15.25 -27.71
C LEU D 1044 12.54 14.61 -26.33
N MET D 1045 13.02 13.38 -26.21
CA MET D 1045 13.00 12.71 -24.92
C MET D 1045 14.28 12.97 -24.14
N GLN D 1046 14.33 12.46 -22.92
CA GLN D 1046 15.48 12.64 -22.05
C GLN D 1046 16.53 11.55 -22.26
N LYS D 1047 17.80 11.96 -22.30
CA LYS D 1047 18.93 11.03 -22.21
C LYS D 1047 18.98 10.48 -20.79
N PRO D 1048 19.75 9.40 -20.56
CA PRO D 1048 19.89 8.89 -19.18
C PRO D 1048 20.30 9.98 -18.18
N SER D 1049 21.17 10.89 -18.62
CA SER D 1049 21.59 12.03 -17.81
C SER D 1049 20.61 13.19 -17.97
N GLY D 1050 20.93 14.34 -17.39
CA GLY D 1050 20.02 15.49 -17.37
C GLY D 1050 19.78 16.14 -18.73
N GLU D 1051 20.61 15.77 -19.70
CA GLU D 1051 20.54 16.35 -21.04
C GLU D 1051 19.33 15.87 -21.82
N THR D 1052 19.33 16.15 -23.12
CA THR D 1052 18.25 15.73 -24.00
C THR D 1052 18.79 15.26 -25.35
N PHE D 1053 18.15 14.24 -25.91
CA PHE D 1053 18.51 13.77 -27.25
C PHE D 1053 18.26 14.89 -28.24
N GLU D 1054 19.23 15.13 -29.11
CA GLU D 1054 19.13 16.19 -30.10
C GLU D 1054 18.26 15.77 -31.28
N VAL D 1055 17.84 14.50 -31.26
CA VAL D 1055 16.91 13.98 -32.25
C VAL D 1055 15.60 13.52 -31.59
N PRO D 1056 14.53 14.30 -31.78
CA PRO D 1056 13.23 14.03 -31.16
C PRO D 1056 12.47 12.91 -31.87
N VAL D 1057 11.55 12.28 -31.14
CA VAL D 1057 10.74 11.21 -31.72
C VAL D 1057 9.80 11.81 -32.76
N ARG D 1058 10.25 11.83 -34.00
CA ARG D 1058 9.52 12.55 -35.05
C ARG D 1058 8.25 11.83 -35.51
N SER D 1059 7.83 10.81 -34.79
CA SER D 1059 6.64 10.05 -35.19
C SER D 1059 5.57 10.03 -34.10
N SER D 1060 4.39 9.50 -34.43
CA SER D 1060 3.30 9.45 -33.48
C SER D 1060 2.91 8.01 -33.15
N PHE D 1061 2.22 7.82 -32.04
CA PHE D 1061 1.79 6.48 -31.65
C PHE D 1061 0.84 5.88 -32.67
N ARG D 1062 0.08 6.73 -33.36
CA ARG D 1062 -0.89 6.23 -34.33
C ARG D 1062 -0.19 5.57 -35.51
N GLU D 1063 0.80 6.25 -36.05
CA GLU D 1063 1.62 5.64 -37.08
C GLU D 1063 2.69 4.81 -36.41
N GLY D 1064 3.56 4.20 -37.22
CA GLY D 1064 4.59 3.33 -36.68
C GLY D 1064 5.71 4.06 -35.99
N LEU D 1065 5.76 3.93 -34.66
CA LEU D 1065 6.87 4.46 -33.89
C LEU D 1065 8.02 3.47 -33.96
N THR D 1066 9.13 3.90 -34.54
CA THR D 1066 10.22 3.01 -34.93
C THR D 1066 11.06 2.47 -33.75
N VAL D 1067 11.52 1.24 -33.93
CA VAL D 1067 12.50 0.56 -33.07
C VAL D 1067 13.33 1.46 -32.16
N LEU D 1068 14.19 2.27 -32.77
CA LEU D 1068 15.14 3.10 -32.03
C LEU D 1068 14.46 4.19 -31.18
N GLU D 1069 13.39 4.77 -31.73
CA GLU D 1069 12.63 5.82 -31.06
C GLU D 1069 12.08 5.36 -29.70
N TYR D 1070 11.47 4.19 -29.70
CA TYR D 1070 10.96 3.57 -28.49
C TYR D 1070 12.08 3.45 -27.46
N PHE D 1071 13.25 3.03 -27.95
CA PHE D 1071 14.41 2.86 -27.09
C PHE D 1071 14.80 4.17 -26.41
N ILE D 1072 14.86 5.24 -27.20
CA ILE D 1072 15.21 6.55 -26.62
C ILE D 1072 14.08 7.17 -25.77
N SER D 1073 12.85 6.66 -25.85
CA SER D 1073 11.79 7.14 -24.97
C SER D 1073 11.78 6.38 -23.63
N SER D 1074 12.27 5.14 -23.70
CA SER D 1074 12.32 4.29 -22.52
C SER D 1074 13.12 4.94 -21.38
N HIS D 1075 14.13 5.72 -21.73
CA HIS D 1075 15.02 6.34 -20.75
C HIS D 1075 14.27 7.19 -19.73
N GLY D 1076 13.38 8.05 -20.21
CA GLY D 1076 12.58 8.88 -19.32
C GLY D 1076 11.42 8.08 -18.78
N ALA D 1077 10.92 7.17 -19.61
CA ALA D 1077 9.80 6.32 -19.22
C ALA D 1077 10.07 5.57 -17.91
N ARG D 1078 11.28 5.07 -17.75
CA ARG D 1078 11.64 4.33 -16.55
C ARG D 1078 11.84 5.25 -15.35
N LYS D 1079 12.30 6.47 -15.62
CA LYS D 1079 12.48 7.48 -14.58
C LYS D 1079 11.16 7.83 -13.93
N GLY D 1080 10.12 7.91 -14.76
CA GLY D 1080 8.78 8.17 -14.27
C GLY D 1080 8.36 7.26 -13.14
N GLY D 1081 8.54 5.95 -13.37
CA GLY D 1081 8.23 4.95 -12.36
C GLY D 1081 8.89 5.25 -11.03
N ALA D 1082 10.20 5.48 -11.06
CA ALA D 1082 10.95 5.84 -9.85
C ALA D 1082 10.33 7.06 -9.17
N ASP D 1083 10.05 8.09 -9.97
CA ASP D 1083 9.50 9.33 -9.43
C ASP D 1083 8.13 9.12 -8.75
N THR D 1084 7.38 8.11 -9.18
CA THR D 1084 6.10 7.81 -8.54
C THR D 1084 6.15 6.64 -7.57
N ALA D 1085 6.85 5.58 -7.94
CA ALA D 1085 6.87 4.37 -7.13
C ALA D 1085 7.79 4.46 -5.92
N LEU D 1086 8.87 5.24 -6.02
CA LEU D 1086 9.78 5.42 -4.89
C LEU D 1086 9.15 6.30 -3.81
N ARG D 1087 8.03 6.93 -4.15
CA ARG D 1087 7.38 7.86 -3.24
C ARG D 1087 5.97 7.40 -2.88
N THR D 1088 5.60 6.20 -3.33
CA THR D 1088 4.38 5.56 -2.88
C THR D 1088 4.54 5.20 -1.40
N ALA D 1089 5.79 4.97 -0.99
CA ALA D 1089 6.12 4.63 0.39
C ALA D 1089 6.25 5.84 1.31
N ASP D 1090 6.56 6.99 0.73
CA ASP D 1090 6.74 8.23 1.49
C ASP D 1090 5.40 8.84 1.95
N SER D 1091 4.32 8.15 1.61
CA SER D 1091 2.97 8.59 1.97
C SER D 1091 2.76 8.60 3.49
N GLY D 1092 3.40 7.67 4.18
CA GLY D 1092 3.28 7.62 5.62
C GLY D 1092 4.28 8.49 6.37
N TYR D 1093 5.18 9.16 5.66
CA TYR D 1093 6.29 9.84 6.33
C TYR D 1093 6.02 11.27 6.77
N LEU D 1094 5.42 12.07 5.90
CA LEU D 1094 5.22 13.46 6.22
C LEU D 1094 4.03 13.61 7.18
N THR D 1095 2.96 12.88 6.89
CA THR D 1095 1.77 12.90 7.74
C THR D 1095 2.14 12.52 9.17
N ARG D 1096 3.02 11.51 9.28
CA ARG D 1096 3.52 11.09 10.57
C ARG D 1096 4.20 12.23 11.31
N LYS D 1097 5.24 12.80 10.68
CA LYS D 1097 6.03 13.86 11.29
C LYS D 1097 5.16 15.03 11.74
N LEU D 1098 4.19 15.40 10.90
CA LEU D 1098 3.32 16.53 11.23
C LEU D 1098 2.30 16.22 12.33
N VAL D 1099 1.78 15.00 12.35
CA VAL D 1099 0.78 14.62 13.34
C VAL D 1099 1.33 14.73 14.77
N ASP D 1100 2.60 14.39 14.93
CA ASP D 1100 3.25 14.36 16.25
C ASP D 1100 3.18 15.70 16.98
N VAL D 1101 3.17 16.79 16.21
CA VAL D 1101 3.23 18.13 16.79
C VAL D 1101 1.86 18.80 16.79
N THR D 1102 0.84 18.11 16.32
CA THR D 1102 -0.43 18.78 16.10
C THR D 1102 -1.62 18.21 16.89
N HIS D 1103 -1.55 16.95 17.31
CA HIS D 1103 -2.69 16.26 17.88
C HIS D 1103 -3.29 16.98 19.09
N GLU D 1104 -2.49 17.84 19.72
CA GLU D 1104 -2.95 18.59 20.87
C GLU D 1104 -3.87 19.74 20.50
N ILE D 1105 -3.91 20.08 19.22
CA ILE D 1105 -4.70 21.22 18.76
C ILE D 1105 -6.12 20.83 18.36
N VAL D 1106 -7.11 21.43 19.01
CA VAL D 1106 -8.51 21.23 18.68
C VAL D 1106 -9.33 22.49 18.96
N VAL D 1107 -10.32 22.77 18.11
CA VAL D 1107 -11.14 23.97 18.32
C VAL D 1107 -12.22 23.74 19.37
N ARG D 1108 -11.87 24.09 20.61
CA ARG D 1108 -12.72 23.87 21.76
C ARG D 1108 -13.05 25.19 22.46
N GLU D 1109 -13.24 26.24 21.67
CA GLU D 1109 -13.51 27.55 22.23
C GLU D 1109 -14.56 28.27 21.42
N ALA D 1110 -15.23 29.25 22.02
CA ALA D 1110 -16.21 30.05 21.28
C ALA D 1110 -15.54 31.27 20.67
N ASP D 1111 -14.75 31.95 21.49
CA ASP D 1111 -13.98 33.12 21.05
C ASP D 1111 -12.93 33.46 22.09
N CYS D 1112 -11.81 34.03 21.63
CA CYS D 1112 -10.72 34.41 22.53
C CYS D 1112 -10.79 35.89 22.87
N GLY D 1113 -10.05 36.30 23.90
CA GLY D 1113 -10.03 37.66 24.35
C GLY D 1113 -9.00 38.54 23.65
N THR D 1114 -8.36 38.03 22.61
CA THR D 1114 -7.37 38.80 21.88
C THR D 1114 -7.92 39.38 20.58
N THR D 1115 -7.19 40.34 20.02
CA THR D 1115 -7.63 40.99 18.79
C THR D 1115 -6.46 41.16 17.84
N ASN D 1116 -5.62 40.13 17.76
CA ASN D 1116 -4.47 40.16 16.89
C ASN D 1116 -4.74 39.45 15.58
N TYR D 1117 -4.24 40.04 14.49
CA TYR D 1117 -4.54 39.55 13.16
C TYR D 1117 -3.31 39.58 12.27
N ILE D 1118 -3.46 39.11 11.04
CA ILE D 1118 -2.46 39.37 10.02
C ILE D 1118 -3.10 39.91 8.75
N SER D 1119 -2.32 40.68 8.00
CA SER D 1119 -2.74 41.20 6.72
C SER D 1119 -2.19 40.29 5.64
N VAL D 1120 -3.05 39.44 5.08
CA VAL D 1120 -2.65 38.63 3.95
C VAL D 1120 -2.55 39.53 2.73
N PRO D 1121 -1.33 39.68 2.19
CA PRO D 1121 -1.08 40.62 1.10
C PRO D 1121 -1.84 40.25 -0.16
N LEU D 1122 -2.26 41.26 -0.94
CA LEU D 1122 -2.99 41.02 -2.17
C LEU D 1122 -2.12 41.32 -3.39
N PHE D 1123 -0.85 41.60 -3.13
CA PHE D 1123 0.10 41.90 -4.20
C PHE D 1123 1.40 41.09 -4.06
N GLN D 1124 1.76 40.38 -5.12
CA GLN D 1124 3.05 39.69 -5.17
C GLN D 1124 4.15 40.68 -5.58
N PRO D 1125 5.08 40.94 -4.67
CA PRO D 1125 6.14 41.92 -4.92
C PRO D 1125 7.26 41.34 -5.80
N ASP D 1126 7.37 40.02 -5.84
CA ASP D 1126 8.60 39.38 -6.34
C ASP D 1126 8.49 38.49 -7.58
N GLU D 1127 7.79 38.93 -8.62
CA GLU D 1127 7.80 38.19 -9.88
C GLU D 1127 9.05 38.49 -10.71
N VAL D 1128 9.20 39.73 -11.14
CA VAL D 1128 10.44 40.19 -11.78
C VAL D 1128 11.36 40.63 -10.63
N THR D 1129 12.21 41.64 -10.85
CA THR D 1129 13.08 42.16 -9.81
C THR D 1129 12.32 42.61 -8.59
N ARG D 1130 11.71 43.79 -8.69
CA ARG D 1130 10.85 44.32 -7.64
C ARG D 1130 9.69 45.06 -8.27
N SER D 1131 8.70 44.31 -8.73
CA SER D 1131 7.55 44.89 -9.40
C SER D 1131 6.22 44.43 -8.78
N LEU D 1132 5.55 45.35 -8.09
CA LEU D 1132 4.30 45.05 -7.39
C LEU D 1132 3.14 44.85 -8.36
N ARG D 1133 2.37 43.78 -8.14
CA ARG D 1133 1.26 43.44 -9.02
C ARG D 1133 0.30 42.50 -8.33
N LEU D 1134 -0.88 42.32 -8.94
CA LEU D 1134 -1.93 41.47 -8.39
C LEU D 1134 -1.44 40.07 -8.04
N ARG D 1135 -1.77 39.62 -6.83
CA ARG D 1135 -1.44 38.26 -6.41
C ARG D 1135 -2.33 37.26 -7.14
N LYS D 1136 -1.79 36.07 -7.36
CA LYS D 1136 -2.42 35.00 -8.15
C LYS D 1136 -3.90 34.78 -7.85
N ARG D 1137 -4.67 34.48 -8.89
CA ARG D 1137 -6.12 34.27 -8.79
C ARG D 1137 -6.47 33.22 -7.75
N ALA D 1138 -5.60 32.21 -7.64
CA ALA D 1138 -5.83 31.11 -6.72
C ALA D 1138 -5.46 31.47 -5.28
N ASP D 1139 -4.20 31.83 -5.07
CA ASP D 1139 -3.64 32.08 -3.74
C ASP D 1139 -4.56 32.88 -2.83
N ILE D 1140 -5.00 34.03 -3.34
CA ILE D 1140 -5.86 34.94 -2.58
C ILE D 1140 -7.07 34.22 -2.02
N GLU D 1141 -7.66 33.37 -2.84
CA GLU D 1141 -8.85 32.64 -2.44
C GLU D 1141 -8.61 31.77 -1.21
N ALA D 1142 -7.43 31.16 -1.12
CA ALA D 1142 -7.16 30.23 -0.04
C ALA D 1142 -6.54 30.90 1.18
N GLY D 1143 -6.30 32.20 1.07
CA GLY D 1143 -5.74 32.98 2.17
C GLY D 1143 -6.79 33.89 2.74
N LEU D 1144 -7.99 33.84 2.17
CA LEU D 1144 -9.08 34.69 2.63
C LEU D 1144 -10.41 33.98 2.80
N TYR D 1145 -10.57 32.83 2.14
CA TYR D 1145 -11.84 32.12 2.22
C TYR D 1145 -12.15 31.68 3.63
N GLY D 1146 -13.41 31.83 4.02
CA GLY D 1146 -13.91 31.32 5.29
C GLY D 1146 -13.13 31.75 6.51
N ARG D 1147 -12.77 33.02 6.56
CA ARG D 1147 -11.98 33.54 7.66
C ARG D 1147 -12.72 34.65 8.40
N VAL D 1148 -12.04 35.28 9.34
CA VAL D 1148 -12.68 36.27 10.20
C VAL D 1148 -11.82 37.53 10.32
N LEU D 1149 -12.45 38.68 10.04
CA LEU D 1149 -11.77 39.98 10.10
C LEU D 1149 -11.49 40.38 11.54
N ALA D 1150 -10.74 41.48 11.70
CA ALA D 1150 -10.42 41.98 13.04
C ALA D 1150 -10.88 43.43 13.21
N ARG D 1151 -11.31 44.03 12.11
CA ARG D 1151 -11.85 45.38 12.11
C ARG D 1151 -12.56 45.65 10.79
N GLU D 1152 -13.80 46.11 10.85
CA GLU D 1152 -14.65 46.31 9.67
C GLU D 1152 -13.92 47.06 8.54
N VAL D 1153 -14.14 46.61 7.31
CA VAL D 1153 -13.55 47.26 6.13
C VAL D 1153 -14.55 47.35 4.98
N GLU D 1154 -14.89 48.58 4.60
CA GLU D 1154 -15.77 48.84 3.46
C GLU D 1154 -14.93 49.15 2.25
N VAL D 1155 -15.37 48.71 1.07
CA VAL D 1155 -14.55 48.83 -0.13
C VAL D 1155 -15.32 49.26 -1.38
N LEU D 1156 -15.97 48.31 -2.04
CA LEU D 1156 -16.61 48.57 -3.32
C LEU D 1156 -17.89 49.39 -3.18
N GLY D 1157 -18.45 49.40 -1.98
CA GLY D 1157 -19.65 50.18 -1.71
C GLY D 1157 -20.53 49.50 -0.70
N VAL D 1158 -20.09 48.30 -0.28
CA VAL D 1158 -20.80 47.55 0.74
C VAL D 1158 -19.88 47.36 1.94
N ARG D 1159 -20.45 47.43 3.14
CA ARG D 1159 -19.66 47.35 4.36
C ARG D 1159 -19.56 45.91 4.85
N LEU D 1160 -18.33 45.43 4.97
CA LEU D 1160 -18.06 44.11 5.54
C LEU D 1160 -18.10 44.21 7.06
N GLU D 1161 -18.92 43.35 7.66
CA GLU D 1161 -19.11 43.33 9.11
C GLU D 1161 -17.81 43.08 9.87
N GLU D 1162 -17.77 43.51 11.12
CA GLU D 1162 -16.63 43.24 11.99
C GLU D 1162 -16.77 41.82 12.53
N GLY D 1163 -15.69 41.06 12.45
CA GLY D 1163 -15.70 39.67 12.89
C GLY D 1163 -16.70 38.84 12.10
N ARG D 1164 -16.61 38.94 10.77
CA ARG D 1164 -17.58 38.29 9.91
C ARG D 1164 -16.96 37.12 9.15
N TYR D 1165 -17.71 36.03 9.04
CA TYR D 1165 -17.25 34.84 8.31
C TYR D 1165 -17.38 35.05 6.81
N LEU D 1166 -16.28 35.45 6.18
CA LEU D 1166 -16.26 35.78 4.76
C LEU D 1166 -16.48 34.53 3.91
N SER D 1167 -17.46 34.59 3.02
CA SER D 1167 -17.65 33.54 2.02
C SER D 1167 -16.71 33.83 0.85
N MET D 1168 -16.75 33.01 -0.19
CA MET D 1168 -15.82 33.16 -1.31
C MET D 1168 -16.08 34.45 -2.08
N ASP D 1169 -17.36 34.80 -2.22
CA ASP D 1169 -17.76 35.99 -2.95
C ASP D 1169 -17.21 37.24 -2.31
N ASP D 1170 -17.13 37.22 -0.98
CA ASP D 1170 -16.52 38.31 -0.24
C ASP D 1170 -15.12 38.55 -0.81
N VAL D 1171 -14.37 37.47 -0.99
CA VAL D 1171 -13.01 37.56 -1.52
C VAL D 1171 -13.03 38.04 -2.96
N HIS D 1172 -13.95 37.49 -3.74
CA HIS D 1172 -14.15 37.92 -5.12
C HIS D 1172 -14.23 39.44 -5.27
N LEU D 1173 -15.25 40.04 -4.64
CA LEU D 1173 -15.47 41.48 -4.79
C LEU D 1173 -14.32 42.28 -4.19
N LEU D 1174 -13.63 41.67 -3.23
CA LEU D 1174 -12.45 42.28 -2.64
C LEU D 1174 -11.33 42.39 -3.68
N ILE D 1175 -11.12 41.32 -4.46
CA ILE D 1175 -10.11 41.34 -5.51
C ILE D 1175 -10.50 42.38 -6.55
N LYS D 1176 -11.78 42.39 -6.91
CA LYS D 1176 -12.28 43.39 -7.86
C LYS D 1176 -12.02 44.82 -7.39
N ALA D 1177 -12.23 45.07 -6.11
CA ALA D 1177 -12.02 46.39 -5.54
C ALA D 1177 -10.54 46.75 -5.49
N ALA D 1178 -9.71 45.72 -5.31
CA ALA D 1178 -8.27 45.91 -5.23
C ALA D 1178 -7.65 46.15 -6.60
N GLU D 1179 -8.37 45.73 -7.63
CA GLU D 1179 -7.94 46.00 -9.01
C GLU D 1179 -8.06 47.48 -9.35
N ALA D 1180 -8.97 48.17 -8.66
CA ALA D 1180 -9.22 49.58 -8.92
C ALA D 1180 -8.30 50.49 -8.12
N GLY D 1181 -7.79 49.98 -7.00
CA GLY D 1181 -6.92 50.75 -6.15
C GLY D 1181 -7.57 51.14 -4.83
N GLU D 1182 -8.11 50.14 -4.13
CA GLU D 1182 -8.81 50.36 -2.86
C GLU D 1182 -7.99 49.88 -1.67
N ILE D 1183 -8.14 48.60 -1.31
CA ILE D 1183 -7.39 48.03 -0.20
C ILE D 1183 -6.25 47.14 -0.65
N GLN D 1184 -5.08 47.34 -0.06
CA GLN D 1184 -3.91 46.53 -0.38
C GLN D 1184 -3.93 45.21 0.38
N GLU D 1185 -4.43 45.24 1.61
CA GLU D 1185 -4.47 44.04 2.44
C GLU D 1185 -5.81 43.89 3.18
N VAL D 1186 -5.97 42.75 3.83
CA VAL D 1186 -7.20 42.44 4.55
C VAL D 1186 -6.85 41.94 5.96
N PRO D 1187 -7.49 42.52 7.00
CA PRO D 1187 -7.23 42.07 8.37
C PRO D 1187 -7.88 40.73 8.66
N VAL D 1188 -7.14 39.79 9.24
CA VAL D 1188 -7.74 38.49 9.49
C VAL D 1188 -7.21 37.71 10.72
N ARG D 1189 -8.16 37.11 11.44
CA ARG D 1189 -7.88 36.19 12.54
C ARG D 1189 -7.34 34.88 12.00
N SER D 1190 -6.40 34.30 12.75
CA SER D 1190 -5.77 33.06 12.34
C SER D 1190 -5.16 32.39 13.54
N PRO D 1191 -5.03 31.05 13.49
CA PRO D 1191 -4.34 30.31 14.56
C PRO D 1191 -2.99 30.92 14.91
N LEU D 1192 -2.35 31.60 13.96
CA LEU D 1192 -1.05 32.22 14.19
C LEU D 1192 -0.99 33.15 15.39
N THR D 1193 -2.15 33.63 15.82
CA THR D 1193 -2.20 34.62 16.88
C THR D 1193 -3.29 34.40 17.93
N CYS D 1194 -3.63 33.14 18.22
CA CYS D 1194 -4.63 32.86 19.25
C CYS D 1194 -4.11 33.12 20.65
N GLN D 1195 -4.94 32.80 21.64
CA GLN D 1195 -4.60 32.91 23.05
C GLN D 1195 -4.62 31.54 23.73
N THR D 1196 -5.51 30.66 23.26
CA THR D 1196 -5.70 29.35 23.87
C THR D 1196 -4.43 28.53 23.77
N ARG D 1197 -3.83 28.26 24.93
CA ARG D 1197 -2.58 27.51 25.04
C ARG D 1197 -2.58 26.27 24.17
N TYR D 1198 -3.34 25.28 24.60
CA TYR D 1198 -3.52 24.07 23.84
C TYR D 1198 -4.89 24.14 23.16
N GLY D 1199 -4.90 24.64 21.93
CA GLY D 1199 -6.13 24.79 21.18
C GLY D 1199 -6.20 26.06 20.37
N VAL D 1200 -7.24 26.15 19.54
CA VAL D 1200 -7.50 27.33 18.73
C VAL D 1200 -9.01 27.59 18.78
N CYS D 1201 -9.39 28.86 18.85
CA CYS D 1201 -10.81 29.21 19.02
C CYS D 1201 -11.57 29.22 17.70
N GLN D 1202 -12.87 29.52 17.77
CA GLN D 1202 -13.76 29.46 16.62
C GLN D 1202 -13.49 30.58 15.62
N LYS D 1203 -13.46 31.81 16.11
CA LYS D 1203 -13.21 32.98 15.26
C LYS D 1203 -11.82 32.94 14.64
N CYS D 1204 -10.85 32.35 15.35
CA CYS D 1204 -9.49 32.29 14.85
C CYS D 1204 -9.31 31.32 13.69
N TYR D 1205 -9.87 30.12 13.82
CA TYR D 1205 -9.81 29.14 12.75
C TYR D 1205 -10.59 29.67 11.56
N GLY D 1206 -11.89 29.38 11.52
CA GLY D 1206 -12.74 30.00 10.51
C GLY D 1206 -13.96 29.22 10.06
N TYR D 1207 -13.85 28.64 8.87
CA TYR D 1207 -14.99 27.98 8.23
C TYR D 1207 -14.91 26.46 8.30
N ASP D 1208 -14.11 25.90 7.38
CA ASP D 1208 -14.15 24.50 6.95
C ASP D 1208 -14.64 23.45 7.95
N LEU D 1209 -15.71 22.76 7.58
CA LEU D 1209 -16.31 21.70 8.38
C LEU D 1209 -16.91 20.69 7.41
N SER D 1210 -16.10 20.29 6.44
CA SER D 1210 -16.55 19.46 5.32
C SER D 1210 -17.61 20.20 4.52
N MET D 1211 -17.86 21.45 4.90
CA MET D 1211 -18.86 22.28 4.25
C MET D 1211 -18.53 23.75 4.51
N ALA D 1212 -19.40 24.65 4.07
CA ALA D 1212 -19.23 26.07 4.30
C ALA D 1212 -20.05 26.55 5.49
N ARG D 1213 -19.69 26.09 6.67
CA ARG D 1213 -20.35 26.48 7.90
C ARG D 1213 -19.29 27.00 8.84
N PRO D 1214 -19.68 27.82 9.82
CA PRO D 1214 -18.75 28.12 10.91
C PRO D 1214 -18.27 26.82 11.54
N VAL D 1215 -16.96 26.71 11.74
CA VAL D 1215 -16.35 25.52 12.33
C VAL D 1215 -17.00 25.20 13.68
N SER D 1216 -17.46 23.97 13.84
CA SER D 1216 -18.12 23.54 15.06
C SER D 1216 -17.18 23.63 16.26
N ILE D 1217 -17.76 23.78 17.45
CA ILE D 1217 -16.96 23.88 18.68
C ILE D 1217 -16.62 22.47 19.16
N GLY D 1218 -15.36 22.09 18.99
CA GLY D 1218 -14.93 20.75 19.37
C GLY D 1218 -14.35 19.92 18.24
N GLU D 1219 -14.09 20.54 17.10
CA GLU D 1219 -13.55 19.81 15.95
C GLU D 1219 -12.07 19.47 16.12
N ALA D 1220 -11.69 18.27 15.70
CA ALA D 1220 -10.31 17.83 15.76
C ALA D 1220 -9.53 18.44 14.61
N VAL D 1221 -9.17 19.70 14.77
CA VAL D 1221 -8.59 20.49 13.68
C VAL D 1221 -7.14 20.15 13.36
N GLY D 1222 -6.31 19.96 14.39
CA GLY D 1222 -4.89 19.69 14.18
C GLY D 1222 -4.65 18.48 13.30
N ILE D 1223 -5.34 17.39 13.63
CA ILE D 1223 -5.26 16.16 12.87
C ILE D 1223 -5.66 16.39 11.43
N VAL D 1224 -6.80 17.07 11.25
CA VAL D 1224 -7.33 17.36 9.93
C VAL D 1224 -6.34 18.15 9.06
N ALA D 1225 -5.73 19.17 9.66
CA ALA D 1225 -4.81 20.02 8.95
C ALA D 1225 -3.59 19.22 8.54
N ALA D 1226 -3.03 18.49 9.51
CA ALA D 1226 -1.89 17.62 9.25
C ALA D 1226 -2.16 16.69 8.08
N GLN D 1227 -3.33 16.06 8.08
CA GLN D 1227 -3.71 15.14 7.02
C GLN D 1227 -3.85 15.83 5.68
N SER D 1228 -4.38 17.05 5.69
CA SER D 1228 -4.60 17.79 4.46
C SER D 1228 -3.29 18.33 3.88
N ILE D 1229 -2.27 18.42 4.71
CA ILE D 1229 -0.95 18.80 4.20
C ILE D 1229 -0.25 17.52 3.74
N GLY D 1230 -0.63 16.39 4.33
CA GLY D 1230 0.03 15.13 4.06
C GLY D 1230 -0.41 14.43 2.79
N GLU D 1231 -1.71 14.44 2.52
CA GLU D 1231 -2.27 13.76 1.34
C GLU D 1231 -1.59 14.12 0.02
N PRO D 1232 -1.40 15.43 -0.25
CA PRO D 1232 -0.75 15.66 -1.55
C PRO D 1232 0.75 15.81 -1.42
N GLY D 1233 1.35 15.21 -0.41
CA GLY D 1233 2.79 15.27 -0.24
C GLY D 1233 3.50 14.45 -1.30
N THR D 1234 2.93 13.29 -1.60
CA THR D 1234 3.55 12.36 -2.54
C THR D 1234 3.50 12.86 -3.98
N GLN D 1235 2.67 13.86 -4.24
CA GLN D 1235 2.54 14.39 -5.60
C GLN D 1235 3.67 15.36 -5.99
N LEU D 1236 4.70 15.44 -5.14
CA LEU D 1236 5.80 16.35 -5.38
C LEU D 1236 7.06 15.61 -5.81
N GLN D 1254 13.65 19.35 -4.00
CA GLN D 1254 13.14 20.69 -4.26
C GLN D 1254 11.62 20.72 -4.23
N GLY D 1255 11.03 19.57 -3.94
CA GLY D 1255 9.58 19.46 -3.83
C GLY D 1255 9.20 19.15 -2.40
N LEU D 1256 8.80 17.90 -2.18
CA LEU D 1256 8.59 17.38 -0.83
C LEU D 1256 9.76 17.65 0.13
N PRO D 1257 11.01 17.44 -0.35
CA PRO D 1257 12.14 17.74 0.54
C PRO D 1257 12.21 19.18 1.03
N ARG D 1258 11.94 20.15 0.15
CA ARG D 1258 11.95 21.56 0.52
C ARG D 1258 10.91 21.82 1.62
N VAL D 1259 9.75 21.20 1.45
CA VAL D 1259 8.68 21.24 2.44
C VAL D 1259 9.20 20.73 3.79
N ILE D 1260 9.85 19.57 3.76
CA ILE D 1260 10.47 19.00 4.94
C ILE D 1260 11.41 20.02 5.61
N GLU D 1261 12.29 20.63 4.82
CA GLU D 1261 13.24 21.61 5.34
C GLU D 1261 12.53 22.79 5.98
N LEU D 1262 11.36 23.14 5.45
CA LEU D 1262 10.58 24.24 5.99
C LEU D 1262 9.92 23.87 7.32
N PHE D 1263 9.35 22.68 7.40
CA PHE D 1263 8.69 22.23 8.64
C PHE D 1263 9.68 21.82 9.73
N GLU D 1264 10.83 21.28 9.32
CA GLU D 1264 11.86 20.85 10.25
C GLU D 1264 12.76 22.01 10.68
N ALA D 1265 12.55 23.18 10.07
CA ALA D 1265 13.35 24.37 10.39
C ALA D 1265 14.85 24.13 10.26
N ARG D 1266 15.21 23.12 9.47
CA ARG D 1266 16.61 22.75 9.31
C ARG D 1266 17.32 23.83 8.52
N ARG D 1267 18.65 23.84 8.56
CA ARG D 1267 19.43 24.79 7.78
C ARG D 1267 19.20 24.59 6.30
N PRO D 1268 18.88 25.69 5.58
CA PRO D 1268 18.58 25.68 4.15
C PRO D 1268 19.68 25.01 3.33
N LYS D 1269 19.31 24.49 2.16
CA LYS D 1269 20.24 23.82 1.24
C LYS D 1269 21.43 24.70 0.88
N ALA D 1270 21.20 25.67 0.00
CA ALA D 1270 22.20 26.67 -0.33
C ALA D 1270 21.93 27.94 0.47
N LYS D 1271 22.64 28.12 1.57
CA LYS D 1271 22.45 29.28 2.43
C LYS D 1271 22.78 30.56 1.69
N ALA D 1272 22.11 31.65 2.05
CA ALA D 1272 22.28 32.90 1.33
C ALA D 1272 22.48 34.08 2.27
N VAL D 1273 23.15 33.83 3.39
CA VAL D 1273 23.42 34.85 4.42
C VAL D 1273 22.10 35.47 4.96
N ILE D 1274 22.21 36.56 5.71
CA ILE D 1274 21.07 37.22 6.32
C ILE D 1274 21.48 38.68 6.59
N SER D 1275 20.52 39.59 6.60
CA SER D 1275 20.77 40.97 6.99
C SER D 1275 20.32 41.16 8.44
N GLU D 1276 20.98 42.09 9.16
CA GLU D 1276 20.66 42.31 10.58
C GLU D 1276 19.85 43.57 10.78
N ILE D 1277 20.51 44.71 10.61
CA ILE D 1277 19.88 46.01 10.82
C ILE D 1277 19.48 46.69 9.52
N ASP D 1278 18.82 47.85 9.68
CA ASP D 1278 18.33 48.63 8.54
C ASP D 1278 19.17 49.89 8.27
N GLY D 1279 18.65 50.80 7.44
CA GLY D 1279 19.41 51.94 6.95
C GLY D 1279 19.35 52.01 5.43
N VAL D 1280 20.35 52.62 4.80
CA VAL D 1280 20.45 52.66 3.34
C VAL D 1280 21.35 51.54 2.81
N VAL D 1281 20.89 50.78 1.82
CA VAL D 1281 21.75 49.74 1.24
C VAL D 1281 22.99 50.41 0.67
N ARG D 1282 24.15 50.06 1.23
CA ARG D 1282 25.43 50.44 0.61
C ARG D 1282 26.43 49.31 0.77
N ILE D 1283 26.69 48.59 -0.32
CA ILE D 1283 27.63 47.48 -0.30
C ILE D 1283 28.93 47.90 -0.97
N GLU D 1284 30.03 47.22 -0.67
CA GLU D 1284 31.30 47.48 -1.33
C GLU D 1284 31.24 47.00 -2.78
N GLU D 1285 32.39 46.66 -3.35
CA GLU D 1285 32.45 46.23 -4.74
C GLU D 1285 33.26 44.94 -4.87
N THR D 1286 34.57 45.10 -5.01
CA THR D 1286 35.48 43.97 -5.08
C THR D 1286 36.02 43.59 -3.69
N GLU D 1287 36.98 42.65 -3.69
CA GLU D 1287 37.55 41.92 -2.53
C GLU D 1287 36.86 40.55 -2.30
N GLU D 1288 37.62 39.59 -1.76
CA GLU D 1288 37.08 38.27 -1.44
C GLU D 1288 36.01 38.41 -0.36
N LYS D 1289 36.30 39.20 0.67
CA LYS D 1289 35.29 39.59 1.66
C LYS D 1289 34.64 40.93 1.29
N LEU D 1290 33.45 40.85 0.69
CA LEU D 1290 32.68 42.04 0.33
C LEU D 1290 32.52 42.95 1.54
N SER D 1291 33.05 44.16 1.47
CA SER D 1291 33.08 45.06 2.63
C SER D 1291 31.85 45.97 2.70
N VAL D 1292 30.68 45.37 2.97
CA VAL D 1292 29.42 46.10 3.03
C VAL D 1292 29.50 47.21 4.06
N PHE D 1293 28.73 48.28 3.85
CA PHE D 1293 28.68 49.38 4.81
C PHE D 1293 27.32 50.10 4.71
N VAL D 1294 26.31 49.55 5.38
CA VAL D 1294 24.95 50.07 5.26
C VAL D 1294 24.81 51.51 5.79
N GLU D 1295 24.41 51.66 7.06
CA GLU D 1295 24.24 52.96 7.71
C GLU D 1295 23.51 52.84 9.05
N SER D 1296 22.36 53.50 9.14
CA SER D 1296 21.56 53.62 10.35
C SER D 1296 22.24 54.44 11.45
N GLU D 1297 21.80 54.24 12.69
CA GLU D 1297 22.28 55.02 13.82
C GLU D 1297 23.32 54.27 14.65
N GLY D 1298 24.58 54.59 14.40
CA GLY D 1298 25.69 54.05 15.17
C GLY D 1298 26.26 52.77 14.61
N PHE D 1299 25.40 51.98 13.98
CA PHE D 1299 25.80 50.69 13.41
C PHE D 1299 26.49 50.83 12.05
N SER D 1300 26.56 49.72 11.33
CA SER D 1300 27.16 49.66 10.00
C SER D 1300 26.88 48.27 9.44
N LYS D 1301 27.73 47.81 8.54
CA LYS D 1301 27.60 46.46 7.97
C LYS D 1301 28.98 45.92 7.62
N GLU D 1302 29.07 44.61 7.47
CA GLU D 1302 30.31 43.91 7.13
C GLU D 1302 30.07 42.40 7.17
N TYR D 1303 30.13 41.76 6.00
CA TYR D 1303 29.92 40.31 5.93
C TYR D 1303 31.08 39.53 5.32
N LYS D 1304 30.83 38.24 5.09
CA LYS D 1304 31.83 37.30 4.58
C LYS D 1304 31.19 36.00 4.05
N LEU D 1305 31.13 35.85 2.72
CA LEU D 1305 30.63 34.62 2.09
C LEU D 1305 31.56 34.11 0.97
N PRO D 1306 31.38 32.85 0.52
CA PRO D 1306 32.14 32.32 -0.63
C PRO D 1306 32.06 33.17 -1.90
N LYS D 1307 32.78 32.75 -2.94
CA LYS D 1307 32.90 33.52 -4.18
C LYS D 1307 31.56 33.73 -4.90
N GLU D 1308 30.92 32.63 -5.32
CA GLU D 1308 29.67 32.70 -6.06
C GLU D 1308 28.48 33.16 -5.21
N ALA D 1309 27.91 34.29 -5.59
CA ALA D 1309 26.84 34.95 -4.85
C ALA D 1309 26.25 36.09 -5.70
N ARG D 1310 24.92 36.24 -5.71
CA ARG D 1310 24.31 37.42 -6.34
C ARG D 1310 23.62 38.30 -5.30
N LEU D 1311 23.61 39.60 -5.55
CA LEU D 1311 23.17 40.60 -4.56
C LEU D 1311 21.76 41.14 -4.81
N LEU D 1312 21.53 41.60 -6.04
CA LEU D 1312 20.26 42.19 -6.50
C LEU D 1312 19.98 43.60 -5.97
N VAL D 1313 20.92 44.19 -5.22
CA VAL D 1313 20.71 45.54 -4.70
C VAL D 1313 21.99 46.36 -4.42
N LYS D 1314 22.21 47.37 -5.26
CA LYS D 1314 23.36 48.27 -5.11
C LYS D 1314 23.15 49.28 -3.98
N ASP D 1315 24.08 50.22 -3.89
CA ASP D 1315 24.03 51.29 -2.90
C ASP D 1315 22.97 52.35 -3.23
N GLY D 1316 21.92 52.42 -2.42
CA GLY D 1316 20.87 53.40 -2.63
C GLY D 1316 19.65 53.29 -1.73
N ASP D 1317 18.89 52.21 -1.88
CA ASP D 1317 17.56 52.12 -1.26
C ASP D 1317 17.53 51.59 0.16
N TYR D 1318 16.79 50.50 0.37
CA TYR D 1318 16.35 50.10 1.70
C TYR D 1318 16.84 48.69 1.98
N VAL D 1319 17.58 48.50 3.07
CA VAL D 1319 18.15 47.18 3.38
C VAL D 1319 17.22 46.32 4.24
N GLU D 1320 16.67 46.92 5.29
CA GLU D 1320 15.81 46.21 6.24
C GLU D 1320 16.45 44.93 6.81
N ALA D 1321 15.63 44.11 7.47
CA ALA D 1321 16.10 42.89 8.11
C ALA D 1321 15.60 41.63 7.39
N GLY D 1322 16.52 40.73 7.06
CA GLY D 1322 16.20 39.52 6.33
C GLY D 1322 15.77 39.77 4.89
N GLN D 1323 16.66 40.41 4.11
CA GLN D 1323 16.35 40.78 2.73
C GLN D 1323 17.16 39.92 1.73
N PRO D 1324 17.01 40.15 0.40
CA PRO D 1324 17.86 39.39 -0.54
C PRO D 1324 19.33 39.83 -0.52
N LEU D 1325 20.18 39.00 0.08
CA LEU D 1325 21.61 39.26 0.17
C LEU D 1325 22.35 38.44 -0.88
N THR D 1326 22.39 37.13 -0.65
CA THR D 1326 23.01 36.16 -1.56
C THR D 1326 21.91 35.43 -2.35
N ARG D 1327 20.72 36.03 -2.33
CA ARG D 1327 19.51 35.56 -3.06
C ARG D 1327 19.30 34.05 -3.15
N GLY D 1328 18.48 33.52 -2.26
CA GLY D 1328 18.24 32.09 -2.21
C GLY D 1328 17.40 31.69 -1.02
N ALA D 1329 17.78 30.59 -0.39
CA ALA D 1329 17.00 30.05 0.72
C ALA D 1329 17.41 30.70 2.04
N ILE D 1330 16.57 31.61 2.51
CA ILE D 1330 16.85 32.34 3.74
C ILE D 1330 16.81 31.36 4.91
N ASP D 1331 17.69 31.58 5.88
CA ASP D 1331 17.68 30.77 7.09
C ASP D 1331 16.63 31.28 8.07
N PRO D 1332 15.62 30.45 8.35
CA PRO D 1332 14.55 30.78 9.30
C PRO D 1332 15.10 31.10 10.69
N HIS D 1333 16.13 30.38 11.12
CA HIS D 1333 16.74 30.58 12.44
C HIS D 1333 17.34 31.97 12.57
N GLN D 1334 18.12 32.35 11.57
CA GLN D 1334 18.74 33.68 11.53
C GLN D 1334 17.69 34.78 11.35
N LEU D 1335 16.70 34.52 10.51
CA LEU D 1335 15.61 35.47 10.28
C LEU D 1335 14.79 35.71 11.53
N LEU D 1336 14.72 34.72 12.43
CA LEU D 1336 13.96 34.89 13.66
C LEU D 1336 14.55 36.02 14.51
N GLU D 1337 15.86 35.99 14.67
CA GLU D 1337 16.54 37.02 15.45
C GLU D 1337 16.76 38.29 14.62
N ALA D 1338 16.65 38.15 13.31
CA ALA D 1338 16.85 39.29 12.41
C ALA D 1338 15.63 40.21 12.38
N LYS D 1339 14.44 39.62 12.23
CA LYS D 1339 13.24 40.40 12.02
C LYS D 1339 12.23 40.23 13.15
N GLY D 1340 12.01 38.99 13.58
CA GLY D 1340 11.08 38.73 14.66
C GLY D 1340 10.14 37.56 14.37
N PRO D 1341 9.50 37.04 15.43
CA PRO D 1341 8.58 35.90 15.39
C PRO D 1341 7.45 36.09 14.39
N GLU D 1342 6.92 37.30 14.33
CA GLU D 1342 5.76 37.58 13.51
C GLU D 1342 6.06 37.40 12.03
N ALA D 1343 7.27 37.80 11.64
CA ALA D 1343 7.67 37.76 10.23
C ALA D 1343 7.86 36.33 9.75
N VAL D 1344 8.43 35.50 10.61
CA VAL D 1344 8.76 34.11 10.27
C VAL D 1344 7.50 33.34 9.90
N GLU D 1345 6.48 33.50 10.73
CA GLU D 1345 5.18 32.90 10.49
C GLU D 1345 4.61 33.29 9.12
N ARG D 1346 4.94 34.48 8.66
CA ARG D 1346 4.44 34.96 7.37
C ARG D 1346 5.32 34.46 6.23
N TYR D 1347 6.57 34.13 6.55
CA TYR D 1347 7.52 33.62 5.55
C TYR D 1347 7.31 32.13 5.23
N LEU D 1348 7.48 31.31 6.25
CA LEU D 1348 7.38 29.86 6.11
C LEU D 1348 6.14 29.45 5.35
N VAL D 1349 4.97 29.72 5.94
CA VAL D 1349 3.69 29.43 5.30
C VAL D 1349 3.68 29.79 3.82
N GLU D 1350 4.22 30.96 3.50
CA GLU D 1350 4.23 31.44 2.12
C GLU D 1350 5.04 30.54 1.19
N GLU D 1351 6.27 30.22 1.57
CA GLU D 1351 7.08 29.38 0.68
C GLU D 1351 6.60 27.93 0.61
N ILE D 1352 6.15 27.43 1.76
CA ILE D 1352 5.56 26.10 1.86
C ILE D 1352 4.40 25.99 0.89
N GLN D 1353 3.44 26.89 1.03
CA GLN D 1353 2.27 26.92 0.16
C GLN D 1353 2.69 27.10 -1.30
N LYS D 1354 3.77 27.85 -1.52
CA LYS D 1354 4.28 28.08 -2.87
C LYS D 1354 4.64 26.78 -3.56
N VAL D 1355 5.37 25.93 -2.84
CA VAL D 1355 5.69 24.59 -3.34
C VAL D 1355 4.47 23.79 -3.77
N TYR D 1356 3.43 23.78 -2.94
CA TYR D 1356 2.21 23.07 -3.30
C TYR D 1356 1.52 23.72 -4.50
N ARG D 1357 1.67 25.03 -4.59
CA ARG D 1357 1.08 25.79 -5.69
C ARG D 1357 1.72 25.38 -7.00
N ALA D 1358 3.00 25.04 -6.95
CA ALA D 1358 3.72 24.58 -8.12
C ALA D 1358 3.06 23.35 -8.74
N GLN D 1359 2.91 22.29 -7.94
CA GLN D 1359 2.37 21.02 -8.46
C GLN D 1359 0.85 20.92 -8.48
N GLY D 1360 0.17 22.06 -8.52
CA GLY D 1360 -1.25 22.09 -8.83
C GLY D 1360 -2.23 21.68 -7.75
N VAL D 1361 -1.72 21.30 -6.58
CA VAL D 1361 -2.64 21.00 -5.49
C VAL D 1361 -2.71 22.21 -4.56
N LYS D 1362 -3.93 22.54 -4.14
CA LYS D 1362 -4.17 23.78 -3.43
C LYS D 1362 -4.93 23.55 -2.14
N LEU D 1363 -4.25 23.79 -1.03
CA LEU D 1363 -4.87 23.68 0.28
C LEU D 1363 -4.90 25.06 0.92
N HIS D 1364 -5.85 25.27 1.82
CA HIS D 1364 -6.01 26.55 2.49
C HIS D 1364 -4.77 26.85 3.34
N ASP D 1365 -4.49 28.13 3.56
CA ASP D 1365 -3.30 28.52 4.32
C ASP D 1365 -3.40 28.20 5.81
N LYS D 1366 -4.62 28.12 6.32
CA LYS D 1366 -4.87 27.85 7.73
C LYS D 1366 -4.15 26.62 8.24
N HIS D 1367 -4.28 25.54 7.48
CA HIS D 1367 -3.72 24.25 7.88
C HIS D 1367 -2.23 24.39 8.14
N ILE D 1368 -1.53 25.02 7.22
CA ILE D 1368 -0.11 25.28 7.35
C ILE D 1368 0.16 26.19 8.55
N GLU D 1369 -0.68 27.22 8.68
CA GLU D 1369 -0.50 28.21 9.73
C GLU D 1369 -0.58 27.60 11.13
N ILE D 1370 -1.34 26.52 11.27
CA ILE D 1370 -1.44 25.85 12.56
C ILE D 1370 -0.11 25.25 12.93
N VAL D 1371 0.43 24.45 12.02
CA VAL D 1371 1.69 23.76 12.25
C VAL D 1371 2.81 24.77 12.50
N VAL D 1372 2.94 25.73 11.61
CA VAL D 1372 3.98 26.74 11.77
C VAL D 1372 3.81 27.51 13.09
N ARG D 1373 2.58 27.68 13.54
CA ARG D 1373 2.38 28.26 14.87
C ARG D 1373 2.92 27.31 15.94
N GLN D 1374 2.81 26.01 15.70
CA GLN D 1374 3.27 25.05 16.69
C GLN D 1374 4.78 25.02 16.79
N MET D 1375 5.45 25.31 15.67
CA MET D 1375 6.91 25.36 15.66
C MET D 1375 7.46 26.62 16.32
N MET D 1376 6.58 27.42 16.90
CA MET D 1376 6.99 28.67 17.52
C MET D 1376 6.44 28.84 18.92
N LYS D 1377 6.03 27.73 19.54
CA LYS D 1377 5.43 27.78 20.87
C LYS D 1377 6.49 27.90 21.97
N TYR D 1378 7.66 27.32 21.72
CA TYR D 1378 8.71 27.32 22.73
C TYR D 1378 9.61 28.54 22.64
N VAL D 1379 10.08 28.98 23.80
CA VAL D 1379 11.02 30.08 23.90
C VAL D 1379 12.09 29.78 24.97
N GLU D 1380 13.32 30.19 24.69
CA GLU D 1380 14.48 29.94 25.55
C GLU D 1380 14.71 31.10 26.52
N VAL D 1381 15.01 30.78 27.78
CA VAL D 1381 15.15 31.81 28.83
C VAL D 1381 16.45 32.64 28.75
N THR D 1382 16.31 33.96 28.87
CA THR D 1382 17.43 34.90 28.83
C THR D 1382 17.70 35.49 30.22
N ASP D 1383 16.62 35.78 30.95
CA ASP D 1383 16.70 36.40 32.27
C ASP D 1383 15.92 35.60 33.32
N PRO D 1384 16.60 35.12 34.37
CA PRO D 1384 16.00 34.28 35.41
C PRO D 1384 15.32 35.07 36.53
N GLY D 1385 14.32 34.45 37.16
CA GLY D 1385 13.65 35.01 38.31
C GLY D 1385 13.10 33.92 39.21
N ASP D 1386 12.60 32.85 38.58
CA ASP D 1386 12.09 31.67 39.29
C ASP D 1386 12.78 30.37 38.81
N SER D 1387 12.86 30.20 37.50
CA SER D 1387 13.57 29.07 36.90
C SER D 1387 14.90 29.53 36.34
N ARG D 1388 15.57 28.62 35.63
CA ARG D 1388 16.92 28.91 35.14
C ARG D 1388 16.90 29.50 33.73
N LEU D 1389 17.96 30.24 33.40
CA LEU D 1389 18.14 30.77 32.04
C LEU D 1389 18.42 29.63 31.07
N LEU D 1390 18.52 29.95 29.78
CA LEU D 1390 18.83 28.94 28.75
C LEU D 1390 17.89 27.73 28.77
N GLU D 1391 16.68 27.92 29.29
CA GLU D 1391 15.73 26.83 29.42
C GLU D 1391 14.62 26.89 28.38
N GLY D 1392 14.44 25.80 27.64
CA GLY D 1392 13.38 25.71 26.65
C GLY D 1392 12.01 25.66 27.31
N GLN D 1393 11.12 26.55 26.90
CA GLN D 1393 9.79 26.63 27.51
C GLN D 1393 8.71 27.26 26.62
N VAL D 1394 7.48 26.82 26.79
CA VAL D 1394 6.34 27.32 26.02
C VAL D 1394 6.01 28.76 26.38
N LEU D 1395 5.67 29.56 25.37
CA LEU D 1395 5.40 30.99 25.52
C LEU D 1395 4.19 31.28 26.41
N GLU D 1396 3.12 30.52 26.17
CA GLU D 1396 1.88 30.69 26.93
C GLU D 1396 2.13 30.40 28.41
N LYS D 1397 3.04 29.48 28.70
CA LYS D 1397 3.43 29.23 30.07
C LYS D 1397 4.12 30.46 30.66
N TRP D 1398 4.82 31.21 29.82
CA TRP D 1398 5.37 32.48 30.27
C TRP D 1398 4.30 33.55 30.43
N ASP D 1399 3.12 33.34 29.85
CA ASP D 1399 2.01 34.28 30.08
C ASP D 1399 1.67 34.42 31.57
N VAL D 1400 1.39 33.30 32.22
CA VAL D 1400 1.01 33.29 33.62
C VAL D 1400 2.11 33.84 34.53
N GLU D 1401 3.37 33.66 34.13
CA GLU D 1401 4.51 34.21 34.86
C GLU D 1401 4.27 35.71 35.09
N ALA D 1402 4.36 36.49 34.03
CA ALA D 1402 4.13 37.92 34.10
C ALA D 1402 2.74 38.27 34.63
N LEU D 1403 1.70 37.72 34.01
CA LEU D 1403 0.32 38.01 34.38
C LEU D 1403 0.05 37.89 35.89
N ASN D 1404 0.42 36.76 36.48
CA ASN D 1404 0.20 36.52 37.90
C ASN D 1404 1.16 37.28 38.83
N GLU D 1405 2.43 37.37 38.45
CA GLU D 1405 3.41 38.11 39.25
C GLU D 1405 3.18 39.63 39.25
N ARG D 1406 2.41 40.13 38.29
CA ARG D 1406 2.18 41.58 38.15
C ARG D 1406 0.77 41.98 38.61
N LEU D 1407 -0.24 41.24 38.16
CA LEU D 1407 -1.63 41.55 38.49
C LEU D 1407 -2.07 41.08 39.89
N ILE D 1408 -1.41 40.04 40.39
CA ILE D 1408 -1.82 39.38 41.63
C ILE D 1408 -0.70 39.35 42.67
N ALA D 1409 0.54 39.18 42.21
CA ALA D 1409 1.71 39.19 43.11
C ALA D 1409 2.49 40.49 43.02
N GLU D 1410 3.59 40.56 43.79
CA GLU D 1410 4.44 41.75 43.81
C GLU D 1410 5.86 41.48 43.26
N GLY D 1411 6.14 40.22 42.96
CA GLY D 1411 7.42 39.85 42.38
C GLY D 1411 7.62 40.49 41.01
N LYS D 1412 8.23 41.67 41.00
CA LYS D 1412 8.50 42.39 39.75
C LYS D 1412 9.84 42.00 39.15
N THR D 1413 10.01 40.71 38.92
CA THR D 1413 11.14 40.19 38.17
C THR D 1413 10.60 39.51 36.91
N PRO D 1414 10.11 40.32 35.94
CA PRO D 1414 9.60 39.72 34.70
C PRO D 1414 10.71 39.02 33.94
N VAL D 1415 10.65 37.70 33.86
CA VAL D 1415 11.68 36.95 33.16
C VAL D 1415 11.63 37.22 31.65
N ALA D 1416 12.78 37.58 31.08
CA ALA D 1416 12.83 37.87 29.66
C ALA D 1416 12.98 36.58 28.89
N TRP D 1417 12.04 36.32 27.99
CA TRP D 1417 12.14 35.12 27.17
C TRP D 1417 12.59 35.50 25.77
N LYS D 1418 13.27 34.56 25.11
CA LYS D 1418 13.72 34.77 23.76
C LYS D 1418 12.99 33.80 22.85
N PRO D 1419 12.25 34.34 21.86
CA PRO D 1419 11.56 33.59 20.82
C PRO D 1419 12.43 32.47 20.24
N LEU D 1420 11.88 31.27 20.15
CA LEU D 1420 12.67 30.12 19.75
C LEU D 1420 12.00 29.35 18.61
N LEU D 1421 12.68 29.28 17.47
CA LEU D 1421 12.18 28.50 16.34
C LEU D 1421 12.85 27.13 16.27
N MET D 1422 12.06 26.10 16.57
CA MET D 1422 12.53 24.74 16.45
C MET D 1422 11.63 23.93 15.54
N GLY D 1423 12.21 22.91 14.92
CA GLY D 1423 11.50 22.07 13.96
C GLY D 1423 10.31 21.38 14.56
N VAL D 1424 9.49 20.80 13.69
CA VAL D 1424 8.29 20.08 14.11
C VAL D 1424 8.64 18.96 15.07
N THR D 1425 9.67 18.19 14.72
CA THR D 1425 10.03 17.01 15.50
C THR D 1425 10.77 17.39 16.79
N LYS D 1426 11.58 18.45 16.74
CA LYS D 1426 12.27 18.92 17.94
C LYS D 1426 11.26 19.50 18.92
N SER D 1427 10.18 20.05 18.38
CA SER D 1427 9.07 20.59 19.18
C SER D 1427 8.29 19.48 19.86
N ALA D 1428 7.74 18.59 19.04
CA ALA D 1428 6.92 17.49 19.52
C ALA D 1428 7.70 16.53 20.41
N LEU D 1429 9.02 16.53 20.27
CA LEU D 1429 9.88 15.65 21.06
C LEU D 1429 9.87 16.06 22.52
N SER D 1430 9.47 17.30 22.78
CA SER D 1430 9.53 17.86 24.13
C SER D 1430 8.23 18.52 24.57
N THR D 1431 7.10 17.89 24.26
CA THR D 1431 5.81 18.35 24.77
C THR D 1431 5.74 17.97 26.25
N LYS D 1432 5.04 18.76 27.04
CA LYS D 1432 4.92 18.50 28.47
C LYS D 1432 4.17 17.20 28.69
N SER D 1433 3.20 16.94 27.81
CA SER D 1433 2.51 15.69 27.73
C SER D 1433 3.49 14.54 27.52
N TRP D 1434 4.09 14.07 28.62
CA TRP D 1434 5.12 13.04 28.53
C TRP D 1434 4.54 11.70 28.09
N LEU D 1435 3.21 11.58 28.21
CA LEU D 1435 2.51 10.40 27.73
C LEU D 1435 2.82 10.14 26.26
N SER D 1436 2.91 11.21 25.48
CA SER D 1436 3.23 11.09 24.07
C SER D 1436 4.64 10.55 23.86
N ALA D 1437 5.63 11.27 24.39
CA ALA D 1437 7.04 10.96 24.16
C ALA D 1437 7.40 9.59 24.72
N ALA D 1438 6.60 9.13 25.68
CA ALA D 1438 6.73 7.79 26.21
C ALA D 1438 6.53 6.74 25.12
N SER D 1439 5.64 7.04 24.17
CA SER D 1439 5.34 6.12 23.08
C SER D 1439 6.48 6.07 22.07
N PHE D 1440 6.72 7.17 21.38
CA PHE D 1440 7.74 7.22 20.33
C PHE D 1440 9.16 7.19 20.88
N GLN D 1441 9.53 8.23 21.61
CA GLN D 1441 10.88 8.35 22.14
C GLN D 1441 11.27 7.21 23.10
N ASN D 1442 12.50 7.26 23.60
CA ASN D 1442 13.00 6.26 24.54
C ASN D 1442 12.20 6.30 25.84
N THR D 1443 11.42 5.25 26.06
CA THR D 1443 10.51 5.19 27.21
C THR D 1443 11.22 5.38 28.54
N THR D 1444 12.36 4.73 28.69
CA THR D 1444 13.03 4.67 29.99
C THR D 1444 13.44 6.06 30.48
N HIS D 1445 13.83 6.94 29.56
CA HIS D 1445 14.26 8.27 29.93
C HIS D 1445 13.06 9.20 30.16
N VAL D 1446 12.03 9.04 29.34
CA VAL D 1446 10.80 9.82 29.51
C VAL D 1446 10.19 9.57 30.88
N LEU D 1447 10.12 8.30 31.28
CA LEU D 1447 9.62 7.94 32.59
C LEU D 1447 10.58 8.36 33.71
N THR D 1448 11.87 8.16 33.50
CA THR D 1448 12.87 8.46 34.53
C THR D 1448 12.91 9.95 34.88
N GLU D 1449 13.01 10.78 33.85
CA GLU D 1449 13.16 12.23 34.01
C GLU D 1449 11.95 12.88 34.66
N ALA D 1450 10.78 12.31 34.43
CA ALA D 1450 9.55 12.86 34.98
C ALA D 1450 9.21 12.24 36.34
N ALA D 1451 9.78 11.07 36.62
CA ALA D 1451 9.48 10.42 37.89
C ALA D 1451 10.05 11.21 39.06
N ILE D 1452 11.25 11.76 38.87
CA ILE D 1452 11.92 12.48 39.95
C ILE D 1452 11.14 13.72 40.37
N ALA D 1453 10.48 14.37 39.40
CA ALA D 1453 9.70 15.56 39.66
C ALA D 1453 8.25 15.31 39.32
N GLY D 1454 7.43 15.12 40.35
CA GLY D 1454 6.02 14.77 40.20
C GLY D 1454 5.31 15.54 39.11
N LYS D 1455 5.46 15.05 37.88
CA LYS D 1455 4.91 15.72 36.71
C LYS D 1455 3.43 15.38 36.48
N LYS D 1456 2.56 16.35 36.75
CA LYS D 1456 1.14 16.20 36.49
C LYS D 1456 0.87 16.16 34.99
N ASP D 1457 0.56 14.98 34.46
CA ASP D 1457 0.16 14.87 33.07
C ASP D 1457 -1.26 15.40 32.92
N GLU D 1458 -1.36 16.64 32.48
CA GLU D 1458 -2.65 17.23 32.13
C GLU D 1458 -3.19 16.42 30.95
N LEU D 1459 -4.06 15.46 31.24
CA LEU D 1459 -4.58 14.53 30.22
C LEU D 1459 -5.31 15.22 29.08
N ILE D 1460 -4.64 16.14 28.40
CA ILE D 1460 -5.32 16.95 27.38
C ILE D 1460 -5.10 16.47 25.94
N GLY D 1461 -3.85 16.20 25.58
CA GLY D 1461 -3.54 15.78 24.22
C GLY D 1461 -4.28 14.52 23.82
N LEU D 1462 -4.52 14.36 22.52
CA LEU D 1462 -5.16 13.16 22.02
C LEU D 1462 -4.29 11.94 22.25
N LYS D 1463 -3.27 11.75 21.40
CA LYS D 1463 -2.27 10.67 21.51
C LYS D 1463 -1.96 10.34 22.97
N GLU D 1464 -1.83 11.39 23.78
CA GLU D 1464 -1.75 11.31 25.23
C GLU D 1464 -2.90 10.48 25.78
N ASN D 1465 -4.12 11.01 25.67
CA ASN D 1465 -5.30 10.41 26.30
C ASN D 1465 -5.82 9.14 25.62
N VAL D 1466 -5.15 8.73 24.55
CA VAL D 1466 -5.55 7.54 23.77
C VAL D 1466 -4.81 6.28 24.24
N ILE D 1467 -3.60 6.46 24.76
CA ILE D 1467 -2.84 5.35 25.32
C ILE D 1467 -3.66 4.68 26.43
N LEU D 1468 -4.39 5.51 27.16
CA LEU D 1468 -5.13 5.05 28.33
C LEU D 1468 -6.37 4.28 27.92
N GLY D 1469 -7.18 4.87 27.06
CA GLY D 1469 -8.37 4.18 26.56
C GLY D 1469 -9.64 5.00 26.77
N ARG D 1470 -9.53 6.10 27.51
CA ARG D 1470 -10.66 7.01 27.68
C ARG D 1470 -10.99 7.63 26.33
N LEU D 1471 -12.24 8.06 26.18
CA LEU D 1471 -12.68 8.73 24.96
C LEU D 1471 -11.78 9.94 24.67
N ILE D 1472 -11.63 10.26 23.38
CA ILE D 1472 -10.64 11.26 22.98
C ILE D 1472 -11.12 12.70 23.16
N PRO D 1473 -10.21 13.57 23.63
CA PRO D 1473 -10.49 14.98 23.98
C PRO D 1473 -10.93 15.85 22.81
N ALA D 1474 -11.81 15.35 21.95
CA ALA D 1474 -12.31 16.15 20.83
C ALA D 1474 -13.60 15.54 20.26
N GLY D 1475 -14.17 16.21 19.28
CA GLY D 1475 -15.37 15.72 18.61
C GLY D 1475 -16.53 15.49 19.57
N THR D 1476 -17.06 14.26 19.55
CA THR D 1476 -18.20 13.91 20.38
C THR D 1476 -17.77 13.75 21.83
N GLY D 1477 -16.46 13.82 22.06
CA GLY D 1477 -15.92 13.70 23.40
C GLY D 1477 -15.45 15.03 23.97
N SER D 1478 -15.60 16.10 23.19
CA SER D 1478 -15.22 17.44 23.66
C SER D 1478 -16.03 17.83 24.89
N ASP D 1479 -15.36 18.45 25.86
CA ASP D 1479 -16.02 18.85 27.10
C ASP D 1479 -17.23 19.74 26.85
N PHE D 1480 -17.10 20.59 25.83
CA PHE D 1480 -18.17 21.50 25.43
C PHE D 1480 -19.47 20.76 25.11
N VAL D 1481 -19.33 19.50 24.71
CA VAL D 1481 -20.45 18.74 24.19
C VAL D 1481 -20.79 17.53 25.06
N ARG D 1482 -19.74 16.81 25.48
CA ARG D 1482 -19.87 15.55 26.21
C ARG D 1482 -20.94 15.58 27.30
N PHE D 1483 -20.88 16.59 28.16
CA PHE D 1483 -21.86 16.74 29.22
C PHE D 1483 -23.12 17.43 28.70
N THR D 1484 -24.01 16.66 28.08
CA THR D 1484 -25.27 17.20 27.60
C THR D 1484 -26.43 16.22 27.78
N GLN D 1485 -27.61 16.75 28.06
CA GLN D 1485 -28.77 15.93 28.34
C GLN D 1485 -29.96 16.34 27.49
N VAL D 1486 -30.80 15.36 27.16
CA VAL D 1486 -32.05 15.64 26.44
C VAL D 1486 -33.24 14.90 27.01
N VAL D 1487 -34.32 15.63 27.24
CA VAL D 1487 -35.54 15.05 27.78
C VAL D 1487 -36.78 15.63 27.13
N ASP D 1488 -37.89 14.97 27.38
CA ASP D 1488 -39.19 15.40 26.87
C ASP D 1488 -40.05 16.02 27.97
N GLN D 1489 -41.22 16.55 27.59
CA GLN D 1489 -42.11 17.23 28.52
C GLN D 1489 -42.70 16.29 29.58
N LYS D 1490 -42.95 15.05 29.18
CA LYS D 1490 -43.55 14.05 30.07
C LYS D 1490 -42.67 13.76 31.28
N THR D 1491 -41.37 13.86 31.10
CA THR D 1491 -40.43 13.69 32.20
C THR D 1491 -40.08 15.05 32.79
N LEU D 1492 -40.00 16.06 31.93
CA LEU D 1492 -39.67 17.42 32.36
C LEU D 1492 -40.62 17.87 33.45
N LYS D 1493 -41.89 17.49 33.32
CA LYS D 1493 -42.92 17.82 34.30
C LYS D 1493 -42.72 17.03 35.61
N ALA D 1494 -42.57 15.72 35.48
CA ALA D 1494 -42.40 14.85 36.65
C ALA D 1494 -41.20 15.28 37.51
N ILE D 1495 -40.13 15.71 36.84
CA ILE D 1495 -38.95 16.25 37.52
C ILE D 1495 -39.23 17.65 38.06
N GLU D 1496 -40.00 18.41 37.28
CA GLU D 1496 -40.36 19.78 37.63
C GLU D 1496 -41.10 19.84 38.96
N GLU D 1497 -41.87 18.80 39.26
CA GLU D 1497 -42.66 18.76 40.50
C GLU D 1497 -41.81 18.71 41.76
N ALA D 1498 -41.01 17.65 41.90
CA ALA D 1498 -40.21 17.45 43.10
C ALA D 1498 -38.99 18.36 43.19
N ARG D 1499 -38.83 19.26 42.21
CA ARG D 1499 -37.69 20.17 42.20
C ARG D 1499 -37.94 21.37 43.11
N ALA E 2 -28.66 11.02 1.32
CA ALA E 2 -28.99 12.04 2.31
C ALA E 2 -29.82 11.44 3.46
N GLU E 3 -29.99 12.20 4.54
CA GLU E 3 -30.77 11.76 5.72
C GLU E 3 -31.93 12.73 6.02
N PRO E 4 -32.93 12.29 6.82
CA PRO E 4 -34.09 13.14 7.14
C PRO E 4 -33.77 14.59 7.55
N GLY E 5 -33.67 15.47 6.55
CA GLY E 5 -33.55 16.90 6.78
C GLY E 5 -32.44 17.32 7.72
N ILE E 6 -31.21 16.92 7.40
CA ILE E 6 -30.08 17.16 8.28
C ILE E 6 -29.66 18.62 8.40
N ASP E 7 -29.97 19.43 7.39
CA ASP E 7 -29.57 20.84 7.43
C ASP E 7 -30.34 21.58 8.52
N LYS E 8 -31.56 21.14 8.77
CA LYS E 8 -32.36 21.68 9.86
C LYS E 8 -31.68 21.32 11.18
N LEU E 9 -31.12 20.11 11.23
CA LEU E 9 -30.48 19.60 12.43
C LEU E 9 -29.15 20.29 12.77
N PHE E 10 -28.23 20.30 11.81
CA PHE E 10 -26.90 20.89 12.01
C PHE E 10 -27.02 22.33 12.42
N GLY E 11 -28.08 22.97 11.97
CA GLY E 11 -28.36 24.35 12.33
C GLY E 11 -29.11 24.45 13.64
N MET E 12 -29.81 23.38 14.03
CA MET E 12 -30.59 23.40 15.25
C MET E 12 -29.70 23.49 16.51
N VAL E 13 -28.41 23.27 16.34
CA VAL E 13 -27.47 23.28 17.46
C VAL E 13 -26.28 24.21 17.26
N ASP E 14 -25.45 24.31 18.29
CA ASP E 14 -24.26 25.16 18.26
C ASP E 14 -23.09 24.48 17.54
N SER E 15 -22.71 23.32 18.03
CA SER E 15 -21.68 22.49 17.40
C SER E 15 -22.34 21.28 16.75
N LYS E 16 -21.77 20.80 15.65
CA LYS E 16 -22.33 19.65 14.95
C LYS E 16 -22.27 18.38 15.81
N TYR E 17 -21.32 18.32 16.75
CA TYR E 17 -21.14 17.13 17.55
C TYR E 17 -22.18 17.08 18.66
N ARG E 18 -22.65 18.26 19.06
CA ARG E 18 -23.72 18.40 20.03
C ARG E 18 -24.91 17.58 19.58
N LEU E 19 -25.21 17.69 18.30
CA LEU E 19 -26.30 16.96 17.67
C LEU E 19 -26.10 15.46 17.78
N THR E 20 -24.88 15.00 17.48
CA THR E 20 -24.55 13.59 17.58
C THR E 20 -24.81 13.06 18.99
N VAL E 21 -24.29 13.76 19.99
CA VAL E 21 -24.47 13.32 21.36
C VAL E 21 -25.96 13.31 21.76
N VAL E 22 -26.67 14.36 21.37
CA VAL E 22 -28.10 14.45 21.63
C VAL E 22 -28.87 13.26 21.05
N VAL E 23 -28.73 13.07 19.73
CA VAL E 23 -29.36 11.96 19.01
C VAL E 23 -29.04 10.63 19.69
N ALA E 24 -27.75 10.43 19.97
CA ALA E 24 -27.29 9.21 20.61
C ALA E 24 -28.00 8.94 21.93
N LYS E 25 -27.80 9.82 22.90
CA LYS E 25 -28.35 9.63 24.23
C LYS E 25 -29.87 9.47 24.20
N ARG E 26 -30.51 10.18 23.28
CA ARG E 26 -31.94 10.03 23.06
C ARG E 26 -32.27 8.59 22.67
N ALA E 27 -31.57 8.09 21.65
CA ALA E 27 -31.77 6.71 21.21
C ALA E 27 -31.57 5.73 22.36
N GLN E 28 -30.52 5.98 23.16
CA GLN E 28 -30.19 5.14 24.30
C GLN E 28 -31.33 5.05 25.29
N GLN E 29 -31.76 6.20 25.82
CA GLN E 29 -32.83 6.21 26.81
C GLN E 29 -34.16 5.76 26.19
N LEU E 30 -34.24 5.82 24.87
CA LEU E 30 -35.43 5.41 24.14
C LEU E 30 -35.49 3.89 24.01
N LEU E 31 -34.32 3.25 24.03
CA LEU E 31 -34.25 1.80 23.90
C LEU E 31 -34.24 1.13 25.28
N ARG E 32 -33.61 1.78 26.25
CA ARG E 32 -33.35 1.24 27.59
C ARG E 32 -34.57 1.23 28.50
N HIS E 33 -35.40 2.28 28.39
CA HIS E 33 -36.55 2.46 29.26
C HIS E 33 -37.82 2.17 28.48
N GLY E 34 -37.77 1.15 27.64
CA GLY E 34 -38.90 0.82 26.78
C GLY E 34 -38.98 1.79 25.62
N PHE E 35 -39.36 1.27 24.46
CA PHE E 35 -39.45 2.10 23.27
C PHE E 35 -40.77 2.88 23.24
N LYS E 36 -41.25 3.26 24.42
CA LYS E 36 -42.55 3.92 24.54
C LYS E 36 -42.49 5.40 24.89
N ASN E 37 -41.36 5.86 25.42
CA ASN E 37 -41.19 7.29 25.72
C ASN E 37 -40.89 8.14 24.49
N THR E 38 -41.37 7.69 23.33
CA THR E 38 -41.29 8.44 22.08
C THR E 38 -42.28 9.60 22.07
N VAL E 39 -41.93 10.68 21.39
CA VAL E 39 -42.72 11.92 21.43
C VAL E 39 -43.48 12.22 20.13
N LEU E 40 -43.56 11.22 19.25
CA LEU E 40 -44.30 11.35 17.98
C LEU E 40 -44.76 9.99 17.45
N GLU E 41 -45.39 9.22 18.33
CA GLU E 41 -45.90 7.87 18.02
C GLU E 41 -47.33 7.72 17.46
N PRO E 42 -48.14 8.81 17.34
CA PRO E 42 -49.46 8.44 16.84
C PRO E 42 -49.53 8.22 15.32
N GLU E 43 -49.27 9.25 14.53
CA GLU E 43 -49.35 9.09 13.08
C GLU E 43 -48.04 9.46 12.36
N GLU E 44 -47.39 10.52 12.84
CA GLU E 44 -46.13 10.99 12.26
C GLU E 44 -44.95 10.21 12.84
N ARG E 45 -44.81 8.97 12.41
CA ARG E 45 -43.84 8.04 12.99
C ARG E 45 -43.13 7.21 11.91
N PRO E 46 -41.80 7.04 12.06
CA PRO E 46 -40.94 6.27 11.13
C PRO E 46 -41.43 4.84 10.94
N LYS E 47 -41.42 4.36 9.70
CA LYS E 47 -41.96 3.04 9.38
C LYS E 47 -41.08 2.26 8.40
N MET E 48 -41.33 0.96 8.27
CA MET E 48 -40.49 0.07 7.45
C MET E 48 -41.27 -0.60 6.31
N GLN E 49 -40.69 -1.63 5.70
CA GLN E 49 -41.15 -2.12 4.42
C GLN E 49 -41.75 -3.54 4.33
N THR E 50 -41.24 -4.48 5.13
CA THR E 50 -41.79 -5.84 5.11
C THR E 50 -43.26 -5.79 5.52
N LEU E 51 -43.51 -5.76 6.84
CA LEU E 51 -44.77 -5.24 7.36
C LEU E 51 -44.56 -3.74 7.56
N GLU E 52 -45.25 -3.13 8.51
CA GLU E 52 -44.97 -1.73 8.83
C GLU E 52 -44.38 -1.64 10.23
N GLY E 53 -43.64 -2.69 10.59
CA GLY E 53 -43.21 -2.90 11.96
C GLY E 53 -42.03 -2.10 12.47
N LEU E 54 -41.76 -0.94 11.89
CA LEU E 54 -40.76 -0.06 12.46
C LEU E 54 -41.39 0.72 13.60
N PHE E 55 -42.69 0.52 13.78
CA PHE E 55 -43.44 1.12 14.87
C PHE E 55 -42.94 0.60 16.23
N ASP E 56 -42.21 -0.52 16.22
CA ASP E 56 -41.73 -1.13 17.46
C ASP E 56 -40.28 -0.80 17.82
N ASP E 57 -39.32 -1.45 17.16
CA ASP E 57 -37.91 -1.29 17.55
C ASP E 57 -36.80 -1.75 16.57
N PRO E 58 -36.85 -1.33 15.29
CA PRO E 58 -35.71 -1.66 14.42
C PRO E 58 -34.49 -0.76 14.64
N ASN E 59 -34.68 0.54 14.51
CA ASN E 59 -33.55 1.45 14.71
C ASN E 59 -33.80 2.49 15.78
N ALA E 60 -32.76 2.76 16.55
CA ALA E 60 -32.86 3.70 17.66
C ALA E 60 -32.50 5.13 17.24
N VAL E 61 -31.61 5.24 16.27
CA VAL E 61 -31.10 6.53 15.83
C VAL E 61 -32.07 7.26 14.92
N THR E 62 -32.61 6.53 13.94
CA THR E 62 -33.67 7.01 13.06
C THR E 62 -34.71 7.81 13.84
N TRP E 63 -35.20 7.20 14.93
CA TRP E 63 -36.21 7.81 15.76
C TRP E 63 -35.75 9.12 16.39
N ALA E 64 -34.50 9.16 16.83
CA ALA E 64 -33.96 10.35 17.47
C ALA E 64 -33.90 11.50 16.48
N MET E 65 -33.33 11.21 15.31
CA MET E 65 -33.19 12.20 14.25
C MET E 65 -34.54 12.75 13.79
N LYS E 66 -35.51 11.86 13.60
CA LYS E 66 -36.83 12.32 13.17
C LYS E 66 -37.62 12.93 14.34
N GLU E 67 -37.12 12.74 15.56
CA GLU E 67 -37.75 13.28 16.76
C GLU E 67 -37.39 14.74 16.94
N LEU E 68 -36.09 15.01 16.92
CA LEU E 68 -35.57 16.37 17.09
C LEU E 68 -36.07 17.33 16.02
N LEU E 69 -36.54 16.78 14.91
CA LEU E 69 -37.08 17.57 13.81
C LEU E 69 -38.26 18.41 14.29
N THR E 70 -38.94 17.92 15.32
CA THR E 70 -40.07 18.62 15.92
C THR E 70 -39.70 19.22 17.29
N GLY E 71 -40.36 20.31 17.66
CA GLY E 71 -40.10 20.96 18.93
C GLY E 71 -40.78 20.25 20.08
N ARG E 72 -40.34 19.03 20.36
CA ARG E 72 -40.95 18.23 21.42
C ARG E 72 -39.97 18.10 22.57
N LEU E 73 -38.68 18.17 22.25
CA LEU E 73 -37.61 18.00 23.23
C LEU E 73 -36.73 19.24 23.28
N VAL E 74 -35.89 19.31 24.31
CA VAL E 74 -34.94 20.41 24.46
C VAL E 74 -33.62 19.93 25.04
N PHE E 75 -32.52 20.28 24.38
CA PHE E 75 -31.19 19.91 24.83
C PHE E 75 -30.58 21.01 25.70
N GLY E 76 -29.34 20.80 26.13
CA GLY E 76 -28.69 21.77 26.98
C GLY E 76 -27.59 21.16 27.84
N GLU E 77 -26.85 22.01 28.52
CA GLU E 77 -25.76 21.57 29.38
C GLU E 77 -26.29 21.00 30.69
N ASN E 78 -26.86 21.88 31.51
CA ASN E 78 -27.42 21.48 32.79
C ASN E 78 -28.92 21.74 32.82
N LEU E 79 -29.71 20.67 32.82
CA LEU E 79 -31.16 20.78 32.78
C LEU E 79 -31.82 20.01 33.92
N VAL E 80 -31.36 18.78 34.15
CA VAL E 80 -31.89 17.92 35.18
C VAL E 80 -30.76 17.35 36.03
N PRO E 81 -30.92 17.32 37.37
CA PRO E 81 -30.01 16.65 38.29
C PRO E 81 -29.72 15.22 37.85
N GLU E 82 -28.46 14.81 37.99
CA GLU E 82 -27.98 13.59 37.36
C GLU E 82 -28.78 12.33 37.72
N ASP E 83 -28.75 11.98 39.00
CA ASP E 83 -29.34 10.73 39.47
C ASP E 83 -30.85 10.69 39.26
N ARG E 84 -31.51 11.77 39.65
CA ARG E 84 -32.97 11.92 39.56
C ARG E 84 -33.51 11.57 38.18
N LEU E 85 -32.85 12.10 37.15
CA LEU E 85 -33.23 11.84 35.76
C LEU E 85 -33.25 10.33 35.50
N GLN E 86 -32.15 9.66 35.81
CA GLN E 86 -32.02 8.23 35.59
C GLN E 86 -33.12 7.46 36.31
N LYS E 87 -33.34 7.80 37.57
CA LYS E 87 -34.35 7.10 38.36
C LYS E 87 -35.77 7.25 37.80
N GLU E 88 -36.20 8.50 37.62
CA GLU E 88 -37.56 8.78 37.17
C GLU E 88 -37.80 8.36 35.72
N MET E 89 -36.71 8.17 34.97
CA MET E 89 -36.81 7.69 33.59
C MET E 89 -37.04 6.18 33.55
N GLU E 90 -36.75 5.48 34.64
CA GLU E 90 -37.04 4.06 34.74
C GLU E 90 -38.31 3.84 35.54
N ARG E 91 -38.75 4.86 36.27
CA ARG E 91 -40.02 4.78 36.97
C ARG E 91 -41.18 4.94 35.99
N LEU E 92 -41.19 6.04 35.25
CA LEU E 92 -42.34 6.43 34.42
C LEU E 92 -42.62 5.49 33.26
N TYR E 93 -41.70 4.55 33.01
CA TYR E 93 -41.81 3.63 31.90
C TYR E 93 -41.40 2.23 32.38
N PRO E 94 -41.83 1.17 31.67
CA PRO E 94 -41.51 -0.21 32.08
C PRO E 94 -40.01 -0.47 32.18
#